data_1BXD
#
_entry.id   1BXD
#
_cell.length_a   1.000
_cell.length_b   1.000
_cell.length_c   1.000
_cell.angle_alpha   90.00
_cell.angle_beta   90.00
_cell.angle_gamma   90.00
#
_symmetry.space_group_name_H-M   'P 1'
#
loop_
_entity.id
_entity.type
_entity.pdbx_description
1 polymer 'PROTEIN (OSMOLARITY SENSOR PROTEIN (ENVZ))'
2 non-polymer 'PHOSPHOAMINOPHOSPHONIC ACID-ADENYLATE ESTER'
#
_entity_poly.entity_id   1
_entity_poly.type   'polypeptide(L)'
_entity_poly.pdbx_seq_one_letter_code
;TGQEMPMEMADLNAVLGEVIAAESGYEREIETALYPGSIEVKMHPLSIKRAVANMVVNAARYGNGWIKVSSGTEPNRAWF
QVEDDGPGIAPEQRKHLFQPFVRGDSARTISGTGLGLAIVQRIVDNHNGMLELGTSERGGLSIRAWLPVPVTRAQGTTKE
G
;
_entity_poly.pdbx_strand_id   A
#
loop_
_chem_comp.id
_chem_comp.type
_chem_comp.name
_chem_comp.formula
ANP non-polymer 'PHOSPHOAMINOPHOSPHONIC ACID-ADENYLATE ESTER' 'C10 H17 N6 O12 P3'
#
# COMPACT_ATOMS: atom_id res chain seq x y z
N THR A 1 20.71 -11.28 12.56
CA THR A 1 20.68 -12.76 12.72
C THR A 1 19.56 -13.16 13.70
N GLY A 2 18.65 -13.99 13.26
CA GLY A 2 17.54 -14.42 14.16
C GLY A 2 16.31 -14.77 13.31
N GLN A 3 16.37 -15.85 12.58
CA GLN A 3 15.20 -16.25 11.74
C GLN A 3 14.82 -15.09 10.81
N GLU A 4 14.00 -15.35 9.83
CA GLU A 4 13.59 -14.26 8.89
C GLU A 4 12.37 -14.68 8.06
N MET A 5 11.42 -15.34 8.67
CA MET A 5 10.21 -15.79 7.91
C MET A 5 9.32 -14.58 7.60
N PRO A 6 9.23 -14.24 6.34
CA PRO A 6 8.41 -13.12 5.91
C PRO A 6 7.03 -13.61 5.50
N MET A 7 6.32 -12.79 4.78
CA MET A 7 4.95 -13.15 4.30
C MET A 7 4.31 -14.19 5.18
N GLU A 8 3.66 -13.76 6.17
CA GLU A 8 2.98 -14.68 7.12
C GLU A 8 1.67 -14.05 7.58
N MET A 9 1.15 -14.49 8.68
CA MET A 9 -0.13 -13.91 9.18
C MET A 9 0.12 -12.65 10.00
N ALA A 10 -0.38 -11.56 9.51
CA ALA A 10 -0.19 -10.24 10.23
C ALA A 10 -1.46 -9.36 10.16
N ASP A 11 -1.66 -8.53 11.17
CA ASP A 11 -2.86 -7.63 11.19
C ASP A 11 -2.55 -6.36 10.41
N LEU A 12 -3.47 -5.90 9.60
CA LEU A 12 -3.20 -4.67 8.82
C LEU A 12 -3.26 -3.46 9.74
N ASN A 13 -3.96 -3.56 10.82
CA ASN A 13 -4.04 -2.40 11.74
C ASN A 13 -2.82 -2.40 12.65
N ALA A 14 -2.17 -3.53 12.76
CA ALA A 14 -0.98 -3.62 13.62
C ALA A 14 0.23 -3.11 12.86
N VAL A 15 0.28 -3.36 11.58
CA VAL A 15 1.43 -2.89 10.78
C VAL A 15 1.30 -1.38 10.55
N LEU A 16 0.11 -0.91 10.31
CA LEU A 16 -0.07 0.55 10.09
C LEU A 16 0.17 1.32 11.39
N GLY A 17 -0.17 0.74 12.52
CA GLY A 17 0.05 1.44 13.80
C GLY A 17 1.55 1.57 14.05
N GLU A 18 2.33 0.72 13.45
CA GLU A 18 3.81 0.79 13.65
C GLU A 18 4.37 1.88 12.75
N VAL A 19 3.83 1.98 11.58
CA VAL A 19 4.30 3.02 10.63
C VAL A 19 3.71 4.37 11.03
N ILE A 20 2.68 4.33 11.83
CA ILE A 20 2.04 5.58 12.27
C ILE A 20 2.85 6.19 13.39
N ALA A 21 3.26 5.40 14.33
CA ALA A 21 4.06 5.92 15.45
C ALA A 21 5.43 6.31 14.94
N ALA A 22 5.79 5.80 13.80
CA ALA A 22 7.12 6.13 13.23
C ALA A 22 7.01 7.36 12.34
N GLU A 23 5.93 7.50 11.63
CA GLU A 23 5.78 8.69 10.74
C GLU A 23 5.08 9.81 11.48
N SER A 24 4.88 9.67 12.73
CA SER A 24 4.20 10.74 13.50
C SER A 24 5.19 11.29 14.51
N GLY A 25 6.23 11.93 14.04
CA GLY A 25 7.22 12.49 14.97
C GLY A 25 7.25 14.02 14.93
N TYR A 26 6.98 14.67 13.82
CA TYR A 26 7.03 16.17 13.86
C TYR A 26 6.18 16.86 12.78
N GLU A 27 4.86 16.88 12.96
CA GLU A 27 3.94 17.54 11.97
C GLU A 27 3.48 16.62 10.95
N ARG A 28 3.69 15.39 11.15
CA ARG A 28 3.23 14.49 10.18
C ARG A 28 1.81 14.36 10.55
N GLU A 29 1.05 15.24 10.02
CA GLU A 29 -0.41 15.29 10.27
C GLU A 29 -1.05 14.08 9.72
N ILE A 30 -0.82 13.04 10.39
CA ILE A 30 -1.41 11.75 9.93
C ILE A 30 -2.68 11.42 10.71
N GLU A 31 -3.78 11.37 10.04
CA GLU A 31 -5.06 11.04 10.72
C GLU A 31 -5.24 9.53 10.71
N THR A 32 -5.15 8.90 11.84
CA THR A 32 -5.31 7.43 11.87
C THR A 32 -6.77 7.01 12.05
N ALA A 33 -7.20 6.12 11.20
CA ALA A 33 -8.60 5.63 11.26
C ALA A 33 -8.62 4.20 10.73
N LEU A 34 -8.19 3.26 11.53
CA LEU A 34 -8.17 1.84 11.08
C LEU A 34 -9.45 1.12 11.48
N TYR A 35 -9.68 -0.04 10.93
CA TYR A 35 -10.92 -0.78 11.28
C TYR A 35 -10.93 -1.06 12.79
N PRO A 36 -11.87 -0.44 13.46
CA PRO A 36 -12.00 -0.61 14.93
C PRO A 36 -12.50 -2.01 15.27
N GLY A 37 -11.63 -2.98 15.25
CA GLY A 37 -12.07 -4.37 15.59
C GLY A 37 -10.85 -5.29 15.58
N SER A 38 -10.46 -5.76 14.42
CA SER A 38 -9.29 -6.66 14.33
C SER A 38 -9.18 -7.21 12.93
N ILE A 39 -8.23 -6.76 12.20
CA ILE A 39 -8.06 -7.25 10.80
C ILE A 39 -7.25 -8.51 10.82
N GLU A 40 -6.99 -9.08 9.68
CA GLU A 40 -6.20 -10.33 9.66
C GLU A 40 -5.87 -10.78 8.24
N VAL A 41 -4.67 -10.57 7.83
CA VAL A 41 -4.24 -10.98 6.48
C VAL A 41 -2.85 -11.46 6.55
N LYS A 42 -2.54 -12.45 5.83
CA LYS A 42 -1.17 -12.95 5.89
C LYS A 42 -0.32 -12.11 4.95
N MET A 43 0.41 -11.18 5.51
CA MET A 43 1.27 -10.29 4.68
C MET A 43 2.66 -10.14 5.30
N HIS A 44 3.46 -9.27 4.72
CA HIS A 44 4.83 -9.03 5.24
C HIS A 44 4.84 -7.64 5.88
N PRO A 45 4.99 -7.61 7.17
CA PRO A 45 5.00 -6.31 7.90
C PRO A 45 6.15 -5.44 7.40
N LEU A 46 7.10 -6.02 6.76
CA LEU A 46 8.25 -5.24 6.24
C LEU A 46 7.83 -4.48 4.98
N SER A 47 7.68 -5.19 3.90
CA SER A 47 7.28 -4.54 2.64
C SER A 47 6.12 -3.58 2.87
N ILE A 48 5.09 -4.03 3.54
CA ILE A 48 3.93 -3.12 3.80
C ILE A 48 4.39 -1.89 4.60
N LYS A 49 5.24 -2.09 5.58
CA LYS A 49 5.73 -0.93 6.39
C LYS A 49 6.32 0.11 5.45
N ARG A 50 7.17 -0.32 4.58
CA ARG A 50 7.81 0.62 3.61
C ARG A 50 6.79 1.15 2.61
N ALA A 51 5.77 0.38 2.33
CA ALA A 51 4.72 0.82 1.38
C ALA A 51 3.94 2.02 1.94
N VAL A 52 3.69 2.02 3.22
CA VAL A 52 2.92 3.15 3.82
C VAL A 52 3.85 4.36 4.02
N ALA A 53 5.08 4.13 4.34
CA ALA A 53 6.03 5.26 4.54
C ALA A 53 6.24 6.04 3.24
N ASN A 54 6.88 5.44 2.27
CA ASN A 54 7.12 6.13 0.96
C ASN A 54 5.83 6.79 0.44
N MET A 55 4.69 6.38 0.92
CA MET A 55 3.43 7.00 0.43
C MET A 55 3.25 8.40 1.04
N VAL A 56 3.53 8.53 2.30
CA VAL A 56 3.39 9.86 2.97
C VAL A 56 4.61 10.76 2.69
N VAL A 57 5.70 10.19 2.29
CA VAL A 57 6.92 11.03 2.00
C VAL A 57 6.62 12.06 0.91
N ASN A 58 5.62 11.82 0.11
CA ASN A 58 5.27 12.79 -0.97
C ASN A 58 4.38 13.90 -0.44
N ALA A 59 3.58 13.63 0.54
CA ALA A 59 2.68 14.68 1.11
C ALA A 59 3.37 15.42 2.26
N ALA A 60 4.39 14.83 2.83
CA ALA A 60 5.09 15.50 3.97
C ALA A 60 6.11 16.51 3.44
N ARG A 61 6.99 16.08 2.58
CA ARG A 61 8.02 17.01 2.03
C ARG A 61 7.35 18.12 1.21
N TYR A 62 6.86 17.81 0.05
CA TYR A 62 6.18 18.84 -0.79
C TYR A 62 4.85 19.26 -0.15
N GLY A 63 4.05 18.32 0.25
CA GLY A 63 2.75 18.67 0.87
C GLY A 63 2.96 19.06 2.34
N ASN A 64 2.00 19.72 2.93
CA ASN A 64 2.14 20.13 4.35
C ASN A 64 0.82 20.70 4.85
N GLY A 65 -0.28 20.23 4.31
CA GLY A 65 -1.60 20.74 4.74
C GLY A 65 -2.36 19.65 5.51
N TRP A 66 -2.17 18.40 5.16
CA TRP A 66 -2.90 17.33 5.89
C TRP A 66 -2.59 15.94 5.31
N ILE A 67 -2.24 15.02 6.17
CA ILE A 67 -1.91 13.63 5.75
C ILE A 67 -2.92 12.69 6.41
N LYS A 68 -3.31 11.62 5.77
CA LYS A 68 -4.30 10.72 6.43
C LYS A 68 -3.98 9.24 6.18
N VAL A 69 -3.92 8.48 7.25
CA VAL A 69 -3.62 7.03 7.13
C VAL A 69 -4.79 6.25 7.70
N SER A 70 -5.55 5.60 6.87
CA SER A 70 -6.71 4.81 7.38
C SER A 70 -6.67 3.37 6.87
N SER A 71 -7.37 2.49 7.54
CA SER A 71 -7.40 1.07 7.12
C SER A 71 -8.79 0.48 7.38
N GLY A 72 -9.27 -0.36 6.51
CA GLY A 72 -10.61 -0.96 6.71
C GLY A 72 -10.52 -2.46 6.41
N THR A 73 -11.63 -3.12 6.26
CA THR A 73 -11.57 -4.58 5.99
C THR A 73 -12.96 -5.14 5.68
N GLU A 74 -13.01 -6.37 5.27
CA GLU A 74 -14.32 -7.01 4.95
C GLU A 74 -14.22 -8.52 5.16
N PRO A 75 -15.32 -9.19 4.98
CA PRO A 75 -15.34 -10.66 5.16
C PRO A 75 -14.56 -11.36 4.03
N ASN A 76 -13.37 -11.85 4.34
CA ASN A 76 -12.52 -12.55 3.33
C ASN A 76 -11.80 -11.54 2.45
N ARG A 77 -11.40 -10.43 3.00
CA ARG A 77 -10.69 -9.40 2.18
C ARG A 77 -10.49 -8.10 2.97
N ALA A 78 -9.29 -7.84 3.43
CA ALA A 78 -9.06 -6.59 4.19
C ALA A 78 -8.29 -5.61 3.30
N TRP A 79 -8.16 -4.37 3.68
CA TRP A 79 -7.41 -3.42 2.81
C TRP A 79 -7.13 -2.12 3.55
N PHE A 80 -6.35 -1.26 2.97
CA PHE A 80 -6.03 0.04 3.65
C PHE A 80 -5.94 1.17 2.60
N GLN A 81 -6.44 2.33 2.94
CA GLN A 81 -6.38 3.48 1.97
C GLN A 81 -5.74 4.71 2.63
N VAL A 82 -5.16 5.58 1.83
CA VAL A 82 -4.52 6.80 2.39
C VAL A 82 -5.11 8.05 1.73
N GLU A 83 -4.89 9.21 2.30
CA GLU A 83 -5.44 10.46 1.69
C GLU A 83 -4.54 11.65 2.03
N ASP A 84 -4.24 12.48 1.07
CA ASP A 84 -3.35 13.65 1.36
C ASP A 84 -3.72 14.84 0.47
N ASP A 85 -3.54 16.03 0.95
CA ASP A 85 -3.89 17.23 0.13
C ASP A 85 -2.74 17.56 -0.83
N GLY A 86 -3.03 18.28 -1.89
CA GLY A 86 -1.95 18.63 -2.86
C GLY A 86 -2.57 18.86 -4.24
N PRO A 87 -1.72 18.94 -5.24
CA PRO A 87 -2.19 19.16 -6.62
C PRO A 87 -2.86 17.91 -7.18
N GLY A 88 -2.49 16.75 -6.68
CA GLY A 88 -3.11 15.48 -7.19
C GLY A 88 -2.31 14.97 -8.39
N ILE A 89 -2.81 13.96 -9.06
CA ILE A 89 -2.09 13.39 -10.24
C ILE A 89 -2.24 14.34 -11.44
N ALA A 90 -1.28 14.35 -12.33
CA ALA A 90 -1.38 15.25 -13.50
C ALA A 90 -2.42 14.69 -14.49
N PRO A 91 -2.74 15.50 -15.46
CA PRO A 91 -3.73 15.10 -16.49
C PRO A 91 -3.11 14.08 -17.45
N GLU A 92 -1.87 14.25 -17.78
CA GLU A 92 -1.21 13.29 -18.71
C GLU A 92 -0.55 12.14 -17.93
N GLN A 93 0.02 12.42 -16.79
CA GLN A 93 0.67 11.34 -15.99
C GLN A 93 -0.35 10.30 -15.57
N ARG A 94 -1.58 10.68 -15.41
CA ARG A 94 -2.61 9.69 -15.01
C ARG A 94 -2.56 8.50 -15.96
N LYS A 95 -2.02 8.70 -17.13
CA LYS A 95 -1.93 7.59 -18.12
C LYS A 95 -0.60 6.83 -17.94
N HIS A 96 0.46 7.50 -17.53
CA HIS A 96 1.76 6.79 -17.34
C HIS A 96 2.21 6.83 -15.87
N LEU A 97 1.50 6.13 -15.01
CA LEU A 97 1.87 6.10 -13.57
C LEU A 97 2.41 4.70 -13.22
N PHE A 98 3.60 4.40 -13.69
CA PHE A 98 4.23 3.05 -13.41
C PHE A 98 3.20 1.93 -13.62
N GLN A 99 2.46 2.00 -14.70
CA GLN A 99 1.43 0.95 -14.98
C GLN A 99 2.11 -0.32 -15.54
N PRO A 100 1.71 -1.44 -15.00
CA PRO A 100 2.29 -2.75 -15.44
C PRO A 100 1.64 -3.21 -16.75
N PHE A 101 2.12 -4.28 -17.31
CA PHE A 101 1.53 -4.80 -18.60
C PHE A 101 1.67 -3.77 -19.71
N VAL A 102 2.19 -4.17 -20.83
CA VAL A 102 2.36 -3.23 -21.97
C VAL A 102 1.66 -3.79 -23.22
N ARG A 103 1.55 -3.00 -24.26
CA ARG A 103 0.89 -3.49 -25.50
C ARG A 103 1.57 -2.89 -26.73
N GLY A 104 2.45 -3.63 -27.35
CA GLY A 104 3.14 -3.11 -28.56
C GLY A 104 4.20 -4.12 -29.02
N ASP A 105 4.75 -3.91 -30.18
CA ASP A 105 5.78 -4.86 -30.69
C ASP A 105 7.18 -4.24 -30.56
N SER A 106 7.25 -3.01 -30.15
CA SER A 106 8.57 -2.34 -30.00
C SER A 106 8.55 -1.38 -28.80
N ALA A 107 9.61 -1.31 -28.05
CA ALA A 107 9.63 -0.40 -26.87
C ALA A 107 10.32 0.92 -27.24
N ARG A 108 11.27 0.88 -28.14
CA ARG A 108 11.96 2.13 -28.54
C ARG A 108 12.66 2.75 -27.33
N THR A 109 13.42 1.98 -26.60
CA THR A 109 14.12 2.53 -25.39
C THR A 109 15.31 3.38 -25.83
N ILE A 110 15.31 4.63 -25.50
CA ILE A 110 16.45 5.51 -25.90
C ILE A 110 17.55 5.46 -24.83
N SER A 111 17.18 5.51 -23.57
CA SER A 111 18.20 5.45 -22.49
C SER A 111 17.52 5.30 -21.13
N GLY A 112 18.28 5.33 -20.07
CA GLY A 112 17.65 5.19 -18.71
C GLY A 112 18.17 3.90 -18.06
N THR A 113 19.45 3.69 -18.06
CA THR A 113 20.01 2.45 -17.43
C THR A 113 20.42 2.74 -15.98
N GLY A 114 20.21 1.80 -15.10
CA GLY A 114 20.60 2.01 -13.68
C GLY A 114 19.92 0.95 -12.81
N LEU A 115 19.41 1.34 -11.67
CA LEU A 115 18.74 0.35 -10.78
C LEU A 115 17.21 0.43 -10.95
N GLY A 116 16.51 -0.53 -10.44
CA GLY A 116 15.02 -0.51 -10.57
C GLY A 116 14.38 -0.49 -9.18
N LEU A 117 14.30 0.66 -8.57
CA LEU A 117 13.69 0.74 -7.21
C LEU A 117 12.19 1.03 -7.34
N ALA A 118 11.43 0.08 -7.78
CA ALA A 118 9.96 0.29 -7.91
C ALA A 118 9.25 -0.12 -6.62
N ILE A 119 9.77 0.26 -5.48
CA ILE A 119 9.10 -0.10 -4.20
C ILE A 119 7.59 0.10 -4.31
N VAL A 120 6.82 -0.47 -3.40
CA VAL A 120 5.31 -0.32 -3.42
C VAL A 120 4.70 -1.32 -4.43
N GLN A 121 5.07 -1.23 -5.67
CA GLN A 121 4.50 -2.16 -6.69
C GLN A 121 4.73 -3.61 -6.25
N ARG A 122 5.96 -4.00 -6.06
CA ARG A 122 6.25 -5.41 -5.64
C ARG A 122 5.57 -5.73 -4.31
N ILE A 123 5.20 -4.73 -3.57
CA ILE A 123 4.54 -4.99 -2.26
C ILE A 123 3.16 -5.61 -2.52
N VAL A 124 2.25 -4.84 -3.03
CA VAL A 124 0.90 -5.38 -3.30
C VAL A 124 1.00 -6.51 -4.32
N ASP A 125 2.07 -6.55 -5.07
CA ASP A 125 2.22 -7.63 -6.07
C ASP A 125 2.64 -8.93 -5.39
N ASN A 126 3.34 -8.82 -4.30
CA ASN A 126 3.78 -10.04 -3.59
C ASN A 126 2.64 -10.56 -2.72
N HIS A 127 1.64 -9.74 -2.51
CA HIS A 127 0.48 -10.17 -1.68
C HIS A 127 -0.61 -10.75 -2.58
N ASN A 128 -0.80 -10.17 -3.75
CA ASN A 128 -1.86 -10.67 -4.71
C ASN A 128 -3.22 -10.13 -4.32
N GLY A 129 -3.30 -8.88 -3.97
CA GLY A 129 -4.60 -8.29 -3.58
C GLY A 129 -5.03 -7.28 -4.65
N MET A 130 -4.64 -6.05 -4.49
CA MET A 130 -5.04 -5.03 -5.50
C MET A 130 -4.35 -3.69 -5.24
N LEU A 131 -4.28 -2.86 -6.24
CA LEU A 131 -3.63 -1.53 -6.06
C LEU A 131 -4.26 -0.52 -7.03
N GLU A 132 -5.02 0.40 -6.52
CA GLU A 132 -5.66 1.40 -7.44
C GLU A 132 -5.42 2.83 -6.94
N LEU A 133 -5.59 3.80 -7.81
CA LEU A 133 -5.37 5.21 -7.40
C LEU A 133 -6.59 6.06 -7.75
N GLY A 134 -6.99 6.94 -6.88
CA GLY A 134 -8.18 7.79 -7.17
C GLY A 134 -7.89 9.24 -6.78
N THR A 135 -8.66 10.17 -7.29
CA THR A 135 -8.41 11.60 -6.95
C THR A 135 -9.70 12.42 -7.10
N SER A 136 -10.05 13.18 -6.10
CA SER A 136 -11.29 14.00 -6.20
C SER A 136 -10.95 15.35 -6.81
N GLU A 137 -11.20 15.51 -8.09
CA GLU A 137 -10.89 16.81 -8.75
C GLU A 137 -9.40 17.11 -8.60
N ARG A 138 -8.56 16.11 -8.73
CA ARG A 138 -7.09 16.35 -8.60
C ARG A 138 -6.83 17.21 -7.36
N GLY A 139 -7.58 17.01 -6.32
CA GLY A 139 -7.38 17.81 -5.08
C GLY A 139 -7.28 16.85 -3.89
N GLY A 140 -8.14 15.88 -3.82
CA GLY A 140 -8.09 14.91 -2.69
C GLY A 140 -7.69 13.54 -3.20
N LEU A 141 -6.42 13.30 -3.35
CA LEU A 141 -5.97 11.96 -3.85
C LEU A 141 -6.03 10.91 -2.74
N SER A 142 -6.45 9.72 -3.06
CA SER A 142 -6.54 8.63 -2.04
C SER A 142 -6.06 7.30 -2.64
N ILE A 143 -5.22 6.59 -1.95
CA ILE A 143 -4.72 5.29 -2.49
C ILE A 143 -5.59 4.12 -1.98
N ARG A 144 -5.86 3.16 -2.83
CA ARG A 144 -6.70 2.00 -2.41
C ARG A 144 -5.91 0.69 -2.54
N ALA A 145 -5.35 0.21 -1.47
CA ALA A 145 -4.57 -1.05 -1.54
C ALA A 145 -5.38 -2.21 -0.94
N TRP A 146 -5.36 -3.35 -1.57
CA TRP A 146 -6.15 -4.50 -1.02
C TRP A 146 -5.24 -5.69 -0.66
N LEU A 147 -5.70 -6.47 0.28
CA LEU A 147 -4.93 -7.67 0.73
C LEU A 147 -5.94 -8.77 1.10
N PRO A 148 -6.12 -9.70 0.19
CA PRO A 148 -7.05 -10.81 0.42
C PRO A 148 -6.59 -11.73 1.56
N VAL A 149 -7.50 -12.15 2.39
CA VAL A 149 -7.15 -13.04 3.55
C VAL A 149 -7.34 -14.51 3.13
N PRO A 150 -6.56 -15.38 3.74
CA PRO A 150 -6.65 -16.83 3.43
C PRO A 150 -8.04 -17.37 3.83
N VAL A 151 -8.41 -18.51 3.29
CA VAL A 151 -9.75 -19.10 3.64
C VAL A 151 -10.05 -18.90 5.13
N THR A 152 -11.29 -18.65 5.47
CA THR A 152 -11.65 -18.44 6.91
C THR A 152 -13.04 -19.04 7.19
N ARG A 153 -13.64 -18.66 8.29
CA ARG A 153 -14.98 -19.20 8.63
C ARG A 153 -15.86 -18.08 9.20
N ALA A 154 -16.47 -17.30 8.35
CA ALA A 154 -17.34 -16.19 8.84
C ALA A 154 -18.69 -16.22 8.11
N GLN A 155 -19.73 -16.57 8.80
CA GLN A 155 -21.08 -16.61 8.15
C GLN A 155 -21.94 -15.45 8.64
N GLY A 156 -21.99 -15.25 9.93
CA GLY A 156 -22.82 -14.12 10.47
C GLY A 156 -24.14 -14.68 11.02
N THR A 157 -25.06 -13.82 11.36
CA THR A 157 -26.36 -14.31 11.90
C THR A 157 -27.36 -14.56 10.76
N THR A 158 -28.12 -15.60 10.84
CA THR A 158 -29.11 -15.90 9.76
C THR A 158 -30.26 -16.76 10.30
N LYS A 159 -31.44 -16.20 10.39
CA LYS A 159 -32.58 -16.99 10.91
C LYS A 159 -33.18 -17.87 9.80
N GLU A 160 -33.93 -18.86 10.17
CA GLU A 160 -34.54 -19.75 9.12
C GLU A 160 -35.99 -19.33 8.87
N GLY A 161 -36.73 -19.02 9.89
CA GLY A 161 -38.15 -18.60 9.70
C GLY A 161 -39.05 -19.83 9.74
PG ANP B . 8.94 9.98 -8.99
O1G ANP B . 10.22 10.47 -9.57
O2G ANP B . 7.85 10.98 -8.86
O3G ANP B . 9.29 9.53 -7.49
PB ANP B . 6.89 8.91 -10.25
O1B ANP B . 6.77 10.17 -11.02
O2B ANP B . 6.36 7.67 -10.89
N3B ANP B . 8.42 8.67 -9.79
PA ANP B . 4.93 8.15 -8.22
O1A ANP B . 4.14 7.49 -9.27
O2A ANP B . 5.64 7.33 -7.21
O3A ANP B . 6.00 9.12 -8.92
O5' ANP B . 3.96 9.17 -7.42
C5' ANP B . 3.47 10.37 -8.05
C4' ANP B . 3.04 10.14 -9.47
O4' ANP B . 1.87 9.32 -9.48
C3' ANP B . 2.67 11.45 -10.15
O3' ANP B . 3.30 11.58 -11.43
C2' ANP B . 1.19 11.41 -10.30
O2' ANP B . 0.82 11.27 -11.67
C1' ANP B . 0.76 10.20 -9.49
N9 ANP B . 0.42 10.53 -8.07
C8 ANP B . 0.32 11.73 -7.43
N7 ANP B . 0.15 11.72 -6.17
C5 ANP B . 0.11 10.35 -5.89
C6 ANP B . -0.05 9.64 -4.70
N6 ANP B . -0.21 10.22 -3.51
N1 ANP B . -0.02 8.29 -4.78
C2 ANP B . 0.14 7.68 -5.96
N3 ANP B . 0.30 8.27 -7.15
C4 ANP B . 0.27 9.61 -7.05
HOG3 ANP B . 10.17 9.16 -7.50
HNB1 ANP B . 8.47 7.88 -9.17
H5'1 ANP B . 2.60 10.73 -7.48
H5'2 ANP B . 4.25 11.13 -8.02
H4' ANP B . 3.81 9.64 -10.03
H3' ANP B . 2.95 12.29 -9.50
HO3' ANP B . 3.90 12.34 -11.38
H2' ANP B . 0.76 12.32 -9.89
HO2' ANP B . 1.09 12.07 -12.12
H1' ANP B . -0.07 9.72 -9.97
H8 ANP B . 0.42 12.66 -7.96
HN61 ANP B . -0.24 11.22 -3.44
HN62 ANP B . -0.32 9.64 -2.69
H2 ANP B . 0.15 6.59 -5.95
N THR A 1 13.61 -23.86 -6.93
CA THR A 1 13.74 -23.52 -5.48
C THR A 1 13.19 -22.11 -5.22
N GLY A 2 11.90 -21.94 -5.32
CA GLY A 2 11.31 -20.60 -5.06
C GLY A 2 11.07 -20.41 -3.57
N GLN A 3 11.88 -19.63 -2.91
CA GLN A 3 11.70 -19.41 -1.45
C GLN A 3 12.46 -18.16 -1.00
N GLU A 4 11.75 -17.09 -0.74
CA GLU A 4 12.44 -15.83 -0.30
C GLU A 4 11.41 -14.77 0.09
N MET A 5 10.35 -15.16 0.74
CA MET A 5 9.31 -14.17 1.15
C MET A 5 8.54 -14.68 2.39
N PRO A 6 8.62 -13.93 3.45
CA PRO A 6 7.93 -14.31 4.70
C PRO A 6 6.49 -13.82 4.69
N MET A 7 5.67 -14.39 3.87
CA MET A 7 4.26 -13.97 3.83
C MET A 7 3.46 -14.81 4.79
N GLU A 8 3.03 -14.21 5.84
CA GLU A 8 2.24 -14.94 6.86
C GLU A 8 1.03 -14.10 7.28
N MET A 9 0.50 -14.33 8.45
CA MET A 9 -0.67 -13.53 8.89
C MET A 9 -0.22 -12.25 9.57
N ALA A 10 -0.78 -11.14 9.19
CA ALA A 10 -0.38 -9.86 9.82
C ALA A 10 -1.58 -8.94 10.01
N ASP A 11 -1.57 -8.13 11.04
CA ASP A 11 -2.71 -7.21 11.28
C ASP A 11 -2.45 -5.89 10.57
N LEU A 12 -3.32 -5.51 9.67
CA LEU A 12 -3.09 -4.23 8.95
C LEU A 12 -3.13 -3.07 9.95
N ASN A 13 -3.73 -3.27 11.08
CA ASN A 13 -3.79 -2.17 12.09
C ASN A 13 -2.50 -2.18 12.90
N ALA A 14 -1.84 -3.30 12.93
CA ALA A 14 -0.57 -3.40 13.71
C ALA A 14 0.60 -2.89 12.85
N VAL A 15 0.54 -3.10 11.56
CA VAL A 15 1.64 -2.65 10.69
C VAL A 15 1.49 -1.16 10.43
N LEU A 16 0.26 -0.69 10.33
CA LEU A 16 0.05 0.75 10.07
C LEU A 16 0.32 1.56 11.35
N GLY A 17 0.07 0.99 12.51
CA GLY A 17 0.32 1.74 13.77
C GLY A 17 1.82 2.03 13.87
N GLU A 18 2.63 1.16 13.33
CA GLU A 18 4.10 1.37 13.37
C GLU A 18 4.50 2.36 12.29
N VAL A 19 3.83 2.32 11.18
CA VAL A 19 4.17 3.24 10.08
C VAL A 19 3.66 4.63 10.43
N ILE A 20 2.73 4.71 11.33
CA ILE A 20 2.19 6.02 11.72
C ILE A 20 3.21 6.68 12.63
N ALA A 21 3.65 5.97 13.61
CA ALA A 21 4.66 6.54 14.54
C ALA A 21 5.99 6.67 13.81
N ALA A 22 6.11 6.01 12.70
CA ALA A 22 7.36 6.07 11.91
C ALA A 22 7.61 7.48 11.42
N GLU A 23 6.78 7.96 10.55
CA GLU A 23 7.00 9.33 10.05
C GLU A 23 5.75 10.21 10.21
N SER A 24 5.10 10.16 11.33
CA SER A 24 3.88 11.00 11.52
C SER A 24 4.27 12.40 12.02
N GLY A 25 5.45 12.85 11.70
CA GLY A 25 5.89 14.20 12.17
C GLY A 25 5.47 14.37 13.62
N TYR A 26 5.66 13.36 14.41
CA TYR A 26 5.29 13.43 15.84
C TYR A 26 3.79 13.73 15.96
N GLU A 27 2.97 12.99 15.25
CA GLU A 27 1.51 13.21 15.30
C GLU A 27 1.15 14.62 14.85
N ARG A 28 1.44 14.94 13.64
CA ARG A 28 1.13 16.30 13.11
C ARG A 28 -0.36 16.42 12.92
N GLU A 29 -0.82 15.94 11.83
CA GLU A 29 -2.28 16.00 11.54
C GLU A 29 -2.67 14.79 10.73
N ILE A 30 -2.40 13.63 11.25
CA ILE A 30 -2.73 12.37 10.53
C ILE A 30 -4.05 11.80 11.04
N GLU A 31 -4.94 11.45 10.16
CA GLU A 31 -6.24 10.89 10.60
C GLU A 31 -6.13 9.36 10.68
N THR A 32 -6.09 8.83 11.87
CA THR A 32 -5.99 7.35 12.00
C THR A 32 -7.36 6.72 12.17
N ALA A 33 -7.69 5.81 11.30
CA ALA A 33 -9.01 5.15 11.39
C ALA A 33 -8.86 3.70 10.92
N LEU A 34 -8.31 2.86 11.76
CA LEU A 34 -8.14 1.44 11.37
C LEU A 34 -9.31 0.61 11.88
N TYR A 35 -9.77 -0.32 11.10
CA TYR A 35 -10.90 -1.16 11.55
C TYR A 35 -10.71 -1.56 13.01
N PRO A 36 -11.66 -1.21 13.82
CA PRO A 36 -11.60 -1.54 15.26
C PRO A 36 -12.07 -2.96 15.49
N GLY A 37 -11.41 -3.92 14.89
CA GLY A 37 -11.82 -5.34 15.07
C GLY A 37 -10.62 -6.25 14.73
N SER A 38 -9.44 -5.72 14.76
CA SER A 38 -8.25 -6.54 14.45
C SER A 38 -8.40 -7.18 13.08
N ILE A 39 -7.79 -6.63 12.09
CA ILE A 39 -7.89 -7.20 10.72
C ILE A 39 -7.00 -8.43 10.63
N GLU A 40 -6.90 -9.01 9.47
CA GLU A 40 -6.04 -10.21 9.33
C GLU A 40 -5.89 -10.61 7.87
N VAL A 41 -4.74 -10.46 7.35
CA VAL A 41 -4.49 -10.82 5.92
C VAL A 41 -3.10 -11.38 5.77
N LYS A 42 -2.92 -12.26 4.84
CA LYS A 42 -1.57 -12.82 4.66
C LYS A 42 -0.70 -11.69 4.14
N MET A 43 0.04 -11.06 5.00
CA MET A 43 0.89 -9.95 4.53
C MET A 43 2.21 -9.88 5.30
N HIS A 44 3.19 -9.24 4.74
CA HIS A 44 4.51 -9.13 5.42
C HIS A 44 4.61 -7.72 6.03
N PRO A 45 4.70 -7.67 7.33
CA PRO A 45 4.80 -6.35 8.03
C PRO A 45 5.95 -5.51 7.48
N LEU A 46 7.01 -6.13 7.04
CA LEU A 46 8.15 -5.33 6.49
C LEU A 46 7.78 -4.69 5.19
N SER A 47 7.63 -5.50 4.19
CA SER A 47 7.27 -4.97 2.88
C SER A 47 6.18 -3.91 3.01
N ILE A 48 5.04 -4.27 3.53
CA ILE A 48 3.94 -3.26 3.68
C ILE A 48 4.40 -2.05 4.47
N LYS A 49 5.27 -2.24 5.44
CA LYS A 49 5.75 -1.06 6.22
C LYS A 49 6.36 -0.04 5.27
N ARG A 50 7.18 -0.49 4.39
CA ARG A 50 7.83 0.44 3.40
C ARG A 50 6.79 0.95 2.39
N ALA A 51 5.87 0.11 2.00
CA ALA A 51 4.83 0.54 1.01
C ALA A 51 3.92 1.60 1.65
N VAL A 52 3.83 1.62 2.95
CA VAL A 52 2.96 2.62 3.63
C VAL A 52 3.76 3.89 3.93
N ALA A 53 5.04 3.75 4.11
CA ALA A 53 5.89 4.94 4.41
C ALA A 53 6.08 5.77 3.14
N ASN A 54 6.07 5.14 2.00
CA ASN A 54 6.26 5.90 0.73
C ASN A 54 5.03 6.77 0.46
N MET A 55 3.91 6.41 1.01
CA MET A 55 2.66 7.21 0.81
C MET A 55 2.53 8.29 1.88
N VAL A 56 3.12 8.08 3.03
CA VAL A 56 3.01 9.10 4.12
C VAL A 56 4.15 10.11 4.04
N VAL A 57 5.25 9.74 3.45
CA VAL A 57 6.40 10.70 3.36
C VAL A 57 6.05 11.87 2.42
N ASN A 58 5.07 11.68 1.57
CA ASN A 58 4.68 12.77 0.63
C ASN A 58 4.16 13.98 1.41
N ALA A 59 3.22 13.77 2.29
CA ALA A 59 2.65 14.91 3.08
C ALA A 59 3.43 15.10 4.39
N ALA A 60 4.15 14.11 4.82
CA ALA A 60 4.92 14.25 6.11
C ALA A 60 5.87 15.45 6.04
N ARG A 61 7.01 15.28 5.44
CA ARG A 61 7.99 16.42 5.35
C ARG A 61 7.79 17.22 4.06
N TYR A 62 7.64 16.55 2.95
CA TYR A 62 7.45 17.29 1.66
C TYR A 62 6.15 18.09 1.67
N GLY A 63 5.10 17.53 2.22
CA GLY A 63 3.81 18.25 2.25
C GLY A 63 3.49 18.66 3.69
N ASN A 64 2.45 19.42 3.88
CA ASN A 64 2.09 19.86 5.26
C ASN A 64 0.61 20.28 5.29
N GLY A 65 -0.20 19.71 4.44
CA GLY A 65 -1.64 20.07 4.42
C GLY A 65 -2.41 19.16 5.38
N TRP A 66 -2.37 17.87 5.16
CA TRP A 66 -3.11 16.94 6.06
C TRP A 66 -2.83 15.49 5.65
N ILE A 67 -2.51 14.66 6.60
CA ILE A 67 -2.23 13.23 6.28
C ILE A 67 -3.45 12.38 6.66
N LYS A 68 -3.58 11.22 6.10
CA LYS A 68 -4.75 10.37 6.44
C LYS A 68 -4.37 8.89 6.45
N VAL A 69 -4.23 8.32 7.61
CA VAL A 69 -3.85 6.88 7.68
C VAL A 69 -5.06 6.09 8.14
N SER A 70 -5.85 5.62 7.21
CA SER A 70 -7.05 4.84 7.62
C SER A 70 -7.03 3.45 7.01
N SER A 71 -7.39 2.47 7.78
CA SER A 71 -7.41 1.08 7.29
C SER A 71 -8.83 0.55 7.42
N GLY A 72 -9.25 -0.28 6.51
CA GLY A 72 -10.63 -0.82 6.60
C GLY A 72 -10.62 -2.27 6.17
N THR A 73 -11.75 -2.86 6.05
CA THR A 73 -11.79 -4.28 5.63
C THR A 73 -13.16 -4.64 5.06
N GLU A 74 -13.27 -5.82 4.52
CA GLU A 74 -14.57 -6.24 3.93
C GLU A 74 -14.75 -7.75 4.15
N PRO A 75 -15.90 -8.24 3.77
CA PRO A 75 -16.19 -9.68 3.93
C PRO A 75 -15.31 -10.53 2.99
N ASN A 76 -14.40 -11.28 3.55
CA ASN A 76 -13.50 -12.15 2.72
C ASN A 76 -12.47 -11.29 1.97
N ARG A 77 -12.09 -10.17 2.51
CA ARG A 77 -11.08 -9.30 1.83
C ARG A 77 -10.95 -7.95 2.56
N ALA A 78 -9.79 -7.67 3.09
CA ALA A 78 -9.60 -6.37 3.80
C ALA A 78 -8.82 -5.42 2.90
N TRP A 79 -8.54 -4.21 3.34
CA TRP A 79 -7.77 -3.28 2.47
C TRP A 79 -7.38 -2.04 3.26
N PHE A 80 -6.22 -1.51 3.00
CA PHE A 80 -5.77 -0.29 3.73
C PHE A 80 -5.68 0.89 2.77
N GLN A 81 -6.09 2.05 3.18
CA GLN A 81 -6.02 3.23 2.27
C GLN A 81 -5.36 4.44 2.95
N VAL A 82 -4.71 5.26 2.16
CA VAL A 82 -4.04 6.47 2.71
C VAL A 82 -4.48 7.69 1.89
N GLU A 83 -4.51 8.84 2.49
CA GLU A 83 -4.94 10.04 1.73
C GLU A 83 -4.24 11.28 2.29
N ASP A 84 -3.82 12.17 1.45
CA ASP A 84 -3.13 13.39 1.98
C ASP A 84 -3.12 14.51 0.94
N ASP A 85 -2.76 15.69 1.35
CA ASP A 85 -2.73 16.84 0.38
C ASP A 85 -1.34 16.95 -0.26
N GLY A 86 -1.29 17.47 -1.46
CA GLY A 86 0.01 17.61 -2.15
C GLY A 86 -0.23 17.83 -3.65
N PRO A 87 0.76 17.50 -4.43
CA PRO A 87 0.66 17.66 -5.90
C PRO A 87 -0.24 16.57 -6.50
N GLY A 88 -1.09 16.93 -7.41
CA GLY A 88 -1.99 15.92 -8.03
C GLY A 88 -1.31 15.36 -9.29
N ILE A 89 -1.99 14.55 -10.03
CA ILE A 89 -1.35 13.99 -11.26
C ILE A 89 -2.02 14.58 -12.51
N ALA A 90 -1.43 15.57 -13.10
CA ALA A 90 -2.03 16.20 -14.31
C ALA A 90 -1.97 15.23 -15.50
N PRO A 91 -2.48 15.69 -16.60
CA PRO A 91 -2.49 14.86 -17.83
C PRO A 91 -1.06 14.74 -18.39
N GLU A 92 -0.20 15.63 -18.00
CA GLU A 92 1.21 15.59 -18.50
C GLU A 92 2.06 14.74 -17.55
N GLN A 93 1.72 14.74 -16.29
CA GLN A 93 2.50 13.93 -15.29
C GLN A 93 1.99 12.49 -15.27
N ARG A 94 0.79 12.26 -15.76
CA ARG A 94 0.22 10.88 -15.77
C ARG A 94 1.18 9.92 -16.47
N LYS A 95 1.61 10.25 -17.66
CA LYS A 95 2.55 9.37 -18.43
C LYS A 95 3.68 8.84 -17.54
N HIS A 96 3.94 9.45 -16.41
CA HIS A 96 5.02 8.96 -15.53
C HIS A 96 4.47 8.34 -14.22
N LEU A 97 3.40 7.56 -14.27
CA LEU A 97 2.91 7.00 -12.98
C LEU A 97 1.84 5.89 -13.15
N PHE A 98 2.25 4.67 -12.95
CA PHE A 98 1.31 3.51 -13.06
C PHE A 98 0.71 3.33 -14.45
N GLN A 99 1.46 2.78 -15.35
CA GLN A 99 0.93 2.57 -16.72
C GLN A 99 1.92 1.75 -17.57
N PRO A 100 2.03 0.49 -17.23
CA PRO A 100 2.95 -0.41 -17.95
C PRO A 100 2.29 -0.93 -19.24
N PHE A 101 2.62 -0.35 -20.36
CA PHE A 101 2.01 -0.80 -21.66
C PHE A 101 2.58 0.02 -22.81
N VAL A 102 3.86 -0.09 -23.03
CA VAL A 102 4.46 0.67 -24.16
C VAL A 102 5.69 -0.07 -24.69
N ARG A 103 5.51 -1.23 -25.25
CA ARG A 103 6.68 -1.98 -25.79
C ARG A 103 7.31 -1.21 -26.94
N GLY A 104 8.56 -1.47 -27.23
CA GLY A 104 9.22 -0.74 -28.35
C GLY A 104 10.68 -1.15 -28.43
N ASP A 105 11.27 -1.04 -29.59
CA ASP A 105 12.71 -1.44 -29.74
C ASP A 105 13.57 -0.19 -29.95
N SER A 106 14.10 0.36 -28.89
CA SER A 106 14.95 1.58 -29.04
C SER A 106 15.77 1.81 -27.76
N ALA A 107 16.57 2.85 -27.74
CA ALA A 107 17.39 3.13 -26.53
C ALA A 107 18.32 1.95 -26.24
N ARG A 108 19.61 2.16 -26.38
CA ARG A 108 20.57 1.05 -26.11
C ARG A 108 21.37 1.33 -24.83
N THR A 109 21.95 0.31 -24.25
CA THR A 109 22.75 0.50 -23.00
C THR A 109 22.02 1.44 -22.03
N ILE A 110 22.69 1.86 -20.99
CA ILE A 110 22.04 2.79 -20.01
C ILE A 110 21.42 3.98 -20.75
N SER A 111 20.43 4.60 -20.16
CA SER A 111 19.79 5.77 -20.82
C SER A 111 20.28 7.08 -20.18
N GLY A 112 20.35 7.13 -18.88
CA GLY A 112 20.82 8.38 -18.21
C GLY A 112 19.68 9.41 -18.20
N THR A 113 18.63 9.15 -17.49
CA THR A 113 17.49 10.11 -17.44
C THR A 113 17.03 10.32 -16.00
N GLY A 114 16.76 9.26 -15.30
CA GLY A 114 16.31 9.39 -13.88
C GLY A 114 15.32 8.28 -13.56
N LEU A 115 15.80 7.09 -13.33
CA LEU A 115 14.87 5.96 -13.01
C LEU A 115 15.27 5.31 -11.68
N GLY A 116 14.45 4.44 -11.16
CA GLY A 116 14.79 3.78 -9.87
C GLY A 116 13.57 3.83 -8.94
N LEU A 117 12.40 3.55 -9.45
CA LEU A 117 11.18 3.58 -8.60
C LEU A 117 10.49 2.21 -8.62
N ALA A 118 11.15 1.18 -8.17
CA ALA A 118 10.55 -0.18 -8.17
C ALA A 118 10.10 -0.58 -6.75
N ILE A 119 9.65 0.36 -5.97
CA ILE A 119 9.20 0.03 -4.59
C ILE A 119 7.69 0.17 -4.48
N VAL A 120 7.08 -0.46 -3.50
CA VAL A 120 5.59 -0.36 -3.32
C VAL A 120 4.87 -1.33 -4.31
N GLN A 121 5.39 -1.49 -5.50
CA GLN A 121 4.73 -2.39 -6.49
C GLN A 121 4.87 -3.85 -6.03
N ARG A 122 6.07 -4.30 -5.78
CA ARG A 122 6.27 -5.71 -5.33
C ARG A 122 5.47 -5.97 -4.07
N ILE A 123 5.12 -4.94 -3.34
CA ILE A 123 4.34 -5.14 -2.09
C ILE A 123 2.95 -5.68 -2.47
N VAL A 124 2.23 -4.92 -3.25
CA VAL A 124 0.88 -5.36 -3.66
C VAL A 124 0.98 -6.58 -4.59
N ASP A 125 2.11 -6.76 -5.22
CA ASP A 125 2.27 -7.93 -6.13
C ASP A 125 2.63 -9.16 -5.32
N ASN A 126 3.19 -8.98 -4.16
CA ASN A 126 3.56 -10.13 -3.30
C ASN A 126 2.33 -10.61 -2.53
N HIS A 127 1.36 -9.73 -2.37
CA HIS A 127 0.13 -10.12 -1.62
C HIS A 127 -0.93 -10.65 -2.60
N ASN A 128 -1.02 -10.04 -3.76
CA ASN A 128 -2.03 -10.48 -4.80
C ASN A 128 -3.40 -9.88 -4.52
N GLY A 129 -3.43 -8.72 -3.93
CA GLY A 129 -4.73 -8.08 -3.62
C GLY A 129 -5.03 -7.06 -4.70
N MET A 130 -4.62 -5.84 -4.51
CA MET A 130 -4.89 -4.80 -5.54
C MET A 130 -4.25 -3.47 -5.17
N LEU A 131 -4.08 -2.60 -6.12
CA LEU A 131 -3.46 -1.27 -5.85
C LEU A 131 -3.98 -0.25 -6.86
N GLU A 132 -4.82 0.66 -6.44
CA GLU A 132 -5.33 1.67 -7.42
C GLU A 132 -5.22 3.11 -6.88
N LEU A 133 -4.81 4.03 -7.72
CA LEU A 133 -4.68 5.46 -7.29
C LEU A 133 -5.99 6.18 -7.54
N GLY A 134 -6.50 6.87 -6.57
CA GLY A 134 -7.77 7.59 -6.77
C GLY A 134 -7.58 9.08 -6.50
N THR A 135 -7.73 9.90 -7.51
CA THR A 135 -7.56 11.36 -7.30
C THR A 135 -8.67 11.85 -6.38
N SER A 136 -8.37 12.06 -5.13
CA SER A 136 -9.42 12.55 -4.20
C SER A 136 -10.09 13.80 -4.74
N GLU A 137 -11.40 13.88 -4.64
CA GLU A 137 -12.14 15.09 -5.16
C GLU A 137 -11.33 16.35 -4.85
N ARG A 138 -10.55 16.31 -3.82
CA ARG A 138 -9.73 17.50 -3.44
C ARG A 138 -8.52 17.67 -4.39
N GLY A 139 -8.60 17.18 -5.61
CA GLY A 139 -7.45 17.33 -6.55
C GLY A 139 -6.18 16.81 -5.88
N GLY A 140 -6.29 15.74 -5.15
CA GLY A 140 -5.09 15.18 -4.46
C GLY A 140 -5.03 13.67 -4.71
N LEU A 141 -4.41 12.93 -3.82
CA LEU A 141 -4.35 11.46 -4.05
C LEU A 141 -4.76 10.64 -2.82
N SER A 142 -5.26 9.47 -3.10
CA SER A 142 -5.72 8.53 -2.06
C SER A 142 -5.33 7.12 -2.52
N ILE A 143 -4.43 6.48 -1.85
CA ILE A 143 -4.03 5.11 -2.29
C ILE A 143 -4.94 4.06 -1.68
N ARG A 144 -5.64 3.34 -2.52
CA ARG A 144 -6.55 2.28 -2.04
C ARG A 144 -5.92 0.91 -2.30
N ALA A 145 -5.25 0.36 -1.32
CA ALA A 145 -4.61 -0.97 -1.52
C ALA A 145 -5.47 -2.09 -0.93
N TRP A 146 -5.60 -3.19 -1.63
CA TRP A 146 -6.43 -4.32 -1.12
C TRP A 146 -5.55 -5.51 -0.70
N LEU A 147 -6.07 -6.30 0.19
CA LEU A 147 -5.34 -7.49 0.69
C LEU A 147 -6.39 -8.59 0.97
N PRO A 148 -6.48 -9.50 0.07
CA PRO A 148 -7.45 -10.62 0.19
C PRO A 148 -7.13 -11.51 1.40
N VAL A 149 -8.15 -11.89 2.12
CA VAL A 149 -7.94 -12.76 3.31
C VAL A 149 -7.83 -14.21 2.89
N PRO A 150 -7.02 -14.94 3.61
CA PRO A 150 -6.81 -16.37 3.31
C PRO A 150 -7.99 -17.18 3.80
N VAL A 151 -7.82 -18.45 3.90
CA VAL A 151 -8.92 -19.32 4.37
C VAL A 151 -8.37 -20.38 5.33
N THR A 152 -7.77 -19.97 6.42
CA THR A 152 -7.22 -20.95 7.40
C THR A 152 -8.26 -21.27 8.48
N ARG A 153 -9.09 -20.32 8.82
CA ARG A 153 -10.13 -20.57 9.87
C ARG A 153 -11.40 -19.77 9.56
N ALA A 154 -12.52 -20.43 9.46
CA ALA A 154 -13.79 -19.70 9.17
C ALA A 154 -14.53 -19.39 10.47
N GLN A 155 -15.11 -18.23 10.57
CA GLN A 155 -15.84 -17.87 11.82
C GLN A 155 -17.08 -17.02 11.48
N GLY A 156 -18.07 -17.05 12.33
CA GLY A 156 -19.29 -16.25 12.05
C GLY A 156 -20.53 -17.14 12.25
N THR A 157 -21.20 -16.99 13.36
CA THR A 157 -22.42 -17.82 13.60
C THR A 157 -23.51 -16.98 14.27
N THR A 158 -24.74 -17.34 14.08
CA THR A 158 -25.85 -16.56 14.71
C THR A 158 -26.36 -17.29 15.96
N LYS A 159 -26.31 -18.60 15.96
CA LYS A 159 -26.78 -19.38 17.15
C LYS A 159 -28.01 -18.72 17.78
N GLU A 160 -28.23 -18.91 19.05
CA GLU A 160 -29.42 -18.29 19.71
C GLU A 160 -29.23 -18.28 21.23
N GLY A 161 -29.25 -19.44 21.84
CA GLY A 161 -29.07 -19.49 23.33
C GLY A 161 -30.36 -19.02 24.01
PG ANP B . 5.85 7.66 -8.05
O1G ANP B . 5.12 7.31 -9.29
O2G ANP B . 6.45 6.54 -7.29
O3G ANP B . 4.76 8.32 -7.07
PB ANP B . 7.69 9.21 -6.97
O1B ANP B . 7.99 8.00 -6.17
O2B ANP B . 8.82 10.13 -7.24
N3B ANP B . 6.96 8.79 -8.36
PA ANP B . 6.22 11.62 -6.16
O1A ANP B . 6.40 12.19 -4.80
O2A ANP B . 6.89 12.24 -7.32
O3A ANP B . 6.65 10.06 -6.11
O5' ANP B . 4.64 11.54 -6.47
C5' ANP B . 3.97 12.61 -7.15
C4' ANP B . 3.95 12.40 -8.66
O4' ANP B . 3.06 11.34 -8.98
C3' ANP B . 3.44 13.64 -9.38
O3' ANP B . 4.31 14.01 -10.45
C2' ANP B . 2.10 13.26 -9.92
O2' ANP B . 2.14 13.11 -11.34
C1' ANP B . 1.80 11.91 -9.25
N9 ANP B . 1.08 12.06 -7.96
C8 ANP B . 0.57 13.15 -7.34
N7 ANP B . 0.16 13.02 -6.13
C5 ANP B . 0.43 11.67 -5.89
C6 ANP B . 0.24 10.84 -4.78
N6 ANP B . -0.25 11.28 -3.62
N1 ANP B . 0.60 9.55 -4.89
C2 ANP B . 1.12 9.09 -6.03
N3 ANP B . 1.35 9.79 -7.14
C4 ANP B . 0.97 11.07 -7.01
HOG3 ANP B . 4.07 7.67 -6.93
HNB1 ANP B . 6.53 9.59 -8.75
H5'1 ANP B . 2.92 12.65 -6.79
H5'2 ANP B . 4.45 13.55 -6.91
H4' ANP B . 4.93 12.16 -9.00
H3' ANP B . 3.32 14.47 -8.67
HO3' ANP B . 4.62 14.90 -10.26
H2' ANP B . 1.36 14.00 -9.63
HO2' ANP B . 2.67 13.83 -11.68
H1' ANP B . 1.25 11.29 -9.92
H8 ANP B . 0.51 14.11 -7.84
HN61 ANP B . -0.51 12.26 -3.52
HN62 ANP B . -0.37 10.65 -2.83
H2 ANP B . 1.38 8.04 -6.06
N THR A 1 13.06 -19.57 -7.85
CA THR A 1 11.59 -19.75 -7.69
C THR A 1 10.99 -18.56 -6.94
N GLY A 2 10.33 -17.68 -7.63
CA GLY A 2 9.72 -16.50 -6.94
C GLY A 2 8.25 -16.79 -6.65
N GLN A 3 7.48 -15.76 -6.36
CA GLN A 3 6.03 -15.98 -6.08
C GLN A 3 5.87 -16.75 -4.76
N GLU A 4 6.77 -16.55 -3.84
CA GLU A 4 6.67 -17.26 -2.53
C GLU A 4 7.43 -16.47 -1.46
N MET A 5 6.99 -15.27 -1.18
CA MET A 5 7.67 -14.44 -0.14
C MET A 5 7.22 -14.88 1.26
N PRO A 6 7.62 -14.12 2.23
CA PRO A 6 7.27 -14.42 3.62
C PRO A 6 5.89 -13.89 3.96
N MET A 7 4.88 -14.41 3.32
CA MET A 7 3.50 -13.94 3.61
C MET A 7 2.91 -14.74 4.76
N GLU A 8 2.88 -14.17 5.90
CA GLU A 8 2.32 -14.88 7.09
C GLU A 8 1.11 -14.11 7.61
N MET A 9 0.64 -14.43 8.79
CA MET A 9 -0.54 -13.69 9.32
C MET A 9 -0.09 -12.46 10.08
N ALA A 10 -0.58 -11.32 9.71
CA ALA A 10 -0.19 -10.06 10.40
C ALA A 10 -1.38 -9.10 10.50
N ASP A 11 -1.39 -8.29 11.54
CA ASP A 11 -2.51 -7.32 11.71
C ASP A 11 -2.22 -6.07 10.89
N LEU A 12 -3.06 -5.75 9.95
CA LEU A 12 -2.82 -4.54 9.13
C LEU A 12 -2.90 -3.29 10.01
N ASN A 13 -3.57 -3.38 11.11
CA ASN A 13 -3.67 -2.19 12.01
C ASN A 13 -2.41 -2.10 12.85
N ALA A 14 -1.70 -3.19 12.96
CA ALA A 14 -0.44 -3.21 13.76
C ALA A 14 0.71 -2.71 12.89
N VAL A 15 0.69 -3.05 11.63
CA VAL A 15 1.78 -2.60 10.73
C VAL A 15 1.58 -1.14 10.37
N LEU A 16 0.35 -0.74 10.24
CA LEU A 16 0.07 0.68 9.90
C LEU A 16 0.25 1.56 11.13
N GLY A 17 0.03 1.02 12.30
CA GLY A 17 0.19 1.83 13.53
C GLY A 17 1.66 2.25 13.64
N GLU A 18 2.56 1.35 13.36
CA GLU A 18 4.00 1.66 13.44
C GLU A 18 4.38 2.53 12.25
N VAL A 19 3.70 2.35 11.16
CA VAL A 19 4.00 3.15 9.95
C VAL A 19 3.44 4.55 10.14
N ILE A 20 2.49 4.69 11.01
CA ILE A 20 1.90 6.02 11.26
C ILE A 20 2.86 6.82 12.12
N ALA A 21 3.43 6.18 13.09
CA ALA A 21 4.39 6.89 13.96
C ALA A 21 5.57 7.32 13.12
N ALA A 22 5.71 6.72 11.97
CA ALA A 22 6.84 7.06 11.07
C ALA A 22 6.50 8.29 10.25
N GLU A 23 5.30 8.34 9.73
CA GLU A 23 4.90 9.52 8.92
C GLU A 23 4.45 10.66 9.83
N SER A 24 4.69 10.53 11.09
CA SER A 24 4.29 11.58 12.05
C SER A 24 5.55 12.13 12.71
N GLY A 25 6.37 12.84 11.97
CA GLY A 25 7.62 13.41 12.54
C GLY A 25 7.30 13.98 13.91
N TYR A 26 6.10 14.42 14.08
CA TYR A 26 5.70 14.99 15.38
C TYR A 26 4.19 15.04 15.49
N GLU A 27 3.50 14.07 14.95
CA GLU A 27 2.01 14.09 15.03
C GLU A 27 1.53 15.46 14.57
N ARG A 28 1.90 15.82 13.40
CA ARG A 28 1.48 17.13 12.85
C ARG A 28 -0.01 17.15 12.58
N GLU A 29 -0.48 16.24 11.83
CA GLU A 29 -1.93 16.21 11.54
C GLU A 29 -2.35 14.94 10.81
N ILE A 30 -2.11 13.80 11.39
CA ILE A 30 -2.52 12.53 10.70
C ILE A 30 -3.74 11.92 11.38
N GLU A 31 -4.78 11.67 10.63
CA GLU A 31 -5.98 11.08 11.26
C GLU A 31 -5.95 9.58 11.09
N THR A 32 -5.89 8.86 12.17
CA THR A 32 -5.85 7.37 12.07
C THR A 32 -7.25 6.78 12.23
N ALA A 33 -7.63 5.91 11.32
CA ALA A 33 -8.97 5.28 11.40
C ALA A 33 -8.91 3.89 10.80
N LEU A 34 -8.41 2.93 11.54
CA LEU A 34 -8.33 1.54 11.01
C LEU A 34 -9.54 0.72 11.44
N TYR A 35 -9.81 -0.36 10.76
CA TYR A 35 -10.97 -1.22 11.13
C TYR A 35 -10.96 -1.53 12.63
N PRO A 36 -12.07 -1.29 13.27
CA PRO A 36 -12.18 -1.54 14.73
C PRO A 36 -12.40 -3.03 15.00
N GLY A 37 -11.40 -3.83 14.81
CA GLY A 37 -11.56 -5.30 15.06
C GLY A 37 -10.25 -6.05 14.78
N SER A 38 -9.13 -5.38 14.92
CA SER A 38 -7.84 -6.06 14.66
C SER A 38 -7.89 -6.82 13.35
N ILE A 39 -7.38 -6.25 12.32
CA ILE A 39 -7.40 -6.93 10.99
C ILE A 39 -6.48 -8.14 11.00
N GLU A 40 -6.48 -8.90 9.97
CA GLU A 40 -5.60 -10.09 9.91
C GLU A 40 -5.56 -10.66 8.50
N VAL A 41 -4.49 -10.44 7.83
CA VAL A 41 -4.35 -10.97 6.44
C VAL A 41 -3.00 -11.63 6.28
N LYS A 42 -2.79 -12.28 5.20
CA LYS A 42 -1.48 -12.95 5.00
C LYS A 42 -0.51 -11.94 4.38
N MET A 43 0.22 -11.24 5.19
CA MET A 43 1.18 -10.25 4.67
C MET A 43 2.46 -10.20 5.50
N HIS A 44 3.50 -9.66 4.94
CA HIS A 44 4.79 -9.57 5.68
C HIS A 44 4.82 -8.22 6.41
N PRO A 45 4.83 -8.28 7.70
CA PRO A 45 4.86 -7.04 8.51
C PRO A 45 6.11 -6.23 8.15
N LEU A 46 7.08 -6.85 7.55
CA LEU A 46 8.31 -6.13 7.17
C LEU A 46 8.14 -5.42 5.83
N SER A 47 8.09 -6.17 4.76
CA SER A 47 7.91 -5.56 3.42
C SER A 47 6.73 -4.59 3.42
N ILE A 48 5.68 -4.91 4.11
CA ILE A 48 4.50 -4.01 4.15
C ILE A 48 4.83 -2.74 4.93
N LYS A 49 5.49 -2.86 6.06
CA LYS A 49 5.83 -1.66 6.83
C LYS A 49 6.52 -0.66 5.91
N ARG A 50 7.30 -1.15 4.98
CA ARG A 50 8.02 -0.25 4.04
C ARG A 50 7.07 0.21 2.92
N ALA A 51 6.20 -0.68 2.50
CA ALA A 51 5.23 -0.32 1.42
C ALA A 51 4.43 0.91 1.81
N VAL A 52 3.88 0.93 3.00
CA VAL A 52 3.08 2.11 3.43
C VAL A 52 4.00 3.29 3.78
N ALA A 53 5.12 3.02 4.38
CA ALA A 53 6.06 4.11 4.75
C ALA A 53 6.33 5.02 3.54
N ASN A 54 6.75 4.46 2.44
CA ASN A 54 7.03 5.30 1.24
C ASN A 54 5.73 5.79 0.61
N MET A 55 4.63 5.15 0.91
CA MET A 55 3.33 5.59 0.32
C MET A 55 2.90 6.94 0.92
N VAL A 56 3.00 7.09 2.21
CA VAL A 56 2.59 8.38 2.84
C VAL A 56 3.70 9.42 2.68
N VAL A 57 4.91 8.99 2.44
CA VAL A 57 6.03 9.97 2.27
C VAL A 57 5.74 10.91 1.09
N ASN A 58 4.87 10.50 0.21
CA ASN A 58 4.53 11.36 -0.96
C ASN A 58 3.74 12.61 -0.52
N ALA A 59 2.82 12.43 0.39
CA ALA A 59 2.02 13.60 0.86
C ALA A 59 2.69 14.27 2.07
N ALA A 60 3.53 13.56 2.76
CA ALA A 60 4.21 14.16 3.95
C ALA A 60 5.35 15.08 3.50
N ARG A 61 6.22 14.58 2.68
CA ARG A 61 7.36 15.43 2.21
C ARG A 61 6.97 16.19 0.93
N TYR A 62 6.37 15.51 -0.02
CA TYR A 62 5.98 16.19 -1.29
C TYR A 62 4.55 16.77 -1.17
N GLY A 63 3.73 16.20 -0.33
CA GLY A 63 2.35 16.73 -0.17
C GLY A 63 2.38 18.16 0.37
N ASN A 64 1.56 18.46 1.33
CA ASN A 64 1.55 19.84 1.90
C ASN A 64 1.53 19.79 3.44
N GLY A 65 0.66 19.02 4.02
CA GLY A 65 0.61 18.97 5.51
C GLY A 65 -0.32 17.85 6.00
N TRP A 66 -1.59 18.15 6.15
CA TRP A 66 -2.56 17.11 6.63
C TRP A 66 -2.34 15.75 5.97
N ILE A 67 -2.32 14.72 6.78
CA ILE A 67 -2.11 13.34 6.27
C ILE A 67 -3.28 12.47 6.77
N LYS A 68 -3.72 11.52 6.01
CA LYS A 68 -4.86 10.68 6.49
C LYS A 68 -4.48 9.21 6.45
N VAL A 69 -4.32 8.60 7.58
CA VAL A 69 -3.95 7.16 7.62
C VAL A 69 -5.17 6.34 8.04
N SER A 70 -5.81 5.73 7.10
CA SER A 70 -7.01 4.92 7.46
C SER A 70 -6.92 3.52 6.85
N SER A 71 -7.54 2.56 7.47
CA SER A 71 -7.51 1.18 6.94
C SER A 71 -8.83 0.47 7.25
N GLY A 72 -9.20 -0.49 6.46
CA GLY A 72 -10.47 -1.21 6.72
C GLY A 72 -10.27 -2.66 6.34
N THR A 73 -11.33 -3.38 6.11
CA THR A 73 -11.17 -4.80 5.74
C THR A 73 -12.49 -5.43 5.37
N GLU A 74 -12.45 -6.68 5.00
CA GLU A 74 -13.69 -7.39 4.60
C GLU A 74 -13.43 -8.91 4.70
N PRO A 75 -14.42 -9.70 4.35
CA PRO A 75 -14.24 -11.16 4.41
C PRO A 75 -13.17 -11.61 3.40
N ASN A 76 -12.29 -12.48 3.83
CA ASN A 76 -11.21 -12.98 2.92
C ASN A 76 -10.68 -11.83 2.06
N ARG A 77 -10.63 -10.64 2.59
CA ARG A 77 -10.12 -9.48 1.79
C ARG A 77 -10.02 -8.22 2.64
N ALA A 78 -8.88 -7.95 3.21
CA ALA A 78 -8.75 -6.72 4.04
C ALA A 78 -7.98 -5.68 3.23
N TRP A 79 -8.19 -4.40 3.44
CA TRP A 79 -7.44 -3.40 2.63
C TRP A 79 -7.09 -2.18 3.44
N PHE A 80 -6.32 -1.28 2.87
CA PHE A 80 -5.94 -0.04 3.60
C PHE A 80 -5.75 1.11 2.60
N GLN A 81 -6.21 2.29 2.93
CA GLN A 81 -6.06 3.45 1.99
C GLN A 81 -5.47 4.68 2.69
N VAL A 82 -5.00 5.62 1.92
CA VAL A 82 -4.41 6.86 2.50
C VAL A 82 -4.99 8.10 1.81
N GLU A 83 -4.97 9.23 2.46
CA GLU A 83 -5.51 10.47 1.84
C GLU A 83 -4.77 11.69 2.38
N ASP A 84 -4.32 12.57 1.53
CA ASP A 84 -3.58 13.76 2.03
C ASP A 84 -4.02 15.02 1.30
N ASP A 85 -3.73 16.16 1.84
CA ASP A 85 -4.13 17.44 1.17
C ASP A 85 -3.05 17.88 0.19
N GLY A 86 -3.44 18.40 -0.94
CA GLY A 86 -2.44 18.85 -1.93
C GLY A 86 -3.06 18.90 -3.32
N PRO A 87 -2.22 19.05 -4.30
CA PRO A 87 -2.70 19.11 -5.70
C PRO A 87 -3.12 17.73 -6.19
N GLY A 88 -3.50 17.62 -7.44
CA GLY A 88 -3.92 16.31 -7.99
C GLY A 88 -2.69 15.60 -8.58
N ILE A 89 -2.80 15.10 -9.78
CA ILE A 89 -1.63 14.40 -10.39
C ILE A 89 -0.96 15.30 -11.42
N ALA A 90 0.34 15.22 -11.52
CA ALA A 90 1.07 16.08 -12.51
C ALA A 90 0.28 16.17 -13.83
N PRO A 91 0.60 17.20 -14.60
CA PRO A 91 -0.08 17.40 -15.90
C PRO A 91 0.41 16.37 -16.92
N GLU A 92 1.70 16.29 -17.11
CA GLU A 92 2.23 15.30 -18.09
C GLU A 92 2.17 13.88 -17.51
N GLN A 93 2.14 13.77 -16.21
CA GLN A 93 2.08 12.42 -15.59
C GLN A 93 0.63 11.93 -15.57
N ARG A 94 -0.31 12.83 -15.62
CA ARG A 94 -1.75 12.42 -15.60
C ARG A 94 -1.98 11.32 -16.64
N LYS A 95 -1.14 11.22 -17.62
CA LYS A 95 -1.33 10.16 -18.66
C LYS A 95 -0.65 8.86 -18.22
N HIS A 96 0.47 8.97 -17.54
CA HIS A 96 1.18 7.74 -17.08
C HIS A 96 0.53 7.19 -15.81
N LEU A 97 0.68 7.88 -14.71
CA LEU A 97 0.08 7.38 -13.44
C LEU A 97 0.73 6.06 -13.04
N PHE A 98 1.65 6.11 -12.12
CA PHE A 98 2.34 4.85 -11.69
C PHE A 98 3.08 4.21 -12.86
N GLN A 99 3.63 5.02 -13.72
CA GLN A 99 4.38 4.47 -14.89
C GLN A 99 5.55 5.38 -15.24
N PRO A 100 6.44 5.52 -14.29
CA PRO A 100 7.64 6.38 -14.49
C PRO A 100 8.58 5.74 -15.51
N PHE A 101 8.34 5.96 -16.77
CA PHE A 101 9.23 5.37 -17.82
C PHE A 101 9.00 6.09 -19.15
N VAL A 102 9.95 6.88 -19.57
CA VAL A 102 9.79 7.61 -20.86
C VAL A 102 10.67 6.97 -21.95
N ARG A 103 10.20 6.96 -23.16
CA ARG A 103 11.01 6.35 -24.26
C ARG A 103 11.90 7.42 -24.90
N GLY A 104 12.75 8.04 -24.11
CA GLY A 104 13.65 9.09 -24.67
C GLY A 104 14.93 8.44 -25.17
N ASP A 105 14.84 7.29 -25.75
CA ASP A 105 16.07 6.61 -26.27
C ASP A 105 15.71 5.70 -27.45
N SER A 106 16.68 4.99 -27.97
CA SER A 106 16.40 4.09 -29.12
C SER A 106 16.18 2.65 -28.64
N ALA A 107 15.63 2.49 -27.45
CA ALA A 107 15.38 1.12 -26.93
C ALA A 107 16.70 0.32 -26.89
N ARG A 108 17.30 0.23 -25.73
CA ARG A 108 18.58 -0.54 -25.63
C ARG A 108 18.43 -1.68 -24.62
N THR A 109 18.29 -1.36 -23.37
CA THR A 109 18.14 -2.44 -22.34
C THR A 109 16.75 -3.08 -22.45
N ILE A 110 16.46 -4.04 -21.62
CA ILE A 110 15.13 -4.71 -21.68
C ILE A 110 14.02 -3.66 -21.72
N SER A 111 12.88 -4.02 -22.26
CA SER A 111 11.75 -3.05 -22.35
C SER A 111 10.50 -3.62 -21.65
N GLY A 112 10.44 -3.54 -20.35
CA GLY A 112 9.25 -4.09 -19.63
C GLY A 112 9.02 -3.29 -18.35
N THR A 113 9.68 -3.65 -17.29
CA THR A 113 9.49 -2.92 -16.01
C THR A 113 10.71 -2.04 -15.70
N GLY A 114 11.64 -2.54 -14.94
CA GLY A 114 12.85 -1.72 -14.62
C GLY A 114 12.62 -1.00 -13.28
N LEU A 115 13.46 -0.05 -12.95
CA LEU A 115 13.28 0.68 -11.67
C LEU A 115 14.42 1.68 -11.45
N GLY A 116 14.24 2.63 -10.59
CA GLY A 116 15.31 3.64 -10.34
C GLY A 116 15.39 3.96 -8.85
N LEU A 117 14.27 4.24 -8.23
CA LEU A 117 14.29 4.56 -6.78
C LEU A 117 12.87 4.49 -6.20
N ALA A 118 12.00 3.75 -6.83
CA ALA A 118 10.60 3.64 -6.32
C ALA A 118 10.35 2.25 -5.74
N ILE A 119 9.91 2.17 -4.52
CA ILE A 119 9.64 0.83 -3.90
C ILE A 119 8.13 0.66 -3.67
N VAL A 120 7.75 -0.34 -2.88
CA VAL A 120 6.29 -0.59 -2.60
C VAL A 120 5.62 -1.32 -3.76
N GLN A 121 6.10 -1.13 -4.96
CA GLN A 121 5.48 -1.81 -6.13
C GLN A 121 5.49 -3.33 -5.93
N ARG A 122 6.66 -3.89 -5.72
CA ARG A 122 6.76 -5.36 -5.51
C ARG A 122 6.03 -5.77 -4.24
N ILE A 123 6.06 -4.96 -3.23
CA ILE A 123 5.35 -5.35 -1.98
C ILE A 123 3.89 -5.64 -2.31
N VAL A 124 3.12 -4.62 -2.57
CA VAL A 124 1.68 -4.83 -2.90
C VAL A 124 1.53 -5.87 -4.01
N ASP A 125 2.45 -5.90 -4.93
CA ASP A 125 2.36 -6.90 -6.04
C ASP A 125 2.35 -8.32 -5.47
N ASN A 126 3.13 -8.57 -4.46
CA ASN A 126 3.15 -9.93 -3.87
C ASN A 126 2.53 -9.92 -2.49
N HIS A 127 1.95 -8.82 -2.09
CA HIS A 127 1.32 -8.75 -0.74
C HIS A 127 -0.17 -8.55 -0.82
N ASN A 128 -0.60 -7.50 -1.46
CA ASN A 128 -2.03 -7.28 -1.56
C ASN A 128 -2.56 -7.76 -2.86
N GLY A 129 -2.55 -6.96 -3.85
CA GLY A 129 -3.07 -7.43 -5.10
C GLY A 129 -3.66 -6.26 -5.88
N MET A 130 -4.30 -5.33 -5.21
CA MET A 130 -4.89 -4.17 -5.96
C MET A 130 -4.25 -2.87 -5.55
N LEU A 131 -4.13 -1.99 -6.47
CA LEU A 131 -3.53 -0.69 -6.17
C LEU A 131 -4.10 0.36 -7.13
N GLU A 132 -5.22 0.94 -6.79
CA GLU A 132 -5.84 1.97 -7.69
C GLU A 132 -5.68 3.38 -7.11
N LEU A 133 -5.78 4.38 -7.95
CA LEU A 133 -5.64 5.78 -7.48
C LEU A 133 -6.99 6.50 -7.52
N GLY A 134 -7.35 7.16 -6.46
CA GLY A 134 -8.64 7.89 -6.42
C GLY A 134 -8.38 9.32 -5.92
N THR A 135 -9.40 10.12 -5.77
CA THR A 135 -9.20 11.52 -5.28
C THR A 135 -8.41 12.34 -6.31
N SER A 136 -8.57 13.63 -6.27
CA SER A 136 -7.84 14.53 -7.23
C SER A 136 -8.18 15.99 -6.93
N GLU A 137 -8.30 16.78 -7.94
CA GLU A 137 -8.63 18.22 -7.71
C GLU A 137 -9.99 18.33 -7.03
N ARG A 138 -10.74 17.25 -7.01
CA ARG A 138 -12.07 17.27 -6.37
C ARG A 138 -11.93 17.33 -4.84
N GLY A 139 -10.85 16.83 -4.30
CA GLY A 139 -10.66 16.86 -2.83
C GLY A 139 -9.28 16.28 -2.47
N GLY A 140 -8.25 16.71 -3.13
CA GLY A 140 -6.88 16.18 -2.82
C GLY A 140 -6.62 14.88 -3.58
N LEU A 141 -5.89 13.98 -2.99
CA LEU A 141 -5.59 12.67 -3.66
C LEU A 141 -5.62 11.54 -2.63
N SER A 142 -5.77 10.32 -3.07
CA SER A 142 -5.81 9.18 -2.13
C SER A 142 -5.41 7.89 -2.86
N ILE A 143 -4.84 6.95 -2.16
CA ILE A 143 -4.43 5.67 -2.83
C ILE A 143 -5.15 4.49 -2.19
N ARG A 144 -5.89 3.74 -2.96
CA ARG A 144 -6.61 2.57 -2.41
C ARG A 144 -5.83 1.28 -2.69
N ALA A 145 -5.48 0.54 -1.67
CA ALA A 145 -4.72 -0.73 -1.89
C ALA A 145 -5.51 -1.91 -1.29
N TRP A 146 -5.66 -2.99 -2.03
CA TRP A 146 -6.42 -4.15 -1.45
C TRP A 146 -5.54 -5.35 -1.13
N LEU A 147 -5.78 -5.92 0.00
CA LEU A 147 -5.01 -7.10 0.49
C LEU A 147 -5.99 -8.28 0.58
N PRO A 148 -6.13 -8.97 -0.51
CA PRO A 148 -7.04 -10.12 -0.57
C PRO A 148 -6.36 -11.40 -0.05
N VAL A 149 -6.94 -11.99 0.97
CA VAL A 149 -6.34 -13.24 1.53
C VAL A 149 -6.61 -14.40 0.57
N PRO A 150 -5.55 -14.90 -0.04
CA PRO A 150 -5.68 -16.01 -0.99
C PRO A 150 -6.01 -17.32 -0.27
N VAL A 151 -6.09 -18.38 -0.99
CA VAL A 151 -6.40 -19.69 -0.38
C VAL A 151 -5.59 -19.88 0.91
N THR A 152 -6.05 -20.71 1.80
CA THR A 152 -5.31 -20.93 3.07
C THR A 152 -5.20 -22.43 3.41
N ARG A 153 -6.06 -23.24 2.85
CA ARG A 153 -6.00 -24.70 3.15
C ARG A 153 -5.28 -25.46 2.04
N ALA A 154 -5.32 -26.76 2.07
CA ALA A 154 -4.64 -27.58 1.03
C ALA A 154 -5.61 -28.63 0.46
N GLN A 155 -6.29 -28.31 -0.61
CA GLN A 155 -7.24 -29.29 -1.20
C GLN A 155 -7.87 -28.72 -2.47
N GLY A 156 -8.35 -29.57 -3.34
CA GLY A 156 -8.97 -29.09 -4.60
C GLY A 156 -9.19 -30.27 -5.54
N THR A 157 -8.28 -31.21 -5.55
CA THR A 157 -8.43 -32.38 -6.45
C THR A 157 -8.68 -33.64 -5.63
N THR A 158 -9.89 -34.14 -5.65
CA THR A 158 -10.21 -35.36 -4.86
C THR A 158 -11.26 -36.20 -5.60
N LYS A 159 -11.58 -37.36 -5.09
CA LYS A 159 -12.60 -38.22 -5.76
C LYS A 159 -13.87 -38.29 -4.90
N GLU A 160 -14.83 -37.45 -5.18
CA GLU A 160 -16.08 -37.48 -4.37
C GLU A 160 -17.15 -36.58 -5.02
N GLY A 161 -18.14 -37.19 -5.62
CA GLY A 161 -19.21 -36.38 -6.28
C GLY A 161 -19.62 -37.03 -7.59
PG ANP B . 4.96 4.93 -5.00
O1G ANP B . 4.63 4.52 -3.60
O2G ANP B . 6.35 4.71 -5.45
O3G ANP B . 4.73 6.52 -5.03
PB ANP B . 4.30 4.66 -7.55
O1B ANP B . 5.55 5.45 -7.57
O2B ANP B . 4.24 3.47 -8.42
N3B ANP B . 3.91 4.26 -6.03
PA ANP B . 2.97 7.24 -7.93
O1A ANP B . 3.02 7.57 -6.50
O2A ANP B . 3.89 7.89 -8.88
O3A ANP B . 3.15 5.65 -8.09
O5' ANP B . 1.46 7.47 -8.45
C5' ANP B . 0.66 8.52 -7.90
C4' ANP B . 0.85 9.84 -8.66
O4' ANP B . -0.35 10.65 -8.58
C3' ANP B . 1.98 10.64 -8.07
O3' ANP B . 3.14 10.61 -8.90
C2' ANP B . 1.48 12.03 -7.91
O2' ANP B . 1.94 12.88 -8.96
C1' ANP B . -0.02 11.90 -7.94
N9 ANP B . -0.55 11.91 -6.59
C8 ANP B . -0.82 10.88 -5.81
N7 ANP B . -1.21 11.12 -4.61
C5 ANP B . -1.21 12.53 -4.58
C6 ANP B . -1.52 13.47 -3.60
N6 ANP B . -1.93 13.15 -2.37
N1 ANP B . -1.40 14.77 -3.93
C2 ANP B . -0.99 15.12 -5.17
N3 ANP B . -0.67 14.30 -6.17
C4 ANP B . -0.80 13.02 -5.81
HOG3 ANP B . 4.34 6.77 -4.19
HNB1 ANP B . 3.93 3.27 -5.93
H5'1 ANP B . -0.37 8.25 -7.95
H5'2 ANP B . 0.93 8.65 -6.86
H4' ANP B . 1.06 9.63 -9.70
H3' ANP B . 2.21 10.24 -7.10
HO3' ANP B . 3.90 10.50 -8.33
H2' ANP B . 1.79 12.43 -6.94
HO2' ANP B . 2.90 12.91 -8.90
H1' ANP B . -0.45 12.71 -8.50
H8 ANP B . -0.72 9.87 -6.19
HN61 ANP B . -2.03 12.18 -2.11
HN62 ANP B . -2.14 13.88 -1.70
H2 ANP B . -0.93 16.18 -5.36
N THR A 1 12.59 -28.50 -0.03
CA THR A 1 12.80 -27.37 0.94
C THR A 1 13.05 -26.06 0.19
N GLY A 2 12.12 -25.64 -0.62
CA GLY A 2 12.30 -24.37 -1.37
C GLY A 2 11.17 -23.40 -1.04
N GLN A 3 10.90 -23.21 0.23
CA GLN A 3 9.81 -22.27 0.62
C GLN A 3 10.27 -21.36 1.77
N GLU A 4 10.64 -20.15 1.45
CA GLU A 4 11.09 -19.20 2.51
C GLU A 4 10.41 -17.83 2.32
N MET A 5 9.15 -17.85 1.99
CA MET A 5 8.41 -16.56 1.79
C MET A 5 7.98 -15.96 3.15
N PRO A 6 8.20 -14.68 3.30
CA PRO A 6 7.85 -13.99 4.54
C PRO A 6 6.45 -13.45 4.45
N MET A 7 5.58 -14.21 3.88
CA MET A 7 4.17 -13.77 3.75
C MET A 7 3.30 -14.67 4.60
N GLU A 8 2.87 -14.17 5.69
CA GLU A 8 2.01 -14.98 6.61
C GLU A 8 0.83 -14.16 7.11
N MET A 9 0.31 -14.49 8.26
CA MET A 9 -0.84 -13.71 8.79
C MET A 9 -0.36 -12.52 9.60
N ALA A 10 -0.92 -11.37 9.36
CA ALA A 10 -0.48 -10.16 10.11
C ALA A 10 -1.65 -9.19 10.30
N ASP A 11 -1.55 -8.33 11.28
CA ASP A 11 -2.64 -7.35 11.53
C ASP A 11 -2.36 -6.07 10.75
N LEU A 12 -3.25 -5.69 9.87
CA LEU A 12 -3.01 -4.44 9.09
C LEU A 12 -3.04 -3.24 10.02
N ASN A 13 -3.63 -3.38 11.16
CA ASN A 13 -3.69 -2.24 12.12
C ASN A 13 -2.40 -2.21 12.93
N ALA A 14 -1.71 -3.31 12.99
CA ALA A 14 -0.45 -3.38 13.75
C ALA A 14 0.70 -2.87 12.88
N VAL A 15 0.64 -3.16 11.62
CA VAL A 15 1.72 -2.71 10.71
C VAL A 15 1.51 -1.22 10.38
N LEU A 16 0.28 -0.82 10.21
CA LEU A 16 0.00 0.61 9.89
C LEU A 16 0.12 1.45 11.15
N GLY A 17 -0.13 0.87 12.30
CA GLY A 17 -0.02 1.66 13.57
C GLY A 17 1.45 1.99 13.81
N GLU A 18 2.33 1.19 13.27
CA GLU A 18 3.78 1.44 13.47
C GLU A 18 4.26 2.45 12.44
N VAL A 19 3.68 2.43 11.26
CA VAL A 19 4.09 3.39 10.21
C VAL A 19 3.58 4.76 10.58
N ILE A 20 2.48 4.83 11.29
CA ILE A 20 1.94 6.13 11.68
C ILE A 20 2.84 6.70 12.74
N ALA A 21 3.02 5.97 13.79
CA ALA A 21 3.88 6.46 14.89
C ALA A 21 5.32 6.51 14.39
N ALA A 22 5.58 5.84 13.30
CA ALA A 22 6.94 5.81 12.73
C ALA A 22 7.36 7.19 12.25
N GLU A 23 6.72 7.68 11.24
CA GLU A 23 7.08 9.03 10.74
C GLU A 23 5.88 9.97 10.65
N SER A 24 5.02 9.96 11.63
CA SER A 24 3.82 10.86 11.56
C SER A 24 4.18 12.25 12.10
N GLY A 25 5.41 12.68 11.93
CA GLY A 25 5.79 14.01 12.46
C GLY A 25 5.37 14.08 13.92
N TYR A 26 5.24 12.94 14.55
CA TYR A 26 4.84 12.89 15.98
C TYR A 26 3.38 13.30 16.14
N GLU A 27 2.52 12.80 15.26
CA GLU A 27 1.06 13.16 15.35
C GLU A 27 0.82 14.58 14.86
N ARG A 28 1.29 14.87 13.70
CA ARG A 28 1.09 16.24 13.14
C ARG A 28 -0.36 16.44 12.83
N GLU A 29 -0.77 15.98 11.72
CA GLU A 29 -2.18 16.13 11.31
C GLU A 29 -2.61 14.93 10.51
N ILE A 30 -2.35 13.79 11.02
CA ILE A 30 -2.73 12.53 10.30
C ILE A 30 -4.02 11.97 10.88
N GLU A 31 -4.92 11.56 10.04
CA GLU A 31 -6.19 11.01 10.54
C GLU A 31 -6.13 9.49 10.50
N THR A 32 -5.93 8.87 11.62
CA THR A 32 -5.86 7.39 11.67
C THR A 32 -7.22 6.77 11.93
N ALA A 33 -7.61 5.83 11.12
CA ALA A 33 -8.93 5.17 11.30
C ALA A 33 -8.84 3.74 10.80
N LEU A 34 -8.27 2.87 11.58
CA LEU A 34 -8.14 1.45 11.16
C LEU A 34 -9.30 0.63 11.72
N TYR A 35 -9.64 -0.46 11.07
CA TYR A 35 -10.76 -1.30 11.56
C TYR A 35 -10.70 -1.41 13.09
N PRO A 36 -11.76 -0.96 13.73
CA PRO A 36 -11.83 -1.01 15.20
C PRO A 36 -12.19 -2.41 15.70
N GLY A 37 -11.29 -3.34 15.56
CA GLY A 37 -11.59 -4.73 16.04
C GLY A 37 -10.33 -5.57 15.92
N SER A 38 -9.99 -5.98 14.74
CA SER A 38 -8.77 -6.82 14.55
C SER A 38 -8.78 -7.41 13.15
N ILE A 39 -7.92 -6.94 12.31
CA ILE A 39 -7.89 -7.48 10.92
C ILE A 39 -6.97 -8.68 10.86
N GLU A 40 -6.87 -9.27 9.72
CA GLU A 40 -5.99 -10.45 9.58
C GLU A 40 -5.87 -10.84 8.13
N VAL A 41 -4.79 -10.51 7.53
CA VAL A 41 -4.60 -10.85 6.09
C VAL A 41 -3.22 -11.42 5.89
N LYS A 42 -3.04 -12.15 4.85
CA LYS A 42 -1.70 -12.72 4.61
C LYS A 42 -0.83 -11.62 4.02
N MET A 43 -0.03 -10.98 4.83
CA MET A 43 0.83 -9.90 4.30
C MET A 43 2.23 -9.92 4.92
N HIS A 44 3.09 -9.09 4.40
CA HIS A 44 4.48 -9.01 4.91
C HIS A 44 4.62 -7.71 5.69
N PRO A 45 4.85 -7.83 6.97
CA PRO A 45 4.98 -6.61 7.82
C PRO A 45 6.17 -5.76 7.37
N LEU A 46 7.10 -6.33 6.67
CA LEU A 46 8.26 -5.54 6.21
C LEU A 46 7.95 -4.88 4.85
N SER A 47 7.55 -5.65 3.88
CA SER A 47 7.22 -5.05 2.55
C SER A 47 6.04 -4.09 2.65
N ILE A 48 5.19 -4.29 3.62
CA ILE A 48 4.01 -3.39 3.78
C ILE A 48 4.41 -2.13 4.57
N LYS A 49 5.18 -2.30 5.62
CA LYS A 49 5.59 -1.09 6.42
C LYS A 49 6.31 -0.14 5.48
N ARG A 50 7.03 -0.70 4.56
CA ARG A 50 7.79 0.12 3.58
C ARG A 50 6.83 0.76 2.58
N ALA A 51 5.89 0.01 2.10
CA ALA A 51 4.91 0.56 1.12
C ALA A 51 4.12 1.73 1.73
N VAL A 52 3.90 1.71 3.03
CA VAL A 52 3.13 2.82 3.66
C VAL A 52 4.02 4.05 3.85
N ALA A 53 5.25 3.84 4.24
CA ALA A 53 6.18 5.00 4.45
C ALA A 53 6.41 5.75 3.13
N ASN A 54 6.62 5.03 2.06
CA ASN A 54 6.86 5.70 0.75
C ASN A 54 5.68 6.61 0.36
N MET A 55 4.54 6.39 0.94
CA MET A 55 3.36 7.25 0.60
C MET A 55 3.36 8.53 1.44
N VAL A 56 3.36 8.40 2.74
CA VAL A 56 3.37 9.59 3.62
C VAL A 56 4.66 10.40 3.43
N VAL A 57 5.68 9.80 2.89
CA VAL A 57 6.96 10.55 2.69
C VAL A 57 6.77 11.68 1.68
N ASN A 58 5.75 11.62 0.87
CA ASN A 58 5.53 12.70 -0.13
C ASN A 58 5.00 13.96 0.55
N ALA A 59 3.91 13.85 1.27
CA ALA A 59 3.36 15.04 1.97
C ALA A 59 4.17 15.38 3.21
N ALA A 60 4.94 14.45 3.72
CA ALA A 60 5.76 14.72 4.93
C ALA A 60 6.91 15.67 4.58
N ARG A 61 7.65 15.36 3.55
CA ARG A 61 8.79 16.25 3.16
C ARG A 61 8.29 17.67 2.98
N TYR A 62 7.51 17.91 1.96
CA TYR A 62 6.98 19.29 1.72
C TYR A 62 6.23 19.78 2.96
N GLY A 63 5.27 19.02 3.40
CA GLY A 63 4.48 19.43 4.61
C GLY A 63 3.33 20.33 4.17
N ASN A 64 2.39 19.80 3.43
CA ASN A 64 1.25 20.64 2.98
C ASN A 64 0.42 21.08 4.19
N GLY A 65 0.07 20.17 5.05
CA GLY A 65 -0.73 20.56 6.24
C GLY A 65 -1.62 19.40 6.72
N TRP A 66 -1.69 18.31 5.99
CA TRP A 66 -2.56 17.19 6.48
C TRP A 66 -2.24 15.85 5.79
N ILE A 67 -2.23 14.79 6.57
CA ILE A 67 -1.94 13.44 6.06
C ILE A 67 -3.07 12.51 6.53
N LYS A 68 -3.20 11.35 5.97
CA LYS A 68 -4.31 10.47 6.45
C LYS A 68 -3.92 8.99 6.37
N VAL A 69 -4.21 8.27 7.40
CA VAL A 69 -3.86 6.81 7.43
C VAL A 69 -5.07 6.03 7.94
N SER A 70 -6.00 5.74 7.08
CA SER A 70 -7.21 4.96 7.52
C SER A 70 -7.27 3.62 6.80
N SER A 71 -7.58 2.57 7.53
CA SER A 71 -7.66 1.23 6.91
C SER A 71 -8.88 0.49 7.44
N GLY A 72 -9.34 -0.49 6.72
CA GLY A 72 -10.52 -1.26 7.19
C GLY A 72 -10.38 -2.70 6.74
N THR A 73 -11.46 -3.37 6.51
CA THR A 73 -11.38 -4.78 6.07
C THR A 73 -12.73 -5.24 5.52
N GLU A 74 -12.81 -6.44 5.05
CA GLU A 74 -14.09 -6.96 4.51
C GLU A 74 -14.16 -8.48 4.64
N PRO A 75 -15.28 -9.02 4.26
CA PRO A 75 -15.48 -10.49 4.34
C PRO A 75 -14.63 -11.21 3.30
N ASN A 76 -13.71 -12.03 3.75
CA ASN A 76 -12.82 -12.78 2.80
C ASN A 76 -11.82 -11.83 2.14
N ARG A 77 -11.58 -10.70 2.71
CA ARG A 77 -10.60 -9.74 2.11
C ARG A 77 -10.60 -8.42 2.87
N ALA A 78 -9.45 -7.98 3.28
CA ALA A 78 -9.36 -6.68 4.04
C ALA A 78 -8.57 -5.67 3.20
N TRP A 79 -8.37 -4.47 3.68
CA TRP A 79 -7.61 -3.49 2.85
C TRP A 79 -7.25 -2.25 3.67
N PHE A 80 -6.30 -1.49 3.20
CA PHE A 80 -5.90 -0.26 3.94
C PHE A 80 -5.84 0.91 2.96
N GLN A 81 -5.91 2.13 3.43
CA GLN A 81 -5.87 3.28 2.48
C GLN A 81 -5.14 4.50 3.08
N VAL A 82 -4.55 5.29 2.23
CA VAL A 82 -3.81 6.50 2.69
C VAL A 82 -4.28 7.71 1.88
N GLU A 83 -4.16 8.89 2.41
CA GLU A 83 -4.60 10.09 1.65
C GLU A 83 -3.69 11.27 1.96
N ASP A 84 -3.66 12.26 1.11
CA ASP A 84 -2.77 13.43 1.37
C ASP A 84 -3.39 14.72 0.83
N ASP A 85 -3.05 15.84 1.43
CA ASP A 85 -3.62 17.14 0.95
C ASP A 85 -3.05 17.48 -0.43
N GLY A 86 -3.89 17.92 -1.33
CA GLY A 86 -3.41 18.28 -2.69
C GLY A 86 -4.50 17.89 -3.72
N PRO A 87 -4.27 18.28 -4.95
CA PRO A 87 -5.24 17.97 -6.02
C PRO A 87 -5.21 16.47 -6.34
N GLY A 88 -5.80 16.08 -7.44
CA GLY A 88 -5.81 14.64 -7.81
C GLY A 88 -4.62 14.36 -8.73
N ILE A 89 -4.41 13.11 -9.08
CA ILE A 89 -3.27 12.77 -9.96
C ILE A 89 -3.54 13.28 -11.39
N ALA A 90 -2.52 13.73 -12.08
CA ALA A 90 -2.72 14.24 -13.47
C ALA A 90 -2.96 13.07 -14.44
N PRO A 91 -3.65 13.36 -15.51
CA PRO A 91 -3.95 12.32 -16.52
C PRO A 91 -2.69 11.97 -17.31
N GLU A 92 -1.73 12.85 -17.33
CA GLU A 92 -0.46 12.57 -18.08
C GLU A 92 0.56 11.88 -17.18
N GLN A 93 0.54 12.18 -15.91
CA GLN A 93 1.52 11.55 -14.96
C GLN A 93 0.96 10.24 -14.39
N ARG A 94 -0.32 10.06 -14.45
CA ARG A 94 -0.93 8.81 -13.89
C ARG A 94 -0.24 7.57 -14.48
N LYS A 95 -0.18 7.47 -15.78
CA LYS A 95 0.48 6.28 -16.40
C LYS A 95 1.91 6.12 -15.88
N HIS A 96 2.48 7.17 -15.35
CA HIS A 96 3.87 7.09 -14.82
C HIS A 96 3.89 6.72 -13.33
N LEU A 97 2.89 5.99 -12.87
CA LEU A 97 2.87 5.61 -11.42
C LEU A 97 2.67 4.10 -11.26
N PHE A 98 3.70 3.33 -11.48
CA PHE A 98 3.59 1.83 -11.35
C PHE A 98 2.24 1.34 -11.88
N GLN A 99 1.88 1.78 -13.05
CA GLN A 99 0.58 1.34 -13.64
C GLN A 99 0.57 -0.18 -13.80
N PRO A 100 -0.60 -0.71 -14.05
CA PRO A 100 -0.75 -2.17 -14.21
C PRO A 100 -0.12 -2.63 -15.54
N PHE A 101 -0.10 -3.92 -15.79
CA PHE A 101 0.49 -4.42 -17.06
C PHE A 101 -0.47 -5.42 -17.73
N VAL A 102 -0.82 -5.17 -18.96
CA VAL A 102 -1.75 -6.11 -19.66
C VAL A 102 -1.52 -6.06 -21.18
N ARG A 103 -0.29 -6.08 -21.61
CA ARG A 103 -0.02 -6.03 -23.08
C ARG A 103 -0.97 -7.00 -23.81
N GLY A 104 -1.14 -6.80 -25.09
CA GLY A 104 -2.05 -7.71 -25.86
C GLY A 104 -1.56 -9.15 -25.74
N ASP A 105 -1.23 -9.77 -26.85
CA ASP A 105 -0.75 -11.18 -26.79
C ASP A 105 0.33 -11.34 -25.70
N SER A 106 0.30 -12.44 -25.00
CA SER A 106 1.31 -12.66 -23.92
C SER A 106 1.34 -14.14 -23.51
N ALA A 107 1.36 -15.03 -24.47
CA ALA A 107 1.39 -16.48 -24.12
C ALA A 107 2.56 -16.77 -23.17
N ARG A 108 3.71 -17.09 -23.70
CA ARG A 108 4.88 -17.37 -22.83
C ARG A 108 5.90 -16.23 -22.93
N THR A 109 5.48 -15.02 -22.69
CA THR A 109 6.42 -13.87 -22.76
C THR A 109 6.61 -13.24 -21.39
N ILE A 110 7.69 -13.56 -20.72
CA ILE A 110 7.93 -12.97 -19.37
C ILE A 110 9.03 -11.90 -19.43
N SER A 111 10.01 -12.09 -20.27
CA SER A 111 11.11 -11.09 -20.37
C SER A 111 11.69 -10.78 -18.97
N GLY A 112 12.56 -9.82 -18.88
CA GLY A 112 13.15 -9.47 -17.55
C GLY A 112 12.70 -8.07 -17.13
N THR A 113 11.43 -7.84 -17.02
CA THR A 113 10.94 -6.49 -16.62
C THR A 113 11.05 -6.31 -15.10
N GLY A 114 12.18 -5.85 -14.62
CA GLY A 114 12.34 -5.66 -13.15
C GLY A 114 13.67 -4.94 -12.88
N LEU A 115 13.73 -3.66 -13.11
CA LEU A 115 14.99 -2.91 -12.87
C LEU A 115 15.12 -2.59 -11.37
N GLY A 116 15.84 -3.40 -10.64
CA GLY A 116 16.01 -3.15 -9.19
C GLY A 116 16.29 -1.67 -8.95
N LEU A 117 15.30 -0.94 -8.48
CA LEU A 117 15.51 0.52 -8.22
C LEU A 117 14.54 1.00 -7.14
N ALA A 118 13.26 0.92 -7.38
CA ALA A 118 12.27 1.37 -6.36
C ALA A 118 11.69 0.17 -5.60
N ILE A 119 10.61 0.36 -4.89
CA ILE A 119 10.02 -0.78 -4.14
C ILE A 119 8.61 -0.41 -3.63
N VAL A 120 7.60 -0.65 -4.41
CA VAL A 120 6.21 -0.31 -3.97
C VAL A 120 5.19 -1.10 -4.81
N GLN A 121 5.46 -1.26 -6.07
CA GLN A 121 4.51 -2.01 -6.94
C GLN A 121 4.49 -3.48 -6.53
N ARG A 122 5.62 -4.13 -6.56
CA ARG A 122 5.68 -5.58 -6.17
C ARG A 122 5.12 -5.77 -4.76
N ILE A 123 5.04 -4.73 -3.99
CA ILE A 123 4.50 -4.86 -2.61
C ILE A 123 3.04 -5.30 -2.67
N VAL A 124 2.17 -4.42 -3.09
CA VAL A 124 0.74 -4.79 -3.17
C VAL A 124 0.58 -5.90 -4.22
N ASP A 125 1.52 -6.01 -5.11
CA ASP A 125 1.41 -7.07 -6.16
C ASP A 125 1.87 -8.41 -5.58
N ASN A 126 2.63 -8.36 -4.51
CA ASN A 126 3.12 -9.62 -3.89
C ASN A 126 1.98 -10.25 -3.10
N HIS A 127 1.04 -9.44 -2.69
CA HIS A 127 -0.11 -9.95 -1.90
C HIS A 127 -1.25 -10.33 -2.86
N ASN A 128 -1.19 -9.84 -4.08
CA ASN A 128 -2.24 -10.14 -5.09
C ASN A 128 -3.56 -9.50 -4.70
N GLY A 129 -3.53 -8.64 -3.72
CA GLY A 129 -4.78 -7.98 -3.29
C GLY A 129 -5.21 -7.00 -4.39
N MET A 130 -4.72 -5.80 -4.34
CA MET A 130 -5.09 -4.80 -5.39
C MET A 130 -4.45 -3.44 -5.11
N LEU A 131 -4.47 -2.58 -6.08
CA LEU A 131 -3.86 -1.23 -5.90
C LEU A 131 -4.58 -0.22 -6.81
N GLU A 132 -5.20 0.77 -6.24
CA GLU A 132 -5.92 1.78 -7.09
C GLU A 132 -5.49 3.22 -6.74
N LEU A 133 -5.49 4.08 -7.70
CA LEU A 133 -5.10 5.51 -7.45
C LEU A 133 -6.21 6.43 -7.95
N GLY A 134 -6.67 7.31 -7.12
CA GLY A 134 -7.75 8.23 -7.58
C GLY A 134 -8.08 9.22 -6.47
N THR A 135 -9.06 10.05 -6.68
CA THR A 135 -9.43 11.03 -5.65
C THR A 135 -10.49 10.45 -4.71
N SER A 136 -10.33 10.66 -3.43
CA SER A 136 -11.30 10.11 -2.46
C SER A 136 -12.14 11.26 -1.88
N GLU A 137 -13.08 10.91 -1.00
CA GLU A 137 -13.96 11.95 -0.36
C GLU A 137 -13.14 13.15 0.10
N ARG A 138 -11.85 12.99 0.27
CA ARG A 138 -11.00 14.13 0.73
C ARG A 138 -10.93 15.21 -0.36
N GLY A 139 -11.66 15.03 -1.43
CA GLY A 139 -11.63 16.02 -2.51
C GLY A 139 -10.25 16.04 -3.12
N GLY A 140 -9.59 14.90 -3.23
CA GLY A 140 -8.22 14.93 -3.84
C GLY A 140 -7.46 13.59 -3.72
N LEU A 141 -6.16 13.66 -3.97
CA LEU A 141 -5.26 12.45 -3.90
C LEU A 141 -5.63 11.44 -2.81
N SER A 142 -5.86 10.21 -3.21
CA SER A 142 -6.25 9.14 -2.24
C SER A 142 -5.82 7.78 -2.80
N ILE A 143 -4.91 7.11 -2.16
CA ILE A 143 -4.45 5.77 -2.67
C ILE A 143 -5.18 4.65 -1.93
N ARG A 144 -5.46 3.58 -2.61
CA ARG A 144 -6.17 2.43 -1.98
C ARG A 144 -5.37 1.14 -2.20
N ALA A 145 -5.36 0.26 -1.24
CA ALA A 145 -4.60 -1.01 -1.40
C ALA A 145 -5.41 -2.17 -0.81
N TRP A 146 -5.53 -3.25 -1.52
CA TRP A 146 -6.32 -4.40 -0.98
C TRP A 146 -5.43 -5.60 -0.66
N LEU A 147 -5.92 -6.45 0.21
CA LEU A 147 -5.18 -7.67 0.64
C LEU A 147 -6.21 -8.77 0.92
N PRO A 148 -6.02 -9.91 0.32
CA PRO A 148 -6.96 -11.04 0.52
C PRO A 148 -6.86 -11.63 1.93
N VAL A 149 -7.97 -11.99 2.50
CA VAL A 149 -7.97 -12.57 3.88
C VAL A 149 -8.34 -14.06 3.83
N PRO A 150 -7.41 -14.86 3.37
CA PRO A 150 -7.63 -16.32 3.27
C PRO A 150 -7.56 -16.98 4.65
N VAL A 151 -8.59 -16.82 5.46
CA VAL A 151 -8.57 -17.44 6.82
C VAL A 151 -10.00 -17.69 7.31
N THR A 152 -10.80 -16.65 7.35
CA THR A 152 -12.21 -16.81 7.83
C THR A 152 -12.89 -18.01 7.15
N ARG A 153 -12.49 -18.34 5.95
CA ARG A 153 -13.13 -19.50 5.26
C ARG A 153 -12.21 -20.72 5.28
N ALA A 154 -12.60 -21.80 4.65
CA ALA A 154 -11.75 -23.01 4.64
C ALA A 154 -12.41 -24.12 3.80
N GLN A 155 -13.01 -23.77 2.70
CA GLN A 155 -13.67 -24.80 1.85
C GLN A 155 -12.65 -25.45 0.92
N GLY A 156 -12.15 -24.72 -0.04
CA GLY A 156 -11.16 -25.31 -0.98
C GLY A 156 -10.88 -24.32 -2.12
N THR A 157 -11.87 -23.99 -2.89
CA THR A 157 -11.67 -23.03 -4.01
C THR A 157 -12.80 -21.99 -4.04
N THR A 158 -12.74 -21.05 -4.93
CA THR A 158 -13.81 -20.02 -5.00
C THR A 158 -14.27 -19.84 -6.45
N LYS A 159 -14.47 -20.91 -7.16
CA LYS A 159 -14.93 -20.80 -8.58
C LYS A 159 -15.99 -21.86 -8.89
N GLU A 160 -17.24 -21.54 -8.65
CA GLU A 160 -18.32 -22.52 -8.93
C GLU A 160 -19.64 -21.79 -9.20
N GLY A 161 -20.55 -22.42 -9.91
CA GLY A 161 -21.85 -21.77 -10.20
C GLY A 161 -22.97 -22.81 -10.20
PG ANP B . 9.30 13.95 -4.25
O1G ANP B . 10.65 13.33 -4.36
O2G ANP B . 9.24 15.42 -4.31
O3G ANP B . 8.75 13.54 -2.79
PB ANP B . 7.96 11.76 -4.91
O1B ANP B . 9.05 10.85 -5.30
O2B ANP B . 7.52 11.71 -3.49
N3B ANP B . 8.31 13.28 -5.34
PA ANP B . 6.15 11.79 -7.21
O1A ANP B . 6.26 13.27 -7.26
O2A ANP B . 6.80 10.96 -8.25
O3A ANP B . 6.68 11.29 -5.78
O5' ANP B . 4.59 11.40 -7.16
C5' ANP B . 3.61 12.25 -7.75
C4' ANP B . 3.05 11.67 -9.04
O4' ANP B . 2.12 10.64 -8.75
C3' ANP B . 2.33 12.75 -9.84
O3' ANP B . 2.80 12.79 -11.19
C2' ANP B . 0.89 12.37 -9.80
O2' ANP B . 0.43 11.95 -11.10
C1' ANP B . 0.82 11.22 -8.80
N9 ANP B . 0.45 11.66 -7.42
C8 ANP B . 0.24 12.91 -6.90
N7 ANP B . 0.09 13.01 -5.63
C5 ANP B . 0.20 11.69 -5.22
C6 ANP B . 0.14 11.07 -3.96
N6 ANP B . -0.03 11.75 -2.82
N1 ANP B . 0.30 9.73 -3.91
C2 ANP B . 0.51 9.03 -5.04
N3 ANP B . 0.57 9.52 -6.28
C4 ANP B . 0.42 10.85 -6.30
HOG3 ANP B . 9.31 12.82 -2.47
HNB1 ANP B . 8.75 13.28 -6.24
H5'1 ANP B . 2.78 12.39 -7.04
H5'2 ANP B . 4.06 13.23 -7.95
H4' ANP B . 3.84 11.27 -9.63
H3' ANP B . 2.46 13.72 -9.36
HO3' ANP B . 3.70 12.45 -11.20
H2' ANP B . 0.29 13.21 -9.46
HO2' ANP B . 0.18 12.73 -11.59
H1' ANP B . 0.11 10.49 -9.14
H8 ANP B . 0.20 13.78 -7.53
HN61 ANP B . -0.13 12.76 -2.84
HN62 ANP B . -0.06 11.25 -1.94
H2 ANP B . 0.62 7.95 -4.93
N THR A 1 12.05 -20.18 -6.41
CA THR A 1 11.14 -21.26 -6.89
C THR A 1 10.64 -22.10 -5.71
N GLY A 2 10.13 -21.46 -4.69
CA GLY A 2 9.63 -22.22 -3.51
C GLY A 2 8.71 -21.33 -2.68
N GLN A 3 8.40 -21.74 -1.49
CA GLN A 3 7.49 -20.92 -0.63
C GLN A 3 8.04 -20.88 0.81
N GLU A 4 9.14 -20.21 1.02
CA GLU A 4 9.71 -20.13 2.40
C GLU A 4 10.05 -18.68 2.76
N MET A 5 9.25 -17.75 2.32
CA MET A 5 9.54 -16.31 2.63
C MET A 5 8.81 -15.93 3.94
N PRO A 6 8.95 -14.69 4.31
CA PRO A 6 8.31 -14.20 5.53
C PRO A 6 6.92 -13.70 5.22
N MET A 7 6.20 -14.47 4.48
CA MET A 7 4.82 -14.07 4.12
C MET A 7 3.86 -14.97 4.85
N GLU A 8 3.19 -14.44 5.79
CA GLU A 8 2.22 -15.24 6.57
C GLU A 8 1.08 -14.35 7.02
N MET A 9 0.51 -14.60 8.16
CA MET A 9 -0.60 -13.75 8.64
C MET A 9 -0.06 -12.55 9.41
N ALA A 10 -0.71 -11.42 9.29
CA ALA A 10 -0.23 -10.22 10.03
C ALA A 10 -1.39 -9.25 10.32
N ASP A 11 -1.19 -8.34 11.24
CA ASP A 11 -2.26 -7.37 11.57
C ASP A 11 -2.06 -6.08 10.76
N LEU A 12 -2.99 -5.72 9.93
CA LEU A 12 -2.82 -4.49 9.13
C LEU A 12 -2.90 -3.26 10.04
N ASN A 13 -3.50 -3.40 11.18
CA ASN A 13 -3.61 -2.24 12.09
C ASN A 13 -2.34 -2.16 12.93
N ALA A 14 -1.62 -3.24 13.01
CA ALA A 14 -0.37 -3.25 13.80
C ALA A 14 0.80 -2.80 12.92
N VAL A 15 0.76 -3.14 11.67
CA VAL A 15 1.84 -2.74 10.75
C VAL A 15 1.63 -1.29 10.31
N LEU A 16 0.39 -0.88 10.22
CA LEU A 16 0.10 0.51 9.82
C LEU A 16 0.27 1.46 11.00
N GLY A 17 0.01 0.98 12.20
CA GLY A 17 0.17 1.87 13.38
C GLY A 17 1.66 2.15 13.59
N GLU A 18 2.50 1.20 13.26
CA GLU A 18 3.96 1.41 13.44
C GLU A 18 4.48 2.27 12.31
N VAL A 19 3.91 2.12 11.15
CA VAL A 19 4.35 2.92 9.99
C VAL A 19 3.75 4.32 10.08
N ILE A 20 2.71 4.46 10.84
CA ILE A 20 2.06 5.77 10.99
C ILE A 20 2.91 6.64 11.91
N ALA A 21 3.38 6.07 12.97
CA ALA A 21 4.22 6.84 13.90
C ALA A 21 5.68 6.70 13.52
N ALA A 22 5.99 5.72 12.72
CA ALA A 22 7.39 5.50 12.30
C ALA A 22 7.94 6.70 11.56
N GLU A 23 7.36 7.04 10.45
CA GLU A 23 7.87 8.21 9.71
C GLU A 23 6.74 8.98 9.00
N SER A 24 5.60 9.09 9.61
CA SER A 24 4.48 9.82 8.95
C SER A 24 4.53 11.29 9.37
N GLY A 25 5.70 11.80 9.62
CA GLY A 25 5.82 13.22 10.03
C GLY A 25 5.86 13.26 11.54
N TYR A 26 6.21 12.17 12.17
CA TYR A 26 6.26 12.12 13.65
C TYR A 26 4.88 12.38 14.22
N GLU A 27 3.87 11.75 13.68
CA GLU A 27 2.49 11.95 14.20
C GLU A 27 2.13 13.42 14.08
N ARG A 28 2.44 14.01 12.97
CA ARG A 28 2.13 15.43 12.77
C ARG A 28 0.63 15.63 12.63
N GLU A 29 0.13 15.45 11.47
CA GLU A 29 -1.33 15.61 11.26
C GLU A 29 -1.89 14.50 10.38
N ILE A 30 -1.90 13.31 10.89
CA ILE A 30 -2.42 12.15 10.10
C ILE A 30 -3.70 11.63 10.75
N GLU A 31 -4.75 11.47 10.00
CA GLU A 31 -6.00 10.96 10.59
C GLU A 31 -6.00 9.45 10.53
N THR A 32 -5.71 8.80 11.61
CA THR A 32 -5.68 7.32 11.62
C THR A 32 -7.03 6.74 12.06
N ALA A 33 -7.53 5.81 11.29
CA ALA A 33 -8.84 5.17 11.62
C ALA A 33 -8.83 3.74 11.09
N LEU A 34 -8.19 2.85 11.80
CA LEU A 34 -8.14 1.44 11.35
C LEU A 34 -9.32 0.64 11.90
N TYR A 35 -9.61 -0.48 11.29
CA TYR A 35 -10.74 -1.33 11.76
C TYR A 35 -10.51 -1.76 13.22
N PRO A 36 -11.42 -1.36 14.07
CA PRO A 36 -11.31 -1.72 15.51
C PRO A 36 -11.73 -3.18 15.73
N GLY A 37 -10.91 -4.11 15.34
CA GLY A 37 -11.26 -5.54 15.54
C GLY A 37 -10.07 -6.42 15.17
N SER A 38 -8.87 -5.90 15.29
CA SER A 38 -7.67 -6.71 14.95
C SER A 38 -7.87 -7.39 13.61
N ILE A 39 -7.36 -6.81 12.58
CA ILE A 39 -7.52 -7.42 11.22
C ILE A 39 -6.61 -8.63 11.11
N GLU A 40 -6.62 -9.28 9.99
CA GLU A 40 -5.76 -10.47 9.82
C GLU A 40 -5.73 -10.92 8.37
N VAL A 41 -4.64 -10.70 7.74
CA VAL A 41 -4.51 -11.11 6.31
C VAL A 41 -3.11 -11.62 6.07
N LYS A 42 -2.95 -12.48 5.13
CA LYS A 42 -1.60 -13.00 4.88
C LYS A 42 -0.75 -11.85 4.35
N MET A 43 0.01 -11.23 5.20
CA MET A 43 0.85 -10.12 4.74
C MET A 43 2.24 -10.13 5.38
N HIS A 44 3.09 -9.28 4.94
CA HIS A 44 4.47 -9.20 5.49
C HIS A 44 4.64 -7.83 6.14
N PRO A 45 4.79 -7.82 7.43
CA PRO A 45 4.95 -6.53 8.17
C PRO A 45 6.19 -5.80 7.68
N LEU A 46 7.10 -6.50 7.06
CA LEU A 46 8.33 -5.84 6.57
C LEU A 46 8.05 -5.11 5.25
N SER A 47 7.68 -5.83 4.23
CA SER A 47 7.38 -5.18 2.92
C SER A 47 6.31 -4.10 3.10
N ILE A 48 5.25 -4.42 3.80
CA ILE A 48 4.17 -3.41 4.01
C ILE A 48 4.72 -2.23 4.81
N LYS A 49 5.65 -2.45 5.70
CA LYS A 49 6.21 -1.32 6.50
C LYS A 49 6.81 -0.28 5.55
N ARG A 50 7.56 -0.74 4.61
CA ARG A 50 8.21 0.20 3.63
C ARG A 50 7.17 0.74 2.63
N ALA A 51 6.16 -0.04 2.31
CA ALA A 51 5.12 0.44 1.35
C ALA A 51 4.34 1.63 1.93
N VAL A 52 3.94 1.54 3.18
CA VAL A 52 3.18 2.66 3.80
C VAL A 52 4.13 3.75 4.27
N ALA A 53 5.37 3.42 4.48
CA ALA A 53 6.36 4.45 4.95
C ALA A 53 6.69 5.43 3.81
N ASN A 54 6.73 4.96 2.59
CA ASN A 54 7.05 5.86 1.46
C ASN A 54 5.79 6.61 0.99
N MET A 55 4.63 6.12 1.32
CA MET A 55 3.38 6.80 0.90
C MET A 55 3.12 8.06 1.75
N VAL A 56 3.53 8.06 2.98
CA VAL A 56 3.30 9.26 3.84
C VAL A 56 4.49 10.23 3.74
N VAL A 57 5.63 9.75 3.32
CA VAL A 57 6.82 10.65 3.20
C VAL A 57 6.73 11.53 1.94
N ASN A 58 5.94 11.13 0.98
CA ASN A 58 5.82 11.97 -0.26
C ASN A 58 4.91 13.18 -0.02
N ALA A 59 3.84 13.00 0.72
CA ALA A 59 2.91 14.14 0.99
C ALA A 59 3.34 14.89 2.24
N ALA A 60 4.10 14.26 3.10
CA ALA A 60 4.54 14.93 4.36
C ALA A 60 5.70 15.89 4.08
N ARG A 61 6.47 15.63 3.05
CA ARG A 61 7.61 16.53 2.73
C ARG A 61 7.17 17.66 1.79
N TYR A 62 6.90 17.35 0.55
CA TYR A 62 6.46 18.41 -0.41
C TYR A 62 5.00 18.80 -0.14
N GLY A 63 4.19 17.87 0.29
CA GLY A 63 2.77 18.19 0.56
C GLY A 63 2.67 19.17 1.72
N ASN A 64 1.49 19.68 2.00
CA ASN A 64 1.34 20.64 3.12
C ASN A 64 1.74 19.98 4.45
N GLY A 65 0.96 19.02 4.88
CA GLY A 65 1.30 18.34 6.15
C GLY A 65 0.08 17.58 6.68
N TRP A 66 -0.66 16.94 5.81
CA TRP A 66 -1.87 16.19 6.27
C TRP A 66 -2.00 14.86 5.52
N ILE A 67 -2.00 13.78 6.24
CA ILE A 67 -2.13 12.45 5.60
C ILE A 67 -3.34 11.70 6.19
N LYS A 68 -4.25 11.29 5.38
CA LYS A 68 -5.44 10.56 5.91
C LYS A 68 -5.15 9.07 5.97
N VAL A 69 -4.92 8.55 7.14
CA VAL A 69 -4.64 7.10 7.26
C VAL A 69 -5.87 6.37 7.77
N SER A 70 -6.35 5.44 7.02
CA SER A 70 -7.56 4.69 7.47
C SER A 70 -7.48 3.24 6.98
N SER A 71 -7.89 2.32 7.80
CA SER A 71 -7.83 0.89 7.39
C SER A 71 -9.16 0.21 7.72
N GLY A 72 -9.67 -0.57 6.81
CA GLY A 72 -10.96 -1.25 7.05
C GLY A 72 -10.79 -2.73 6.71
N THR A 73 -11.86 -3.43 6.48
CA THR A 73 -11.71 -4.86 6.13
C THR A 73 -13.04 -5.49 5.75
N GLU A 74 -13.00 -6.64 5.15
CA GLU A 74 -14.26 -7.33 4.74
C GLU A 74 -14.06 -8.84 4.83
N PRO A 75 -15.09 -9.56 4.53
CA PRO A 75 -15.02 -11.03 4.57
C PRO A 75 -14.17 -11.57 3.42
N ASN A 76 -13.01 -12.11 3.72
CA ASN A 76 -12.11 -12.66 2.66
C ASN A 76 -11.43 -11.52 1.87
N ARG A 77 -11.25 -10.39 2.49
CA ARG A 77 -10.59 -9.24 1.76
C ARG A 77 -10.48 -8.00 2.65
N ALA A 78 -9.34 -7.79 3.26
CA ALA A 78 -9.18 -6.58 4.13
C ALA A 78 -8.43 -5.51 3.33
N TRP A 79 -8.40 -4.27 3.78
CA TRP A 79 -7.65 -3.24 2.99
C TRP A 79 -7.38 -1.98 3.80
N PHE A 80 -6.65 -1.07 3.23
CA PHE A 80 -6.33 0.21 3.93
C PHE A 80 -6.15 1.31 2.89
N GLN A 81 -6.82 2.43 3.08
CA GLN A 81 -6.69 3.54 2.08
C GLN A 81 -5.97 4.74 2.70
N VAL A 82 -5.35 5.54 1.88
CA VAL A 82 -4.63 6.74 2.39
C VAL A 82 -4.89 7.94 1.47
N GLU A 83 -5.34 9.03 2.03
CA GLU A 83 -5.62 10.23 1.19
C GLU A 83 -4.92 11.45 1.77
N ASP A 84 -3.86 11.90 1.15
CA ASP A 84 -3.14 13.09 1.70
C ASP A 84 -3.12 14.22 0.67
N ASP A 85 -2.76 15.40 1.08
CA ASP A 85 -2.72 16.54 0.12
C ASP A 85 -1.28 16.92 -0.20
N GLY A 86 -0.79 16.50 -1.34
CA GLY A 86 0.61 16.83 -1.72
C GLY A 86 0.60 17.71 -2.98
N PRO A 87 1.52 17.42 -3.87
CA PRO A 87 1.61 18.19 -5.12
C PRO A 87 0.45 17.85 -6.07
N GLY A 88 0.32 16.61 -6.45
CA GLY A 88 -0.79 16.22 -7.37
C GLY A 88 -0.20 15.65 -8.66
N ILE A 89 -1.03 15.26 -9.59
CA ILE A 89 -0.50 14.70 -10.86
C ILE A 89 -0.75 15.67 -12.01
N ALA A 90 0.19 16.52 -12.32
CA ALA A 90 -0.02 17.48 -13.43
C ALA A 90 -0.64 16.76 -14.64
N PRO A 91 -1.11 17.53 -15.59
CA PRO A 91 -1.74 16.94 -16.80
C PRO A 91 -0.69 16.22 -17.65
N GLU A 92 0.55 16.65 -17.60
CA GLU A 92 1.61 15.99 -18.41
C GLU A 92 2.29 14.84 -17.62
N GLN A 93 2.20 14.84 -16.33
CA GLN A 93 2.85 13.75 -15.53
C GLN A 93 2.00 12.47 -15.51
N ARG A 94 0.74 12.57 -15.80
CA ARG A 94 -0.12 11.36 -15.80
C ARG A 94 0.46 10.28 -16.71
N LYS A 95 1.25 10.66 -17.69
CA LYS A 95 1.83 9.64 -18.61
C LYS A 95 2.98 8.90 -17.91
N HIS A 96 3.71 9.56 -17.06
CA HIS A 96 4.84 8.89 -16.35
C HIS A 96 4.35 8.24 -15.06
N LEU A 97 3.35 7.41 -15.14
CA LEU A 97 2.83 6.75 -13.91
C LEU A 97 2.21 5.40 -14.23
N PHE A 98 2.92 4.35 -13.94
CA PHE A 98 2.42 2.98 -14.20
C PHE A 98 2.27 2.71 -15.70
N GLN A 99 3.36 2.52 -16.36
CA GLN A 99 3.30 2.25 -17.82
C GLN A 99 3.87 0.85 -18.11
N PRO A 100 3.20 -0.14 -17.58
CA PRO A 100 3.63 -1.54 -17.78
C PRO A 100 3.36 -1.98 -19.22
N PHE A 101 4.39 -2.25 -19.96
CA PHE A 101 4.20 -2.69 -21.37
C PHE A 101 5.38 -3.55 -21.82
N VAL A 102 5.52 -3.77 -23.10
CA VAL A 102 6.64 -4.61 -23.58
C VAL A 102 7.86 -3.74 -23.87
N ARG A 103 9.01 -4.14 -23.40
CA ARG A 103 10.24 -3.33 -23.65
C ARG A 103 11.37 -4.22 -24.19
N GLY A 104 11.67 -5.29 -23.51
CA GLY A 104 12.75 -6.19 -23.98
C GLY A 104 13.89 -6.21 -22.95
N ASP A 105 14.86 -7.06 -23.11
CA ASP A 105 15.98 -7.11 -22.14
C ASP A 105 17.32 -7.07 -22.88
N SER A 106 18.37 -6.67 -22.21
CA SER A 106 19.70 -6.61 -22.87
C SER A 106 20.24 -8.02 -23.13
N ALA A 107 20.18 -8.46 -24.36
CA ALA A 107 20.68 -9.83 -24.69
C ALA A 107 20.00 -10.88 -23.80
N ARG A 108 20.64 -11.32 -22.75
CA ARG A 108 20.01 -12.35 -21.86
C ARG A 108 21.03 -12.85 -20.83
N THR A 109 21.40 -12.03 -19.89
CA THR A 109 22.39 -12.46 -18.86
C THR A 109 21.72 -13.38 -17.83
N ILE A 110 22.50 -14.13 -17.09
CA ILE A 110 21.89 -15.03 -16.07
C ILE A 110 21.39 -14.21 -14.87
N SER A 111 20.22 -14.52 -14.38
CA SER A 111 19.67 -13.77 -13.22
C SER A 111 19.52 -12.29 -13.57
N GLY A 112 18.33 -11.76 -13.44
CA GLY A 112 18.11 -10.33 -13.77
C GLY A 112 17.20 -10.22 -14.99
N THR A 113 16.16 -11.01 -15.04
CA THR A 113 15.23 -10.96 -16.20
C THR A 113 14.43 -9.65 -16.17
N GLY A 114 13.85 -9.32 -15.06
CA GLY A 114 13.06 -8.06 -14.97
C GLY A 114 13.69 -7.13 -13.94
N LEU A 115 13.20 -5.92 -13.83
CA LEU A 115 13.78 -4.96 -12.85
C LEU A 115 12.67 -4.38 -11.96
N GLY A 116 13.02 -3.92 -10.79
CA GLY A 116 11.98 -3.34 -9.88
C GLY A 116 12.53 -2.08 -9.22
N LEU A 117 11.95 -0.95 -9.52
CA LEU A 117 12.43 0.33 -8.91
C LEU A 117 11.38 0.89 -7.93
N ALA A 118 10.18 0.38 -7.99
CA ALA A 118 9.12 0.89 -7.07
C ALA A 118 9.33 0.33 -5.65
N ILE A 119 9.02 1.11 -4.65
CA ILE A 119 9.21 0.63 -3.25
C ILE A 119 7.86 0.14 -2.67
N VAL A 120 6.79 0.41 -3.35
CA VAL A 120 5.46 -0.03 -2.86
C VAL A 120 4.78 -0.92 -3.91
N GLN A 121 5.35 -1.01 -5.08
CA GLN A 121 4.74 -1.86 -6.15
C GLN A 121 4.96 -3.34 -5.84
N ARG A 122 6.18 -3.71 -5.55
CA ARG A 122 6.47 -5.16 -5.24
C ARG A 122 5.73 -5.58 -3.97
N ILE A 123 5.34 -4.64 -3.15
CA ILE A 123 4.62 -4.99 -1.91
C ILE A 123 3.21 -5.46 -2.28
N VAL A 124 2.42 -4.59 -2.84
CA VAL A 124 1.04 -4.98 -3.23
C VAL A 124 1.10 -6.07 -4.32
N ASP A 125 2.19 -6.15 -5.01
CA ASP A 125 2.32 -7.17 -6.08
C ASP A 125 2.64 -8.54 -5.46
N ASN A 126 3.36 -8.55 -4.37
CA ASN A 126 3.71 -9.84 -3.72
C ASN A 126 2.51 -10.34 -2.92
N HIS A 127 1.69 -9.44 -2.45
CA HIS A 127 0.50 -9.84 -1.66
C HIS A 127 -0.63 -10.26 -2.61
N ASN A 128 -0.77 -9.55 -3.72
CA ASN A 128 -1.84 -9.87 -4.73
C ASN A 128 -3.18 -9.28 -4.31
N GLY A 129 -3.18 -8.05 -3.89
CA GLY A 129 -4.45 -7.41 -3.47
C GLY A 129 -4.79 -6.31 -4.46
N MET A 130 -4.31 -5.12 -4.24
CA MET A 130 -4.62 -4.02 -5.20
C MET A 130 -3.95 -2.71 -4.80
N LEU A 131 -3.79 -1.85 -5.75
CA LEU A 131 -3.16 -0.54 -5.47
C LEU A 131 -3.67 0.48 -6.49
N GLU A 132 -4.68 1.24 -6.16
CA GLU A 132 -5.21 2.23 -7.16
C GLU A 132 -5.03 3.69 -6.69
N LEU A 133 -4.99 4.60 -7.63
CA LEU A 133 -4.83 6.06 -7.32
C LEU A 133 -6.17 6.76 -7.53
N GLY A 134 -6.52 7.67 -6.67
CA GLY A 134 -7.82 8.39 -6.85
C GLY A 134 -7.64 9.85 -6.47
N THR A 135 -7.16 10.65 -7.36
CA THR A 135 -6.96 12.09 -7.05
C THR A 135 -8.25 12.88 -7.27
N SER A 136 -8.74 13.52 -6.25
CA SER A 136 -9.98 14.30 -6.40
C SER A 136 -9.67 15.59 -7.16
N GLU A 137 -9.95 15.62 -8.44
CA GLU A 137 -9.67 16.84 -9.26
C GLU A 137 -8.35 17.49 -8.82
N ARG A 138 -7.26 16.79 -8.95
CA ARG A 138 -5.94 17.37 -8.55
C ARG A 138 -6.10 18.14 -7.24
N GLY A 139 -6.69 17.54 -6.25
CA GLY A 139 -6.86 18.24 -4.95
C GLY A 139 -6.61 17.27 -3.81
N GLY A 140 -7.22 16.12 -3.85
CA GLY A 140 -7.01 15.13 -2.75
C GLY A 140 -6.50 13.79 -3.33
N LEU A 141 -5.22 13.64 -3.46
CA LEU A 141 -4.68 12.36 -4.01
C LEU A 141 -4.87 11.23 -3.00
N SER A 142 -5.57 10.20 -3.37
CA SER A 142 -5.79 9.06 -2.43
C SER A 142 -5.27 7.77 -3.05
N ILE A 143 -5.33 6.68 -2.33
CA ILE A 143 -4.84 5.39 -2.87
C ILE A 143 -5.51 4.22 -2.15
N ARG A 144 -6.30 3.46 -2.84
CA ARG A 144 -6.98 2.30 -2.19
C ARG A 144 -6.11 1.05 -2.30
N ALA A 145 -5.41 0.70 -1.25
CA ALA A 145 -4.56 -0.52 -1.30
C ALA A 145 -5.34 -1.71 -0.73
N TRP A 146 -5.34 -2.82 -1.42
CA TRP A 146 -6.10 -3.99 -0.88
C TRP A 146 -5.20 -5.18 -0.54
N LEU A 147 -5.70 -6.02 0.33
CA LEU A 147 -4.97 -7.24 0.79
C LEU A 147 -6.01 -8.35 1.06
N PRO A 148 -6.14 -9.23 0.11
CA PRO A 148 -7.10 -10.35 0.24
C PRO A 148 -6.68 -11.40 1.27
N VAL A 149 -7.63 -11.96 1.98
CA VAL A 149 -7.31 -12.98 3.01
C VAL A 149 -7.98 -14.31 2.62
N PRO A 150 -7.17 -15.33 2.49
CA PRO A 150 -7.69 -16.66 2.11
C PRO A 150 -8.49 -17.27 3.24
N VAL A 151 -8.72 -18.52 3.17
CA VAL A 151 -9.49 -19.21 4.23
C VAL A 151 -8.58 -20.13 5.05
N THR A 152 -8.21 -19.72 6.22
CA THR A 152 -7.33 -20.56 7.08
C THR A 152 -8.12 -21.11 8.27
N ARG A 153 -7.60 -22.12 8.92
CA ARG A 153 -8.32 -22.70 10.10
C ARG A 153 -9.63 -23.36 9.65
N ALA A 154 -9.93 -24.52 10.17
CA ALA A 154 -11.19 -25.21 9.77
C ALA A 154 -11.17 -25.52 8.27
N GLN A 155 -12.18 -26.17 7.78
CA GLN A 155 -12.22 -26.51 6.32
C GLN A 155 -13.55 -26.05 5.71
N GLY A 156 -14.37 -25.37 6.47
CA GLY A 156 -15.67 -24.91 5.92
C GLY A 156 -16.47 -24.22 7.04
N THR A 157 -16.93 -24.98 8.00
CA THR A 157 -17.72 -24.37 9.11
C THR A 157 -18.03 -25.43 10.18
N THR A 158 -17.95 -25.07 11.42
CA THR A 158 -18.24 -26.05 12.51
C THR A 158 -19.73 -26.02 12.87
N LYS A 159 -20.59 -26.02 11.89
CA LYS A 159 -22.05 -25.98 12.17
C LYS A 159 -22.75 -27.16 11.49
N GLU A 160 -23.18 -28.13 12.25
CA GLU A 160 -23.86 -29.31 11.65
C GLU A 160 -25.38 -29.22 11.88
N GLY A 161 -26.16 -29.55 10.89
CA GLY A 161 -27.64 -29.48 11.05
C GLY A 161 -28.31 -29.61 9.69
PG ANP B . 6.46 5.50 -10.51
O1G ANP B . 5.55 6.22 -11.41
O2G ANP B . 7.73 6.18 -10.15
O3G ANP B . 6.88 4.16 -11.29
PB ANP B . 6.34 5.78 -7.89
O1B ANP B . 5.33 5.98 -6.81
O2B ANP B . 7.61 5.11 -7.51
N3B ANP B . 5.67 5.05 -9.16
PA ANP B . 6.74 8.69 -7.58
O1A ANP B . 6.98 8.42 -6.15
O2A ANP B . 7.60 9.64 -8.31
O3A ANP B . 6.76 7.28 -8.36
O5' ANP B . 5.21 9.16 -7.75
C5' ANP B . 4.91 10.49 -8.20
C4' ANP B . 4.53 10.52 -9.67
O4' ANP B . 3.18 10.10 -9.80
C3' ANP B . 4.63 11.95 -10.21
O3' ANP B . 5.39 11.97 -11.43
C2' ANP B . 3.21 12.35 -10.47
O2' ANP B . 2.93 12.41 -11.87
C1' ANP B . 2.38 11.27 -9.81
N9 ANP B . 2.01 11.60 -8.39
C8 ANP B . 2.23 12.72 -7.65
N7 ANP B . 1.87 12.70 -6.42
C5 ANP B . 1.34 11.41 -6.29
C6 ANP B . 0.77 10.72 -5.22
N6 ANP B . 0.62 11.26 -4.01
N1 ANP B . 0.35 9.47 -5.44
C2 ANP B . 0.50 8.91 -6.67
N3 ANP B . 1.03 9.48 -7.74
C4 ANP B . 1.43 10.73 -7.49
HOG3 ANP B . 7.73 3.87 -10.92
HNB1 ANP B . 5.75 4.06 -9.05
H5'1 ANP B . 4.07 10.89 -7.61
H5'2 ANP B . 5.78 11.13 -8.03
H4' ANP B . 5.17 9.87 -10.22
H3' ANP B . 5.08 12.61 -9.48
HO3' ANP B . 5.67 11.07 -11.60
H2' ANP B . 3.01 13.31 -10.02
HO2' ANP B . 2.23 13.05 -11.99
H1' ANP B . 1.50 11.09 -10.38
H8 ANP B . 2.69 13.61 -8.08
HN61 ANP B . 0.92 12.20 -3.83
HN62 ANP B . 0.20 10.71 -3.27
H2 ANP B . 0.14 7.89 -6.78
N THR A 1 11.38 -25.65 -5.67
CA THR A 1 11.20 -24.18 -5.85
C THR A 1 9.83 -23.75 -5.32
N GLY A 2 9.67 -22.48 -5.04
CA GLY A 2 8.36 -22.01 -4.52
C GLY A 2 8.41 -21.90 -2.99
N GLN A 3 9.36 -21.17 -2.47
CA GLN A 3 9.46 -21.03 -0.99
C GLN A 3 10.54 -19.99 -0.63
N GLU A 4 10.22 -18.74 -0.77
CA GLU A 4 11.22 -17.68 -0.43
C GLU A 4 10.51 -16.36 -0.11
N MET A 5 9.49 -16.41 0.70
CA MET A 5 8.77 -15.15 1.04
C MET A 5 8.23 -15.23 2.48
N PRO A 6 8.46 -14.17 3.21
CA PRO A 6 8.01 -14.10 4.61
C PRO A 6 6.59 -13.62 4.66
N MET A 7 5.72 -14.25 3.93
CA MET A 7 4.31 -13.84 3.94
C MET A 7 3.57 -14.66 4.95
N GLU A 8 3.17 -14.04 6.00
CA GLU A 8 2.43 -14.75 7.08
C GLU A 8 1.24 -13.95 7.48
N MET A 9 0.59 -14.36 8.51
CA MET A 9 -0.60 -13.63 8.96
C MET A 9 -0.18 -12.52 9.94
N ALA A 10 -0.81 -11.38 9.82
CA ALA A 10 -0.49 -10.23 10.72
C ALA A 10 -1.68 -9.28 10.79
N ASP A 11 -1.63 -8.34 11.69
CA ASP A 11 -2.74 -7.37 11.83
C ASP A 11 -2.38 -6.10 11.06
N LEU A 12 -3.18 -5.75 10.08
CA LEU A 12 -2.86 -4.51 9.30
C LEU A 12 -2.91 -3.30 10.24
N ASN A 13 -3.65 -3.39 11.31
CA ASN A 13 -3.73 -2.24 12.25
C ASN A 13 -2.44 -2.21 13.07
N ALA A 14 -1.80 -3.33 13.18
CA ALA A 14 -0.55 -3.40 13.95
C ALA A 14 0.61 -2.94 13.07
N VAL A 15 0.52 -3.21 11.81
CA VAL A 15 1.61 -2.79 10.87
C VAL A 15 1.51 -1.30 10.63
N LEU A 16 0.30 -0.80 10.53
CA LEU A 16 0.12 0.66 10.29
C LEU A 16 0.40 1.44 11.57
N GLY A 17 0.22 0.83 12.71
CA GLY A 17 0.46 1.54 13.99
C GLY A 17 1.96 1.87 14.07
N GLU A 18 2.79 0.99 13.58
CA GLU A 18 4.26 1.24 13.63
C GLU A 18 4.62 2.23 12.54
N VAL A 19 3.93 2.15 11.44
CA VAL A 19 4.21 3.07 10.32
C VAL A 19 3.64 4.44 10.65
N ILE A 20 2.72 4.49 11.58
CA ILE A 20 2.11 5.78 11.96
C ILE A 20 3.08 6.53 12.86
N ALA A 21 3.63 5.86 13.81
CA ALA A 21 4.58 6.54 14.71
C ALA A 21 5.79 6.97 13.90
N ALA A 22 5.96 6.37 12.74
CA ALA A 22 7.11 6.72 11.88
C ALA A 22 6.75 7.84 10.90
N GLU A 23 5.52 7.88 10.44
CA GLU A 23 5.12 8.96 9.48
C GLU A 23 4.69 10.21 10.23
N SER A 24 5.04 10.30 11.47
CA SER A 24 4.66 11.47 12.29
C SER A 24 5.94 12.09 12.83
N GLY A 25 6.74 12.64 11.97
CA GLY A 25 8.01 13.25 12.41
C GLY A 25 7.73 14.32 13.44
N TYR A 26 6.74 15.11 13.22
CA TYR A 26 6.44 16.16 14.20
C TYR A 26 4.95 16.25 14.46
N GLU A 27 4.21 15.20 14.23
CA GLU A 27 2.76 15.26 14.48
C GLU A 27 2.17 16.32 13.59
N ARG A 28 2.36 16.18 12.34
CA ARG A 28 1.83 17.17 11.37
C ARG A 28 0.33 17.12 11.38
N GLU A 29 -0.22 16.15 10.78
CA GLU A 29 -1.70 16.04 10.75
C GLU A 29 -2.12 14.68 10.18
N ILE A 30 -1.67 13.62 10.77
CA ILE A 30 -2.06 12.28 10.26
C ILE A 30 -3.32 11.79 10.97
N GLU A 31 -4.30 11.36 10.23
CA GLU A 31 -5.55 10.87 10.85
C GLU A 31 -5.59 9.34 10.80
N THR A 32 -5.47 8.69 11.93
CA THR A 32 -5.50 7.20 11.93
C THR A 32 -6.93 6.69 12.08
N ALA A 33 -7.34 5.84 11.19
CA ALA A 33 -8.73 5.30 11.25
C ALA A 33 -8.73 3.88 10.68
N LEU A 34 -8.31 2.91 11.45
CA LEU A 34 -8.29 1.51 10.95
C LEU A 34 -9.56 0.77 11.36
N TYR A 35 -9.98 -0.18 10.58
CA TYR A 35 -11.22 -0.95 10.91
C TYR A 35 -11.32 -1.20 12.42
N PRO A 36 -12.46 -0.89 12.97
CA PRO A 36 -12.68 -1.07 14.42
C PRO A 36 -12.81 -2.56 14.73
N GLY A 37 -11.71 -3.25 14.87
CA GLY A 37 -11.77 -4.72 15.16
C GLY A 37 -10.41 -5.40 14.86
N SER A 38 -9.50 -4.70 14.20
CA SER A 38 -8.17 -5.30 13.87
C SER A 38 -8.29 -6.20 12.66
N ILE A 39 -7.57 -5.89 11.64
CA ILE A 39 -7.62 -6.73 10.40
C ILE A 39 -6.93 -8.07 10.65
N GLU A 40 -6.83 -8.87 9.63
CA GLU A 40 -6.17 -10.18 9.76
C GLU A 40 -5.98 -10.81 8.39
N VAL A 41 -4.78 -10.80 7.91
CA VAL A 41 -4.52 -11.39 6.55
C VAL A 41 -3.11 -11.92 6.48
N LYS A 42 -2.80 -12.64 5.47
CA LYS A 42 -1.44 -13.18 5.35
C LYS A 42 -0.66 -12.24 4.44
N MET A 43 0.03 -11.31 5.03
CA MET A 43 0.81 -10.35 4.23
C MET A 43 2.06 -9.92 4.99
N HIS A 44 3.17 -9.91 4.34
CA HIS A 44 4.45 -9.51 4.99
C HIS A 44 4.31 -8.10 5.60
N PRO A 45 4.36 -8.05 6.90
CA PRO A 45 4.23 -6.75 7.61
C PRO A 45 5.44 -5.87 7.30
N LEU A 46 6.51 -6.45 6.85
CA LEU A 46 7.72 -5.65 6.53
C LEU A 46 7.51 -4.88 5.22
N SER A 47 7.45 -5.59 4.13
CA SER A 47 7.24 -4.91 2.82
C SER A 47 6.10 -3.90 2.95
N ILE A 48 5.05 -4.27 3.64
CA ILE A 48 3.90 -3.34 3.81
C ILE A 48 4.36 -2.11 4.60
N LYS A 49 5.06 -2.31 5.69
CA LYS A 49 5.53 -1.17 6.49
C LYS A 49 6.08 -0.08 5.58
N ARG A 50 6.91 -0.45 4.64
CA ARG A 50 7.49 0.55 3.70
C ARG A 50 6.42 1.06 2.73
N ALA A 51 5.52 0.21 2.34
CA ALA A 51 4.44 0.63 1.39
C ALA A 51 3.63 1.80 1.98
N VAL A 52 3.46 1.84 3.27
CA VAL A 52 2.67 2.95 3.87
C VAL A 52 3.57 4.15 4.23
N ALA A 53 4.83 3.90 4.51
CA ALA A 53 5.75 5.02 4.86
C ALA A 53 6.17 5.80 3.59
N ASN A 54 6.03 5.19 2.45
CA ASN A 54 6.44 5.89 1.18
C ASN A 54 5.26 6.67 0.59
N MET A 55 4.05 6.33 0.97
CA MET A 55 2.86 7.05 0.42
C MET A 55 2.60 8.37 1.17
N VAL A 56 3.06 8.47 2.39
CA VAL A 56 2.83 9.74 3.17
C VAL A 56 3.98 10.74 2.97
N VAL A 57 5.14 10.26 2.61
CA VAL A 57 6.29 11.21 2.40
C VAL A 57 5.99 12.18 1.25
N ASN A 58 5.22 11.75 0.29
CA ASN A 58 4.90 12.65 -0.86
C ASN A 58 4.06 13.83 -0.39
N ALA A 59 3.21 13.64 0.58
CA ALA A 59 2.37 14.76 1.08
C ALA A 59 3.08 15.50 2.21
N ALA A 60 4.01 14.86 2.87
CA ALA A 60 4.73 15.54 3.97
C ALA A 60 5.58 16.69 3.42
N ARG A 61 6.37 16.44 2.42
CA ARG A 61 7.22 17.51 1.84
C ARG A 61 6.48 18.22 0.70
N TYR A 62 6.22 17.53 -0.39
CA TYR A 62 5.49 18.16 -1.54
C TYR A 62 4.41 19.11 -1.05
N GLY A 63 3.34 18.60 -0.51
CA GLY A 63 2.25 19.49 -0.02
C GLY A 63 1.87 19.10 1.41
N ASN A 64 2.35 19.82 2.38
CA ASN A 64 2.02 19.49 3.80
C ASN A 64 0.70 20.17 4.19
N GLY A 65 -0.41 19.53 3.91
CA GLY A 65 -1.72 20.14 4.28
C GLY A 65 -2.51 19.20 5.19
N TRP A 66 -2.39 17.91 4.97
CA TRP A 66 -3.15 16.95 5.83
C TRP A 66 -2.87 15.50 5.41
N ILE A 67 -2.41 14.69 6.32
CA ILE A 67 -2.12 13.25 5.99
C ILE A 67 -3.21 12.38 6.62
N LYS A 68 -3.60 11.32 5.96
CA LYS A 68 -4.67 10.46 6.54
C LYS A 68 -4.31 8.98 6.44
N VAL A 69 -3.94 8.37 7.53
CA VAL A 69 -3.59 6.93 7.49
C VAL A 69 -4.79 6.12 7.95
N SER A 70 -5.68 5.84 7.06
CA SER A 70 -6.90 5.05 7.44
C SER A 70 -6.94 3.71 6.71
N SER A 71 -7.36 2.69 7.38
CA SER A 71 -7.43 1.36 6.74
C SER A 71 -8.77 0.71 7.08
N GLY A 72 -9.11 -0.35 6.44
CA GLY A 72 -10.40 -1.01 6.73
C GLY A 72 -10.38 -2.42 6.21
N THR A 73 -11.52 -2.99 6.01
CA THR A 73 -11.58 -4.38 5.50
C THR A 73 -13.02 -4.81 5.29
N GLU A 74 -13.23 -5.85 4.57
CA GLU A 74 -14.61 -6.33 4.32
C GLU A 74 -14.62 -7.86 4.33
N PRO A 75 -15.79 -8.42 4.12
CA PRO A 75 -15.93 -9.90 4.12
C PRO A 75 -15.28 -10.50 2.86
N ASN A 76 -14.27 -11.32 3.04
CA ASN A 76 -13.56 -11.97 1.89
C ASN A 76 -12.57 -11.02 1.21
N ARG A 77 -12.09 -10.04 1.93
CA ARG A 77 -11.11 -9.09 1.30
C ARG A 77 -10.88 -7.85 2.19
N ALA A 78 -9.70 -7.70 2.75
CA ALA A 78 -9.43 -6.51 3.62
C ALA A 78 -8.55 -5.51 2.85
N TRP A 79 -8.28 -4.35 3.38
CA TRP A 79 -7.42 -3.38 2.61
C TRP A 79 -7.02 -2.19 3.47
N PHE A 80 -6.18 -1.33 2.93
CA PHE A 80 -5.72 -0.13 3.69
C PHE A 80 -5.57 1.04 2.71
N GLN A 81 -6.06 2.20 3.05
CA GLN A 81 -5.93 3.36 2.12
C GLN A 81 -5.29 4.59 2.79
N VAL A 82 -4.60 5.37 2.01
CA VAL A 82 -3.95 6.60 2.53
C VAL A 82 -4.41 7.78 1.69
N GLU A 83 -4.77 8.88 2.30
CA GLU A 83 -5.22 10.04 1.50
C GLU A 83 -4.48 11.29 1.93
N ASP A 84 -4.24 12.19 1.02
CA ASP A 84 -3.51 13.42 1.42
C ASP A 84 -4.03 14.63 0.66
N ASP A 85 -3.82 15.79 1.20
CA ASP A 85 -4.30 17.02 0.50
C ASP A 85 -3.21 17.57 -0.41
N GLY A 86 -3.58 18.37 -1.37
CA GLY A 86 -2.57 18.94 -2.30
C GLY A 86 -3.08 18.83 -3.74
N PRO A 87 -2.16 18.89 -4.66
CA PRO A 87 -2.53 18.80 -6.09
C PRO A 87 -2.91 17.36 -6.46
N GLY A 88 -3.67 17.18 -7.50
CA GLY A 88 -4.06 15.80 -7.91
C GLY A 88 -2.99 15.22 -8.82
N ILE A 89 -3.37 14.43 -9.78
CA ILE A 89 -2.36 13.85 -10.71
C ILE A 89 -2.43 14.55 -12.07
N ALA A 90 -1.56 15.50 -12.29
CA ALA A 90 -1.58 16.24 -13.59
C ALA A 90 -1.53 15.28 -14.78
N PRO A 91 -1.70 15.83 -15.95
CA PRO A 91 -1.68 15.02 -17.19
C PRO A 91 -0.25 14.58 -17.48
N GLU A 92 0.67 15.49 -17.42
CA GLU A 92 2.09 15.13 -17.69
C GLU A 92 2.56 14.12 -16.65
N GLN A 93 1.95 14.13 -15.50
CA GLN A 93 2.34 13.18 -14.43
C GLN A 93 1.59 11.85 -14.61
N ARG A 94 0.50 11.89 -15.32
CA ARG A 94 -0.29 10.65 -15.54
C ARG A 94 0.57 9.62 -16.29
N LYS A 95 1.45 10.07 -17.14
CA LYS A 95 2.32 9.11 -17.89
C LYS A 95 3.10 8.25 -16.90
N HIS A 96 3.28 8.73 -15.71
CA HIS A 96 4.03 7.95 -14.69
C HIS A 96 3.05 7.28 -13.73
N LEU A 97 2.05 6.62 -14.26
CA LEU A 97 1.06 5.94 -13.39
C LEU A 97 0.95 4.47 -13.78
N PHE A 98 1.81 3.66 -13.24
CA PHE A 98 1.79 2.21 -13.56
C PHE A 98 2.20 1.98 -15.02
N GLN A 99 2.77 2.97 -15.63
CA GLN A 99 3.21 2.84 -17.06
C GLN A 99 2.08 2.32 -17.96
N PRO A 100 1.67 3.14 -18.89
CA PRO A 100 0.59 2.75 -19.82
C PRO A 100 1.12 1.75 -20.85
N PHE A 101 0.25 1.10 -21.57
CA PHE A 101 0.72 0.11 -22.59
C PHE A 101 1.90 0.66 -23.36
N VAL A 102 2.89 -0.15 -23.59
CA VAL A 102 4.09 0.30 -24.33
C VAL A 102 4.41 -0.68 -25.48
N ARG A 103 5.58 -0.60 -26.06
CA ARG A 103 5.93 -1.54 -27.18
C ARG A 103 5.43 -2.95 -26.86
N GLY A 104 5.08 -3.70 -27.88
CA GLY A 104 4.57 -5.09 -27.65
C GLY A 104 3.81 -5.55 -28.88
N ASP A 105 4.44 -5.58 -30.03
CA ASP A 105 3.74 -6.03 -31.26
C ASP A 105 4.74 -6.66 -32.23
N SER A 106 4.58 -7.93 -32.53
CA SER A 106 5.52 -8.60 -33.48
C SER A 106 4.81 -9.76 -34.19
N ALA A 107 4.72 -10.90 -33.53
CA ALA A 107 4.03 -12.07 -34.16
C ALA A 107 3.61 -13.08 -33.09
N ARG A 108 3.51 -12.65 -31.86
CA ARG A 108 3.09 -13.57 -30.77
C ARG A 108 2.17 -12.86 -29.77
N THR A 109 1.70 -13.55 -28.76
CA THR A 109 0.80 -12.90 -27.76
C THR A 109 1.61 -12.31 -26.59
N ILE A 110 2.75 -12.91 -26.30
CA ILE A 110 3.66 -12.44 -25.18
C ILE A 110 3.11 -11.16 -24.50
N SER A 111 2.57 -11.30 -23.32
CA SER A 111 2.03 -10.11 -22.60
C SER A 111 2.43 -10.15 -21.12
N GLY A 112 2.41 -9.01 -20.46
CA GLY A 112 2.79 -8.98 -19.01
C GLY A 112 4.31 -8.90 -18.89
N THR A 113 4.83 -9.22 -17.72
CA THR A 113 6.31 -9.17 -17.52
C THR A 113 6.79 -7.71 -17.52
N GLY A 114 7.11 -7.19 -16.37
CA GLY A 114 7.59 -5.77 -16.29
C GLY A 114 8.64 -5.64 -15.19
N LEU A 115 9.71 -4.94 -15.46
CA LEU A 115 10.77 -4.77 -14.43
C LEU A 115 10.91 -3.29 -14.04
N GLY A 116 9.81 -2.60 -13.86
CA GLY A 116 9.88 -1.17 -13.48
C GLY A 116 10.59 -1.02 -12.14
N LEU A 117 10.67 -2.08 -11.37
CA LEU A 117 11.35 -1.99 -10.04
C LEU A 117 10.89 -0.75 -9.28
N ALA A 118 9.73 -0.80 -8.69
CA ALA A 118 9.21 0.38 -7.94
C ALA A 118 9.24 0.11 -6.42
N ILE A 119 8.25 0.56 -5.70
CA ILE A 119 8.23 0.32 -4.23
C ILE A 119 6.92 -0.35 -3.81
N VAL A 120 5.90 0.43 -3.51
CA VAL A 120 4.60 -0.17 -3.09
C VAL A 120 4.11 -1.17 -4.13
N GLN A 121 4.58 -1.06 -5.34
CA GLN A 121 4.14 -2.02 -6.40
C GLN A 121 4.60 -3.43 -6.06
N ARG A 122 5.84 -3.58 -5.69
CA ARG A 122 6.36 -4.94 -5.33
C ARG A 122 5.67 -5.43 -4.06
N ILE A 123 5.26 -4.53 -3.22
CA ILE A 123 4.58 -4.94 -1.96
C ILE A 123 3.29 -5.66 -2.33
N VAL A 124 2.41 -4.97 -3.00
CA VAL A 124 1.12 -5.61 -3.40
C VAL A 124 1.40 -6.73 -4.39
N ASP A 125 2.52 -6.67 -5.07
CA ASP A 125 2.85 -7.72 -6.06
C ASP A 125 3.30 -8.98 -5.30
N ASN A 126 3.81 -8.80 -4.12
CA ASN A 126 4.27 -9.96 -3.33
C ASN A 126 3.05 -10.60 -2.68
N HIS A 127 1.98 -9.85 -2.58
CA HIS A 127 0.75 -10.39 -1.96
C HIS A 127 -0.19 -10.90 -3.04
N ASN A 128 -0.86 -9.98 -3.73
CA ASN A 128 -1.85 -10.30 -4.86
C ASN A 128 -3.17 -9.60 -4.58
N GLY A 129 -3.14 -8.50 -3.86
CA GLY A 129 -4.41 -7.78 -3.56
C GLY A 129 -4.72 -6.82 -4.70
N MET A 130 -4.48 -5.56 -4.50
CA MET A 130 -4.76 -4.57 -5.58
C MET A 130 -4.09 -3.23 -5.28
N LEU A 131 -3.94 -2.40 -6.26
CA LEU A 131 -3.30 -1.10 -6.02
C LEU A 131 -3.84 -0.08 -7.04
N GLU A 132 -4.82 0.70 -6.67
CA GLU A 132 -5.37 1.70 -7.64
C GLU A 132 -5.42 3.11 -7.04
N LEU A 133 -5.40 4.12 -7.87
CA LEU A 133 -5.45 5.53 -7.37
C LEU A 133 -6.89 6.01 -7.29
N GLY A 134 -7.19 6.84 -6.34
CA GLY A 134 -8.59 7.36 -6.20
C GLY A 134 -8.56 8.87 -5.99
N THR A 135 -8.79 9.64 -7.02
CA THR A 135 -8.79 11.13 -6.87
C THR A 135 -10.05 11.61 -6.16
N SER A 136 -9.89 12.30 -5.06
CA SER A 136 -11.06 12.78 -4.32
C SER A 136 -11.43 14.18 -4.81
N GLU A 137 -12.70 14.51 -4.81
CA GLU A 137 -13.15 15.86 -5.28
C GLU A 137 -12.28 16.98 -4.70
N ARG A 138 -11.59 16.71 -3.62
CA ARG A 138 -10.71 17.76 -3.00
C ARG A 138 -9.63 18.25 -3.97
N GLY A 139 -9.53 17.66 -5.13
CA GLY A 139 -8.50 18.11 -6.09
C GLY A 139 -7.24 17.30 -5.83
N GLY A 140 -7.39 16.15 -5.23
CA GLY A 140 -6.21 15.30 -4.93
C GLY A 140 -6.58 13.83 -5.08
N LEU A 141 -6.12 13.01 -4.17
CA LEU A 141 -6.45 11.57 -4.27
C LEU A 141 -5.92 10.79 -3.07
N SER A 142 -6.05 9.49 -3.14
CA SER A 142 -5.58 8.62 -2.05
C SER A 142 -5.28 7.24 -2.66
N ILE A 143 -4.35 6.52 -2.11
CA ILE A 143 -4.05 5.18 -2.70
C ILE A 143 -4.90 4.09 -2.05
N ARG A 144 -5.66 3.40 -2.84
CA ARG A 144 -6.53 2.32 -2.29
C ARG A 144 -5.83 0.97 -2.50
N ALA A 145 -5.14 0.48 -1.51
CA ALA A 145 -4.45 -0.83 -1.66
C ALA A 145 -5.30 -1.96 -1.07
N TRP A 146 -5.28 -3.12 -1.70
CA TRP A 146 -6.08 -4.26 -1.16
C TRP A 146 -5.21 -5.46 -0.79
N LEU A 147 -5.72 -6.30 0.07
CA LEU A 147 -4.99 -7.52 0.52
C LEU A 147 -6.01 -8.64 0.75
N PRO A 148 -5.78 -9.75 0.11
CA PRO A 148 -6.70 -10.91 0.25
C PRO A 148 -6.62 -11.51 1.65
N VAL A 149 -7.74 -11.89 2.21
CA VAL A 149 -7.76 -12.50 3.57
C VAL A 149 -7.83 -14.03 3.48
N PRO A 150 -7.20 -14.68 4.41
CA PRO A 150 -7.21 -16.16 4.44
C PRO A 150 -8.58 -16.67 4.87
N VAL A 151 -9.02 -17.76 4.30
CA VAL A 151 -10.35 -18.28 4.68
C VAL A 151 -10.41 -19.80 4.47
N THR A 152 -9.39 -20.50 4.88
CA THR A 152 -9.38 -21.99 4.70
C THR A 152 -8.65 -22.64 5.87
N ARG A 153 -7.56 -22.07 6.30
CA ARG A 153 -6.81 -22.67 7.44
C ARG A 153 -6.37 -21.60 8.42
N ALA A 154 -5.70 -21.97 9.47
CA ALA A 154 -5.24 -20.96 10.47
C ALA A 154 -6.44 -20.37 11.21
N GLN A 155 -6.66 -20.77 12.42
CA GLN A 155 -7.81 -20.22 13.19
C GLN A 155 -9.13 -20.40 12.41
N GLY A 156 -9.95 -21.33 12.81
CA GLY A 156 -11.23 -21.55 12.09
C GLY A 156 -12.31 -20.64 12.69
N THR A 157 -13.10 -20.01 11.86
CA THR A 157 -14.17 -19.11 12.39
C THR A 157 -15.48 -19.88 12.58
N THR A 158 -16.07 -19.78 13.74
CA THR A 158 -17.36 -20.50 13.98
C THR A 158 -18.54 -19.65 13.52
N LYS A 159 -18.84 -19.68 12.26
CA LYS A 159 -19.99 -18.86 11.75
C LYS A 159 -20.96 -19.76 10.97
N GLU A 160 -21.71 -20.58 11.67
CA GLU A 160 -22.67 -21.47 10.97
C GLU A 160 -24.03 -20.77 10.83
N GLY A 161 -24.61 -20.34 11.91
CA GLY A 161 -25.93 -19.65 11.82
C GLY A 161 -26.54 -19.54 13.22
PG ANP B . 8.17 6.76 -8.00
O1G ANP B . 8.61 8.16 -7.85
O2G ANP B . 8.15 5.91 -6.79
O3G ANP B . 9.22 6.07 -9.00
PB ANP B . 5.55 7.01 -7.66
O1B ANP B . 5.44 5.90 -6.69
O2B ANP B . 5.71 8.37 -7.11
N3B ANP B . 6.72 6.71 -8.74
PA ANP B . 2.85 6.09 -8.34
O1A ANP B . 3.00 4.94 -9.26
O2A ANP B . 2.59 5.85 -6.91
O3A ANP B . 4.15 7.03 -8.47
O5' ANP B . 1.68 7.04 -8.91
C5' ANP B . 1.32 8.22 -8.22
C4' ANP B . 1.67 9.48 -9.03
O4' ANP B . 0.59 10.44 -8.97
C3' ANP B . 2.92 10.16 -8.49
O3' ANP B . 3.98 10.13 -9.46
C2' ANP B . 2.53 11.58 -8.18
O2' ANP B . 3.15 12.49 -9.09
C1' ANP B . 1.03 11.63 -8.30
N9 ANP B . 0.42 11.71 -6.97
C8 ANP B . 0.16 10.72 -6.11
N7 ANP B . -0.36 11.02 -4.97
C5 ANP B . -0.46 12.43 -5.08
C6 ANP B . -0.92 13.41 -4.21
N6 ANP B . -1.39 13.15 -3.00
N1 ANP B . -0.88 14.69 -4.65
C2 ANP B . -0.39 14.97 -5.87
N3 ANP B . 0.08 14.11 -6.77
C4 ANP B . 0.02 12.84 -6.30
HOG3 ANP B . 10.11 6.25 -8.65
HNB1 ANP B . 6.69 7.40 -9.46
H5'1 ANP B . 0.27 8.22 -8.03
H5'2 ANP B . 1.83 8.25 -7.26
H4' ANP B . 1.83 9.21 -10.07
H3' ANP B . 3.23 9.67 -7.58
HO3' ANP B . 4.77 9.82 -9.02
H2' ANP B . 2.83 11.81 -7.15
HO2' ANP B . 3.09 13.37 -8.70
H1' ANP B . 0.73 12.50 -8.88
H8 ANP B . 0.39 9.67 -6.37
HN61 ANP B . -1.43 12.20 -2.66
HN62 ANP B . -1.72 13.91 -2.41
H2 ANP B . -0.38 16.01 -6.16
N THR A 1 5.70 -17.38 -2.54
CA THR A 1 6.09 -17.40 -3.98
C THR A 1 7.58 -17.70 -4.11
N GLY A 2 8.41 -16.98 -3.41
CA GLY A 2 9.88 -17.22 -3.50
C GLY A 2 10.47 -17.22 -2.08
N GLN A 3 11.33 -16.29 -1.79
CA GLN A 3 11.94 -16.26 -0.43
C GLN A 3 12.14 -14.80 0.01
N GLU A 4 11.55 -13.87 -0.68
CA GLU A 4 11.70 -12.44 -0.30
C GLU A 4 10.33 -11.80 -0.08
N MET A 5 9.32 -12.61 0.01
CA MET A 5 7.94 -12.09 0.23
C MET A 5 7.20 -13.04 1.16
N PRO A 6 7.71 -13.15 2.35
CA PRO A 6 7.10 -14.04 3.38
C PRO A 6 5.77 -13.50 3.88
N MET A 7 4.72 -13.69 3.13
CA MET A 7 3.41 -13.19 3.57
C MET A 7 2.94 -14.06 4.72
N GLU A 8 3.00 -13.55 5.89
CA GLU A 8 2.56 -14.33 7.09
C GLU A 8 1.36 -13.67 7.73
N MET A 9 0.97 -14.11 8.90
CA MET A 9 -0.21 -13.49 9.58
C MET A 9 0.20 -12.30 10.43
N ALA A 10 -0.46 -11.19 10.24
CA ALA A 10 -0.11 -9.96 11.04
C ALA A 10 -1.31 -9.00 11.10
N ASP A 11 -1.31 -8.11 12.07
CA ASP A 11 -2.43 -7.13 12.22
C ASP A 11 -2.18 -5.93 11.32
N LEU A 12 -3.09 -5.65 10.41
CA LEU A 12 -2.89 -4.48 9.52
C LEU A 12 -3.01 -3.19 10.32
N ASN A 13 -3.70 -3.22 11.41
CA ASN A 13 -3.83 -1.98 12.23
C ASN A 13 -2.57 -1.80 13.05
N ALA A 14 -1.84 -2.85 13.25
CA ALA A 14 -0.59 -2.77 14.04
C ALA A 14 0.55 -2.35 13.12
N VAL A 15 0.45 -2.71 11.88
CA VAL A 15 1.50 -2.35 10.91
C VAL A 15 1.39 -0.86 10.56
N LEU A 16 0.18 -0.38 10.44
CA LEU A 16 -0.01 1.06 10.10
C LEU A 16 0.30 1.93 11.32
N GLY A 17 -0.09 1.51 12.49
CA GLY A 17 0.20 2.33 13.70
C GLY A 17 1.71 2.51 13.83
N GLU A 18 2.47 1.56 13.36
CA GLU A 18 3.94 1.66 13.46
C GLU A 18 4.44 2.58 12.36
N VAL A 19 3.76 2.61 11.25
CA VAL A 19 4.17 3.49 10.13
C VAL A 19 3.80 4.92 10.46
N ILE A 20 2.86 5.09 11.34
CA ILE A 20 2.43 6.46 11.72
C ILE A 20 3.48 7.05 12.65
N ALA A 21 3.84 6.30 13.64
CA ALA A 21 4.86 6.77 14.60
C ALA A 21 6.25 6.57 14.01
N ALA A 22 6.33 5.76 12.99
CA ALA A 22 7.64 5.50 12.33
C ALA A 22 8.18 6.75 11.68
N GLU A 23 7.48 7.27 10.71
CA GLU A 23 7.97 8.48 10.04
C GLU A 23 6.82 9.34 9.51
N SER A 24 5.73 9.42 10.22
CA SER A 24 4.60 10.24 9.72
C SER A 24 4.78 11.68 10.19
N GLY A 25 5.97 12.19 10.11
CA GLY A 25 6.22 13.59 10.55
C GLY A 25 6.20 13.64 12.07
N TYR A 26 6.48 12.52 12.70
CA TYR A 26 6.48 12.48 14.19
C TYR A 26 5.07 12.75 14.73
N GLU A 27 4.08 12.14 14.14
CA GLU A 27 2.68 12.36 14.62
C GLU A 27 2.26 13.79 14.32
N ARG A 28 2.51 14.23 13.15
CA ARG A 28 2.13 15.60 12.78
C ARG A 28 0.62 15.73 12.71
N GLU A 29 0.06 15.45 11.59
CA GLU A 29 -1.41 15.54 11.46
C GLU A 29 -1.97 14.40 10.61
N ILE A 30 -1.86 13.21 11.10
CA ILE A 30 -2.38 12.03 10.34
C ILE A 30 -3.70 11.55 10.95
N GLU A 31 -4.69 11.29 10.12
CA GLU A 31 -5.99 10.82 10.67
C GLU A 31 -6.00 9.30 10.71
N THR A 32 -5.91 8.73 11.88
CA THR A 32 -5.91 7.25 11.99
C THR A 32 -7.33 6.70 12.16
N ALA A 33 -7.71 5.81 11.29
CA ALA A 33 -9.07 5.21 11.36
C ALA A 33 -9.00 3.79 10.81
N LEU A 34 -8.53 2.87 11.60
CA LEU A 34 -8.42 1.45 11.13
C LEU A 34 -9.66 0.65 11.55
N TYR A 35 -9.79 -0.54 11.03
CA TYR A 35 -10.96 -1.38 11.40
C TYR A 35 -10.94 -1.69 12.90
N PRO A 36 -11.90 -1.14 13.60
CA PRO A 36 -11.98 -1.36 15.06
C PRO A 36 -12.46 -2.78 15.37
N GLY A 37 -11.58 -3.74 15.30
CA GLY A 37 -11.98 -5.15 15.58
C GLY A 37 -10.77 -6.08 15.42
N SER A 38 -9.59 -5.60 15.67
CA SER A 38 -8.39 -6.46 15.52
C SER A 38 -8.43 -7.21 14.20
N ILE A 39 -7.75 -6.73 13.22
CA ILE A 39 -7.74 -7.43 11.90
C ILE A 39 -6.74 -8.56 11.92
N GLU A 40 -6.58 -9.23 10.83
CA GLU A 40 -5.63 -10.35 10.76
C GLU A 40 -5.59 -10.93 9.36
N VAL A 41 -4.56 -10.65 8.64
CA VAL A 41 -4.46 -11.19 7.26
C VAL A 41 -3.07 -11.72 7.00
N LYS A 42 -2.90 -12.37 5.90
CA LYS A 42 -1.56 -12.91 5.58
C LYS A 42 -0.80 -11.87 4.77
N MET A 43 -0.09 -11.01 5.44
CA MET A 43 0.68 -9.97 4.73
C MET A 43 2.03 -9.77 5.39
N HIS A 44 3.00 -9.43 4.63
CA HIS A 44 4.35 -9.22 5.20
C HIS A 44 4.37 -7.88 5.92
N PRO A 45 4.45 -7.93 7.22
CA PRO A 45 4.48 -6.68 8.00
C PRO A 45 5.66 -5.83 7.56
N LEU A 46 6.61 -6.45 6.92
CA LEU A 46 7.80 -5.70 6.44
C LEU A 46 7.49 -5.02 5.11
N SER A 47 7.22 -5.80 4.10
CA SER A 47 6.90 -5.22 2.76
C SER A 47 5.84 -4.13 2.91
N ILE A 48 4.76 -4.43 3.57
CA ILE A 48 3.68 -3.42 3.74
C ILE A 48 4.22 -2.18 4.48
N LYS A 49 4.96 -2.37 5.54
CA LYS A 49 5.49 -1.19 6.26
C LYS A 49 6.09 -0.21 5.25
N ARG A 50 6.92 -0.70 4.37
CA ARG A 50 7.55 0.19 3.34
C ARG A 50 6.48 0.84 2.47
N ALA A 51 5.45 0.09 2.13
CA ALA A 51 4.36 0.66 1.28
C ALA A 51 3.72 1.89 1.94
N VAL A 52 3.28 1.74 3.16
CA VAL A 52 2.65 2.89 3.86
C VAL A 52 3.71 3.95 4.20
N ALA A 53 4.95 3.57 4.24
CA ALA A 53 6.03 4.53 4.55
C ALA A 53 6.43 5.34 3.31
N ASN A 54 6.11 4.84 2.14
CA ASN A 54 6.47 5.59 0.90
C ASN A 54 5.41 6.64 0.57
N MET A 55 4.15 6.29 0.65
CA MET A 55 3.08 7.29 0.34
C MET A 55 3.03 8.39 1.41
N VAL A 56 3.58 8.12 2.56
CA VAL A 56 3.55 9.16 3.65
C VAL A 56 4.77 10.07 3.53
N VAL A 57 5.85 9.59 2.98
CA VAL A 57 7.07 10.44 2.85
C VAL A 57 6.91 11.42 1.68
N ASN A 58 6.13 11.07 0.70
CA ASN A 58 5.93 11.98 -0.46
C ASN A 58 5.00 13.14 -0.08
N ALA A 59 4.06 12.90 0.80
CA ALA A 59 3.13 13.98 1.22
C ALA A 59 3.67 14.73 2.43
N ALA A 60 4.60 14.16 3.14
CA ALA A 60 5.15 14.86 4.35
C ALA A 60 6.16 15.97 3.96
N ARG A 61 7.37 15.61 3.67
CA ARG A 61 8.41 16.61 3.28
C ARG A 61 7.94 17.52 2.13
N TYR A 62 7.41 16.96 1.08
CA TYR A 62 6.94 17.81 -0.06
C TYR A 62 5.62 18.53 0.28
N GLY A 63 4.59 17.81 0.59
CA GLY A 63 3.29 18.47 0.91
C GLY A 63 3.01 18.35 2.41
N ASN A 64 3.87 18.86 3.24
CA ASN A 64 3.63 18.77 4.71
C ASN A 64 2.37 19.56 5.08
N GLY A 65 1.24 18.91 5.13
CA GLY A 65 -0.02 19.63 5.49
C GLY A 65 -0.96 18.68 6.24
N TRP A 66 -1.46 17.68 5.58
CA TRP A 66 -2.40 16.72 6.26
C TRP A 66 -2.28 15.32 5.65
N ILE A 67 -2.30 14.30 6.48
CA ILE A 67 -2.20 12.91 5.96
C ILE A 67 -3.41 12.10 6.45
N LYS A 68 -3.68 10.97 5.82
CA LYS A 68 -4.85 10.14 6.25
C LYS A 68 -4.45 8.67 6.27
N VAL A 69 -4.38 8.08 7.44
CA VAL A 69 -4.01 6.64 7.53
C VAL A 69 -5.22 5.81 7.96
N SER A 70 -6.02 5.37 7.03
CA SER A 70 -7.22 4.56 7.39
C SER A 70 -7.06 3.13 6.90
N SER A 71 -7.63 2.19 7.60
CA SER A 71 -7.52 0.78 7.19
C SER A 71 -8.82 0.04 7.51
N GLY A 72 -9.23 -0.85 6.65
CA GLY A 72 -10.48 -1.61 6.89
C GLY A 72 -10.21 -3.08 6.58
N THR A 73 -11.22 -3.88 6.45
CA THR A 73 -10.97 -5.31 6.15
C THR A 73 -12.27 -6.07 5.91
N GLU A 74 -12.15 -7.34 5.62
CA GLU A 74 -13.35 -8.17 5.35
C GLU A 74 -13.00 -9.63 5.63
N PRO A 75 -13.98 -10.48 5.57
CA PRO A 75 -13.75 -11.92 5.83
C PRO A 75 -12.88 -12.52 4.72
N ASN A 76 -11.71 -13.03 5.07
CA ASN A 76 -10.80 -13.64 4.06
C ASN A 76 -10.33 -12.59 3.04
N ARG A 77 -10.10 -11.37 3.47
CA ARG A 77 -9.64 -10.29 2.53
C ARG A 77 -9.70 -8.92 3.21
N ALA A 78 -8.57 -8.37 3.56
CA ALA A 78 -8.57 -7.03 4.23
C ALA A 78 -7.84 -5.99 3.35
N TRP A 79 -7.96 -4.72 3.66
CA TRP A 79 -7.28 -3.70 2.82
C TRP A 79 -6.99 -2.43 3.62
N PHE A 80 -6.20 -1.54 3.08
CA PHE A 80 -5.88 -0.28 3.80
C PHE A 80 -5.75 0.87 2.79
N GLN A 81 -6.32 2.01 3.09
CA GLN A 81 -6.24 3.16 2.15
C GLN A 81 -5.56 4.36 2.81
N VAL A 82 -4.96 5.21 2.02
CA VAL A 82 -4.27 6.40 2.59
C VAL A 82 -4.58 7.64 1.73
N GLU A 83 -4.71 8.78 2.36
CA GLU A 83 -5.02 10.03 1.59
C GLU A 83 -4.17 11.18 2.13
N ASP A 84 -3.56 11.96 1.27
CA ASP A 84 -2.74 13.09 1.76
C ASP A 84 -2.72 14.23 0.75
N ASP A 85 -2.32 15.40 1.17
CA ASP A 85 -2.27 16.57 0.24
C ASP A 85 -0.82 16.95 -0.05
N GLY A 86 -0.48 17.18 -1.29
CA GLY A 86 0.93 17.55 -1.62
C GLY A 86 1.20 17.27 -3.11
N PRO A 87 2.35 16.70 -3.35
CA PRO A 87 2.76 16.36 -4.74
C PRO A 87 1.93 15.17 -5.27
N GLY A 88 1.00 15.42 -6.15
CA GLY A 88 0.17 14.31 -6.69
C GLY A 88 0.95 13.54 -7.75
N ILE A 89 0.27 12.86 -8.62
CA ILE A 89 0.95 12.08 -9.70
C ILE A 89 0.53 12.60 -11.08
N ALA A 90 1.15 12.14 -12.12
CA ALA A 90 0.76 12.62 -13.48
C ALA A 90 0.30 11.44 -14.37
N PRO A 91 -0.17 11.78 -15.55
CA PRO A 91 -0.65 10.77 -16.50
C PRO A 91 0.53 10.08 -17.25
N GLU A 92 1.59 10.81 -17.50
CA GLU A 92 2.76 10.19 -18.22
C GLU A 92 3.75 9.56 -17.24
N GLN A 93 3.71 9.95 -16.00
CA GLN A 93 4.66 9.36 -15.02
C GLN A 93 4.07 8.08 -14.48
N ARG A 94 2.78 7.98 -14.48
CA ARG A 94 2.17 6.75 -13.96
C ARG A 94 2.52 5.60 -14.91
N LYS A 95 2.81 5.90 -16.18
CA LYS A 95 3.18 4.80 -17.13
C LYS A 95 4.20 3.95 -16.39
N HIS A 96 5.01 4.61 -15.63
CA HIS A 96 6.07 3.95 -14.83
C HIS A 96 5.46 3.91 -13.44
N LEU A 97 6.19 4.16 -12.40
CA LEU A 97 5.49 4.10 -11.11
C LEU A 97 4.56 5.24 -11.20
N PHE A 98 5.16 6.37 -11.20
CA PHE A 98 4.46 7.65 -11.29
C PHE A 98 5.50 8.77 -11.50
N GLN A 99 6.66 8.40 -12.03
CA GLN A 99 7.79 9.38 -12.29
C GLN A 99 7.53 10.77 -11.66
N PRO A 100 8.32 11.09 -10.66
CA PRO A 100 8.16 12.39 -9.98
C PRO A 100 8.78 13.51 -10.82
N PHE A 101 9.04 14.65 -10.23
CA PHE A 101 9.64 15.78 -11.01
C PHE A 101 11.16 15.79 -10.86
N VAL A 102 11.86 15.43 -11.90
CA VAL A 102 13.35 15.41 -11.83
C VAL A 102 13.95 15.61 -13.23
N ARG A 103 14.92 16.47 -13.36
CA ARG A 103 15.54 16.69 -14.70
C ARG A 103 16.99 16.20 -14.70
N GLY A 104 17.51 15.85 -15.84
CA GLY A 104 18.92 15.36 -15.91
C GLY A 104 19.11 14.25 -14.87
N ASP A 105 19.03 13.01 -15.30
CA ASP A 105 19.21 11.88 -14.35
C ASP A 105 19.92 10.71 -15.03
N SER A 106 21.22 10.76 -15.15
CA SER A 106 21.96 9.65 -15.82
C SER A 106 22.71 8.81 -14.78
N ALA A 107 23.39 9.44 -13.86
CA ALA A 107 24.13 8.68 -12.82
C ALA A 107 23.15 7.99 -11.87
N ARG A 108 22.78 8.65 -10.81
CA ARG A 108 21.82 8.03 -9.83
C ARG A 108 21.58 8.98 -8.66
N THR A 109 20.35 9.34 -8.41
CA THR A 109 20.07 10.27 -7.27
C THR A 109 18.84 9.80 -6.48
N ILE A 110 18.37 8.61 -6.75
CA ILE A 110 17.18 8.10 -6.01
C ILE A 110 17.61 7.01 -5.02
N SER A 111 18.87 6.69 -4.97
CA SER A 111 19.36 5.64 -4.03
C SER A 111 18.91 4.26 -4.49
N GLY A 112 19.73 3.57 -5.24
CA GLY A 112 19.35 2.22 -5.73
C GLY A 112 20.04 1.14 -4.87
N THR A 113 19.34 0.11 -4.51
CA THR A 113 19.96 -0.96 -3.67
C THR A 113 20.56 -0.38 -2.39
N GLY A 114 19.87 0.54 -1.77
CA GLY A 114 20.40 1.15 -0.52
C GLY A 114 20.22 0.16 0.64
N LEU A 115 19.00 -0.01 1.09
CA LEU A 115 18.76 -0.96 2.22
C LEU A 115 17.48 -1.78 1.96
N GLY A 116 16.49 -1.19 1.36
CA GLY A 116 15.23 -1.93 1.09
C GLY A 116 14.62 -1.45 -0.24
N LEU A 117 14.12 -2.35 -1.04
CA LEU A 117 13.52 -1.94 -2.35
C LEU A 117 12.67 -0.68 -2.15
N ALA A 118 12.83 0.29 -3.03
CA ALA A 118 12.02 1.53 -2.90
C ALA A 118 10.84 1.50 -3.86
N ILE A 119 9.82 0.74 -3.54
CA ILE A 119 8.64 0.66 -4.44
C ILE A 119 7.38 0.24 -3.66
N VAL A 120 6.22 0.59 -4.16
CA VAL A 120 4.95 0.22 -3.45
C VAL A 120 4.08 -0.65 -4.37
N GLN A 121 3.99 -0.31 -5.63
CA GLN A 121 3.16 -1.13 -6.55
C GLN A 121 3.57 -2.60 -6.44
N ARG A 122 4.80 -2.86 -6.10
CA ARG A 122 5.25 -4.27 -5.97
C ARG A 122 4.73 -4.82 -4.66
N ILE A 123 4.68 -4.01 -3.65
CA ILE A 123 4.18 -4.50 -2.36
C ILE A 123 2.77 -5.04 -2.60
N VAL A 124 1.98 -4.31 -3.35
CA VAL A 124 0.60 -4.75 -3.64
C VAL A 124 0.65 -5.89 -4.65
N ASP A 125 1.72 -5.96 -5.40
CA ASP A 125 1.87 -7.04 -6.42
C ASP A 125 2.32 -8.32 -5.75
N ASN A 126 2.87 -8.22 -4.57
CA ASN A 126 3.32 -9.44 -3.85
C ASN A 126 2.16 -10.03 -3.08
N HIS A 127 1.21 -9.21 -2.70
CA HIS A 127 0.03 -9.73 -1.95
C HIS A 127 -1.05 -10.15 -2.94
N ASN A 128 -1.12 -9.47 -4.07
CA ASN A 128 -2.15 -9.81 -5.11
C ASN A 128 -3.52 -9.27 -4.71
N GLY A 129 -3.56 -8.07 -4.21
CA GLY A 129 -4.85 -7.47 -3.81
C GLY A 129 -5.25 -6.42 -4.81
N MET A 130 -4.77 -5.22 -4.66
CA MET A 130 -5.13 -4.14 -5.62
C MET A 130 -4.46 -2.82 -5.27
N LEU A 131 -4.44 -1.91 -6.20
CA LEU A 131 -3.80 -0.59 -5.93
C LEU A 131 -4.48 0.49 -6.78
N GLU A 132 -5.48 1.15 -6.25
CA GLU A 132 -6.17 2.21 -7.06
C GLU A 132 -5.52 3.59 -6.79
N LEU A 133 -5.37 4.38 -7.82
CA LEU A 133 -4.75 5.74 -7.65
C LEU A 133 -5.76 6.85 -7.95
N GLY A 134 -5.66 7.94 -7.24
CA GLY A 134 -6.59 9.07 -7.47
C GLY A 134 -5.82 10.37 -7.23
N THR A 135 -6.12 11.41 -7.97
CA THR A 135 -5.40 12.69 -7.75
C THR A 135 -6.20 13.87 -8.28
N SER A 136 -6.33 14.90 -7.49
CA SER A 136 -7.10 16.09 -7.94
C SER A 136 -6.12 17.18 -8.36
N GLU A 137 -5.84 17.27 -9.63
CA GLU A 137 -4.88 18.32 -10.10
C GLU A 137 -3.57 18.22 -9.33
N ARG A 138 -3.02 17.04 -9.23
CA ARG A 138 -1.74 16.87 -8.49
C ARG A 138 -1.85 17.50 -7.11
N GLY A 139 -2.93 17.27 -6.42
CA GLY A 139 -3.10 17.86 -5.08
C GLY A 139 -3.84 16.87 -4.19
N GLY A 140 -5.02 16.48 -4.57
CA GLY A 140 -5.79 15.50 -3.74
C GLY A 140 -5.41 14.09 -4.17
N LEU A 141 -4.33 13.58 -3.66
CA LEU A 141 -3.89 12.20 -4.04
C LEU A 141 -4.48 11.17 -3.07
N SER A 142 -5.43 10.38 -3.54
CA SER A 142 -6.06 9.34 -2.67
C SER A 142 -5.79 7.96 -3.27
N ILE A 143 -5.38 7.02 -2.47
CA ILE A 143 -5.11 5.66 -3.03
C ILE A 143 -5.66 4.57 -2.10
N ARG A 144 -6.20 3.51 -2.67
CA ARG A 144 -6.76 2.40 -1.84
C ARG A 144 -6.06 1.09 -2.19
N ALA A 145 -5.37 0.50 -1.24
CA ALA A 145 -4.66 -0.78 -1.52
C ALA A 145 -5.43 -1.97 -0.94
N TRP A 146 -5.48 -3.06 -1.67
CA TRP A 146 -6.22 -4.27 -1.16
C TRP A 146 -5.26 -5.44 -0.90
N LEU A 147 -5.63 -6.33 -0.01
CA LEU A 147 -4.78 -7.52 0.33
C LEU A 147 -5.70 -8.72 0.64
N PRO A 148 -5.68 -9.69 -0.23
CA PRO A 148 -6.51 -10.89 -0.03
C PRO A 148 -5.79 -11.93 0.84
N VAL A 149 -6.46 -12.43 1.84
CA VAL A 149 -5.81 -13.44 2.75
C VAL A 149 -5.90 -14.85 2.13
N PRO A 150 -4.75 -15.36 1.72
CA PRO A 150 -4.69 -16.71 1.10
C PRO A 150 -4.74 -17.78 2.20
N VAL A 151 -4.91 -19.03 1.84
CA VAL A 151 -4.96 -20.09 2.86
C VAL A 151 -4.60 -21.46 2.25
N THR A 152 -3.35 -21.84 2.34
CA THR A 152 -2.90 -23.17 1.77
C THR A 152 -3.68 -23.50 0.49
N ARG A 153 -3.35 -22.86 -0.59
CA ARG A 153 -4.08 -23.15 -1.87
C ARG A 153 -5.59 -23.13 -1.60
N ALA A 154 -6.38 -23.46 -2.59
CA ALA A 154 -7.86 -23.47 -2.39
C ALA A 154 -8.58 -23.54 -3.74
N GLN A 155 -8.16 -24.43 -4.60
CA GLN A 155 -8.82 -24.54 -5.92
C GLN A 155 -8.55 -25.91 -6.54
N GLY A 156 -9.42 -26.37 -7.39
CA GLY A 156 -9.22 -27.70 -8.02
C GLY A 156 -10.57 -28.36 -8.26
N THR A 157 -11.51 -27.65 -8.80
CA THR A 157 -12.86 -28.23 -9.04
C THR A 157 -13.06 -28.49 -10.54
N THR A 158 -14.26 -28.27 -11.03
CA THR A 158 -14.52 -28.49 -12.48
C THR A 158 -14.54 -27.15 -13.23
N LYS A 159 -15.48 -26.96 -14.12
CA LYS A 159 -15.55 -25.68 -14.88
C LYS A 159 -14.23 -25.43 -15.61
N GLU A 160 -14.19 -24.45 -16.47
CA GLU A 160 -12.94 -24.16 -17.23
C GLU A 160 -11.73 -24.22 -16.28
N GLY A 161 -10.62 -24.70 -16.76
CA GLY A 161 -9.40 -24.79 -15.89
C GLY A 161 -8.27 -25.44 -16.66
PG ANP B . 11.72 10.15 -3.07
O1G ANP B . 12.54 9.97 -4.29
O2G ANP B . 11.14 11.50 -2.85
O3G ANP B . 12.71 9.90 -1.83
PB ANP B . 10.43 8.28 -4.42
O1B ANP B . 10.54 9.26 -5.51
O2B ANP B . 11.32 7.10 -4.46
N3B ANP B . 10.55 9.03 -2.98
PA ANP B . 7.98 7.41 -5.81
O1A ANP B . 8.49 8.23 -6.93
O2A ANP B . 7.85 5.94 -5.97
O3A ANP B . 8.92 7.69 -4.53
O5' ANP B . 6.56 8.00 -5.35
C5' ANP B . 6.15 9.31 -5.74
C4' ANP B . 5.67 9.33 -7.19
O4' ANP B . 4.58 8.43 -7.36
C3' ANP B . 5.19 10.73 -7.57
O3' ANP B . 5.85 11.19 -8.75
C2' ANP B . 3.72 10.59 -7.81
O2' ANP B . 3.44 10.78 -9.19
C1' ANP B . 3.37 9.17 -7.37
N9 ANP B . 2.80 9.14 -6.04
C8 ANP B . 2.97 10.00 -5.08
N7 ANP B . 2.46 9.74 -3.93
C5 ANP B . 1.85 8.51 -4.17
C6 ANP B . 1.12 7.63 -3.37
N6 ANP B . 0.86 7.87 -2.09
N1 ANP B . 0.67 6.50 -3.94
C2 ANP B . 0.93 6.25 -5.23
N3 ANP B . 1.62 7.01 -6.08
C4 ANP B . 2.05 8.13 -5.48
HOG3 ANP B . 13.39 9.29 -2.13
HNB1 ANP B . 10.80 8.35 -2.28
H5'1 ANP B . 5.33 9.64 -5.11
H5'2 ANP B . 6.98 10.01 -5.64
H4' ANP B . 6.48 9.06 -7.83
H3' ANP B . 5.36 11.42 -6.75
HO3' ANP B . 6.37 11.96 -8.50
H2' ANP B . 3.17 11.32 -7.21
HO2' ANP B . 3.65 11.70 -9.40
H1' ANP B . 2.69 8.74 -8.04
H8 ANP B . 3.54 10.87 -5.25
HN61 ANP B . 1.20 8.73 -1.65
HN62 ANP B . 0.33 7.22 -1.53
H2 ANP B . 0.53 5.31 -5.64
N THR A 1 10.03 -21.53 8.29
CA THR A 1 10.92 -22.41 9.10
C THR A 1 12.27 -22.57 8.40
N GLY A 2 12.26 -22.94 7.15
CA GLY A 2 13.55 -23.11 6.41
C GLY A 2 14.20 -21.74 6.20
N GLN A 3 14.08 -21.21 5.00
CA GLN A 3 14.68 -19.87 4.73
C GLN A 3 13.79 -18.75 5.27
N GLU A 4 14.07 -17.53 4.91
CA GLU A 4 13.23 -16.40 5.41
C GLU A 4 12.00 -16.22 4.50
N MET A 5 11.01 -17.07 4.68
CA MET A 5 9.78 -16.96 3.84
C MET A 5 8.91 -15.76 4.28
N PRO A 6 8.55 -14.94 3.33
CA PRO A 6 7.73 -13.76 3.59
C PRO A 6 6.27 -14.11 3.36
N MET A 7 5.47 -13.14 3.10
CA MET A 7 4.05 -13.39 2.87
C MET A 7 3.53 -14.40 3.88
N GLU A 8 3.11 -13.90 4.96
CA GLU A 8 2.57 -14.76 6.05
C GLU A 8 1.39 -14.04 6.73
N MET A 9 1.08 -14.38 7.96
CA MET A 9 -0.05 -13.71 8.64
C MET A 9 0.43 -12.44 9.35
N ALA A 10 -0.26 -11.35 9.16
CA ALA A 10 0.15 -10.08 9.82
C ALA A 10 -1.07 -9.19 10.09
N ASP A 11 -0.96 -8.25 11.01
CA ASP A 11 -2.09 -7.35 11.32
C ASP A 11 -1.88 -5.98 10.66
N LEU A 12 -2.79 -5.58 9.81
CA LEU A 12 -2.63 -4.25 9.15
C LEU A 12 -2.68 -3.15 10.19
N ASN A 13 -3.24 -3.41 11.32
CA ASN A 13 -3.30 -2.35 12.38
C ASN A 13 -1.98 -2.35 13.14
N ALA A 14 -1.28 -3.43 13.09
CA ALA A 14 0.02 -3.53 13.79
C ALA A 14 1.12 -3.01 12.88
N VAL A 15 0.91 -3.11 11.59
CA VAL A 15 1.93 -2.63 10.63
C VAL A 15 1.76 -1.12 10.43
N LEU A 16 0.53 -0.67 10.39
CA LEU A 16 0.28 0.77 10.19
C LEU A 16 0.50 1.53 11.50
N GLY A 17 0.29 0.88 12.62
CA GLY A 17 0.49 1.57 13.93
C GLY A 17 1.98 1.90 14.10
N GLU A 18 2.84 1.07 13.58
CA GLU A 18 4.30 1.34 13.73
C GLU A 18 4.73 2.38 12.70
N VAL A 19 4.14 2.35 11.55
CA VAL A 19 4.48 3.33 10.49
C VAL A 19 3.84 4.67 10.79
N ILE A 20 2.82 4.66 11.61
CA ILE A 20 2.12 5.90 11.96
C ILE A 20 2.92 6.65 13.01
N ALA A 21 3.41 5.95 13.98
CA ALA A 21 4.20 6.60 15.05
C ALA A 21 5.62 6.83 14.58
N ALA A 22 6.01 6.16 13.55
CA ALA A 22 7.39 6.34 13.02
C ALA A 22 7.46 7.43 11.96
N GLU A 23 6.65 7.35 10.96
CA GLU A 23 6.69 8.39 9.91
C GLU A 23 5.41 9.22 9.92
N SER A 24 4.98 9.64 11.06
CA SER A 24 3.73 10.47 11.12
C SER A 24 4.03 11.93 10.78
N GLY A 25 5.03 12.18 9.99
CA GLY A 25 5.37 13.59 9.63
C GLY A 25 5.52 14.39 10.91
N TYR A 26 6.19 13.82 11.88
CA TYR A 26 6.40 14.53 13.17
C TYR A 26 5.05 14.82 13.84
N GLU A 27 4.09 13.95 13.65
CA GLU A 27 2.76 14.18 14.28
C GLU A 27 2.12 15.42 13.67
N ARG A 28 2.20 15.52 12.39
CA ARG A 28 1.62 16.69 11.70
C ARG A 28 0.11 16.63 11.76
N GLU A 29 -0.48 15.91 10.90
CA GLU A 29 -1.97 15.81 10.89
C GLU A 29 -2.41 14.54 10.15
N ILE A 30 -2.08 13.41 10.66
CA ILE A 30 -2.49 12.14 9.99
C ILE A 30 -3.76 11.60 10.65
N GLU A 31 -4.77 11.34 9.87
CA GLU A 31 -6.02 10.82 10.46
C GLU A 31 -5.98 9.30 10.51
N THR A 32 -5.75 8.74 11.66
CA THR A 32 -5.69 7.28 11.78
C THR A 32 -7.06 6.69 12.08
N ALA A 33 -7.50 5.76 11.28
CA ALA A 33 -8.84 5.14 11.50
C ALA A 33 -8.81 3.69 11.01
N LEU A 34 -8.26 2.81 11.79
CA LEU A 34 -8.19 1.38 11.38
C LEU A 34 -9.44 0.63 11.84
N TYR A 35 -9.84 -0.37 11.10
CA TYR A 35 -11.05 -1.16 11.49
C TYR A 35 -11.09 -1.35 13.01
N PRO A 36 -12.29 -1.39 13.54
CA PRO A 36 -12.47 -1.56 14.99
C PRO A 36 -12.36 -3.05 15.36
N GLY A 37 -11.22 -3.63 15.16
CA GLY A 37 -11.06 -5.09 15.52
C GLY A 37 -9.70 -5.65 15.04
N SER A 38 -8.79 -4.81 14.57
CA SER A 38 -7.48 -5.34 14.12
C SER A 38 -7.67 -6.22 12.90
N ILE A 39 -7.07 -5.86 11.82
CA ILE A 39 -7.22 -6.67 10.57
C ILE A 39 -6.40 -7.95 10.69
N GLU A 40 -6.41 -8.74 9.68
CA GLU A 40 -5.65 -10.00 9.70
C GLU A 40 -5.64 -10.63 8.32
N VAL A 41 -4.56 -10.51 7.64
CA VAL A 41 -4.47 -11.11 6.28
C VAL A 41 -3.10 -11.72 6.05
N LYS A 42 -2.94 -12.40 4.97
CA LYS A 42 -1.65 -13.04 4.69
C LYS A 42 -0.79 -12.07 3.88
N MET A 43 -0.03 -11.26 4.56
CA MET A 43 0.82 -10.29 3.84
C MET A 43 2.16 -10.11 4.56
N HIS A 44 3.15 -9.68 3.86
CA HIS A 44 4.48 -9.47 4.49
C HIS A 44 4.43 -8.14 5.26
N PRO A 45 4.60 -8.23 6.56
CA PRO A 45 4.57 -7.02 7.41
C PRO A 45 5.69 -6.07 7.02
N LEU A 46 6.71 -6.57 6.39
CA LEU A 46 7.83 -5.70 5.97
C LEU A 46 7.46 -4.90 4.76
N SER A 47 7.21 -5.58 3.69
CA SER A 47 6.85 -4.90 2.45
C SER A 47 5.80 -3.83 2.72
N ILE A 48 4.71 -4.19 3.36
CA ILE A 48 3.66 -3.17 3.65
C ILE A 48 4.26 -2.01 4.45
N LYS A 49 5.06 -2.29 5.44
CA LYS A 49 5.64 -1.16 6.22
C LYS A 49 6.22 -0.14 5.25
N ARG A 50 6.86 -0.63 4.22
CA ARG A 50 7.46 0.27 3.20
C ARG A 50 6.35 1.00 2.43
N ALA A 51 5.36 0.27 1.99
CA ALA A 51 4.25 0.89 1.23
C ALA A 51 3.67 2.08 2.00
N VAL A 52 3.60 1.99 3.31
CA VAL A 52 3.05 3.12 4.11
C VAL A 52 4.17 4.10 4.49
N ALA A 53 5.38 3.65 4.47
CA ALA A 53 6.52 4.54 4.83
C ALA A 53 6.69 5.67 3.80
N ASN A 54 6.86 5.33 2.55
CA ASN A 54 7.03 6.38 1.49
C ASN A 54 5.68 7.03 1.17
N MET A 55 4.60 6.38 1.49
CA MET A 55 3.26 6.97 1.18
C MET A 55 3.03 8.21 2.04
N VAL A 56 3.54 8.23 3.23
CA VAL A 56 3.35 9.41 4.12
C VAL A 56 4.48 10.44 3.94
N VAL A 57 5.60 10.04 3.38
CA VAL A 57 6.71 11.02 3.18
C VAL A 57 6.35 12.03 2.08
N ASN A 58 5.57 11.63 1.12
CA ASN A 58 5.19 12.57 0.02
C ASN A 58 4.44 13.78 0.58
N ALA A 59 3.37 13.55 1.29
CA ALA A 59 2.60 14.70 1.86
C ALA A 59 3.20 15.13 3.20
N ALA A 60 3.97 14.29 3.82
CA ALA A 60 4.59 14.64 5.13
C ALA A 60 5.14 16.08 5.11
N ARG A 61 6.22 16.30 4.41
CA ARG A 61 6.80 17.69 4.35
C ARG A 61 6.14 18.49 3.22
N TYR A 62 6.42 18.14 2.00
CA TYR A 62 5.84 18.89 0.84
C TYR A 62 4.32 19.06 1.03
N GLY A 63 3.56 18.00 0.86
CA GLY A 63 2.09 18.11 1.02
C GLY A 63 1.76 18.74 2.37
N ASN A 64 1.66 20.04 2.42
CA ASN A 64 1.34 20.72 3.71
C ASN A 64 -0.17 21.01 3.77
N GLY A 65 -0.98 20.01 3.54
CA GLY A 65 -2.45 20.22 3.59
C GLY A 65 -3.07 19.30 4.64
N TRP A 66 -3.04 18.01 4.41
CA TRP A 66 -3.64 17.07 5.40
C TRP A 66 -3.40 15.61 4.96
N ILE A 67 -3.10 14.74 5.90
CA ILE A 67 -2.85 13.31 5.56
C ILE A 67 -3.99 12.44 6.11
N LYS A 68 -4.17 11.26 5.56
CA LYS A 68 -5.27 10.39 6.06
C LYS A 68 -4.82 8.92 6.07
N VAL A 69 -4.55 8.39 7.24
CA VAL A 69 -4.11 6.96 7.32
C VAL A 69 -5.24 6.11 7.90
N SER A 70 -6.16 5.69 7.08
CA SER A 70 -7.28 4.86 7.62
C SER A 70 -7.26 3.46 7.02
N SER A 71 -7.56 2.47 7.81
CA SER A 71 -7.56 1.08 7.31
C SER A 71 -8.91 0.44 7.62
N GLY A 72 -9.27 -0.59 6.93
CA GLY A 72 -10.58 -1.23 7.20
C GLY A 72 -10.57 -2.65 6.67
N THR A 73 -11.71 -3.16 6.33
CA THR A 73 -11.74 -4.56 5.79
C THR A 73 -13.17 -4.96 5.44
N GLU A 74 -13.33 -6.11 4.86
CA GLU A 74 -14.69 -6.56 4.48
C GLU A 74 -14.75 -8.09 4.48
N PRO A 75 -15.85 -8.64 4.07
CA PRO A 75 -15.99 -10.12 4.04
C PRO A 75 -15.11 -10.74 2.95
N ASN A 76 -14.16 -11.54 3.35
CA ASN A 76 -13.24 -12.21 2.37
C ASN A 76 -12.29 -11.20 1.72
N ARG A 77 -12.30 -9.98 2.15
CA ARG A 77 -11.38 -8.98 1.54
C ARG A 77 -11.07 -7.82 2.50
N ALA A 78 -9.90 -7.79 3.07
CA ALA A 78 -9.55 -6.68 4.00
C ALA A 78 -8.68 -5.68 3.25
N TRP A 79 -8.45 -4.50 3.77
CA TRP A 79 -7.59 -3.55 2.99
C TRP A 79 -7.22 -2.31 3.81
N PHE A 80 -6.45 -1.44 3.22
CA PHE A 80 -6.03 -0.19 3.92
C PHE A 80 -5.89 0.92 2.87
N GLN A 81 -6.27 2.13 3.20
CA GLN A 81 -6.15 3.22 2.18
C GLN A 81 -5.54 4.51 2.78
N VAL A 82 -4.83 5.24 1.96
CA VAL A 82 -4.19 6.52 2.43
C VAL A 82 -4.60 7.66 1.49
N GLU A 83 -4.99 8.79 2.03
CA GLU A 83 -5.39 9.93 1.14
C GLU A 83 -4.65 11.19 1.55
N ASP A 84 -4.31 12.03 0.61
CA ASP A 84 -3.58 13.28 0.98
C ASP A 84 -3.92 14.41 0.01
N ASP A 85 -3.97 15.62 0.50
CA ASP A 85 -4.29 16.77 -0.41
C ASP A 85 -3.07 17.13 -1.26
N GLY A 86 -3.25 17.39 -2.52
CA GLY A 86 -2.09 17.75 -3.38
C GLY A 86 -2.50 17.76 -4.85
N PRO A 87 -1.51 17.74 -5.70
CA PRO A 87 -1.76 17.75 -7.17
C PRO A 87 -2.26 16.38 -7.64
N GLY A 88 -2.17 16.12 -8.92
CA GLY A 88 -2.64 14.81 -9.45
C GLY A 88 -1.75 14.40 -10.65
N ILE A 89 -1.83 13.17 -11.07
CA ILE A 89 -0.99 12.73 -12.23
C ILE A 89 -1.54 13.33 -13.53
N ALA A 90 -0.81 13.22 -14.61
CA ALA A 90 -1.31 13.80 -15.90
C ALA A 90 -2.01 12.72 -16.73
N PRO A 91 -2.53 13.14 -17.86
CA PRO A 91 -3.24 12.20 -18.75
C PRO A 91 -2.25 11.25 -19.45
N GLU A 92 -1.19 11.78 -19.98
CA GLU A 92 -0.19 10.91 -20.67
C GLU A 92 0.89 10.43 -19.70
N GLN A 93 1.19 11.20 -18.70
CA GLN A 93 2.24 10.77 -17.72
C GLN A 93 1.78 9.52 -16.96
N ARG A 94 0.50 9.27 -16.94
CA ARG A 94 0.01 8.06 -16.22
C ARG A 94 0.89 6.84 -16.55
N LYS A 95 1.47 6.84 -17.73
CA LYS A 95 2.34 5.69 -18.12
C LYS A 95 3.79 5.96 -17.70
N HIS A 96 4.20 7.21 -17.72
CA HIS A 96 5.61 7.54 -17.33
C HIS A 96 6.01 6.71 -16.09
N LEU A 97 5.30 6.86 -15.01
CA LEU A 97 5.64 6.09 -13.78
C LEU A 97 4.52 5.08 -13.46
N PHE A 98 4.31 4.13 -14.34
CA PHE A 98 3.24 3.11 -14.08
C PHE A 98 3.11 2.16 -15.28
N GLN A 99 4.15 1.43 -15.58
CA GLN A 99 4.07 0.48 -16.74
C GLN A 99 5.03 -0.69 -16.54
N PRO A 100 4.49 -1.88 -16.64
CA PRO A 100 5.30 -3.10 -16.46
C PRO A 100 6.15 -3.37 -17.71
N PHE A 101 7.33 -2.82 -17.77
CA PHE A 101 8.20 -3.04 -18.97
C PHE A 101 9.26 -4.09 -18.65
N VAL A 102 9.53 -4.98 -19.57
CA VAL A 102 10.54 -6.02 -19.33
C VAL A 102 11.94 -5.48 -19.65
N ARG A 103 12.27 -4.32 -19.15
CA ARG A 103 13.63 -3.75 -19.43
C ARG A 103 14.44 -3.69 -18.14
N GLY A 104 15.71 -4.03 -18.21
CA GLY A 104 16.56 -3.98 -16.98
C GLY A 104 17.85 -4.75 -17.23
N ASP A 105 17.95 -5.96 -16.73
CA ASP A 105 19.19 -6.76 -16.93
C ASP A 105 20.38 -6.09 -16.24
N SER A 106 21.30 -6.86 -15.72
CA SER A 106 22.47 -6.27 -15.03
C SER A 106 23.74 -6.52 -15.86
N ALA A 107 23.68 -6.34 -17.14
CA ALA A 107 24.88 -6.56 -17.99
C ALA A 107 25.55 -5.23 -18.35
N ARG A 108 24.99 -4.14 -17.89
CA ARG A 108 25.59 -2.81 -18.20
C ARG A 108 25.80 -2.67 -19.70
N THR A 109 24.82 -2.17 -20.40
CA THR A 109 24.97 -2.00 -21.88
C THR A 109 24.72 -0.54 -22.27
N ILE A 110 23.87 -0.30 -23.24
CA ILE A 110 23.59 1.12 -23.65
C ILE A 110 22.13 1.46 -23.38
N SER A 111 21.68 1.28 -22.18
CA SER A 111 20.26 1.61 -21.87
C SER A 111 20.17 2.53 -20.64
N GLY A 112 19.00 2.73 -20.12
CA GLY A 112 18.85 3.62 -18.94
C GLY A 112 18.48 2.76 -17.72
N THR A 113 18.24 3.39 -16.60
CA THR A 113 17.87 2.61 -15.38
C THR A 113 16.64 3.23 -14.70
N GLY A 114 16.56 4.54 -14.69
CA GLY A 114 15.38 5.19 -14.05
C GLY A 114 15.78 5.72 -12.67
N LEU A 115 16.43 4.91 -11.88
CA LEU A 115 16.85 5.38 -10.53
C LEU A 115 15.68 6.08 -9.83
N GLY A 116 14.79 5.34 -9.24
CA GLY A 116 13.64 5.97 -8.55
C GLY A 116 13.33 5.20 -7.27
N LEU A 117 12.22 5.49 -6.64
CA LEU A 117 11.86 4.77 -5.39
C LEU A 117 10.54 4.02 -5.57
N ALA A 118 10.50 3.10 -6.50
CA ALA A 118 9.25 2.33 -6.73
C ALA A 118 9.10 1.21 -5.68
N ILE A 119 8.54 1.51 -4.55
CA ILE A 119 8.38 0.47 -3.50
C ILE A 119 6.90 0.27 -3.17
N VAL A 120 6.05 0.39 -4.15
CA VAL A 120 4.58 0.20 -3.89
C VAL A 120 3.99 -0.79 -4.90
N GLN A 121 4.48 -0.80 -6.11
CA GLN A 121 3.94 -1.74 -7.13
C GLN A 121 4.26 -3.19 -6.74
N ARG A 122 5.45 -3.44 -6.27
CA ARG A 122 5.80 -4.84 -5.88
C ARG A 122 5.03 -5.25 -4.63
N ILE A 123 4.75 -4.31 -3.76
CA ILE A 123 4.00 -4.67 -2.53
C ILE A 123 2.64 -5.25 -2.94
N VAL A 124 1.82 -4.47 -3.56
CA VAL A 124 0.49 -4.97 -3.98
C VAL A 124 0.68 -6.11 -5.00
N ASP A 125 1.74 -6.09 -5.74
CA ASP A 125 1.98 -7.16 -6.74
C ASP A 125 2.37 -8.45 -6.03
N ASN A 126 2.83 -8.34 -4.81
CA ASN A 126 3.23 -9.54 -4.05
C ASN A 126 2.08 -10.00 -3.17
N HIS A 127 1.09 -9.16 -3.00
CA HIS A 127 -0.07 -9.54 -2.14
C HIS A 127 -1.19 -10.14 -3.01
N ASN A 128 -1.32 -9.65 -4.23
CA ASN A 128 -2.38 -10.17 -5.15
C ASN A 128 -3.76 -9.70 -4.72
N GLY A 129 -3.89 -8.45 -4.42
CA GLY A 129 -5.21 -7.90 -4.00
C GLY A 129 -5.63 -6.81 -4.96
N MET A 130 -5.21 -5.60 -4.71
CA MET A 130 -5.59 -4.48 -5.62
C MET A 130 -4.82 -3.21 -5.27
N LEU A 131 -4.76 -2.28 -6.16
CA LEU A 131 -4.02 -1.02 -5.86
C LEU A 131 -4.64 0.14 -6.64
N GLU A 132 -5.59 0.83 -6.04
CA GLU A 132 -6.24 1.98 -6.74
C GLU A 132 -5.48 3.28 -6.44
N LEU A 133 -5.54 4.26 -7.31
CA LEU A 133 -4.82 5.53 -7.06
C LEU A 133 -5.69 6.73 -7.45
N GLY A 134 -5.78 7.68 -6.58
CA GLY A 134 -6.60 8.90 -6.88
C GLY A 134 -5.68 9.92 -7.53
N THR A 135 -6.22 10.92 -8.19
CA THR A 135 -5.34 11.94 -8.85
C THR A 135 -5.88 13.37 -8.70
N SER A 136 -7.15 13.50 -8.79
CA SER A 136 -7.84 14.83 -8.69
C SER A 136 -9.13 14.66 -9.42
N GLU A 137 -9.00 14.38 -10.68
CA GLU A 137 -10.20 14.18 -11.51
C GLU A 137 -10.84 12.91 -10.98
N ARG A 138 -10.02 11.89 -10.81
CA ARG A 138 -10.55 10.62 -10.28
C ARG A 138 -11.08 10.95 -8.90
N GLY A 139 -10.47 11.94 -8.29
CA GLY A 139 -10.88 12.37 -6.95
C GLY A 139 -9.62 12.70 -6.13
N GLY A 140 -9.12 13.91 -6.24
CA GLY A 140 -7.89 14.27 -5.47
C GLY A 140 -6.90 13.13 -5.62
N LEU A 141 -5.85 13.07 -4.84
CA LEU A 141 -4.92 11.93 -5.01
C LEU A 141 -4.98 11.00 -3.81
N SER A 142 -5.10 9.73 -4.07
CA SER A 142 -5.18 8.76 -2.95
C SER A 142 -4.44 7.47 -3.30
N ILE A 143 -4.48 6.52 -2.42
CA ILE A 143 -3.79 5.24 -2.68
C ILE A 143 -4.53 4.11 -1.96
N ARG A 144 -5.45 3.47 -2.63
CA ARG A 144 -6.20 2.35 -2.00
C ARG A 144 -5.44 1.04 -2.21
N ALA A 145 -5.32 0.25 -1.18
CA ALA A 145 -4.61 -1.04 -1.35
C ALA A 145 -5.47 -2.18 -0.80
N TRP A 146 -5.66 -3.21 -1.55
CA TRP A 146 -6.49 -4.35 -1.07
C TRP A 146 -5.67 -5.60 -0.81
N LEU A 147 -6.05 -6.33 0.19
CA LEU A 147 -5.35 -7.58 0.56
C LEU A 147 -6.41 -8.66 0.80
N PRO A 148 -6.50 -9.57 -0.13
CA PRO A 148 -7.49 -10.67 -0.02
C PRO A 148 -7.13 -11.63 1.11
N VAL A 149 -8.10 -12.06 1.85
CA VAL A 149 -7.84 -13.00 2.97
C VAL A 149 -7.83 -14.45 2.44
N PRO A 150 -6.99 -15.25 3.02
CA PRO A 150 -6.90 -16.67 2.60
C PRO A 150 -8.16 -17.43 2.99
N VAL A 151 -8.10 -18.71 2.91
CA VAL A 151 -9.29 -19.53 3.26
C VAL A 151 -9.63 -19.36 4.74
N THR A 152 -10.86 -19.57 5.10
CA THR A 152 -11.27 -19.42 6.52
C THR A 152 -12.44 -20.35 6.84
N ARG A 153 -13.65 -19.87 6.71
CA ARG A 153 -14.83 -20.74 7.00
C ARG A 153 -15.68 -20.91 5.73
N ALA A 154 -16.98 -20.78 5.84
CA ALA A 154 -17.85 -20.93 4.64
C ALA A 154 -19.13 -20.09 4.80
N GLN A 155 -19.44 -19.29 3.81
CA GLN A 155 -20.67 -18.45 3.91
C GLN A 155 -21.43 -18.44 2.58
N GLY A 156 -22.35 -19.34 2.41
CA GLY A 156 -23.11 -19.39 1.13
C GLY A 156 -23.62 -17.98 0.79
N THR A 157 -23.90 -17.73 -0.46
CA THR A 157 -24.39 -16.38 -0.85
C THR A 157 -25.92 -16.40 -1.00
N THR A 158 -26.62 -15.88 -0.04
CA THR A 158 -28.12 -15.88 -0.12
C THR A 158 -28.58 -14.79 -1.10
N LYS A 159 -29.39 -15.16 -2.06
CA LYS A 159 -29.89 -14.15 -3.05
C LYS A 159 -30.85 -13.16 -2.37
N GLU A 160 -30.67 -11.89 -2.61
CA GLU A 160 -31.57 -10.88 -1.98
C GLU A 160 -32.94 -10.89 -2.67
N GLY A 161 -32.97 -10.59 -3.94
CA GLY A 161 -34.26 -10.58 -4.68
C GLY A 161 -34.03 -10.13 -6.13
PG ANP B . 7.39 6.87 -6.84
O1G ANP B . 6.57 5.76 -6.30
O2G ANP B . 7.24 7.18 -8.28
O3G ANP B . 8.92 6.41 -6.66
PB ANP B . 8.33 9.30 -6.32
O1B ANP B . 8.71 10.05 -5.11
O2B ANP B . 9.41 8.64 -7.09
N3B ANP B . 7.18 8.21 -5.96
PA ANP B . 6.15 10.49 -7.87
O1A ANP B . 6.01 9.60 -9.05
O2A ANP B . 5.23 10.35 -6.72
O3A ANP B . 7.67 10.35 -7.32
O5' ANP B . 6.09 12.02 -8.38
C5' ANP B . 4.91 12.53 -8.97
C4' ANP B . 4.71 12.01 -10.39
O4' ANP B . 4.03 10.75 -10.37
C3' ANP B . 3.87 12.98 -11.22
O3' ANP B . 4.54 13.32 -12.44
C2' ANP B . 2.59 12.26 -11.50
O2' ANP B . 2.49 11.97 -12.89
C1' ANP B . 2.65 10.98 -10.68
N9 ANP B . 1.90 11.07 -9.42
C8 ANP B . 1.48 12.17 -8.74
N7 ANP B . 0.94 11.99 -7.59
C5 ANP B . 0.99 10.59 -7.47
C6 ANP B . 0.57 9.71 -6.47
N6 ANP B . 0.03 10.12 -5.33
N1 ANP B . 0.76 8.40 -6.69
C2 ANP B . 1.34 7.97 -7.81
N3 ANP B . 1.78 8.72 -8.83
C4 ANP B . 1.56 10.03 -8.59
HOG3 ANP B . 9.13 5.81 -7.39
HNB1 ANP B . 7.24 7.98 -4.98
H5'1 ANP B . 4.03 12.24 -8.37
H5'2 ANP B . 4.97 13.62 -8.99
H4' ANP B . 5.67 11.88 -10.87
H3' ANP B . 3.66 13.88 -10.65
HO3' ANP B . 3.87 13.50 -13.10
H2' ANP B . 1.77 12.86 -11.18
HO2' ANP B . 2.53 12.80 -13.37
H1' ANP B . 2.28 10.16 -11.27
H8 ANP B . 1.60 13.17 -9.14
HN61 ANP B . -0.10 11.11 -5.16
HN62 ANP B . -0.26 9.44 -4.65
H2 ANP B . 1.46 6.89 -7.93
N THR A 1 21.17 -12.03 9.42
CA THR A 1 19.93 -11.27 9.06
C THR A 1 19.00 -11.18 10.27
N GLY A 2 18.70 -12.30 10.88
CA GLY A 2 17.80 -12.28 12.07
C GLY A 2 16.49 -13.02 11.72
N GLN A 3 15.62 -13.16 12.67
CA GLN A 3 14.33 -13.86 12.40
C GLN A 3 13.40 -12.96 11.58
N GLU A 4 13.43 -13.10 10.28
CA GLU A 4 12.54 -12.24 9.44
C GLU A 4 11.46 -13.09 8.77
N MET A 5 10.35 -13.28 9.43
CA MET A 5 9.24 -14.11 8.82
C MET A 5 8.32 -13.18 8.01
N PRO A 6 8.41 -13.29 6.71
CA PRO A 6 7.59 -12.46 5.83
C PRO A 6 6.36 -13.23 5.35
N MET A 7 5.58 -12.59 4.50
CA MET A 7 4.34 -13.23 3.97
C MET A 7 3.77 -14.23 4.95
N GLU A 8 2.90 -13.79 5.77
CA GLU A 8 2.27 -14.66 6.78
C GLU A 8 1.04 -13.96 7.33
N MET A 9 0.58 -14.34 8.48
CA MET A 9 -0.63 -13.67 9.03
C MET A 9 -0.22 -12.46 9.86
N ALA A 10 -0.80 -11.32 9.57
CA ALA A 10 -0.43 -10.10 10.34
C ALA A 10 -1.63 -9.16 10.47
N ASP A 11 -1.54 -8.23 11.38
CA ASP A 11 -2.65 -7.26 11.58
C ASP A 11 -2.33 -5.95 10.88
N LEU A 12 -3.09 -5.58 9.90
CA LEU A 12 -2.83 -4.30 9.18
C LEU A 12 -2.92 -3.14 10.17
N ASN A 13 -3.68 -3.27 11.21
CA ASN A 13 -3.80 -2.16 12.19
C ASN A 13 -2.56 -2.14 13.06
N ALA A 14 -1.89 -3.24 13.14
CA ALA A 14 -0.65 -3.32 13.95
C ALA A 14 0.54 -2.85 13.13
N VAL A 15 0.49 -3.06 11.85
CA VAL A 15 1.62 -2.63 10.97
C VAL A 15 1.50 -1.14 10.69
N LEU A 16 0.29 -0.65 10.58
CA LEU A 16 0.10 0.80 10.31
C LEU A 16 0.26 1.60 11.60
N GLY A 17 0.00 0.99 12.73
CA GLY A 17 0.15 1.74 14.01
C GLY A 17 1.62 2.10 14.20
N GLU A 18 2.52 1.26 13.77
CA GLU A 18 3.97 1.56 13.92
C GLU A 18 4.43 2.46 12.79
N VAL A 19 3.85 2.31 11.63
CA VAL A 19 4.25 3.15 10.48
C VAL A 19 3.67 4.54 10.67
N ILE A 20 2.66 4.65 11.48
CA ILE A 20 2.04 5.96 11.71
C ILE A 20 2.85 6.71 12.75
N ALA A 21 3.20 6.06 13.81
CA ALA A 21 3.99 6.73 14.87
C ALA A 21 5.40 6.95 14.38
N ALA A 22 5.78 6.24 13.35
CA ALA A 22 7.15 6.40 12.80
C ALA A 22 7.19 7.48 11.73
N GLU A 23 6.35 7.36 10.74
CA GLU A 23 6.34 8.36 9.65
C GLU A 23 5.19 9.36 9.83
N SER A 24 4.87 9.70 11.05
CA SER A 24 3.76 10.68 11.27
C SER A 24 4.28 12.11 11.21
N GLY A 25 5.28 12.35 10.41
CA GLY A 25 5.82 13.74 10.32
C GLY A 25 5.96 14.27 11.73
N TYR A 26 6.27 13.40 12.65
CA TYR A 26 6.43 13.79 14.07
C TYR A 26 5.11 14.35 14.61
N GLU A 27 4.03 13.61 14.44
CA GLU A 27 2.71 14.08 14.93
C GLU A 27 2.35 15.40 14.29
N ARG A 28 2.70 15.57 13.06
CA ARG A 28 2.39 16.83 12.36
C ARG A 28 0.90 16.91 12.13
N GLU A 29 0.41 16.16 11.23
CA GLU A 29 -1.06 16.20 10.96
C GLU A 29 -1.51 14.94 10.22
N ILE A 30 -1.72 13.87 10.94
CA ILE A 30 -2.17 12.61 10.28
C ILE A 30 -3.49 12.14 10.90
N GLU A 31 -4.36 11.61 10.08
CA GLU A 31 -5.67 11.13 10.61
C GLU A 31 -5.71 9.60 10.54
N THR A 32 -5.55 8.95 11.65
CA THR A 32 -5.57 7.46 11.66
C THR A 32 -6.99 6.93 11.89
N ALA A 33 -7.45 6.12 10.98
CA ALA A 33 -8.82 5.55 11.12
C ALA A 33 -8.81 4.12 10.57
N LEU A 34 -8.32 3.20 11.34
CA LEU A 34 -8.28 1.78 10.87
C LEU A 34 -9.54 1.03 11.28
N TYR A 35 -9.90 0.03 10.53
CA TYR A 35 -11.12 -0.76 10.86
C TYR A 35 -11.20 -1.00 12.36
N PRO A 36 -12.38 -0.82 12.90
CA PRO A 36 -12.58 -1.03 14.34
C PRO A 36 -12.81 -2.50 14.64
N GLY A 37 -11.89 -3.35 14.26
CA GLY A 37 -12.06 -4.80 14.53
C GLY A 37 -10.74 -5.55 14.29
N SER A 38 -9.62 -4.87 14.32
CA SER A 38 -8.34 -5.55 14.10
C SER A 38 -8.35 -6.27 12.76
N ILE A 39 -7.57 -5.80 11.83
CA ILE A 39 -7.54 -6.47 10.49
C ILE A 39 -6.89 -7.83 10.62
N GLU A 40 -6.76 -8.53 9.54
CA GLU A 40 -6.13 -9.87 9.57
C GLU A 40 -6.00 -10.44 8.17
N VAL A 41 -4.83 -10.37 7.63
CA VAL A 41 -4.61 -10.91 6.25
C VAL A 41 -3.25 -11.55 6.14
N LYS A 42 -2.97 -12.16 5.04
CA LYS A 42 -1.66 -12.80 4.86
C LYS A 42 -0.75 -11.81 4.14
N MET A 43 0.00 -11.04 4.87
CA MET A 43 0.89 -10.05 4.22
C MET A 43 2.29 -10.02 4.86
N HIS A 44 3.22 -9.41 4.16
CA HIS A 44 4.62 -9.31 4.66
C HIS A 44 4.70 -8.04 5.52
N PRO A 45 4.97 -8.22 6.78
CA PRO A 45 5.07 -7.07 7.72
C PRO A 45 6.21 -6.11 7.35
N LEU A 46 7.26 -6.59 6.75
CA LEU A 46 8.37 -5.67 6.39
C LEU A 46 8.07 -4.95 5.06
N SER A 47 7.69 -5.67 4.06
CA SER A 47 7.38 -5.01 2.75
C SER A 47 6.25 -4.01 2.93
N ILE A 48 5.24 -4.38 3.66
CA ILE A 48 4.09 -3.44 3.88
C ILE A 48 4.57 -2.22 4.67
N LYS A 49 5.30 -2.42 5.74
CA LYS A 49 5.78 -1.25 6.52
C LYS A 49 6.45 -0.29 5.55
N ARG A 50 7.06 -0.83 4.55
CA ARG A 50 7.75 0.00 3.53
C ARG A 50 6.73 0.61 2.57
N ALA A 51 5.68 -0.11 2.28
CA ALA A 51 4.64 0.41 1.35
C ALA A 51 3.90 1.60 1.98
N VAL A 52 3.80 1.62 3.29
CA VAL A 52 3.09 2.75 3.97
C VAL A 52 4.08 3.87 4.30
N ALA A 53 5.34 3.55 4.46
CA ALA A 53 6.34 4.60 4.78
C ALA A 53 6.81 5.32 3.52
N ASN A 54 6.63 4.70 2.38
CA ASN A 54 7.07 5.35 1.11
C ASN A 54 6.00 6.32 0.60
N MET A 55 4.77 6.16 1.03
CA MET A 55 3.69 7.09 0.56
C MET A 55 3.56 8.30 1.50
N VAL A 56 3.44 8.07 2.77
CA VAL A 56 3.29 9.22 3.73
C VAL A 56 4.59 10.03 3.82
N VAL A 57 5.70 9.48 3.43
CA VAL A 57 6.98 10.25 3.50
C VAL A 57 6.91 11.51 2.62
N ASN A 58 6.32 11.41 1.46
CA ASN A 58 6.22 12.60 0.56
C ASN A 58 5.38 13.70 1.20
N ALA A 59 4.22 13.37 1.69
CA ALA A 59 3.35 14.41 2.33
C ALA A 59 3.92 14.82 3.69
N ALA A 60 4.76 14.01 4.27
CA ALA A 60 5.34 14.35 5.60
C ALA A 60 6.27 15.57 5.47
N ARG A 61 7.42 15.39 4.89
CA ARG A 61 8.38 16.52 4.73
C ARG A 61 7.70 17.69 3.99
N TYR A 62 7.11 17.41 2.86
CA TYR A 62 6.43 18.51 2.09
C TYR A 62 5.15 18.95 2.82
N GLY A 63 4.22 18.05 3.02
CA GLY A 63 2.96 18.41 3.71
C GLY A 63 2.14 19.35 2.82
N ASN A 64 2.13 20.61 3.14
CA ASN A 64 1.35 21.58 2.32
C ASN A 64 -0.11 21.14 2.21
N GLY A 65 -0.54 20.25 3.07
CA GLY A 65 -1.96 19.78 3.02
C GLY A 65 -2.30 18.99 4.29
N TRP A 66 -2.24 17.68 4.21
CA TRP A 66 -2.58 16.86 5.41
C TRP A 66 -2.43 15.36 5.08
N ILE A 67 -2.05 14.56 6.04
CA ILE A 67 -1.89 13.11 5.79
C ILE A 67 -3.04 12.33 6.44
N LYS A 68 -3.30 11.13 5.98
CA LYS A 68 -4.40 10.33 6.57
C LYS A 68 -4.10 8.83 6.49
N VAL A 69 -3.89 8.20 7.60
CA VAL A 69 -3.59 6.74 7.58
C VAL A 69 -4.84 5.97 7.99
N SER A 70 -5.67 5.63 7.05
CA SER A 70 -6.91 4.87 7.40
C SER A 70 -6.89 3.48 6.78
N SER A 71 -7.54 2.54 7.41
CA SER A 71 -7.59 1.16 6.88
C SER A 71 -8.99 0.56 7.07
N GLY A 72 -9.29 -0.49 6.39
CA GLY A 72 -10.63 -1.12 6.52
C GLY A 72 -10.52 -2.59 6.13
N THR A 73 -11.62 -3.25 5.89
CA THR A 73 -11.52 -4.69 5.51
C THR A 73 -12.88 -5.28 5.17
N GLU A 74 -12.88 -6.14 4.21
CA GLU A 74 -14.14 -6.81 3.77
C GLU A 74 -14.11 -8.30 4.21
N PRO A 75 -15.19 -8.99 3.97
CA PRO A 75 -15.25 -10.42 4.35
C PRO A 75 -14.24 -11.25 3.52
N ASN A 76 -13.39 -12.00 4.19
CA ASN A 76 -12.37 -12.84 3.45
C ASN A 76 -11.44 -11.94 2.64
N ARG A 77 -11.36 -10.71 3.01
CA ARG A 77 -10.47 -9.73 2.29
C ARG A 77 -10.26 -8.50 3.15
N ALA A 78 -9.11 -7.92 3.10
CA ALA A 78 -8.85 -6.71 3.94
C ALA A 78 -7.98 -5.73 3.14
N TRP A 79 -8.09 -4.46 3.40
CA TRP A 79 -7.26 -3.50 2.63
C TRP A 79 -6.99 -2.25 3.45
N PHE A 80 -6.11 -1.41 2.98
CA PHE A 80 -5.79 -0.16 3.73
C PHE A 80 -5.65 1.01 2.75
N GLN A 81 -6.31 2.10 3.02
CA GLN A 81 -6.21 3.27 2.10
C GLN A 81 -5.56 4.48 2.80
N VAL A 82 -4.90 5.30 2.04
CA VAL A 82 -4.24 6.50 2.63
C VAL A 82 -4.68 7.75 1.86
N GLU A 83 -4.84 8.85 2.54
CA GLU A 83 -5.27 10.09 1.82
C GLU A 83 -4.30 11.23 2.12
N ASP A 84 -4.07 12.09 1.16
CA ASP A 84 -3.14 13.22 1.40
C ASP A 84 -3.44 14.37 0.44
N ASP A 85 -3.31 15.58 0.88
CA ASP A 85 -3.59 16.75 0.01
C ASP A 85 -2.29 17.30 -0.58
N GLY A 86 -1.60 16.52 -1.38
CA GLY A 86 -0.33 17.00 -1.97
C GLY A 86 -0.62 17.75 -3.27
N PRO A 87 0.31 17.65 -4.19
CA PRO A 87 0.15 18.34 -5.50
C PRO A 87 -0.94 17.66 -6.34
N GLY A 88 -0.98 16.35 -6.32
CA GLY A 88 -2.01 15.63 -7.12
C GLY A 88 -1.36 15.05 -8.38
N ILE A 89 -2.13 14.46 -9.24
CA ILE A 89 -1.54 13.89 -10.49
C ILE A 89 -1.72 14.85 -11.66
N ALA A 90 -1.19 14.51 -12.80
CA ALA A 90 -1.33 15.40 -13.99
C ALA A 90 -2.26 14.75 -15.01
N PRO A 91 -2.69 15.54 -15.95
CA PRO A 91 -3.60 15.02 -17.00
C PRO A 91 -2.85 14.08 -17.94
N GLU A 92 -1.71 14.50 -18.42
CA GLU A 92 -0.93 13.62 -19.33
C GLU A 92 0.04 12.73 -18.52
N GLN A 93 0.32 13.10 -17.31
CA GLN A 93 1.25 12.28 -16.47
C GLN A 93 0.50 11.11 -15.80
N ARG A 94 -0.81 11.21 -15.71
CA ARG A 94 -1.58 10.10 -15.06
C ARG A 94 -1.04 8.74 -15.54
N LYS A 95 -0.68 8.64 -16.78
CA LYS A 95 -0.13 7.35 -17.31
C LYS A 95 1.38 7.28 -17.13
N HIS A 96 2.03 8.41 -17.12
CA HIS A 96 3.52 8.42 -16.94
C HIS A 96 3.93 7.60 -15.71
N LEU A 97 3.01 7.34 -14.81
CA LEU A 97 3.36 6.54 -13.58
C LEU A 97 3.23 5.05 -13.86
N PHE A 98 3.32 4.66 -15.09
CA PHE A 98 3.20 3.22 -15.43
C PHE A 98 3.81 2.95 -16.81
N GLN A 99 4.87 3.65 -17.15
CA GLN A 99 5.51 3.43 -18.47
C GLN A 99 6.81 2.64 -18.31
N PRO A 100 6.99 1.69 -19.19
CA PRO A 100 8.21 0.84 -19.16
C PRO A 100 9.41 1.65 -19.67
N PHE A 101 10.58 1.38 -19.15
CA PHE A 101 11.79 2.13 -19.63
C PHE A 101 13.06 1.54 -19.02
N VAL A 102 13.84 0.86 -19.82
CA VAL A 102 15.10 0.26 -19.29
C VAL A 102 16.23 0.47 -20.30
N ARG A 103 17.45 0.19 -19.91
CA ARG A 103 18.58 0.39 -20.86
C ARG A 103 18.44 1.74 -21.57
N GLY A 104 19.01 2.77 -21.01
CA GLY A 104 18.91 4.11 -21.67
C GLY A 104 18.96 5.20 -20.59
N ASP A 105 20.01 5.24 -19.82
CA ASP A 105 20.12 6.28 -18.76
C ASP A 105 21.58 6.71 -18.59
N SER A 106 21.81 7.99 -18.41
CA SER A 106 23.21 8.48 -18.25
C SER A 106 23.21 9.81 -17.49
N ALA A 107 22.28 10.68 -17.81
CA ALA A 107 22.23 12.00 -17.11
C ALA A 107 21.02 12.04 -16.16
N ARG A 108 19.89 12.49 -16.63
CA ARG A 108 18.69 12.55 -15.75
C ARG A 108 18.06 11.16 -15.61
N THR A 109 17.48 10.87 -14.48
CA THR A 109 16.85 9.52 -14.28
C THR A 109 15.84 9.56 -13.14
N ILE A 110 14.63 9.12 -13.38
CA ILE A 110 13.60 9.14 -12.30
C ILE A 110 13.71 7.87 -11.43
N SER A 111 14.16 6.80 -12.01
CA SER A 111 14.29 5.54 -11.22
C SER A 111 15.77 5.19 -11.01
N GLY A 112 16.14 4.80 -9.81
CA GLY A 112 17.56 4.44 -9.56
C GLY A 112 18.10 5.27 -8.38
N THR A 113 18.18 4.68 -7.22
CA THR A 113 18.69 5.43 -6.03
C THR A 113 19.75 4.60 -5.30
N GLY A 114 20.23 3.56 -5.93
CA GLY A 114 21.26 2.70 -5.27
C GLY A 114 21.38 1.38 -6.05
N LEU A 115 21.08 0.28 -5.41
CA LEU A 115 21.18 -1.03 -6.12
C LEU A 115 19.85 -1.36 -6.80
N GLY A 116 18.86 -1.73 -6.04
CA GLY A 116 17.53 -2.05 -6.63
C GLY A 116 16.46 -2.07 -5.53
N LEU A 117 16.34 -0.98 -4.81
CA LEU A 117 15.32 -0.92 -3.72
C LEU A 117 13.96 -1.40 -4.24
N ALA A 118 13.02 -1.59 -3.34
CA ALA A 118 11.66 -2.05 -3.77
C ALA A 118 10.67 -0.88 -3.67
N ILE A 119 9.56 -0.97 -4.36
CA ILE A 119 8.57 0.14 -4.30
C ILE A 119 7.17 -0.42 -4.00
N VAL A 120 6.23 0.44 -3.71
CA VAL A 120 4.85 -0.04 -3.42
C VAL A 120 4.39 -1.02 -4.49
N GLN A 121 4.97 -0.95 -5.65
CA GLN A 121 4.57 -1.89 -6.74
C GLN A 121 4.85 -3.33 -6.34
N ARG A 122 6.08 -3.65 -6.00
CA ARG A 122 6.41 -5.05 -5.60
C ARG A 122 5.58 -5.49 -4.41
N ILE A 123 5.24 -4.58 -3.53
CA ILE A 123 4.42 -4.97 -2.36
C ILE A 123 3.04 -5.47 -2.84
N VAL A 124 2.32 -4.65 -3.54
CA VAL A 124 0.98 -5.07 -4.04
C VAL A 124 1.12 -6.20 -5.05
N ASP A 125 2.27 -6.34 -5.65
CA ASP A 125 2.47 -7.43 -6.65
C ASP A 125 2.79 -8.72 -5.93
N ASN A 126 3.34 -8.63 -4.75
CA ASN A 126 3.69 -9.85 -3.98
C ASN A 126 2.46 -10.29 -3.20
N HIS A 127 1.51 -9.41 -3.02
CA HIS A 127 0.28 -9.77 -2.26
C HIS A 127 -0.79 -10.25 -3.23
N ASN A 128 -0.92 -9.60 -4.36
CA ASN A 128 -1.95 -9.99 -5.38
C ASN A 128 -3.31 -9.46 -4.98
N GLY A 129 -3.34 -8.30 -4.41
CA GLY A 129 -4.64 -7.70 -3.98
C GLY A 129 -5.06 -6.66 -5.00
N MET A 130 -4.67 -5.45 -4.78
CA MET A 130 -5.05 -4.39 -5.74
C MET A 130 -4.37 -3.07 -5.42
N LEU A 131 -4.35 -2.17 -6.35
CA LEU A 131 -3.71 -0.86 -6.13
C LEU A 131 -4.41 0.19 -6.99
N GLU A 132 -5.32 0.94 -6.43
CA GLU A 132 -6.03 1.98 -7.25
C GLU A 132 -5.74 3.39 -6.72
N LEU A 133 -5.80 4.37 -7.60
CA LEU A 133 -5.54 5.77 -7.18
C LEU A 133 -6.64 6.68 -7.74
N GLY A 134 -7.34 7.36 -6.89
CA GLY A 134 -8.43 8.26 -7.38
C GLY A 134 -8.46 9.53 -6.54
N THR A 135 -8.52 10.67 -7.19
CA THR A 135 -8.55 11.94 -6.41
C THR A 135 -9.71 12.82 -6.88
N SER A 136 -10.19 13.70 -6.03
CA SER A 136 -11.31 14.58 -6.42
C SER A 136 -10.77 15.82 -7.14
N GLU A 137 -11.05 15.94 -8.41
CA GLU A 137 -10.54 17.12 -9.18
C GLU A 137 -9.02 17.26 -9.00
N ARG A 138 -8.30 16.18 -9.18
CA ARG A 138 -6.82 16.24 -9.02
C ARG A 138 -6.47 17.02 -7.75
N GLY A 139 -7.12 16.71 -6.67
CA GLY A 139 -6.82 17.41 -5.39
C GLY A 139 -6.94 16.43 -4.23
N GLY A 140 -8.12 15.95 -3.97
CA GLY A 140 -8.28 14.97 -2.83
C GLY A 140 -7.80 13.60 -3.28
N LEU A 141 -6.51 13.38 -3.33
CA LEU A 141 -5.99 12.05 -3.77
C LEU A 141 -6.12 10.99 -2.67
N SER A 142 -6.56 9.81 -3.04
CA SER A 142 -6.73 8.73 -2.05
C SER A 142 -6.40 7.38 -2.70
N ILE A 143 -5.36 6.73 -2.26
CA ILE A 143 -4.99 5.42 -2.86
C ILE A 143 -5.58 4.28 -2.04
N ARG A 144 -6.21 3.33 -2.69
CA ARG A 144 -6.81 2.19 -1.95
C ARG A 144 -6.05 0.89 -2.27
N ALA A 145 -5.22 0.44 -1.36
CA ALA A 145 -4.46 -0.81 -1.60
C ALA A 145 -5.25 -2.01 -1.04
N TRP A 146 -5.42 -3.05 -1.81
CA TRP A 146 -6.20 -4.24 -1.28
C TRP A 146 -5.28 -5.44 -0.98
N LEU A 147 -5.75 -6.32 -0.11
CA LEU A 147 -4.98 -7.54 0.27
C LEU A 147 -5.99 -8.70 0.45
N PRO A 148 -5.88 -9.68 -0.40
CA PRO A 148 -6.80 -10.83 -0.33
C PRO A 148 -6.39 -11.83 0.76
N VAL A 149 -7.33 -12.20 1.59
CA VAL A 149 -7.01 -13.16 2.69
C VAL A 149 -7.69 -14.52 2.41
N PRO A 150 -7.19 -15.18 1.40
CA PRO A 150 -7.74 -16.51 1.02
C PRO A 150 -7.30 -17.57 2.00
N VAL A 151 -7.55 -18.79 1.67
CA VAL A 151 -7.17 -19.89 2.55
C VAL A 151 -6.66 -21.10 1.73
N THR A 152 -6.10 -20.85 0.59
CA THR A 152 -5.60 -21.99 -0.24
C THR A 152 -4.69 -22.90 0.59
N ARG A 153 -5.13 -24.11 0.86
CA ARG A 153 -4.30 -25.05 1.67
C ARG A 153 -3.92 -26.27 0.82
N ALA A 154 -4.88 -26.88 0.18
CA ALA A 154 -4.58 -28.07 -0.68
C ALA A 154 -4.70 -27.72 -2.16
N GLN A 155 -3.64 -27.88 -2.91
CA GLN A 155 -3.70 -27.55 -4.37
C GLN A 155 -2.52 -28.20 -5.10
N GLY A 156 -2.37 -27.93 -6.37
CA GLY A 156 -1.24 -28.53 -7.13
C GLY A 156 -1.18 -27.93 -8.54
N THR A 157 -2.20 -28.13 -9.33
CA THR A 157 -2.19 -27.57 -10.70
C THR A 157 -3.62 -27.27 -11.16
N THR A 158 -3.96 -26.02 -11.28
CA THR A 158 -5.34 -25.66 -11.72
C THR A 158 -5.75 -26.50 -12.93
N LYS A 159 -7.00 -26.45 -13.31
CA LYS A 159 -7.45 -27.26 -14.48
C LYS A 159 -7.00 -26.59 -15.78
N GLU A 160 -7.79 -25.68 -16.29
CA GLU A 160 -7.40 -24.99 -17.56
C GLU A 160 -7.98 -23.58 -17.58
N GLY A 161 -7.21 -22.62 -18.03
CA GLY A 161 -7.71 -21.22 -18.08
C GLY A 161 -7.58 -20.58 -16.70
PG ANP B . 9.34 10.93 -4.37
O1G ANP B . 9.61 12.04 -5.30
O2G ANP B . 8.29 11.14 -3.35
O3G ANP B . 10.71 10.71 -3.55
PB ANP B . 8.12 9.87 -6.48
O1B ANP B . 8.77 10.87 -7.37
O2B ANP B . 7.68 8.61 -7.11
N3B ANP B . 9.06 9.56 -5.20
PA ANP B . 5.40 9.94 -5.42
O1A ANP B . 5.69 8.59 -4.92
O2A ANP B . 4.73 10.94 -4.55
O3A ANP B . 6.78 10.58 -5.94
O5' ANP B . 4.55 9.81 -6.79
C5' ANP B . 3.86 10.94 -7.34
C4' ANP B . 3.54 10.74 -8.81
O4' ANP B . 2.36 9.94 -8.93
C3' ANP B . 3.24 12.07 -9.49
O3' ANP B . 4.00 12.22 -10.69
C2' ANP B . 1.78 12.04 -9.78
O2' ANP B . 1.56 11.92 -11.18
C1' ANP B . 1.27 10.83 -9.03
N9 ANP B . 0.80 11.16 -7.66
C8 ANP B . 0.77 12.35 -7.00
N7 ANP B . 0.44 12.34 -5.77
C5 ANP B . 0.22 10.98 -5.54
C6 ANP B . -0.16 10.25 -4.40
N6 ANP B . -0.40 10.82 -3.22
N1 ANP B . -0.28 8.91 -4.53
C2 ANP B . -0.05 8.33 -5.72
N3 ANP B . 0.32 8.92 -6.85
C4 ANP B . 0.44 10.24 -6.69
HOG3 ANP B . 11.43 10.89 -4.16
HNB1 ANP B . 8.59 8.89 -4.60
H5'1 ANP B . 2.93 11.09 -6.79
H5'2 ANP B . 4.50 11.81 -7.23
H4' ANP B . 4.35 10.25 -9.31
H3' ANP B . 3.46 12.90 -8.80
HO3' ANP B . 4.93 12.17 -10.46
H2' ANP B . 1.32 12.94 -9.42
HO2' ANP B . 2.41 11.69 -11.57
H1' ANP B . 0.48 10.37 -9.58
H8 ANP B . 1.06 13.27 -7.49
HN61 ANP B . -0.32 11.82 -3.11
HN62 ANP B . -0.68 10.26 -2.43
H2 ANP B . -0.16 7.25 -5.75
N THR A 1 14.31 -10.88 -2.35
CA THR A 1 13.66 -10.91 -3.70
C THR A 1 13.97 -12.23 -4.40
N GLY A 2 13.44 -13.31 -3.91
CA GLY A 2 13.70 -14.63 -4.55
C GLY A 2 12.51 -15.56 -4.33
N GLN A 3 12.74 -16.84 -4.27
CA GLN A 3 11.61 -17.79 -4.06
C GLN A 3 11.22 -17.85 -2.57
N GLU A 4 11.80 -16.99 -1.77
CA GLU A 4 11.46 -17.00 -0.32
C GLU A 4 10.42 -15.91 0.00
N MET A 5 9.16 -16.26 -0.03
CA MET A 5 8.09 -15.26 0.25
C MET A 5 7.53 -15.50 1.67
N PRO A 6 7.84 -14.58 2.55
CA PRO A 6 7.36 -14.69 3.94
C PRO A 6 5.96 -14.13 4.08
N MET A 7 5.08 -14.53 3.23
CA MET A 7 3.70 -14.03 3.32
C MET A 7 2.94 -14.86 4.35
N GLU A 8 2.67 -14.29 5.47
CA GLU A 8 1.94 -15.02 6.54
C GLU A 8 0.75 -14.20 7.01
N MET A 9 0.22 -14.50 8.17
CA MET A 9 -0.94 -13.73 8.67
C MET A 9 -0.47 -12.53 9.47
N ALA A 10 -1.02 -11.38 9.21
CA ALA A 10 -0.60 -10.16 9.96
C ALA A 10 -1.76 -9.17 10.11
N ASP A 11 -1.63 -8.26 11.06
CA ASP A 11 -2.70 -7.24 11.28
C ASP A 11 -2.42 -6.00 10.44
N LEU A 12 -3.32 -5.61 9.58
CA LEU A 12 -3.08 -4.41 8.75
C LEU A 12 -3.20 -3.16 9.62
N ASN A 13 -3.86 -3.26 10.72
CA ASN A 13 -4.01 -2.07 11.60
C ASN A 13 -2.77 -1.95 12.49
N ALA A 14 -2.10 -3.04 12.70
CA ALA A 14 -0.87 -3.01 13.54
C ALA A 14 0.32 -2.58 12.70
N VAL A 15 0.31 -2.91 11.44
CA VAL A 15 1.44 -2.52 10.57
C VAL A 15 1.31 -1.05 10.18
N LEU A 16 0.11 -0.59 9.98
CA LEU A 16 -0.10 0.83 9.60
C LEU A 16 0.08 1.76 10.80
N GLY A 17 -0.20 1.29 11.99
CA GLY A 17 -0.05 2.16 13.19
C GLY A 17 1.44 2.48 13.39
N GLU A 18 2.30 1.52 13.18
CA GLU A 18 3.76 1.77 13.37
C GLU A 18 4.29 2.57 12.20
N VAL A 19 3.73 2.36 11.04
CA VAL A 19 4.20 3.09 9.85
C VAL A 19 3.62 4.51 9.87
N ILE A 20 2.57 4.70 10.61
CA ILE A 20 1.95 6.03 10.69
C ILE A 20 2.89 6.92 11.48
N ALA A 21 3.29 6.45 12.61
CA ALA A 21 4.21 7.24 13.46
C ALA A 21 5.60 7.22 12.82
N ALA A 22 5.81 6.34 11.89
CA ALA A 22 7.11 6.23 11.20
C ALA A 22 7.46 7.50 10.46
N GLU A 23 6.69 7.86 9.47
CA GLU A 23 7.03 9.09 8.74
C GLU A 23 5.78 9.88 8.30
N SER A 24 4.79 9.96 9.11
CA SER A 24 3.58 10.73 8.69
C SER A 24 3.78 12.21 9.04
N GLY A 25 4.96 12.57 9.41
CA GLY A 25 5.25 13.98 9.77
C GLY A 25 5.51 14.06 11.26
N TYR A 26 6.27 13.12 11.78
CA TYR A 26 6.57 13.12 13.24
C TYR A 26 5.27 13.02 14.05
N GLU A 27 4.35 12.20 13.62
CA GLU A 27 3.07 12.07 14.38
C GLU A 27 2.45 13.44 14.56
N ARG A 28 2.67 14.27 13.61
CA ARG A 28 2.14 15.64 13.64
C ARG A 28 0.63 15.63 13.47
N GLU A 29 0.18 15.54 12.28
CA GLU A 29 -1.29 15.54 12.04
C GLU A 29 -1.74 14.33 11.20
N ILE A 30 -1.72 13.16 11.77
CA ILE A 30 -2.14 11.94 11.00
C ILE A 30 -3.53 11.51 11.43
N GLU A 31 -4.46 11.42 10.53
CA GLU A 31 -5.82 10.99 10.94
C GLU A 31 -5.87 9.48 10.86
N THR A 32 -5.69 8.83 11.95
CA THR A 32 -5.72 7.34 11.95
C THR A 32 -7.12 6.80 12.17
N ALA A 33 -7.53 5.92 11.32
CA ALA A 33 -8.89 5.32 11.45
C ALA A 33 -8.85 3.90 10.88
N LEU A 34 -8.32 2.97 11.62
CA LEU A 34 -8.25 1.56 11.13
C LEU A 34 -9.43 0.75 11.65
N TYR A 35 -9.74 -0.33 10.99
CA TYR A 35 -10.87 -1.17 11.45
C TYR A 35 -10.67 -1.54 12.92
N PRO A 36 -11.55 -1.08 13.76
CA PRO A 36 -11.46 -1.37 15.21
C PRO A 36 -12.04 -2.76 15.50
N GLY A 37 -11.41 -3.78 14.99
CA GLY A 37 -11.91 -5.16 15.23
C GLY A 37 -10.80 -6.19 14.92
N SER A 38 -9.57 -5.76 14.95
CA SER A 38 -8.45 -6.69 14.65
C SER A 38 -8.57 -7.24 13.25
N ILE A 39 -7.74 -6.78 12.37
CA ILE A 39 -7.79 -7.26 10.96
C ILE A 39 -6.97 -8.54 10.83
N GLU A 40 -6.98 -9.15 9.68
CA GLU A 40 -6.20 -10.39 9.52
C GLU A 40 -6.13 -10.80 8.05
N VAL A 41 -4.98 -10.70 7.49
CA VAL A 41 -4.80 -11.08 6.04
C VAL A 41 -3.43 -11.67 5.84
N LYS A 42 -3.26 -12.38 4.78
CA LYS A 42 -1.93 -12.98 4.53
C LYS A 42 -1.04 -11.94 3.87
N MET A 43 -0.25 -11.25 4.65
CA MET A 43 0.63 -10.22 4.07
C MET A 43 2.01 -10.24 4.74
N HIS A 44 2.86 -9.35 4.34
CA HIS A 44 4.22 -9.28 4.93
C HIS A 44 4.35 -7.94 5.67
N PRO A 45 4.45 -8.02 6.98
CA PRO A 45 4.58 -6.80 7.78
C PRO A 45 5.82 -6.01 7.38
N LEU A 46 6.74 -6.66 6.73
CA LEU A 46 7.98 -5.95 6.29
C LEU A 46 7.70 -5.14 5.04
N SER A 47 7.37 -5.78 3.96
CA SER A 47 7.09 -5.05 2.69
C SER A 47 6.01 -3.98 2.93
N ILE A 48 4.92 -4.33 3.55
CA ILE A 48 3.85 -3.33 3.80
C ILE A 48 4.36 -2.23 4.73
N LYS A 49 5.26 -2.55 5.64
CA LYS A 49 5.79 -1.50 6.55
C LYS A 49 6.48 -0.40 5.74
N ARG A 50 7.46 -0.76 4.98
CA ARG A 50 8.19 0.25 4.16
C ARG A 50 7.29 0.77 3.03
N ALA A 51 6.27 0.03 2.67
CA ALA A 51 5.36 0.48 1.58
C ALA A 51 4.53 1.69 2.04
N VAL A 52 4.00 1.62 3.24
CA VAL A 52 3.18 2.76 3.75
C VAL A 52 4.09 3.87 4.28
N ALA A 53 5.30 3.55 4.63
CA ALA A 53 6.24 4.60 5.15
C ALA A 53 6.66 5.56 4.04
N ASN A 54 7.33 5.05 3.03
CA ASN A 54 7.77 5.95 1.92
C ASN A 54 6.57 6.63 1.25
N MET A 55 5.52 5.90 1.01
CA MET A 55 4.31 6.50 0.37
C MET A 55 3.78 7.69 1.19
N VAL A 56 4.14 7.77 2.44
CA VAL A 56 3.66 8.90 3.29
C VAL A 56 4.59 10.13 3.20
N VAL A 57 5.81 9.94 2.83
CA VAL A 57 6.75 11.10 2.73
C VAL A 57 6.31 12.08 1.64
N ASN A 58 5.49 11.63 0.73
CA ASN A 58 5.03 12.54 -0.37
C ASN A 58 4.14 13.68 0.18
N ALA A 59 3.25 13.38 1.09
CA ALA A 59 2.37 14.45 1.65
C ALA A 59 3.01 15.12 2.87
N ALA A 60 3.94 14.47 3.50
CA ALA A 60 4.58 15.09 4.70
C ALA A 60 5.80 15.94 4.29
N ARG A 61 6.85 15.32 3.85
CA ARG A 61 8.06 16.11 3.44
C ARG A 61 7.76 16.97 2.21
N TYR A 62 7.05 16.43 1.25
CA TYR A 62 6.73 17.23 0.04
C TYR A 62 5.42 18.01 0.23
N GLY A 63 4.48 17.44 0.93
CA GLY A 63 3.19 18.16 1.15
C GLY A 63 3.20 18.85 2.51
N ASN A 64 2.41 19.87 2.68
CA ASN A 64 2.37 20.58 3.99
C ASN A 64 0.94 20.99 4.31
N GLY A 65 0.02 20.07 4.30
CA GLY A 65 -1.39 20.42 4.61
C GLY A 65 -1.94 19.49 5.70
N TRP A 66 -1.95 18.20 5.45
CA TRP A 66 -2.47 17.25 6.48
C TRP A 66 -2.57 15.83 5.89
N ILE A 67 -2.41 14.81 6.70
CA ILE A 67 -2.50 13.42 6.18
C ILE A 67 -3.68 12.67 6.80
N LYS A 68 -4.06 11.58 6.22
CA LYS A 68 -5.21 10.80 6.77
C LYS A 68 -4.92 9.30 6.62
N VAL A 69 -4.45 8.68 7.67
CA VAL A 69 -4.16 7.22 7.58
C VAL A 69 -5.38 6.43 8.04
N SER A 70 -5.67 5.37 7.37
CA SER A 70 -6.85 4.55 7.78
C SER A 70 -6.78 3.13 7.23
N SER A 71 -7.64 2.27 7.69
CA SER A 71 -7.65 0.86 7.20
C SER A 71 -9.04 0.26 7.38
N GLY A 72 -9.41 -0.66 6.54
CA GLY A 72 -10.76 -1.30 6.66
C GLY A 72 -10.63 -2.80 6.40
N THR A 73 -11.73 -3.49 6.26
CA THR A 73 -11.63 -4.96 6.01
C THR A 73 -13.00 -5.60 5.83
N GLU A 74 -13.01 -6.80 5.33
CA GLU A 74 -14.30 -7.52 5.12
C GLU A 74 -14.20 -8.91 5.77
N PRO A 75 -15.21 -9.73 5.58
CA PRO A 75 -15.22 -11.08 6.16
C PRO A 75 -14.52 -12.07 5.23
N ASN A 76 -13.47 -11.63 4.57
CA ASN A 76 -12.71 -12.52 3.63
C ASN A 76 -11.88 -11.64 2.68
N ARG A 77 -11.35 -10.56 3.17
CA ARG A 77 -10.53 -9.66 2.31
C ARG A 77 -10.34 -8.31 3.01
N ALA A 78 -9.17 -8.06 3.56
CA ALA A 78 -8.94 -6.76 4.24
C ALA A 78 -8.09 -5.84 3.37
N TRP A 79 -8.17 -4.55 3.60
CA TRP A 79 -7.36 -3.62 2.77
C TRP A 79 -7.01 -2.37 3.57
N PHE A 80 -6.09 -1.58 3.09
CA PHE A 80 -5.71 -0.35 3.84
C PHE A 80 -5.64 0.83 2.86
N GLN A 81 -5.97 2.01 3.31
CA GLN A 81 -5.92 3.18 2.40
C GLN A 81 -5.34 4.42 3.10
N VAL A 82 -4.80 5.34 2.33
CA VAL A 82 -4.22 6.58 2.91
C VAL A 82 -4.57 7.76 2.01
N GLU A 83 -4.81 8.91 2.56
CA GLU A 83 -5.16 10.10 1.72
C GLU A 83 -4.54 11.36 2.29
N ASP A 84 -4.17 12.30 1.46
CA ASP A 84 -3.55 13.54 2.00
C ASP A 84 -3.61 14.68 0.99
N ASP A 85 -3.30 15.87 1.41
CA ASP A 85 -3.33 17.03 0.47
C ASP A 85 -2.07 17.05 -0.40
N GLY A 86 -2.06 17.82 -1.44
CA GLY A 86 -0.86 17.87 -2.32
C GLY A 86 -1.27 17.55 -3.76
N PRO A 87 -0.30 17.25 -4.56
CA PRO A 87 -0.56 16.92 -5.99
C PRO A 87 -1.18 15.53 -6.11
N GLY A 88 -2.30 15.41 -6.78
CA GLY A 88 -2.96 14.08 -6.95
C GLY A 88 -2.51 13.45 -8.27
N ILE A 89 -3.13 12.38 -8.68
CA ILE A 89 -2.72 11.73 -9.96
C ILE A 89 -3.25 12.53 -11.15
N ALA A 90 -3.11 12.01 -12.34
CA ALA A 90 -3.61 12.75 -13.54
C ALA A 90 -3.89 11.76 -14.67
N PRO A 91 -4.68 12.21 -15.60
CA PRO A 91 -5.04 11.37 -16.76
C PRO A 91 -3.84 11.22 -17.70
N GLU A 92 -3.08 12.26 -17.87
CA GLU A 92 -1.90 12.18 -18.78
C GLU A 92 -0.66 11.74 -18.00
N GLN A 93 -0.67 11.90 -16.70
CA GLN A 93 0.51 11.50 -15.88
C GLN A 93 0.53 9.98 -15.69
N ARG A 94 -0.61 9.34 -15.81
CA ARG A 94 -0.65 7.86 -15.64
C ARG A 94 0.39 7.19 -16.55
N LYS A 95 0.74 7.82 -17.64
CA LYS A 95 1.75 7.21 -18.56
C LYS A 95 3.16 7.44 -18.03
N HIS A 96 3.38 8.54 -17.36
CA HIS A 96 4.74 8.82 -16.80
C HIS A 96 5.15 7.70 -15.84
N LEU A 97 4.54 7.66 -14.69
CA LEU A 97 4.88 6.60 -13.70
C LEU A 97 3.85 5.47 -13.74
N PHE A 98 3.55 4.95 -14.90
CA PHE A 98 2.55 3.86 -15.00
C PHE A 98 2.30 3.50 -16.47
N GLN A 99 3.28 2.93 -17.13
CA GLN A 99 3.10 2.56 -18.57
C GLN A 99 3.76 1.21 -18.87
N PRO A 100 3.03 0.35 -19.53
CA PRO A 100 3.56 -0.98 -19.88
C PRO A 100 4.40 -0.90 -21.17
N PHE A 101 5.33 0.01 -21.23
CA PHE A 101 6.17 0.14 -22.46
C PHE A 101 7.66 0.09 -22.09
N VAL A 102 8.47 -0.41 -22.98
CA VAL A 102 9.94 -0.50 -22.68
C VAL A 102 10.74 0.34 -23.69
N ARG A 103 12.02 0.50 -23.46
CA ARG A 103 12.86 1.30 -24.40
C ARG A 103 14.10 0.49 -24.79
N GLY A 104 14.87 0.05 -23.83
CA GLY A 104 16.09 -0.74 -24.15
C GLY A 104 17.24 -0.31 -23.24
N ASP A 105 18.33 0.12 -23.80
CA ASP A 105 19.50 0.55 -22.97
C ASP A 105 20.21 1.73 -23.63
N SER A 106 19.66 2.91 -23.52
CA SER A 106 20.31 4.10 -24.14
C SER A 106 20.49 5.22 -23.11
N ALA A 107 20.78 4.88 -21.88
CA ALA A 107 20.95 5.92 -20.84
C ALA A 107 22.00 6.95 -21.28
N ARG A 108 21.92 8.15 -20.77
CA ARG A 108 22.91 9.19 -21.17
C ARG A 108 24.10 9.21 -20.19
N THR A 109 25.07 8.36 -20.40
CA THR A 109 26.25 8.32 -19.48
C THR A 109 25.81 8.02 -18.05
N ILE A 110 26.47 7.12 -17.38
CA ILE A 110 26.09 6.79 -15.98
C ILE A 110 27.23 7.13 -15.02
N SER A 111 26.95 7.88 -13.99
CA SER A 111 28.01 8.24 -13.02
C SER A 111 27.90 7.37 -11.76
N GLY A 112 27.25 6.26 -11.85
CA GLY A 112 27.11 5.37 -10.67
C GLY A 112 25.75 5.62 -10.00
N THR A 113 24.73 5.83 -10.78
CA THR A 113 23.38 6.09 -10.20
C THR A 113 22.35 5.11 -10.78
N GLY A 114 21.44 4.63 -9.96
CA GLY A 114 20.42 3.68 -10.46
C GLY A 114 19.07 4.37 -10.54
N LEU A 115 18.57 4.85 -9.42
CA LEU A 115 17.25 5.54 -9.44
C LEU A 115 16.17 4.62 -10.02
N GLY A 116 16.01 3.46 -9.46
CA GLY A 116 14.98 2.52 -9.99
C GLY A 116 14.34 1.77 -8.83
N LEU A 117 13.11 2.07 -8.52
CA LEU A 117 12.43 1.37 -7.39
C LEU A 117 10.92 1.58 -7.47
N ALA A 118 10.16 0.53 -7.37
CA ALA A 118 8.68 0.66 -7.45
C ALA A 118 8.11 0.96 -6.05
N ILE A 119 8.77 0.47 -5.02
CA ILE A 119 8.27 0.71 -3.64
C ILE A 119 6.89 0.05 -3.41
N VAL A 120 5.91 0.81 -2.98
CA VAL A 120 4.55 0.22 -2.73
C VAL A 120 4.09 -0.66 -3.91
N GLN A 121 4.67 -0.50 -5.06
CA GLN A 121 4.25 -1.33 -6.23
C GLN A 121 4.43 -2.83 -5.95
N ARG A 122 5.65 -3.29 -5.80
CA ARG A 122 5.89 -4.74 -5.53
C ARG A 122 5.22 -5.19 -4.22
N ILE A 123 5.01 -4.31 -3.29
CA ILE A 123 4.37 -4.75 -2.01
C ILE A 123 2.94 -5.22 -2.31
N VAL A 124 2.12 -4.34 -2.80
CA VAL A 124 0.71 -4.73 -3.10
C VAL A 124 0.69 -5.75 -4.24
N ASP A 125 1.70 -5.74 -5.08
CA ASP A 125 1.74 -6.71 -6.21
C ASP A 125 2.17 -8.09 -5.70
N ASN A 126 2.87 -8.13 -4.60
CA ASN A 126 3.33 -9.44 -4.06
C ASN A 126 2.20 -10.07 -3.26
N HIS A 127 1.20 -9.30 -2.92
CA HIS A 127 0.06 -9.85 -2.13
C HIS A 127 -1.03 -10.35 -3.08
N ASN A 128 -1.14 -9.75 -4.25
CA ASN A 128 -2.18 -10.17 -5.25
C ASN A 128 -3.54 -9.56 -4.92
N GLY A 129 -3.56 -8.55 -4.10
CA GLY A 129 -4.84 -7.92 -3.74
C GLY A 129 -5.21 -6.89 -4.80
N MET A 130 -4.81 -5.68 -4.62
CA MET A 130 -5.15 -4.65 -5.63
C MET A 130 -4.48 -3.31 -5.30
N LEU A 131 -4.49 -2.41 -6.24
CA LEU A 131 -3.86 -1.08 -6.00
C LEU A 131 -4.57 -0.03 -6.85
N GLU A 132 -5.28 0.88 -6.24
CA GLU A 132 -5.99 1.92 -7.06
C GLU A 132 -5.59 3.34 -6.65
N LEU A 133 -5.30 4.17 -7.61
CA LEU A 133 -4.90 5.58 -7.31
C LEU A 133 -6.04 6.50 -7.74
N GLY A 134 -6.50 7.36 -6.87
CA GLY A 134 -7.61 8.27 -7.28
C GLY A 134 -7.36 9.69 -6.79
N THR A 135 -7.60 10.66 -7.63
CA THR A 135 -7.37 12.08 -7.22
C THR A 135 -8.65 12.64 -6.59
N SER A 136 -8.56 13.13 -5.39
CA SER A 136 -9.77 13.69 -4.74
C SER A 136 -9.94 15.15 -5.16
N GLU A 137 -11.17 15.58 -5.30
CA GLU A 137 -11.44 16.99 -5.71
C GLU A 137 -10.60 17.97 -4.87
N ARG A 138 -10.14 17.52 -3.73
CA ARG A 138 -9.32 18.42 -2.85
C ARG A 138 -8.07 18.94 -3.59
N GLY A 139 -7.81 18.45 -4.78
CA GLY A 139 -6.62 18.93 -5.52
C GLY A 139 -5.46 18.00 -5.21
N GLY A 140 -5.75 16.81 -4.77
CA GLY A 140 -4.66 15.83 -4.45
C GLY A 140 -5.14 14.42 -4.75
N LEU A 141 -4.86 13.47 -3.88
CA LEU A 141 -5.32 12.09 -4.14
C LEU A 141 -5.00 11.15 -2.97
N SER A 142 -5.28 9.89 -3.16
CA SER A 142 -5.04 8.88 -2.11
C SER A 142 -4.82 7.51 -2.76
N ILE A 143 -4.60 6.49 -1.99
CA ILE A 143 -4.38 5.16 -2.59
C ILE A 143 -5.16 4.09 -1.82
N ARG A 144 -5.84 3.21 -2.52
CA ARG A 144 -6.61 2.14 -1.84
C ARG A 144 -5.96 0.79 -2.14
N ALA A 145 -5.15 0.31 -1.23
CA ALA A 145 -4.48 -1.00 -1.46
C ALA A 145 -5.33 -2.15 -0.91
N TRP A 146 -5.52 -3.20 -1.67
CA TRP A 146 -6.34 -4.34 -1.18
C TRP A 146 -5.47 -5.54 -0.79
N LEU A 147 -5.95 -6.33 0.13
CA LEU A 147 -5.20 -7.53 0.60
C LEU A 147 -6.22 -8.63 0.91
N PRO A 148 -6.60 -9.35 -0.11
CA PRO A 148 -7.58 -10.44 0.05
C PRO A 148 -6.97 -11.61 0.82
N VAL A 149 -7.73 -12.17 1.73
CA VAL A 149 -7.25 -13.32 2.53
C VAL A 149 -7.36 -14.62 1.71
N PRO A 150 -6.39 -15.49 1.88
CA PRO A 150 -6.39 -16.77 1.14
C PRO A 150 -7.42 -17.73 1.72
N VAL A 151 -7.73 -18.80 1.03
CA VAL A 151 -8.73 -19.76 1.55
C VAL A 151 -8.47 -20.05 3.04
N THR A 152 -9.46 -20.54 3.75
CA THR A 152 -9.26 -20.84 5.20
C THR A 152 -9.38 -22.34 5.45
N ARG A 153 -8.92 -23.15 4.53
CA ARG A 153 -9.01 -24.63 4.74
C ARG A 153 -7.69 -25.30 4.33
N ALA A 154 -7.13 -24.92 3.23
CA ALA A 154 -5.84 -25.53 2.79
C ALA A 154 -5.08 -24.57 1.86
N GLN A 155 -3.83 -24.33 2.13
CA GLN A 155 -3.04 -23.42 1.26
C GLN A 155 -2.76 -24.09 -0.09
N GLY A 156 -2.64 -25.39 -0.10
CA GLY A 156 -2.37 -26.10 -1.38
C GLY A 156 -2.51 -27.61 -1.16
N THR A 157 -2.43 -28.39 -2.21
CA THR A 157 -2.55 -29.86 -2.05
C THR A 157 -1.49 -30.39 -1.09
N THR A 158 -1.72 -31.54 -0.51
CA THR A 158 -0.71 -32.11 0.44
C THR A 158 0.04 -33.27 -0.22
N LYS A 159 0.68 -33.01 -1.33
CA LYS A 159 1.44 -34.10 -2.02
C LYS A 159 2.94 -33.98 -1.71
N GLU A 160 3.67 -35.04 -1.89
CA GLU A 160 5.14 -34.99 -1.61
C GLU A 160 5.93 -35.01 -2.93
N GLY A 161 5.90 -33.93 -3.67
CA GLY A 161 6.64 -33.89 -4.95
C GLY A 161 5.86 -34.66 -6.02
PG ANP B . 8.63 8.48 -3.71
O1G ANP B . 7.82 7.66 -2.79
O2G ANP B . 8.94 7.90 -5.03
O3G ANP B . 10.05 8.68 -2.98
PB ANP B . 7.70 10.24 -5.45
O1B ANP B . 8.93 10.76 -6.09
O2B ANP B . 7.06 9.07 -6.08
N3B ANP B . 7.97 9.94 -3.89
PA ANP B . 5.99 12.19 -6.82
O1A ANP B . 5.37 13.45 -6.34
O2A ANP B . 7.01 12.24 -7.88
O3A ANP B . 6.62 11.43 -5.54
O5' ANP B . 4.82 11.19 -7.28
C5' ANP B . 3.63 11.68 -7.89
C4' ANP B . 3.32 10.95 -9.19
O4' ANP B . 2.65 9.73 -8.90
C3' ANP B . 2.41 11.79 -10.08
O3' ANP B . 2.93 11.86 -11.42
C2' ANP B . 1.09 11.08 -10.06
O2' ANP B . 0.77 10.55 -11.35
C1' ANP B . 1.25 9.96 -9.04
N9 ANP B . 0.69 10.31 -7.69
C8 ANP B . 0.30 11.49 -7.19
N7 ANP B . -0.04 11.54 -5.95
C5 ANP B . 0.15 10.20 -5.55
C6 ANP B . -0.02 9.54 -4.33
N6 ANP B . -0.45 10.15 -3.22
N1 ANP B . 0.27 8.22 -4.30
C2 ANP B . 0.70 7.59 -5.41
N3 ANP B . 0.89 8.14 -6.61
C4 ANP B . 0.60 9.45 -6.61
HOG3 ANP B . 10.67 8.05 -3.37
HNB1 ANP B . 8.58 10.64 -3.51
H5'1 ANP B . 2.79 11.54 -7.21
H5'2 ANP B . 3.76 12.75 -8.10
H4' ANP B . 4.23 10.73 -9.71
H3' ANP B . 2.30 12.79 -9.67
HO3' ANP B . 2.19 11.87 -12.02
H2' ANP B . 0.32 11.77 -9.75
HO2' ANP B . 0.82 9.59 -11.28
H1' ANP B . 0.78 9.07 -9.40
H8 ANP B . 0.26 12.39 -7.80
HN61 ANP B . -0.66 11.13 -3.23
HN62 ANP B . -0.54 9.62 -2.36
H2 ANP B . 0.91 6.53 -5.31
N THR A 1 14.27 -21.78 -7.09
CA THR A 1 13.31 -22.08 -5.98
C THR A 1 11.88 -21.76 -6.43
N GLY A 2 11.63 -20.56 -6.87
CA GLY A 2 10.27 -20.19 -7.32
C GLY A 2 9.67 -19.17 -6.35
N GLN A 3 9.39 -19.56 -5.13
CA GLN A 3 8.80 -18.61 -4.15
C GLN A 3 9.70 -17.38 -4.02
N GLU A 4 9.11 -16.22 -3.87
CA GLU A 4 9.92 -14.98 -3.74
C GLU A 4 9.16 -13.94 -2.90
N MET A 5 8.48 -14.37 -1.88
CA MET A 5 7.72 -13.42 -1.02
C MET A 5 7.25 -14.12 0.26
N PRO A 6 7.76 -13.64 1.37
CA PRO A 6 7.39 -14.23 2.68
C PRO A 6 6.03 -13.74 3.14
N MET A 7 4.99 -14.11 2.46
CA MET A 7 3.65 -13.66 2.88
C MET A 7 3.17 -14.54 4.00
N GLU A 8 3.12 -14.00 5.16
CA GLU A 8 2.66 -14.77 6.34
C GLU A 8 1.49 -14.07 6.99
N MET A 9 1.18 -14.38 8.22
CA MET A 9 0.04 -13.71 8.88
C MET A 9 0.50 -12.43 9.57
N ALA A 10 -0.18 -11.36 9.32
CA ALA A 10 0.22 -10.06 9.95
C ALA A 10 -1.01 -9.17 10.19
N ASP A 11 -0.90 -8.23 11.10
CA ASP A 11 -2.05 -7.31 11.39
C ASP A 11 -1.86 -5.99 10.65
N LEU A 12 -2.75 -5.67 9.75
CA LEU A 12 -2.62 -4.38 9.00
C LEU A 12 -2.70 -3.20 9.97
N ASN A 13 -3.30 -3.40 11.10
CA ASN A 13 -3.40 -2.28 12.08
C ASN A 13 -2.11 -2.20 12.88
N ALA A 14 -1.38 -3.27 12.92
CA ALA A 14 -0.09 -3.28 13.67
C ALA A 14 1.01 -2.73 12.78
N VAL A 15 0.90 -2.91 11.50
CA VAL A 15 1.95 -2.41 10.58
C VAL A 15 1.72 -0.91 10.32
N LEU A 16 0.48 -0.50 10.28
CA LEU A 16 0.18 0.93 10.03
C LEU A 16 0.38 1.75 11.30
N GLY A 17 0.23 1.15 12.45
CA GLY A 17 0.42 1.92 13.71
C GLY A 17 1.89 2.28 13.87
N GLU A 18 2.78 1.40 13.48
CA GLU A 18 4.23 1.70 13.60
C GLU A 18 4.64 2.66 12.51
N VAL A 19 4.03 2.54 11.36
CA VAL A 19 4.38 3.44 10.24
C VAL A 19 3.71 4.79 10.45
N ILE A 20 2.68 4.82 11.26
CA ILE A 20 1.98 6.09 11.51
C ILE A 20 2.86 6.95 12.40
N ALA A 21 3.43 6.36 13.39
CA ALA A 21 4.31 7.10 14.31
C ALA A 21 5.75 7.05 13.79
N ALA A 22 6.00 6.14 12.88
CA ALA A 22 7.37 6.00 12.32
C ALA A 22 7.84 7.32 11.77
N GLU A 23 7.17 7.84 10.80
CA GLU A 23 7.61 9.12 10.23
C GLU A 23 6.45 9.94 9.67
N SER A 24 5.31 9.89 10.32
CA SER A 24 4.16 10.65 9.81
C SER A 24 4.18 12.06 10.43
N GLY A 25 5.34 12.67 10.47
CA GLY A 25 5.45 14.04 11.06
C GLY A 25 5.07 13.98 12.53
N TYR A 26 5.56 13.01 13.25
CA TYR A 26 5.22 12.91 14.69
C TYR A 26 3.71 13.06 14.88
N GLU A 27 2.94 12.51 13.98
CA GLU A 27 1.45 12.61 14.10
C GLU A 27 1.01 14.05 13.85
N ARG A 28 1.35 14.56 12.72
CA ARG A 28 0.96 15.95 12.38
C ARG A 28 -0.53 16.04 12.16
N GLU A 29 -0.94 15.87 10.98
CA GLU A 29 -2.39 15.93 10.66
C GLU A 29 -2.81 14.68 9.91
N ILE A 30 -2.60 13.55 10.50
CA ILE A 30 -2.98 12.27 9.84
C ILE A 30 -4.24 11.70 10.47
N GLU A 31 -5.21 11.34 9.67
CA GLU A 31 -6.47 10.77 10.24
C GLU A 31 -6.34 9.27 10.36
N THR A 32 -6.12 8.79 11.55
CA THR A 32 -5.99 7.32 11.75
C THR A 32 -7.31 6.69 12.12
N ALA A 33 -7.73 5.73 11.35
CA ALA A 33 -9.02 5.04 11.62
C ALA A 33 -8.89 3.59 11.20
N LEU A 34 -8.24 2.78 12.00
CA LEU A 34 -8.07 1.35 11.66
C LEU A 34 -9.22 0.53 12.22
N TYR A 35 -9.63 -0.49 11.51
CA TYR A 35 -10.75 -1.34 12.00
C TYR A 35 -10.61 -1.58 13.51
N PRO A 36 -11.71 -1.49 14.20
CA PRO A 36 -11.69 -1.70 15.66
C PRO A 36 -11.72 -3.18 16.00
N GLY A 37 -10.90 -3.94 15.35
CA GLY A 37 -10.86 -5.41 15.62
C GLY A 37 -9.52 -5.99 15.14
N SER A 38 -8.55 -5.16 14.84
CA SER A 38 -7.24 -5.67 14.37
C SER A 38 -7.44 -6.46 13.09
N ILE A 39 -6.88 -6.00 12.04
CA ILE A 39 -7.04 -6.74 10.74
C ILE A 39 -6.30 -8.06 10.85
N GLU A 40 -6.33 -8.83 9.82
CA GLU A 40 -5.64 -10.13 9.84
C GLU A 40 -5.63 -10.76 8.46
N VAL A 41 -4.50 -10.74 7.83
CA VAL A 41 -4.41 -11.34 6.47
C VAL A 41 -3.01 -11.87 6.24
N LYS A 42 -2.86 -12.68 5.25
CA LYS A 42 -1.53 -13.24 4.96
C LYS A 42 -0.72 -12.18 4.20
N MET A 43 0.00 -11.36 4.90
CA MET A 43 0.79 -10.31 4.23
C MET A 43 2.16 -10.15 4.90
N HIS A 44 3.10 -9.60 4.21
CA HIS A 44 4.46 -9.41 4.79
C HIS A 44 4.50 -8.05 5.51
N PRO A 45 4.63 -8.10 6.80
CA PRO A 45 4.67 -6.85 7.60
C PRO A 45 5.93 -6.05 7.23
N LEU A 46 6.89 -6.70 6.64
CA LEU A 46 8.14 -6.00 6.25
C LEU A 46 7.91 -5.20 4.96
N SER A 47 7.42 -5.84 3.95
CA SER A 47 7.16 -5.13 2.66
C SER A 47 6.07 -4.08 2.85
N ILE A 48 5.10 -4.37 3.67
CA ILE A 48 4.00 -3.38 3.90
C ILE A 48 4.49 -2.25 4.80
N LYS A 49 5.33 -2.55 5.76
CA LYS A 49 5.83 -1.48 6.66
C LYS A 49 6.49 -0.40 5.82
N ARG A 50 7.38 -0.80 4.96
CA ARG A 50 8.08 0.20 4.10
C ARG A 50 7.13 0.70 3.01
N ALA A 51 6.16 -0.10 2.63
CA ALA A 51 5.19 0.33 1.58
C ALA A 51 4.45 1.59 2.03
N VAL A 52 3.91 1.58 3.22
CA VAL A 52 3.17 2.76 3.72
C VAL A 52 4.16 3.85 4.17
N ALA A 53 5.27 3.45 4.73
CA ALA A 53 6.28 4.44 5.19
C ALA A 53 6.75 5.31 4.01
N ASN A 54 6.69 4.79 2.82
CA ASN A 54 7.13 5.58 1.63
C ASN A 54 5.98 6.45 1.12
N MET A 55 4.76 6.11 1.47
CA MET A 55 3.60 6.93 1.01
C MET A 55 3.38 8.11 1.95
N VAL A 56 3.65 7.95 3.21
CA VAL A 56 3.46 9.07 4.17
C VAL A 56 4.71 9.94 4.24
N VAL A 57 5.85 9.40 3.91
CA VAL A 57 7.11 10.21 3.96
C VAL A 57 7.05 11.34 2.92
N ASN A 58 6.21 11.20 1.94
CA ASN A 58 6.10 12.28 0.90
C ASN A 58 5.53 13.55 1.52
N ALA A 59 4.35 13.48 2.07
CA ALA A 59 3.74 14.69 2.68
C ALA A 59 4.51 15.09 3.95
N ALA A 60 5.06 14.12 4.64
CA ALA A 60 5.82 14.45 5.87
C ALA A 60 7.02 15.35 5.54
N ARG A 61 7.48 15.32 4.32
CA ARG A 61 8.63 16.18 3.93
C ARG A 61 8.17 17.62 3.75
N TYR A 62 7.03 17.83 3.15
CA TYR A 62 6.52 19.22 2.94
C TYR A 62 5.93 19.76 4.23
N GLY A 63 4.88 19.14 4.73
CA GLY A 63 4.26 19.63 5.99
C GLY A 63 2.87 20.20 5.69
N ASN A 64 2.73 20.93 4.62
CA ASN A 64 1.41 21.51 4.27
C ASN A 64 0.61 20.52 3.41
N GLY A 65 -0.06 19.59 4.02
CA GLY A 65 -0.85 18.60 3.23
C GLY A 65 -1.49 17.58 4.17
N TRP A 66 -2.75 17.72 4.45
CA TRP A 66 -3.43 16.76 5.37
C TRP A 66 -3.18 15.31 4.90
N ILE A 67 -2.95 14.42 5.84
CA ILE A 67 -2.70 13.00 5.48
C ILE A 67 -3.86 12.13 5.96
N LYS A 68 -3.93 10.90 5.53
CA LYS A 68 -5.05 10.04 5.98
C LYS A 68 -4.62 8.58 6.05
N VAL A 69 -4.61 8.02 7.23
CA VAL A 69 -4.21 6.59 7.38
C VAL A 69 -5.37 5.80 7.98
N SER A 70 -6.34 5.46 7.17
CA SER A 70 -7.50 4.69 7.69
C SER A 70 -7.49 3.26 7.14
N SER A 71 -7.71 2.29 7.97
CA SER A 71 -7.71 0.89 7.51
C SER A 71 -9.07 0.25 7.79
N GLY A 72 -9.47 -0.67 6.97
CA GLY A 72 -10.78 -1.34 7.19
C GLY A 72 -10.68 -2.77 6.70
N THR A 73 -11.78 -3.44 6.53
CA THR A 73 -11.72 -4.85 6.06
C THR A 73 -13.11 -5.42 5.82
N GLU A 74 -13.17 -6.49 5.09
CA GLU A 74 -14.48 -7.13 4.79
C GLU A 74 -14.42 -8.62 5.18
N PRO A 75 -15.53 -9.29 5.10
CA PRO A 75 -15.57 -10.73 5.44
C PRO A 75 -14.98 -11.60 4.32
N ASN A 76 -14.02 -11.09 3.59
CA ASN A 76 -13.40 -11.89 2.48
C ASN A 76 -12.35 -11.06 1.74
N ARG A 77 -11.75 -10.10 2.41
CA ARG A 77 -10.71 -9.23 1.76
C ARG A 77 -10.55 -7.94 2.55
N ALA A 78 -9.40 -7.72 3.15
CA ALA A 78 -9.21 -6.46 3.94
C ALA A 78 -8.51 -5.42 3.06
N TRP A 79 -8.48 -4.18 3.47
CA TRP A 79 -7.79 -3.16 2.61
C TRP A 79 -7.45 -1.91 3.42
N PHE A 80 -6.37 -1.24 3.07
CA PHE A 80 -5.98 -0.01 3.81
C PHE A 80 -5.89 1.18 2.84
N GLN A 81 -6.41 2.30 3.23
CA GLN A 81 -6.36 3.51 2.34
C GLN A 81 -5.44 4.60 2.92
N VAL A 82 -4.65 5.21 2.08
CA VAL A 82 -3.73 6.28 2.54
C VAL A 82 -3.86 7.49 1.61
N GLU A 83 -4.46 8.55 2.06
CA GLU A 83 -4.61 9.75 1.18
C GLU A 83 -3.72 10.89 1.69
N ASP A 84 -3.40 11.82 0.82
CA ASP A 84 -2.54 12.96 1.25
C ASP A 84 -2.53 14.04 0.17
N ASP A 85 -2.73 15.27 0.54
CA ASP A 85 -2.72 16.37 -0.46
C ASP A 85 -1.45 17.21 -0.34
N GLY A 86 -1.05 17.85 -1.40
CA GLY A 86 0.19 18.69 -1.34
C GLY A 86 0.30 19.52 -2.63
N PRO A 87 1.33 19.24 -3.40
CA PRO A 87 1.55 19.97 -4.67
C PRO A 87 0.54 19.52 -5.72
N GLY A 88 0.87 18.52 -6.50
CA GLY A 88 -0.06 18.02 -7.55
C GLY A 88 0.65 17.00 -8.43
N ILE A 89 0.13 16.73 -9.59
CA ILE A 89 0.80 15.73 -10.48
C ILE A 89 0.97 16.27 -11.89
N ALA A 90 1.93 15.77 -12.61
CA ALA A 90 2.16 16.24 -14.00
C ALA A 90 1.06 15.69 -14.89
N PRO A 91 0.74 16.43 -15.92
CA PRO A 91 -0.30 15.99 -16.86
C PRO A 91 0.19 14.79 -17.69
N GLU A 92 1.48 14.63 -17.81
CA GLU A 92 2.03 13.49 -18.60
C GLU A 92 2.27 12.26 -17.71
N GLN A 93 2.49 12.45 -16.45
CA GLN A 93 2.74 11.28 -15.55
C GLN A 93 1.42 10.76 -14.97
N ARG A 94 0.45 11.61 -14.81
CA ARG A 94 -0.86 11.14 -14.26
C ARG A 94 -1.38 9.95 -15.05
N LYS A 95 -0.89 9.77 -16.25
CA LYS A 95 -1.37 8.62 -17.07
C LYS A 95 -0.62 7.33 -16.68
N HIS A 96 0.63 7.44 -16.32
CA HIS A 96 1.41 6.23 -15.93
C HIS A 96 1.65 6.20 -14.41
N LEU A 97 2.54 7.03 -13.93
CA LEU A 97 2.85 7.09 -12.46
C LEU A 97 2.69 5.70 -11.81
N PHE A 98 3.28 4.69 -12.39
CA PHE A 98 3.16 3.33 -11.80
C PHE A 98 4.34 2.47 -12.24
N GLN A 99 5.48 3.07 -12.38
CA GLN A 99 6.69 2.30 -12.80
C GLN A 99 7.94 3.20 -12.67
N PRO A 100 9.07 2.56 -12.51
CA PRO A 100 10.34 3.31 -12.37
C PRO A 100 10.76 3.87 -13.73
N PHE A 101 10.46 5.12 -14.00
CA PHE A 101 10.87 5.71 -15.32
C PHE A 101 12.36 5.51 -15.56
N VAL A 102 12.78 5.56 -16.79
CA VAL A 102 14.23 5.37 -17.10
C VAL A 102 14.96 6.72 -17.07
N ARG A 103 14.71 7.52 -16.07
CA ARG A 103 15.40 8.84 -15.98
C ARG A 103 14.96 9.58 -14.71
N GLY A 104 15.01 8.91 -13.59
CA GLY A 104 14.61 9.58 -12.32
C GLY A 104 15.66 9.32 -11.24
N ASP A 105 15.71 8.12 -10.71
CA ASP A 105 16.72 7.82 -9.66
C ASP A 105 17.43 6.50 -9.99
N SER A 106 18.39 6.54 -10.88
CA SER A 106 19.11 5.28 -11.24
C SER A 106 20.39 5.61 -12.03
N ALA A 107 21.04 4.62 -12.56
CA ALA A 107 22.29 4.88 -13.35
C ALA A 107 23.37 5.44 -12.43
N ARG A 108 23.84 4.67 -11.49
CA ARG A 108 24.90 5.17 -10.57
C ARG A 108 26.16 4.29 -10.69
N THR A 109 26.99 4.56 -11.66
CA THR A 109 28.24 3.75 -11.82
C THR A 109 27.88 2.26 -11.88
N ILE A 110 28.00 1.55 -10.78
CA ILE A 110 27.69 0.10 -10.78
C ILE A 110 26.59 -0.21 -9.75
N SER A 111 25.91 -1.31 -9.91
CA SER A 111 24.84 -1.67 -8.94
C SER A 111 25.35 -1.53 -7.50
N GLY A 112 24.48 -1.28 -6.56
CA GLY A 112 24.93 -1.14 -5.14
C GLY A 112 24.05 -1.99 -4.24
N THR A 113 22.84 -1.56 -3.98
CA THR A 113 21.94 -2.35 -3.10
C THR A 113 21.43 -3.60 -3.82
N GLY A 114 21.51 -4.74 -3.17
CA GLY A 114 21.03 -5.99 -3.80
C GLY A 114 19.94 -6.62 -2.94
N LEU A 115 18.92 -7.16 -3.54
CA LEU A 115 17.82 -7.78 -2.75
C LEU A 115 17.43 -6.86 -1.58
N GLY A 116 16.46 -6.01 -1.79
CA GLY A 116 16.04 -5.08 -0.70
C GLY A 116 15.59 -3.75 -1.31
N LEU A 117 14.44 -3.73 -1.93
CA LEU A 117 13.95 -2.47 -2.56
C LEU A 117 12.56 -2.68 -3.16
N ALA A 118 11.57 -2.90 -2.34
CA ALA A 118 10.19 -3.12 -2.87
C ALA A 118 9.40 -1.81 -2.85
N ILE A 119 8.78 -1.47 -3.94
CA ILE A 119 7.99 -0.20 -3.99
C ILE A 119 6.51 -0.49 -3.73
N VAL A 120 5.77 0.48 -3.26
CA VAL A 120 4.32 0.26 -2.99
C VAL A 120 3.66 -0.60 -4.07
N GLN A 121 3.75 -0.19 -5.29
CA GLN A 121 3.12 -0.98 -6.39
C GLN A 121 3.52 -2.47 -6.31
N ARG A 122 4.78 -2.78 -6.22
CA ARG A 122 5.18 -4.24 -6.13
C ARG A 122 4.76 -4.85 -4.80
N ILE A 123 4.52 -4.06 -3.81
CA ILE A 123 4.10 -4.63 -2.51
C ILE A 123 2.66 -5.11 -2.63
N VAL A 124 1.73 -4.19 -2.62
CA VAL A 124 0.31 -4.57 -2.74
C VAL A 124 0.11 -5.43 -3.99
N ASP A 125 1.01 -5.35 -4.93
CA ASP A 125 0.87 -6.16 -6.18
C ASP A 125 1.27 -7.62 -5.89
N ASN A 126 2.31 -7.81 -5.13
CA ASN A 126 2.76 -9.19 -4.82
C ASN A 126 1.73 -9.88 -3.92
N HIS A 127 0.91 -9.10 -3.26
CA HIS A 127 -0.13 -9.71 -2.37
C HIS A 127 -1.33 -10.18 -3.20
N ASN A 128 -1.55 -9.56 -4.34
CA ASN A 128 -2.70 -9.96 -5.23
C ASN A 128 -4.01 -9.34 -4.71
N GLY A 129 -3.99 -8.08 -4.41
CA GLY A 129 -5.21 -7.42 -3.89
C GLY A 129 -5.60 -6.32 -4.87
N MET A 130 -5.05 -5.14 -4.72
CA MET A 130 -5.39 -4.03 -5.66
C MET A 130 -4.64 -2.75 -5.28
N LEU A 131 -4.56 -1.84 -6.20
CA LEU A 131 -3.86 -0.55 -5.92
C LEU A 131 -4.46 0.55 -6.81
N GLU A 132 -5.31 1.39 -6.27
CA GLU A 132 -5.92 2.47 -7.12
C GLU A 132 -5.43 3.87 -6.73
N LEU A 133 -5.10 4.69 -7.71
CA LEU A 133 -4.62 6.08 -7.42
C LEU A 133 -5.77 7.06 -7.60
N GLY A 134 -6.45 7.35 -6.56
CA GLY A 134 -7.59 8.30 -6.64
C GLY A 134 -7.10 9.66 -7.13
N THR A 135 -7.87 10.33 -7.94
CA THR A 135 -7.45 11.66 -8.45
C THR A 135 -8.63 12.65 -8.42
N SER A 136 -8.58 13.61 -7.54
CA SER A 136 -9.70 14.60 -7.46
C SER A 136 -9.29 15.92 -8.14
N GLU A 137 -9.83 16.18 -9.31
CA GLU A 137 -9.49 17.45 -10.05
C GLU A 137 -7.97 17.76 -9.97
N ARG A 138 -7.58 18.81 -9.27
CA ARG A 138 -6.12 19.16 -9.16
C ARG A 138 -5.24 17.91 -9.13
N GLY A 139 -5.74 16.84 -8.62
CA GLY A 139 -4.95 15.59 -8.55
C GLY A 139 -5.05 14.99 -7.15
N GLY A 140 -6.13 15.25 -6.44
CA GLY A 140 -6.27 14.69 -5.07
C GLY A 140 -5.86 13.23 -5.12
N LEU A 141 -4.85 12.85 -4.39
CA LEU A 141 -4.44 11.42 -4.43
C LEU A 141 -4.96 10.62 -3.24
N SER A 142 -5.88 9.72 -3.51
CA SER A 142 -6.46 8.86 -2.44
C SER A 142 -6.00 7.43 -2.73
N ILE A 143 -5.16 6.88 -1.93
CA ILE A 143 -4.70 5.49 -2.21
C ILE A 143 -5.61 4.42 -1.62
N ARG A 144 -6.07 3.52 -2.45
CA ARG A 144 -6.96 2.44 -2.00
C ARG A 144 -6.26 1.10 -2.25
N ALA A 145 -5.45 0.67 -1.34
CA ALA A 145 -4.72 -0.61 -1.52
C ALA A 145 -5.54 -1.78 -0.96
N TRP A 146 -5.69 -2.83 -1.70
CA TRP A 146 -6.48 -3.99 -1.21
C TRP A 146 -5.60 -5.22 -0.97
N LEU A 147 -6.04 -6.05 -0.09
CA LEU A 147 -5.31 -7.30 0.26
C LEU A 147 -6.37 -8.37 0.52
N PRO A 148 -6.35 -9.40 -0.28
CA PRO A 148 -7.32 -10.49 -0.12
C PRO A 148 -7.06 -11.27 1.16
N VAL A 149 -8.11 -11.72 1.81
CA VAL A 149 -7.95 -12.50 3.08
C VAL A 149 -8.19 -13.98 2.81
N PRO A 150 -7.14 -14.68 2.49
CA PRO A 150 -7.25 -16.14 2.23
C PRO A 150 -7.46 -16.90 3.53
N VAL A 151 -8.65 -16.87 4.07
CA VAL A 151 -8.92 -17.59 5.33
C VAL A 151 -9.93 -18.72 5.09
N THR A 152 -9.88 -19.75 5.88
CA THR A 152 -10.83 -20.88 5.70
C THR A 152 -12.25 -20.35 5.45
N ARG A 153 -12.79 -20.56 4.28
CA ARG A 153 -14.16 -20.06 3.98
C ARG A 153 -15.13 -20.51 5.08
N ALA A 154 -14.92 -21.68 5.61
CA ALA A 154 -15.83 -22.17 6.69
C ALA A 154 -15.19 -21.94 8.06
N GLN A 155 -15.89 -22.24 9.11
CA GLN A 155 -15.32 -22.05 10.48
C GLN A 155 -15.38 -23.35 11.28
N GLY A 156 -14.70 -23.42 12.39
CA GLY A 156 -14.72 -24.66 13.20
C GLY A 156 -14.08 -24.39 14.57
N THR A 157 -13.18 -25.23 14.99
CA THR A 157 -12.52 -25.01 16.31
C THR A 157 -11.00 -24.94 16.16
N THR A 158 -10.51 -23.85 15.65
CA THR A 158 -9.03 -23.71 15.46
C THR A 158 -8.34 -23.60 16.82
N LYS A 159 -7.05 -23.36 16.83
CA LYS A 159 -6.31 -23.25 18.12
C LYS A 159 -6.21 -24.62 18.79
N GLU A 160 -5.16 -25.35 18.54
CA GLU A 160 -5.01 -26.69 19.16
C GLU A 160 -3.59 -26.85 19.72
N GLY A 161 -3.37 -26.44 20.94
CA GLY A 161 -2.02 -26.57 21.54
C GLY A 161 -2.15 -26.85 23.03
PG ANP B . 10.16 8.25 -6.50
O1G ANP B . 9.12 8.20 -7.55
O2G ANP B . 11.23 7.23 -6.57
O3G ANP B . 9.39 7.98 -5.12
PB ANP B . 10.03 10.59 -5.28
O1B ANP B . 10.08 9.90 -3.97
O2B ANP B . 10.48 12.00 -5.30
N3B ANP B . 10.80 9.73 -6.41
PA ANP B . 7.73 11.35 -6.93
O1A ANP B . 8.14 12.77 -6.95
O2A ANP B . 7.94 10.52 -8.13
O3A ANP B . 8.47 10.63 -5.68
O5' ANP B . 6.18 11.29 -6.53
C5' ANP B . 5.31 12.39 -6.85
C4' ANP B . 5.03 12.48 -8.33
O4' ANP B . 3.98 11.57 -8.66
C3' ANP B . 4.55 13.88 -8.72
O3' ANP B . 5.26 14.37 -9.85
C2' ANP B . 3.11 13.71 -9.03
O2' ANP B . 2.87 13.85 -10.44
C1' ANP B . 2.77 12.30 -8.58
N9 ANP B . 2.27 12.24 -7.18
C8 ANP B . 1.91 13.23 -6.32
N7 ANP B . 1.60 12.89 -5.12
C5 ANP B . 1.77 11.50 -5.16
C6 ANP B . 1.60 10.50 -4.21
N6 ANP B . 1.21 10.74 -2.95
N1 ANP B . 1.85 9.22 -4.58
C2 ANP B . 2.24 8.97 -5.83
N3 ANP B . 2.43 9.85 -6.82
C4 ANP B . 2.17 11.10 -6.41
HOG3 ANP B . 8.45 7.91 -5.32
HNB1 ANP B . 10.71 10.18 -7.30
H5'1 ANP B . 4.35 12.26 -6.32
H5'2 ANP B . 5.78 13.32 -6.52
H4' ANP B . 5.90 12.22 -8.89
H3' ANP B . 4.66 14.56 -7.87
HO3' ANP B . 5.17 15.32 -9.86
H2' ANP B . 2.52 14.43 -8.49
HO2' ANP B . 3.70 14.15 -10.83
H1' ANP B . 2.06 11.88 -9.23
H8 ANP B . 1.93 14.26 -6.61
HN61 ANP B . 1.01 11.69 -2.66
HN62 ANP B . 1.10 9.98 -2.30
H2 ANP B . 2.43 7.92 -6.08
N THR A 1 17.20 -22.56 -6.40
CA THR A 1 16.10 -21.59 -6.09
C THR A 1 16.20 -21.14 -4.64
N GLY A 2 15.90 -19.90 -4.37
CA GLY A 2 15.98 -19.39 -2.98
C GLY A 2 14.57 -19.24 -2.41
N GLN A 3 13.66 -18.72 -3.20
CA GLN A 3 12.26 -18.54 -2.72
C GLN A 3 12.22 -17.64 -1.47
N GLU A 4 11.41 -16.62 -1.49
CA GLU A 4 11.35 -15.73 -0.30
C GLU A 4 9.93 -15.18 -0.12
N MET A 5 9.05 -15.95 0.44
CA MET A 5 7.65 -15.47 0.65
C MET A 5 7.30 -15.51 2.14
N PRO A 6 7.73 -14.49 2.83
CA PRO A 6 7.46 -14.39 4.27
C PRO A 6 6.09 -13.80 4.52
N MET A 7 5.11 -14.32 3.88
CA MET A 7 3.74 -13.80 4.08
C MET A 7 3.06 -14.62 5.14
N GLU A 8 2.90 -14.06 6.27
CA GLU A 8 2.24 -14.79 7.40
C GLU A 8 1.05 -13.98 7.89
N MET A 9 0.59 -14.23 9.09
CA MET A 9 -0.59 -13.47 9.61
C MET A 9 -0.15 -12.17 10.28
N ALA A 10 -0.85 -11.10 10.01
CA ALA A 10 -0.47 -9.79 10.63
C ALA A 10 -1.68 -8.83 10.71
N ASP A 11 -1.65 -7.93 11.65
CA ASP A 11 -2.77 -6.96 11.80
C ASP A 11 -2.49 -5.74 10.93
N LEU A 12 -3.28 -5.51 9.92
CA LEU A 12 -3.04 -4.33 9.05
C LEU A 12 -3.19 -3.03 9.83
N ASN A 13 -3.95 -3.04 10.89
CA ASN A 13 -4.11 -1.78 11.67
C ASN A 13 -2.91 -1.61 12.59
N ALA A 14 -2.21 -2.68 12.85
CA ALA A 14 -1.03 -2.61 13.72
C ALA A 14 0.21 -2.26 12.89
N VAL A 15 0.18 -2.64 11.64
CA VAL A 15 1.34 -2.34 10.75
C VAL A 15 1.28 -0.88 10.31
N LEU A 16 0.11 -0.38 10.07
CA LEU A 16 -0.03 1.04 9.63
C LEU A 16 0.17 1.98 10.82
N GLY A 17 -0.29 1.59 11.99
CA GLY A 17 -0.12 2.49 13.17
C GLY A 17 1.37 2.64 13.49
N GLU A 18 2.16 1.66 13.13
CA GLU A 18 3.62 1.74 13.41
C GLU A 18 4.31 2.54 12.32
N VAL A 19 3.82 2.44 11.12
CA VAL A 19 4.45 3.19 9.99
C VAL A 19 4.06 4.66 10.10
N ILE A 20 2.99 4.92 10.78
CA ILE A 20 2.54 6.32 10.94
C ILE A 20 3.38 6.99 12.00
N ALA A 21 3.45 6.40 13.14
CA ALA A 21 4.26 6.98 14.21
C ALA A 21 5.73 6.91 13.84
N ALA A 22 6.04 6.11 12.88
CA ALA A 22 7.46 5.96 12.44
C ALA A 22 7.90 7.13 11.57
N GLU A 23 7.25 7.34 10.46
CA GLU A 23 7.66 8.48 9.59
C GLU A 23 6.56 9.52 9.41
N SER A 24 5.77 9.73 10.41
CA SER A 24 4.68 10.74 10.28
C SER A 24 4.72 11.69 11.47
N GLY A 25 5.90 12.15 11.84
CA GLY A 25 6.02 13.07 12.99
C GLY A 25 5.44 12.41 14.24
N TYR A 26 5.39 11.11 14.24
CA TYR A 26 4.85 10.38 15.42
C TYR A 26 3.39 10.79 15.66
N GLU A 27 2.56 10.66 14.66
CA GLU A 27 1.12 11.05 14.83
C GLU A 27 1.01 12.56 15.03
N ARG A 28 1.84 13.29 14.36
CA ARG A 28 1.81 14.76 14.48
C ARG A 28 0.55 15.30 13.85
N GLU A 29 0.27 14.88 12.69
CA GLU A 29 -0.94 15.35 11.98
C GLU A 29 -1.46 14.27 11.04
N ILE A 30 -1.75 13.11 11.58
CA ILE A 30 -2.26 12.00 10.73
C ILE A 30 -3.55 11.46 11.33
N GLU A 31 -4.57 11.30 10.54
CA GLU A 31 -5.84 10.76 11.07
C GLU A 31 -5.86 9.24 10.95
N THR A 32 -5.67 8.57 12.04
CA THR A 32 -5.68 7.10 12.00
C THR A 32 -7.08 6.55 12.20
N ALA A 33 -7.56 5.82 11.25
CA ALA A 33 -8.92 5.25 11.36
C ALA A 33 -8.90 3.83 10.80
N LEU A 34 -8.40 2.90 11.56
CA LEU A 34 -8.34 1.49 11.07
C LEU A 34 -9.59 0.73 11.51
N TYR A 35 -9.86 -0.39 10.91
CA TYR A 35 -11.06 -1.18 11.29
C TYR A 35 -11.11 -1.36 12.81
N PRO A 36 -12.27 -1.09 13.36
CA PRO A 36 -12.46 -1.22 14.81
C PRO A 36 -12.80 -2.66 15.17
N GLY A 37 -11.99 -3.57 14.74
CA GLY A 37 -12.25 -5.01 15.04
C GLY A 37 -10.97 -5.82 14.79
N SER A 38 -9.83 -5.18 14.82
CA SER A 38 -8.56 -5.91 14.59
C SER A 38 -8.64 -6.69 13.30
N ILE A 39 -8.00 -6.21 12.28
CA ILE A 39 -8.02 -6.93 10.97
C ILE A 39 -7.14 -8.16 11.05
N GLU A 40 -7.04 -8.87 9.99
CA GLU A 40 -6.19 -10.09 9.99
C GLU A 40 -6.01 -10.62 8.59
N VAL A 41 -4.88 -10.38 8.03
CA VAL A 41 -4.62 -10.88 6.65
C VAL A 41 -3.24 -11.45 6.56
N LYS A 42 -3.02 -12.35 5.66
CA LYS A 42 -1.67 -12.93 5.54
C LYS A 42 -0.80 -11.86 4.89
N MET A 43 -0.06 -11.13 5.67
CA MET A 43 0.79 -10.09 5.09
C MET A 43 2.18 -10.06 5.72
N HIS A 44 3.10 -9.37 5.09
CA HIS A 44 4.50 -9.27 5.61
C HIS A 44 4.66 -7.88 6.26
N PRO A 45 4.85 -7.87 7.55
CA PRO A 45 5.02 -6.59 8.28
C PRO A 45 6.28 -5.84 7.83
N LEU A 46 7.24 -6.51 7.27
CA LEU A 46 8.47 -5.81 6.82
C LEU A 46 8.26 -5.18 5.44
N SER A 47 7.90 -5.98 4.46
CA SER A 47 7.69 -5.42 3.10
C SER A 47 6.56 -4.39 3.10
N ILE A 48 5.52 -4.63 3.86
CA ILE A 48 4.39 -3.66 3.89
C ILE A 48 4.77 -2.44 4.73
N LYS A 49 5.55 -2.62 5.77
CA LYS A 49 5.93 -1.44 6.59
C LYS A 49 6.66 -0.46 5.69
N ARG A 50 7.42 -1.00 4.79
CA ARG A 50 8.19 -0.16 3.85
C ARG A 50 7.25 0.46 2.79
N ALA A 51 6.33 -0.33 2.28
CA ALA A 51 5.38 0.20 1.25
C ALA A 51 4.54 1.35 1.83
N VAL A 52 4.19 1.27 3.08
CA VAL A 52 3.37 2.35 3.69
C VAL A 52 4.26 3.57 3.96
N ALA A 53 5.50 3.34 4.30
CA ALA A 53 6.42 4.48 4.59
C ALA A 53 6.75 5.21 3.28
N ASN A 54 6.61 4.55 2.17
CA ASN A 54 6.92 5.20 0.87
C ASN A 54 5.75 6.07 0.43
N MET A 55 4.56 5.79 0.91
CA MET A 55 3.38 6.60 0.52
C MET A 55 3.26 7.83 1.42
N VAL A 56 3.50 7.67 2.70
CA VAL A 56 3.41 8.84 3.63
C VAL A 56 4.52 9.84 3.34
N VAL A 57 5.60 9.41 2.73
CA VAL A 57 6.71 10.35 2.42
C VAL A 57 6.33 11.27 1.27
N ASN A 58 5.43 10.83 0.43
CA ASN A 58 5.02 11.68 -0.73
C ASN A 58 3.98 12.71 -0.29
N ALA A 59 3.17 12.39 0.69
CA ALA A 59 2.15 13.35 1.17
C ALA A 59 2.72 14.23 2.28
N ALA A 60 3.72 13.75 2.98
CA ALA A 60 4.32 14.57 4.07
C ALA A 60 5.18 15.69 3.48
N ARG A 61 5.90 15.40 2.43
CA ARG A 61 6.75 16.45 1.81
C ARG A 61 5.95 17.24 0.76
N TYR A 62 5.64 16.61 -0.34
CA TYR A 62 4.85 17.32 -1.40
C TYR A 62 3.63 18.01 -0.78
N GLY A 63 2.77 17.26 -0.15
CA GLY A 63 1.57 17.89 0.48
C GLY A 63 1.91 18.36 1.89
N ASN A 64 1.38 19.47 2.30
CA ASN A 64 1.67 19.98 3.68
C ASN A 64 0.41 20.56 4.31
N GLY A 65 -0.44 19.73 4.84
CA GLY A 65 -1.69 20.25 5.47
C GLY A 65 -2.24 19.21 6.45
N TRP A 66 -2.34 17.98 6.03
CA TRP A 66 -2.88 16.92 6.94
C TRP A 66 -2.87 15.56 6.24
N ILE A 67 -2.56 14.52 6.98
CA ILE A 67 -2.52 13.15 6.38
C ILE A 67 -3.73 12.34 6.87
N LYS A 68 -4.03 11.26 6.21
CA LYS A 68 -5.19 10.43 6.64
C LYS A 68 -4.85 8.95 6.48
N VAL A 69 -4.38 8.33 7.52
CA VAL A 69 -4.04 6.88 7.42
C VAL A 69 -5.19 6.05 7.96
N SER A 70 -5.92 5.43 7.09
CA SER A 70 -7.06 4.59 7.55
C SER A 70 -6.96 3.17 7.00
N SER A 71 -7.64 2.25 7.63
CA SER A 71 -7.59 0.83 7.16
C SER A 71 -8.98 0.20 7.34
N GLY A 72 -9.48 -0.43 6.33
CA GLY A 72 -10.82 -1.06 6.44
C GLY A 72 -10.71 -2.54 6.11
N THR A 73 -11.82 -3.23 6.03
CA THR A 73 -11.76 -4.68 5.71
C THR A 73 -13.12 -5.33 5.92
N GLU A 74 -13.29 -6.50 5.38
CA GLU A 74 -14.59 -7.22 5.53
C GLU A 74 -14.27 -8.70 5.82
N PRO A 75 -15.28 -9.54 5.76
CA PRO A 75 -15.06 -10.96 6.03
C PRO A 75 -14.59 -11.69 4.77
N ASN A 76 -13.87 -11.01 3.91
CA ASN A 76 -13.39 -11.66 2.65
C ASN A 76 -12.55 -10.68 1.82
N ARG A 77 -11.91 -9.73 2.46
CA ARG A 77 -11.07 -8.75 1.69
C ARG A 77 -10.72 -7.53 2.56
N ALA A 78 -9.48 -7.44 2.99
CA ALA A 78 -9.07 -6.27 3.83
C ALA A 78 -8.21 -5.32 3.00
N TRP A 79 -8.41 -4.04 3.12
CA TRP A 79 -7.59 -3.08 2.31
C TRP A 79 -7.22 -1.86 3.15
N PHE A 80 -6.14 -1.22 2.81
CA PHE A 80 -5.73 0.00 3.57
C PHE A 80 -5.51 1.17 2.61
N GLN A 81 -5.95 2.35 2.98
CA GLN A 81 -5.78 3.53 2.08
C GLN A 81 -5.09 4.68 2.79
N VAL A 82 -4.62 5.65 2.03
CA VAL A 82 -3.93 6.84 2.63
C VAL A 82 -4.32 8.09 1.85
N GLU A 83 -4.83 9.10 2.51
CA GLU A 83 -5.22 10.34 1.77
C GLU A 83 -4.50 11.56 2.34
N ASP A 84 -4.34 12.58 1.56
CA ASP A 84 -3.65 13.81 2.06
C ASP A 84 -4.22 15.06 1.38
N ASP A 85 -4.23 16.17 2.07
CA ASP A 85 -4.76 17.42 1.47
C ASP A 85 -3.66 18.14 0.69
N GLY A 86 -3.58 17.93 -0.60
CA GLY A 86 -2.53 18.61 -1.40
C GLY A 86 -2.46 17.99 -2.79
N PRO A 87 -1.84 18.71 -3.69
CA PRO A 87 -1.69 18.23 -5.09
C PRO A 87 -0.68 17.07 -5.15
N GLY A 88 -1.08 15.95 -5.68
CA GLY A 88 -0.14 14.80 -5.76
C GLY A 88 0.18 14.47 -7.22
N ILE A 89 -0.58 13.61 -7.83
CA ILE A 89 -0.33 13.25 -9.26
C ILE A 89 -0.59 14.46 -10.16
N ALA A 90 -0.15 14.41 -11.39
CA ALA A 90 -0.38 15.56 -12.32
C ALA A 90 -0.99 15.06 -13.63
N PRO A 91 -1.26 15.97 -14.51
CA PRO A 91 -1.84 15.63 -15.82
C PRO A 91 -0.80 14.91 -16.68
N GLU A 92 0.37 15.46 -16.78
CA GLU A 92 1.44 14.82 -17.60
C GLU A 92 2.28 13.86 -16.73
N GLN A 93 2.25 14.05 -15.44
CA GLN A 93 3.04 13.16 -14.53
C GLN A 93 2.31 11.83 -14.28
N ARG A 94 1.03 11.79 -14.51
CA ARG A 94 0.29 10.52 -14.29
C ARG A 94 0.89 9.37 -15.11
N LYS A 95 1.52 9.67 -16.22
CA LYS A 95 2.13 8.59 -17.06
C LYS A 95 3.55 8.28 -16.59
N HIS A 96 4.15 9.18 -15.86
CA HIS A 96 5.55 8.95 -15.36
C HIS A 96 5.69 7.55 -14.72
N LEU A 97 4.90 7.25 -13.73
CA LEU A 97 5.01 5.90 -13.08
C LEU A 97 3.74 5.07 -13.29
N PHE A 98 3.14 5.14 -14.45
CA PHE A 98 1.90 4.36 -14.70
C PHE A 98 1.67 4.22 -16.21
N GLN A 99 2.70 3.93 -16.96
CA GLN A 99 2.53 3.77 -18.43
C GLN A 99 1.52 2.67 -18.73
N PRO A 100 0.70 2.91 -19.72
CA PRO A 100 -0.33 1.92 -20.13
C PRO A 100 0.32 0.74 -20.85
N PHE A 101 -0.45 0.01 -21.62
CA PHE A 101 0.13 -1.15 -22.36
C PHE A 101 0.15 -0.88 -23.86
N VAL A 102 1.26 -0.48 -24.37
CA VAL A 102 1.38 -0.19 -25.82
C VAL A 102 2.26 -1.25 -26.49
N ARG A 103 2.15 -2.48 -26.07
CA ARG A 103 2.97 -3.56 -26.67
C ARG A 103 4.46 -3.24 -26.53
N GLY A 104 4.97 -3.28 -25.32
CA GLY A 104 6.42 -2.98 -25.12
C GLY A 104 7.21 -4.28 -25.09
N ASP A 105 7.47 -4.81 -23.92
CA ASP A 105 8.24 -6.09 -23.84
C ASP A 105 7.35 -7.21 -23.27
N SER A 106 7.16 -8.26 -24.02
CA SER A 106 6.31 -9.37 -23.53
C SER A 106 7.03 -10.14 -22.41
N ALA A 107 6.31 -10.91 -21.63
CA ALA A 107 6.97 -11.67 -20.53
C ALA A 107 7.72 -10.72 -19.60
N ARG A 108 7.98 -11.14 -18.39
CA ARG A 108 8.71 -10.25 -17.44
C ARG A 108 8.98 -10.99 -16.12
N THR A 109 9.22 -12.27 -16.19
CA THR A 109 9.49 -13.05 -14.96
C THR A 109 10.18 -14.38 -15.30
N ILE A 110 10.87 -14.43 -16.40
CA ILE A 110 11.55 -15.70 -16.79
C ILE A 110 13.06 -15.46 -16.97
N SER A 111 13.47 -14.22 -17.03
CA SER A 111 14.92 -13.93 -17.21
C SER A 111 15.23 -12.49 -16.76
N GLY A 112 14.70 -12.08 -15.65
CA GLY A 112 14.96 -10.69 -15.17
C GLY A 112 16.00 -10.74 -14.05
N THR A 113 16.91 -9.81 -14.03
CA THR A 113 17.95 -9.80 -12.97
C THR A 113 17.88 -8.49 -12.17
N GLY A 114 17.02 -7.59 -12.55
CA GLY A 114 16.90 -6.30 -11.82
C GLY A 114 16.26 -6.53 -10.46
N LEU A 115 16.56 -5.70 -9.49
CA LEU A 115 15.97 -5.88 -8.13
C LEU A 115 15.33 -4.57 -7.65
N GLY A 116 16.12 -3.54 -7.51
CA GLY A 116 15.56 -2.25 -7.04
C GLY A 116 15.04 -2.40 -5.61
N LEU A 117 15.35 -1.47 -4.75
CA LEU A 117 14.86 -1.56 -3.33
C LEU A 117 13.55 -0.81 -3.17
N ALA A 118 13.23 0.06 -4.09
CA ALA A 118 11.95 0.83 -3.98
C ALA A 118 10.97 0.37 -5.06
N ILE A 119 9.87 -0.21 -4.66
CA ILE A 119 8.86 -0.69 -5.66
C ILE A 119 7.54 -1.07 -4.98
N VAL A 120 6.61 -0.17 -4.90
CA VAL A 120 5.32 -0.49 -4.24
C VAL A 120 4.58 -1.55 -5.06
N GLN A 121 4.96 -1.71 -6.30
CA GLN A 121 4.30 -2.72 -7.17
C GLN A 121 4.51 -4.13 -6.59
N ARG A 122 5.74 -4.56 -6.50
CA ARG A 122 6.01 -5.92 -5.94
C ARG A 122 5.37 -6.09 -4.57
N ILE A 123 5.13 -5.01 -3.88
CA ILE A 123 4.50 -5.12 -2.54
C ILE A 123 3.07 -5.61 -2.69
N VAL A 124 2.27 -4.88 -3.41
CA VAL A 124 0.85 -5.29 -3.62
C VAL A 124 0.82 -6.55 -4.48
N ASP A 125 1.88 -6.81 -5.19
CA ASP A 125 1.93 -8.02 -6.05
C ASP A 125 2.34 -9.22 -5.22
N ASN A 126 3.04 -8.99 -4.14
CA ASN A 126 3.48 -10.11 -3.29
C ASN A 126 2.28 -10.60 -2.48
N HIS A 127 1.31 -9.75 -2.31
CA HIS A 127 0.10 -10.15 -1.53
C HIS A 127 -0.99 -10.61 -2.52
N ASN A 128 -1.08 -9.95 -3.65
CA ASN A 128 -2.12 -10.33 -4.69
C ASN A 128 -3.48 -9.73 -4.32
N GLY A 129 -3.55 -8.45 -4.17
CA GLY A 129 -4.84 -7.81 -3.82
C GLY A 129 -5.16 -6.76 -4.87
N MET A 130 -4.64 -5.58 -4.72
CA MET A 130 -4.93 -4.51 -5.72
C MET A 130 -4.22 -3.21 -5.38
N LEU A 131 -4.17 -2.31 -6.32
CA LEU A 131 -3.50 -1.01 -6.07
C LEU A 131 -4.15 0.05 -6.97
N GLU A 132 -5.25 0.62 -6.56
CA GLU A 132 -5.91 1.66 -7.41
C GLU A 132 -5.60 3.07 -6.91
N LEU A 133 -5.90 4.06 -7.73
CA LEU A 133 -5.64 5.48 -7.33
C LEU A 133 -6.93 6.30 -7.41
N GLY A 134 -7.30 6.91 -6.34
CA GLY A 134 -8.55 7.72 -6.34
C GLY A 134 -8.21 9.13 -5.84
N THR A 135 -8.93 10.13 -6.27
CA THR A 135 -8.61 11.50 -5.78
C THR A 135 -9.76 12.48 -6.06
N SER A 136 -10.25 13.15 -5.05
CA SER A 136 -11.35 14.11 -5.29
C SER A 136 -10.83 15.20 -6.23
N GLU A 137 -11.47 15.38 -7.36
CA GLU A 137 -11.00 16.42 -8.30
C GLU A 137 -9.49 16.25 -8.50
N ARG A 138 -8.70 16.99 -7.78
CA ARG A 138 -7.22 16.86 -7.93
C ARG A 138 -6.54 17.46 -6.71
N GLY A 139 -7.24 17.51 -5.62
CA GLY A 139 -6.66 18.07 -4.38
C GLY A 139 -6.77 17.05 -3.25
N GLY A 140 -7.58 16.03 -3.43
CA GLY A 140 -7.70 15.00 -2.36
C GLY A 140 -7.24 13.64 -2.87
N LEU A 141 -5.96 13.41 -2.95
CA LEU A 141 -5.47 12.08 -3.45
C LEU A 141 -5.62 11.02 -2.37
N SER A 142 -5.76 9.79 -2.76
CA SER A 142 -5.91 8.68 -1.77
C SER A 142 -5.56 7.34 -2.43
N ILE A 143 -4.69 6.60 -1.82
CA ILE A 143 -4.31 5.28 -2.41
C ILE A 143 -5.22 4.18 -1.87
N ARG A 144 -5.70 3.31 -2.73
CA ARG A 144 -6.61 2.22 -2.26
C ARG A 144 -5.91 0.87 -2.48
N ALA A 145 -5.11 0.44 -1.54
CA ALA A 145 -4.41 -0.87 -1.70
C ALA A 145 -5.28 -2.00 -1.14
N TRP A 146 -5.34 -3.11 -1.82
CA TRP A 146 -6.19 -4.24 -1.31
C TRP A 146 -5.38 -5.49 -0.98
N LEU A 147 -5.92 -6.27 -0.08
CA LEU A 147 -5.29 -7.55 0.36
C LEU A 147 -6.43 -8.56 0.56
N PRO A 148 -6.44 -9.58 -0.23
CA PRO A 148 -7.51 -10.61 -0.14
C PRO A 148 -7.38 -11.47 1.13
N VAL A 149 -8.50 -11.75 1.75
CA VAL A 149 -8.48 -12.59 2.98
C VAL A 149 -9.17 -13.93 2.70
N PRO A 150 -8.56 -14.69 1.82
CA PRO A 150 -9.11 -16.02 1.45
C PRO A 150 -9.05 -16.99 2.62
N VAL A 151 -10.10 -17.06 3.39
CA VAL A 151 -10.11 -17.98 4.57
C VAL A 151 -11.42 -18.79 4.58
N THR A 152 -12.50 -18.18 4.99
CA THR A 152 -13.80 -18.91 5.03
C THR A 152 -14.50 -18.80 3.67
N ARG A 153 -15.28 -19.77 3.31
CA ARG A 153 -15.99 -19.71 1.99
C ARG A 153 -14.98 -19.39 0.88
N ALA A 154 -13.89 -20.09 0.85
CA ALA A 154 -12.86 -19.82 -0.20
C ALA A 154 -13.10 -20.73 -1.42
N GLN A 155 -13.12 -20.17 -2.59
CA GLN A 155 -13.35 -20.99 -3.82
C GLN A 155 -14.64 -21.79 -3.70
N GLY A 156 -15.15 -22.28 -4.79
CA GLY A 156 -16.41 -23.07 -4.73
C GLY A 156 -16.34 -24.20 -5.77
N THR A 157 -15.22 -24.86 -5.88
CA THR A 157 -15.10 -25.96 -6.86
C THR A 157 -15.18 -27.32 -6.16
N THR A 158 -16.37 -27.72 -5.77
CA THR A 158 -16.52 -29.03 -5.07
C THR A 158 -16.56 -30.17 -6.09
N LYS A 159 -17.34 -31.19 -5.82
CA LYS A 159 -17.41 -32.33 -6.78
C LYS A 159 -18.88 -32.72 -7.03
N GLU A 160 -19.13 -33.48 -8.05
CA GLU A 160 -20.53 -33.89 -8.35
C GLU A 160 -20.94 -35.05 -7.44
N GLY A 161 -22.11 -34.98 -6.85
CA GLY A 161 -22.56 -36.08 -5.97
C GLY A 161 -22.59 -37.39 -6.74
PG ANP B . 9.23 7.99 -7.58
O1G ANP B . 9.87 8.48 -8.82
O2G ANP B . 8.89 9.00 -6.54
O3G ANP B . 10.30 7.01 -6.90
PB ANP B . 7.52 6.21 -6.65
O1B ANP B . 6.68 5.06 -7.06
O2B ANP B . 8.72 5.91 -5.83
N3B ANP B . 7.93 7.10 -7.94
PA ANP B . 5.12 7.77 -5.97
O1A ANP B . 4.74 7.47 -7.37
O2A ANP B . 4.24 7.35 -4.87
O3A ANP B . 6.58 7.13 -5.72
O5' ANP B . 5.40 9.34 -5.84
C5' ANP B . 4.63 10.30 -6.58
C4' ANP B . 4.56 9.93 -8.07
O4' ANP B . 3.43 9.09 -8.30
C3' ANP B . 4.38 11.17 -8.94
O3' ANP B . 5.28 11.16 -10.05
C2' ANP B . 2.96 11.12 -9.40
O2' ANP B . 2.91 10.93 -10.81
C1' ANP B . 2.35 9.93 -8.67
N9 ANP B . 1.61 10.32 -7.44
C8 ANP B . 1.44 11.53 -6.84
N7 ANP B . 0.79 11.56 -5.74
C5 ANP B . 0.47 10.21 -5.56
C6 ANP B . -0.21 9.52 -4.55
N6 ANP B . -0.74 10.13 -3.50
N1 ANP B . -0.34 8.19 -4.68
C2 ANP B . 0.19 7.56 -5.75
N3 ANP B . 0.86 8.12 -6.76
C4 ANP B . 0.97 9.45 -6.59
HOG3 ANP B . 11.17 7.25 -7.24
HNB1 ANP B . 8.14 6.50 -8.71
H5'1 ANP B . 3.59 10.33 -6.18
H5'2 ANP B . 5.08 11.28 -6.47
H4' ANP B . 5.45 9.42 -8.36
H3' ANP B . 4.54 12.07 -8.35
HO3' ANP B . 5.81 10.36 -9.97
H2' ANP B . 2.46 12.03 -9.13
HO2' ANP B . 2.26 10.24 -10.98
H1' ANP B . 1.70 9.40 -9.34
H8 ANP B . 1.87 12.43 -7.26
HN61 ANP B . -0.67 11.13 -3.39
HN62 ANP B . -1.25 9.59 -2.81
H2 ANP B . 0.06 6.48 -5.79
N THR A 1 9.28 -23.28 -6.46
CA THR A 1 8.47 -23.68 -5.28
C THR A 1 9.35 -23.79 -4.04
N GLY A 2 9.80 -22.68 -3.51
CA GLY A 2 10.67 -22.73 -2.30
C GLY A 2 11.58 -21.51 -2.26
N GLN A 3 11.02 -20.33 -2.34
CA GLN A 3 11.86 -19.09 -2.31
C GLN A 3 11.79 -18.43 -0.93
N GLU A 4 12.55 -17.40 -0.71
CA GLU A 4 12.53 -16.72 0.61
C GLU A 4 11.32 -15.77 0.70
N MET A 5 10.15 -16.30 0.96
CA MET A 5 8.94 -15.43 1.06
C MET A 5 8.31 -15.55 2.44
N PRO A 6 8.48 -14.52 3.23
CA PRO A 6 7.93 -14.49 4.59
C PRO A 6 6.50 -13.99 4.57
N MET A 7 5.67 -14.60 3.80
CA MET A 7 4.27 -14.16 3.74
C MET A 7 3.45 -15.03 4.66
N GLU A 8 3.02 -14.48 5.73
CA GLU A 8 2.21 -15.26 6.71
C GLU A 8 1.08 -14.40 7.21
N MET A 9 0.60 -14.65 8.40
CA MET A 9 -0.53 -13.84 8.93
C MET A 9 0.00 -12.60 9.65
N ALA A 10 -0.67 -11.49 9.49
CA ALA A 10 -0.21 -10.23 10.15
C ALA A 10 -1.39 -9.28 10.38
N ASP A 11 -1.24 -8.37 11.32
CA ASP A 11 -2.33 -7.39 11.60
C ASP A 11 -2.14 -6.13 10.76
N LEU A 12 -3.07 -5.84 9.89
CA LEU A 12 -2.92 -4.62 9.04
C LEU A 12 -3.02 -3.37 9.91
N ASN A 13 -3.66 -3.45 11.04
CA ASN A 13 -3.78 -2.26 11.93
C ASN A 13 -2.54 -2.14 12.80
N ALA A 14 -1.85 -3.22 13.00
CA ALA A 14 -0.63 -3.20 13.84
C ALA A 14 0.55 -2.75 12.99
N VAL A 15 0.50 -3.05 11.72
CA VAL A 15 1.61 -2.66 10.82
C VAL A 15 1.47 -1.18 10.46
N LEU A 16 0.26 -0.73 10.23
CA LEU A 16 0.05 0.69 9.87
C LEU A 16 0.25 1.58 11.09
N GLY A 17 -0.03 1.09 12.28
CA GLY A 17 0.16 1.94 13.48
C GLY A 17 1.63 2.33 13.60
N GLU A 18 2.52 1.45 13.23
CA GLU A 18 3.97 1.77 13.32
C GLU A 18 4.35 2.68 12.16
N VAL A 19 3.73 2.49 11.03
CA VAL A 19 4.05 3.34 9.87
C VAL A 19 3.44 4.71 10.07
N ILE A 20 2.49 4.82 10.94
CA ILE A 20 1.86 6.12 11.21
C ILE A 20 2.79 6.96 12.06
N ALA A 21 3.31 6.36 13.07
CA ALA A 21 4.23 7.08 13.98
C ALA A 21 5.52 7.37 13.25
N ALA A 22 5.75 6.70 12.17
CA ALA A 22 6.99 6.93 11.40
C ALA A 22 6.91 8.24 10.64
N GLU A 23 5.94 8.36 9.79
CA GLU A 23 5.81 9.61 9.00
C GLU A 23 4.57 10.37 9.46
N SER A 24 4.39 10.49 10.74
CA SER A 24 3.19 11.24 11.26
C SER A 24 3.41 12.76 11.19
N GLY A 25 4.34 13.20 10.40
CA GLY A 25 4.59 14.67 10.29
C GLY A 25 4.80 15.24 11.68
N TYR A 26 5.71 14.68 12.41
CA TYR A 26 5.98 15.19 13.78
C TYR A 26 4.66 15.40 14.54
N GLU A 27 3.73 14.48 14.43
CA GLU A 27 2.44 14.67 15.15
C GLU A 27 1.69 15.87 14.58
N ARG A 28 1.81 16.07 13.31
CA ARG A 28 1.13 17.21 12.66
C ARG A 28 -0.37 16.98 12.67
N GLU A 29 -0.83 16.12 11.86
CA GLU A 29 -2.29 15.84 11.82
C GLU A 29 -2.58 14.57 11.02
N ILE A 30 -2.38 13.44 11.62
CA ILE A 30 -2.65 12.17 10.91
C ILE A 30 -4.04 11.66 11.28
N GLU A 31 -4.89 11.47 10.31
CA GLU A 31 -6.24 10.96 10.64
C GLU A 31 -6.21 9.43 10.62
N THR A 32 -6.15 8.84 11.78
CA THR A 32 -6.11 7.37 11.85
C THR A 32 -7.50 6.76 11.94
N ALA A 33 -7.78 5.83 11.09
CA ALA A 33 -9.10 5.17 11.08
C ALA A 33 -8.94 3.73 10.58
N LEU A 34 -8.46 2.86 11.44
CA LEU A 34 -8.27 1.45 11.04
C LEU A 34 -9.46 0.61 11.46
N TYR A 35 -9.52 -0.62 11.02
CA TYR A 35 -10.65 -1.50 11.41
C TYR A 35 -10.65 -1.73 12.93
N PRO A 36 -11.76 -1.45 13.54
CA PRO A 36 -11.89 -1.62 15.00
C PRO A 36 -12.11 -3.10 15.35
N GLY A 37 -11.10 -3.91 15.20
CA GLY A 37 -11.27 -5.37 15.53
C GLY A 37 -10.03 -6.16 15.10
N SER A 38 -8.87 -5.55 15.12
CA SER A 38 -7.63 -6.27 14.72
C SER A 38 -7.86 -7.05 13.44
N ILE A 39 -7.41 -6.52 12.35
CA ILE A 39 -7.59 -7.22 11.04
C ILE A 39 -6.70 -8.44 11.00
N GLU A 40 -6.71 -9.15 9.92
CA GLU A 40 -5.85 -10.36 9.82
C GLU A 40 -5.78 -10.85 8.39
N VAL A 41 -4.67 -10.67 7.77
CA VAL A 41 -4.49 -11.12 6.37
C VAL A 41 -3.14 -11.77 6.20
N LYS A 42 -3.00 -12.59 5.23
CA LYS A 42 -1.70 -13.24 5.02
C LYS A 42 -0.77 -12.24 4.35
N MET A 43 -0.02 -11.50 5.12
CA MET A 43 0.90 -10.51 4.52
C MET A 43 2.14 -10.31 5.39
N HIS A 44 3.20 -9.82 4.82
CA HIS A 44 4.43 -9.61 5.60
C HIS A 44 4.39 -8.18 6.16
N PRO A 45 4.55 -8.05 7.44
CA PRO A 45 4.52 -6.72 8.07
C PRO A 45 5.64 -5.85 7.53
N LEU A 46 6.63 -6.47 6.96
CA LEU A 46 7.77 -5.69 6.40
C LEU A 46 7.36 -5.05 5.09
N SER A 47 6.94 -5.85 4.16
CA SER A 47 6.54 -5.30 2.85
C SER A 47 5.49 -4.20 3.03
N ILE A 48 4.48 -4.43 3.83
CA ILE A 48 3.44 -3.38 4.04
C ILE A 48 4.05 -2.14 4.70
N LYS A 49 5.05 -2.32 5.53
CA LYS A 49 5.67 -1.13 6.19
C LYS A 49 6.25 -0.20 5.13
N ARG A 50 6.84 -0.77 4.13
CA ARG A 50 7.45 0.05 3.03
C ARG A 50 6.35 0.67 2.13
N ALA A 51 5.34 -0.09 1.81
CA ALA A 51 4.24 0.46 0.94
C ALA A 51 3.45 1.56 1.67
N VAL A 52 3.35 1.47 2.97
CA VAL A 52 2.60 2.51 3.72
C VAL A 52 3.53 3.64 4.15
N ALA A 53 4.80 3.37 4.29
CA ALA A 53 5.75 4.43 4.70
C ALA A 53 6.19 5.27 3.48
N ASN A 54 6.03 4.74 2.30
CA ASN A 54 6.43 5.51 1.08
C ASN A 54 5.27 6.37 0.58
N MET A 55 4.07 6.07 0.98
CA MET A 55 2.90 6.88 0.52
C MET A 55 2.81 8.18 1.32
N VAL A 56 3.13 8.14 2.58
CA VAL A 56 3.07 9.38 3.41
C VAL A 56 4.39 10.15 3.36
N VAL A 57 5.47 9.50 3.05
CA VAL A 57 6.79 10.21 2.98
C VAL A 57 6.78 11.22 1.83
N ASN A 58 5.90 11.05 0.88
CA ASN A 58 5.85 12.00 -0.27
C ASN A 58 5.11 13.30 0.12
N ALA A 59 4.13 13.20 0.97
CA ALA A 59 3.38 14.43 1.38
C ALA A 59 4.04 15.09 2.59
N ALA A 60 4.72 14.33 3.40
CA ALA A 60 5.39 14.92 4.60
C ALA A 60 6.61 15.76 4.21
N ARG A 61 7.25 15.43 3.13
CA ARG A 61 8.44 16.23 2.70
C ARG A 61 8.02 17.55 2.03
N TYR A 62 7.40 17.47 0.87
CA TYR A 62 6.96 18.72 0.18
C TYR A 62 5.54 19.11 0.59
N GLY A 63 4.78 18.20 1.12
CA GLY A 63 3.38 18.54 1.54
C GLY A 63 3.40 19.33 2.86
N ASN A 64 3.17 18.65 3.96
CA ASN A 64 3.15 19.33 5.30
C ASN A 64 1.85 20.11 5.48
N GLY A 65 0.74 19.48 5.17
CA GLY A 65 -0.57 20.17 5.32
C GLY A 65 -1.52 19.24 6.10
N TRP A 66 -2.06 18.25 5.44
CA TRP A 66 -2.98 17.30 6.13
C TRP A 66 -2.67 15.86 5.71
N ILE A 67 -2.48 15.00 6.65
CA ILE A 67 -2.18 13.59 6.30
C ILE A 67 -3.32 12.71 6.79
N LYS A 68 -3.47 11.53 6.25
CA LYS A 68 -4.57 10.66 6.71
C LYS A 68 -4.20 9.19 6.63
N VAL A 69 -4.15 8.52 7.73
CA VAL A 69 -3.79 7.07 7.71
C VAL A 69 -5.04 6.26 8.03
N SER A 70 -5.29 5.22 7.31
CA SER A 70 -6.50 4.41 7.61
C SER A 70 -6.37 2.98 7.08
N SER A 71 -7.22 2.10 7.56
CA SER A 71 -7.18 0.69 7.11
C SER A 71 -8.49 -0.01 7.52
N GLY A 72 -9.11 -0.71 6.63
CA GLY A 72 -10.37 -1.39 7.01
C GLY A 72 -10.37 -2.80 6.45
N THR A 73 -11.50 -3.42 6.40
CA THR A 73 -11.55 -4.81 5.87
C THR A 73 -12.96 -5.16 5.45
N GLU A 74 -13.10 -6.23 4.72
CA GLU A 74 -14.44 -6.66 4.25
C GLU A 74 -14.50 -8.18 4.20
N PRO A 75 -15.60 -8.70 3.73
CA PRO A 75 -15.74 -10.18 3.64
C PRO A 75 -14.73 -10.77 2.66
N ASN A 76 -13.77 -11.49 3.16
CA ASN A 76 -12.73 -12.10 2.27
C ASN A 76 -11.98 -11.02 1.48
N ARG A 77 -11.66 -9.90 2.11
CA ARG A 77 -10.92 -8.82 1.38
C ARG A 77 -10.59 -7.66 2.31
N ALA A 78 -9.38 -7.61 2.81
CA ALA A 78 -9.00 -6.49 3.73
C ALA A 78 -8.27 -5.43 2.91
N TRP A 79 -7.99 -4.29 3.46
CA TRP A 79 -7.26 -3.26 2.64
C TRP A 79 -6.83 -2.07 3.50
N PHE A 80 -5.88 -1.32 3.02
CA PHE A 80 -5.39 -0.13 3.79
C PHE A 80 -5.19 1.05 2.83
N GLN A 81 -5.69 2.21 3.17
CA GLN A 81 -5.52 3.38 2.26
C GLN A 81 -4.78 4.55 2.94
N VAL A 82 -4.39 5.51 2.14
CA VAL A 82 -3.67 6.69 2.67
C VAL A 82 -4.18 7.96 1.95
N GLU A 83 -4.18 9.09 2.62
CA GLU A 83 -4.67 10.33 1.97
C GLU A 83 -3.89 11.55 2.49
N ASP A 84 -3.71 12.54 1.66
CA ASP A 84 -2.96 13.75 2.10
C ASP A 84 -3.18 14.91 1.12
N ASP A 85 -2.86 16.11 1.51
CA ASP A 85 -3.06 17.27 0.59
C ASP A 85 -1.72 17.78 0.10
N GLY A 86 -0.98 16.98 -0.61
CA GLY A 86 0.35 17.43 -1.12
C GLY A 86 0.15 18.12 -2.47
N PRO A 87 1.15 18.01 -3.30
CA PRO A 87 1.11 18.62 -4.65
C PRO A 87 0.17 17.83 -5.56
N GLY A 88 0.24 16.53 -5.52
CA GLY A 88 -0.65 15.71 -6.39
C GLY A 88 0.19 15.01 -7.45
N ILE A 89 -0.43 14.28 -8.35
CA ILE A 89 0.35 13.58 -9.42
C ILE A 89 0.30 14.40 -10.71
N ALA A 90 1.43 14.56 -11.37
CA ALA A 90 1.44 15.36 -12.62
C ALA A 90 0.34 14.87 -13.58
N PRO A 91 0.07 15.67 -14.57
CA PRO A 91 -0.98 15.34 -15.57
C PRO A 91 -0.51 14.21 -16.51
N GLU A 92 0.73 14.23 -16.90
CA GLU A 92 1.22 13.15 -17.82
C GLU A 92 1.75 11.95 -17.02
N GLN A 93 2.51 12.21 -16.01
CA GLN A 93 3.07 11.09 -15.19
C GLN A 93 1.93 10.22 -14.64
N ARG A 94 0.74 10.73 -14.61
CA ARG A 94 -0.40 9.90 -14.09
C ARG A 94 -0.40 8.53 -14.76
N LYS A 95 0.01 8.46 -16.01
CA LYS A 95 0.05 7.15 -16.71
C LYS A 95 1.41 6.47 -16.49
N HIS A 96 2.40 7.24 -16.14
CA HIS A 96 3.76 6.68 -15.91
C HIS A 96 3.93 6.41 -14.41
N LEU A 97 2.84 6.22 -13.72
CA LEU A 97 2.90 5.94 -12.26
C LEU A 97 2.99 4.45 -11.97
N PHE A 98 3.38 3.68 -12.93
CA PHE A 98 3.48 2.20 -12.70
C PHE A 98 4.38 1.55 -13.76
N GLN A 99 5.56 2.08 -13.95
CA GLN A 99 6.49 1.50 -14.97
C GLN A 99 7.91 1.46 -14.42
N PRO A 100 8.34 0.28 -14.07
CA PRO A 100 9.70 0.10 -13.53
C PRO A 100 10.73 0.10 -14.66
N PHE A 101 11.98 0.26 -14.33
CA PHE A 101 13.05 0.27 -15.38
C PHE A 101 14.42 0.45 -14.72
N VAL A 102 15.10 -0.64 -14.48
CA VAL A 102 16.43 -0.55 -13.84
C VAL A 102 17.45 0.05 -14.81
N ARG A 103 18.07 1.12 -14.42
CA ARG A 103 19.09 1.75 -15.31
C ARG A 103 20.44 1.05 -15.12
N GLY A 104 21.51 1.67 -15.51
CA GLY A 104 22.83 1.01 -15.36
C GLY A 104 23.82 1.97 -14.69
N ASP A 105 24.61 1.48 -13.78
CA ASP A 105 25.60 2.35 -13.08
C ASP A 105 24.91 3.56 -12.42
N SER A 106 25.57 4.17 -11.47
CA SER A 106 24.96 5.35 -10.79
C SER A 106 26.00 6.47 -10.64
N ALA A 107 27.18 6.14 -10.20
CA ALA A 107 28.25 7.17 -10.05
C ALA A 107 27.76 8.31 -9.15
N ARG A 108 26.87 8.02 -8.24
CA ARG A 108 26.36 9.10 -7.33
C ARG A 108 26.24 8.57 -5.91
N THR A 109 25.12 8.02 -5.55
CA THR A 109 24.94 7.48 -4.17
C THR A 109 23.93 6.33 -4.16
N ILE A 110 24.34 5.16 -3.75
CA ILE A 110 23.40 4.01 -3.72
C ILE A 110 22.86 3.81 -2.30
N SER A 111 21.56 3.85 -2.15
CA SER A 111 20.97 3.67 -0.79
C SER A 111 20.31 2.29 -0.67
N GLY A 112 20.26 1.75 0.51
CA GLY A 112 19.63 0.41 0.69
C GLY A 112 20.70 -0.68 0.65
N THR A 113 20.33 -1.90 0.88
CA THR A 113 21.32 -3.01 0.87
C THR A 113 21.61 -3.45 -0.58
N GLY A 114 22.74 -3.07 -1.11
CA GLY A 114 23.06 -3.46 -2.51
C GLY A 114 22.28 -2.58 -3.48
N LEU A 115 21.23 -3.11 -4.05
CA LEU A 115 20.42 -2.30 -5.02
C LEU A 115 19.02 -2.05 -4.46
N GLY A 116 18.86 -1.08 -3.61
CA GLY A 116 17.51 -0.79 -3.04
C GLY A 116 16.56 -0.39 -4.16
N LEU A 117 15.99 0.78 -4.08
CA LEU A 117 15.05 1.23 -5.16
C LEU A 117 13.81 0.35 -5.18
N ALA A 118 13.32 -0.05 -4.03
CA ALA A 118 12.10 -0.91 -3.99
C ALA A 118 10.88 -0.10 -4.43
N ILE A 119 9.70 -0.62 -4.24
CA ILE A 119 8.47 0.13 -4.65
C ILE A 119 7.21 -0.62 -4.21
N VAL A 120 6.13 0.09 -4.00
CA VAL A 120 4.86 -0.58 -3.58
C VAL A 120 4.45 -1.65 -4.58
N GLN A 121 4.88 -1.53 -5.81
CA GLN A 121 4.51 -2.57 -6.83
C GLN A 121 4.84 -3.96 -6.29
N ARG A 122 5.99 -4.10 -5.69
CA ARG A 122 6.38 -5.44 -5.14
C ARG A 122 5.50 -5.80 -3.95
N ILE A 123 5.02 -4.83 -3.23
CA ILE A 123 4.16 -5.13 -2.06
C ILE A 123 2.82 -5.67 -2.57
N VAL A 124 2.08 -4.89 -3.29
CA VAL A 124 0.77 -5.35 -3.80
C VAL A 124 0.97 -6.53 -4.77
N ASP A 125 2.14 -6.65 -5.34
CA ASP A 125 2.39 -7.78 -6.28
C ASP A 125 2.72 -9.03 -5.48
N ASN A 126 3.30 -8.87 -4.33
CA ASN A 126 3.65 -10.06 -3.49
C ASN A 126 2.40 -10.53 -2.74
N HIS A 127 1.50 -9.63 -2.45
CA HIS A 127 0.26 -10.02 -1.72
C HIS A 127 -0.80 -10.49 -2.72
N ASN A 128 -0.84 -9.90 -3.89
CA ASN A 128 -1.84 -10.29 -4.92
C ASN A 128 -3.23 -9.76 -4.58
N GLY A 129 -3.30 -8.64 -3.94
CA GLY A 129 -4.62 -8.07 -3.58
C GLY A 129 -5.02 -7.05 -4.66
N MET A 130 -4.54 -5.84 -4.54
CA MET A 130 -4.88 -4.80 -5.56
C MET A 130 -4.18 -3.48 -5.23
N LEU A 131 -4.05 -2.61 -6.19
CA LEU A 131 -3.39 -1.30 -5.92
C LEU A 131 -3.96 -0.21 -6.85
N GLU A 132 -4.94 0.52 -6.39
CA GLU A 132 -5.54 1.59 -7.25
C GLU A 132 -5.49 2.93 -6.52
N LEU A 133 -5.20 4.00 -7.22
CA LEU A 133 -5.14 5.33 -6.54
C LEU A 133 -6.12 6.33 -7.19
N GLY A 134 -6.61 7.25 -6.40
CA GLY A 134 -7.57 8.28 -6.91
C GLY A 134 -7.13 9.64 -6.38
N THR A 135 -7.96 10.64 -6.46
CA THR A 135 -7.55 11.97 -5.93
C THR A 135 -6.28 12.44 -6.66
N SER A 136 -6.06 13.74 -6.72
CA SER A 136 -4.84 14.28 -7.42
C SER A 136 -4.84 15.81 -7.36
N GLU A 137 -4.36 16.45 -8.38
CA GLU A 137 -4.33 17.95 -8.38
C GLU A 137 -5.72 18.49 -8.02
N ARG A 138 -6.73 17.71 -8.23
CA ARG A 138 -8.12 18.17 -7.91
C ARG A 138 -8.18 18.68 -6.46
N GLY A 139 -7.57 17.98 -5.55
CA GLY A 139 -7.58 18.40 -4.12
C GLY A 139 -6.38 17.80 -3.40
N GLY A 140 -6.02 16.58 -3.74
CA GLY A 140 -4.86 15.93 -3.08
C GLY A 140 -4.66 14.54 -3.69
N LEU A 141 -4.51 13.53 -2.88
CA LEU A 141 -4.32 12.15 -3.43
C LEU A 141 -4.82 11.11 -2.40
N SER A 142 -5.31 9.98 -2.85
CA SER A 142 -5.81 8.94 -1.91
C SER A 142 -5.60 7.55 -2.49
N ILE A 143 -4.60 6.84 -2.04
CA ILE A 143 -4.34 5.48 -2.58
C ILE A 143 -5.09 4.42 -1.77
N ARG A 144 -5.46 3.34 -2.41
CA ARG A 144 -6.20 2.27 -1.71
C ARG A 144 -5.59 0.91 -2.07
N ALA A 145 -4.88 0.33 -1.16
CA ALA A 145 -4.25 -1.00 -1.43
C ALA A 145 -5.14 -2.12 -0.88
N TRP A 146 -5.16 -3.25 -1.54
CA TRP A 146 -6.00 -4.38 -1.04
C TRP A 146 -5.16 -5.62 -0.76
N LEU A 147 -5.65 -6.44 0.13
CA LEU A 147 -4.95 -7.69 0.52
C LEU A 147 -6.02 -8.77 0.71
N PRO A 148 -5.86 -9.86 0.01
CA PRO A 148 -6.84 -10.96 0.12
C PRO A 148 -6.77 -11.64 1.50
N VAL A 149 -7.92 -11.89 2.09
CA VAL A 149 -7.94 -12.55 3.43
C VAL A 149 -8.32 -14.03 3.29
N PRO A 150 -7.34 -14.87 3.47
CA PRO A 150 -7.56 -16.34 3.36
C PRO A 150 -8.12 -16.87 4.67
N VAL A 151 -9.21 -16.35 5.10
CA VAL A 151 -9.80 -16.83 6.36
C VAL A 151 -11.15 -17.49 6.11
N THR A 152 -11.41 -18.59 6.76
CA THR A 152 -12.71 -19.30 6.57
C THR A 152 -13.84 -18.57 7.31
N ARG A 153 -15.06 -18.94 7.06
CA ARG A 153 -16.20 -18.28 7.74
C ARG A 153 -17.44 -19.20 7.69
N ALA A 154 -17.43 -20.26 8.44
CA ALA A 154 -18.59 -21.19 8.44
C ALA A 154 -18.81 -21.77 7.04
N GLN A 155 -19.08 -23.04 6.95
CA GLN A 155 -19.31 -23.67 5.61
C GLN A 155 -20.63 -24.42 5.59
N GLY A 156 -21.73 -23.71 5.48
CA GLY A 156 -23.06 -24.40 5.46
C GLY A 156 -23.23 -25.13 4.13
N THR A 157 -22.45 -24.80 3.16
CA THR A 157 -22.59 -25.47 1.83
C THR A 157 -24.06 -25.60 1.45
N THR A 158 -24.44 -26.69 0.84
CA THR A 158 -25.87 -26.88 0.44
C THR A 158 -26.52 -27.98 1.29
N LYS A 159 -27.57 -27.66 1.99
CA LYS A 159 -28.25 -28.68 2.84
C LYS A 159 -29.72 -28.30 3.06
N GLU A 160 -30.57 -29.28 3.27
CA GLU A 160 -32.01 -28.98 3.49
C GLU A 160 -32.39 -29.29 4.95
N GLY A 161 -32.68 -28.29 5.72
CA GLY A 161 -33.07 -28.53 7.15
C GLY A 161 -33.98 -27.40 7.63
PG ANP B . 9.92 6.15 -8.49
O1G ANP B . 10.63 6.06 -7.19
O2G ANP B . 9.42 4.88 -9.08
O3G ANP B . 11.01 6.71 -9.54
PB ANP B . 7.50 6.66 -7.55
O1B ANP B . 7.59 5.17 -7.46
O2B ANP B . 7.38 7.40 -6.26
N3B ANP B . 8.74 7.24 -8.42
PA ANP B . 4.64 6.45 -8.11
O1A ANP B . 4.29 5.51 -9.19
O2A ANP B . 4.51 6.05 -6.70
O3A ANP B . 6.15 6.96 -8.35
O5' ANP B . 3.77 7.79 -8.33
C5' ANP B . 2.86 8.24 -7.32
C4' ANP B . 2.86 9.78 -7.24
O4' ANP B . 1.51 10.26 -7.05
C3' ANP B . 3.68 10.27 -6.09
O3' ANP B . 4.90 10.85 -6.54
C2' ANP B . 2.85 11.28 -5.37
O2' ANP B . 3.21 12.61 -5.73
C1' ANP B . 1.44 10.98 -5.80
N9 ANP B . 0.79 10.15 -4.79
C8 ANP B . 0.56 8.83 -4.81
N7 ANP B . 0.02 8.29 -3.78
C5 ANP B . -0.15 9.40 -2.95
C6 ANP B . -0.68 9.54 -1.67
N6 ANP B . -1.17 8.52 -0.97
N1 ANP B . -0.68 10.78 -1.14
C2 ANP B . -0.19 11.82 -1.83
N3 ANP B . 0.33 11.79 -3.06
C4 ANP B . 0.33 10.54 -3.56
HOG3 ANP B . 11.08 7.66 -9.39
HNB1 ANP B . 8.41 7.46 -9.34
H5'1 ANP B . 1.87 7.91 -7.55
H5'2 ANP B . 3.17 7.82 -6.37
H4' ANP B . 3.25 10.18 -8.15
H3' ANP B . 3.89 9.45 -5.41
HO3' ANP B . 5.59 10.56 -5.94
H2' ANP B . 2.94 11.13 -4.30
HO2' ANP B . 4.07 12.78 -5.36
H1' ANP B . 0.88 11.88 -5.93
H8 ANP B . 0.86 8.22 -5.66
HN61 ANP B . -1.18 7.59 -1.37
HN62 ANP B . -1.55 8.68 -0.04
H2 ANP B . -0.22 12.79 -1.34
N THR A 1 7.19 -19.17 -5.72
CA THR A 1 7.81 -18.15 -6.60
C THR A 1 9.31 -18.04 -6.33
N GLY A 2 9.94 -17.01 -6.81
CA GLY A 2 11.40 -16.85 -6.58
C GLY A 2 11.65 -16.23 -5.19
N GLN A 3 12.73 -16.57 -4.56
CA GLN A 3 13.02 -16.01 -3.21
C GLN A 3 11.96 -16.46 -2.20
N GLU A 4 12.38 -16.97 -1.08
CA GLU A 4 11.40 -17.43 -0.05
C GLU A 4 10.68 -16.22 0.57
N MET A 5 9.60 -15.80 -0.03
CA MET A 5 8.84 -14.63 0.52
C MET A 5 8.18 -15.02 1.85
N PRO A 6 8.38 -14.19 2.84
CA PRO A 6 7.80 -14.44 4.18
C PRO A 6 6.37 -13.96 4.24
N MET A 7 5.52 -14.49 3.44
CA MET A 7 4.11 -14.06 3.47
C MET A 7 3.37 -14.91 4.47
N GLU A 8 3.01 -14.32 5.55
CA GLU A 8 2.28 -15.06 6.62
C GLU A 8 1.13 -14.22 7.15
N MET A 9 0.67 -14.48 8.34
CA MET A 9 -0.46 -13.68 8.89
C MET A 9 0.05 -12.44 9.59
N ALA A 10 -0.64 -11.35 9.45
CA ALA A 10 -0.19 -10.08 10.11
C ALA A 10 -1.39 -9.14 10.33
N ASP A 11 -1.22 -8.15 11.16
CA ASP A 11 -2.33 -7.18 11.42
C ASP A 11 -2.10 -5.88 10.65
N LEU A 12 -2.95 -5.57 9.71
CA LEU A 12 -2.77 -4.33 8.92
C LEU A 12 -2.85 -3.12 9.85
N ASN A 13 -3.52 -3.27 10.95
CA ASN A 13 -3.64 -2.12 11.90
C ASN A 13 -2.37 -2.03 12.74
N ALA A 14 -1.67 -3.12 12.86
CA ALA A 14 -0.42 -3.11 13.66
C ALA A 14 0.74 -2.67 12.78
N VAL A 15 0.63 -2.86 11.50
CA VAL A 15 1.71 -2.46 10.59
C VAL A 15 1.58 -0.97 10.26
N LEU A 16 0.36 -0.49 10.16
CA LEU A 16 0.14 0.94 9.84
C LEU A 16 0.33 1.81 11.08
N GLY A 17 0.08 1.29 12.25
CA GLY A 17 0.26 2.10 13.48
C GLY A 17 1.75 2.45 13.67
N GLU A 18 2.62 1.54 13.32
CA GLU A 18 4.07 1.80 13.48
C GLU A 18 4.57 2.64 12.31
N VAL A 19 4.01 2.46 11.16
CA VAL A 19 4.45 3.24 9.98
C VAL A 19 3.85 4.63 10.06
N ILE A 20 2.81 4.79 10.82
CA ILE A 20 2.17 6.11 10.95
C ILE A 20 3.04 6.96 11.85
N ALA A 21 3.37 6.45 12.98
CA ALA A 21 4.22 7.22 13.92
C ALA A 21 5.67 7.17 13.45
N ALA A 22 5.96 6.27 12.57
CA ALA A 22 7.35 6.12 12.06
C ALA A 22 7.77 7.28 11.15
N GLU A 23 7.10 7.46 10.05
CA GLU A 23 7.50 8.58 9.15
C GLU A 23 6.36 9.55 8.87
N SER A 24 5.45 9.74 9.77
CA SER A 24 4.35 10.69 9.50
C SER A 24 4.51 11.91 10.41
N GLY A 25 5.70 12.41 10.52
CA GLY A 25 5.93 13.60 11.38
C GLY A 25 5.76 13.19 12.84
N TYR A 26 5.99 11.94 13.14
CA TYR A 26 5.84 11.48 14.56
C TYR A 26 4.41 11.72 15.05
N GLU A 27 3.42 11.34 14.27
CA GLU A 27 2.00 11.57 14.72
C GLU A 27 1.70 13.06 14.72
N ARG A 28 2.26 13.77 13.80
CA ARG A 28 2.02 15.22 13.74
C ARG A 28 0.59 15.51 13.33
N GLU A 29 0.32 15.45 12.08
CA GLU A 29 -1.06 15.72 11.60
C GLU A 29 -1.58 14.57 10.73
N ILE A 30 -1.91 13.46 11.32
CA ILE A 30 -2.42 12.30 10.52
C ILE A 30 -3.67 11.72 11.16
N GLU A 31 -4.66 11.39 10.38
CA GLU A 31 -5.90 10.82 10.96
C GLU A 31 -5.89 9.29 10.82
N THR A 32 -5.63 8.60 11.89
CA THR A 32 -5.60 7.11 11.80
C THR A 32 -6.98 6.53 12.09
N ALA A 33 -7.50 5.78 11.15
CA ALA A 33 -8.84 5.16 11.34
C ALA A 33 -8.81 3.73 10.82
N LEU A 34 -8.28 2.83 11.59
CA LEU A 34 -8.20 1.41 11.15
C LEU A 34 -9.46 0.65 11.55
N TYR A 35 -9.85 -0.34 10.79
CA TYR A 35 -11.08 -1.12 11.13
C TYR A 35 -11.20 -1.28 12.63
N PRO A 36 -12.41 -1.27 13.10
CA PRO A 36 -12.66 -1.41 14.55
C PRO A 36 -12.65 -2.88 14.95
N GLY A 37 -11.56 -3.56 14.71
CA GLY A 37 -11.49 -5.00 15.09
C GLY A 37 -10.13 -5.61 14.72
N SER A 38 -9.12 -4.81 14.47
CA SER A 38 -7.79 -5.37 14.12
C SER A 38 -7.91 -6.23 12.87
N ILE A 39 -7.29 -5.84 11.81
CA ILE A 39 -7.36 -6.64 10.56
C ILE A 39 -6.60 -7.95 10.74
N GLU A 40 -6.61 -8.77 9.74
CA GLU A 40 -5.89 -10.06 9.82
C GLU A 40 -5.86 -10.73 8.46
N VAL A 41 -4.74 -10.71 7.84
CA VAL A 41 -4.62 -11.34 6.50
C VAL A 41 -3.24 -11.90 6.30
N LYS A 42 -3.07 -12.67 5.29
CA LYS A 42 -1.75 -13.25 5.04
C LYS A 42 -0.92 -12.24 4.26
N MET A 43 -0.15 -11.44 4.94
CA MET A 43 0.67 -10.43 4.24
C MET A 43 2.01 -10.24 4.95
N HIS A 44 2.99 -9.75 4.26
CA HIS A 44 4.32 -9.53 4.88
C HIS A 44 4.31 -8.19 5.61
N PRO A 45 4.37 -8.25 6.92
CA PRO A 45 4.37 -7.02 7.74
C PRO A 45 5.59 -6.17 7.40
N LEU A 46 6.59 -6.76 6.83
CA LEU A 46 7.81 -6.01 6.46
C LEU A 46 7.59 -5.25 5.15
N SER A 47 7.06 -5.92 4.17
CA SER A 47 6.81 -5.25 2.85
C SER A 47 5.76 -4.14 3.01
N ILE A 48 4.74 -4.40 3.78
CA ILE A 48 3.68 -3.37 3.97
C ILE A 48 4.21 -2.24 4.85
N LYS A 49 5.07 -2.55 5.78
CA LYS A 49 5.63 -1.49 6.67
C LYS A 49 6.34 -0.44 5.82
N ARG A 50 7.35 -0.84 5.11
CA ARG A 50 8.11 0.12 4.26
C ARG A 50 7.20 0.68 3.16
N ALA A 51 6.34 -0.15 2.63
CA ALA A 51 5.42 0.32 1.54
C ALA A 51 4.56 1.50 2.03
N VAL A 52 4.17 1.49 3.28
CA VAL A 52 3.33 2.59 3.82
C VAL A 52 4.20 3.74 4.36
N ALA A 53 5.44 3.46 4.68
CA ALA A 53 6.34 4.54 5.22
C ALA A 53 6.85 5.47 4.10
N ASN A 54 6.99 4.98 2.90
CA ASN A 54 7.50 5.86 1.79
C ASN A 54 6.35 6.58 1.06
N MET A 55 5.15 6.12 1.19
CA MET A 55 4.01 6.81 0.50
C MET A 55 3.42 7.92 1.38
N VAL A 56 3.64 7.86 2.66
CA VAL A 56 3.08 8.91 3.57
C VAL A 56 4.08 10.08 3.75
N VAL A 57 5.33 9.86 3.49
CA VAL A 57 6.33 10.94 3.66
C VAL A 57 6.14 12.03 2.59
N ASN A 58 5.49 11.72 1.51
CA ASN A 58 5.27 12.74 0.44
C ASN A 58 4.42 13.89 0.97
N ALA A 59 3.52 13.61 1.88
CA ALA A 59 2.65 14.70 2.42
C ALA A 59 3.30 15.35 3.64
N ALA A 60 4.21 14.68 4.28
CA ALA A 60 4.88 15.28 5.47
C ALA A 60 6.02 16.21 5.06
N ARG A 61 7.07 15.67 4.50
CA ARG A 61 8.21 16.54 4.07
C ARG A 61 7.74 17.60 3.07
N TYR A 62 7.33 17.19 1.90
CA TYR A 62 6.86 18.18 0.89
C TYR A 62 5.43 18.64 1.21
N GLY A 63 4.59 17.73 1.62
CA GLY A 63 3.19 18.12 1.94
C GLY A 63 3.16 18.95 3.23
N ASN A 64 2.07 19.62 3.49
CA ASN A 64 1.99 20.45 4.72
C ASN A 64 0.53 20.83 4.99
N GLY A 65 -0.38 19.93 4.74
CA GLY A 65 -1.82 20.24 4.97
C GLY A 65 -2.42 19.21 5.94
N TRP A 66 -2.52 17.98 5.52
CA TRP A 66 -3.10 16.94 6.42
C TRP A 66 -2.97 15.53 5.79
N ILE A 67 -2.60 14.56 6.57
CA ILE A 67 -2.44 13.18 6.03
C ILE A 67 -3.59 12.32 6.54
N LYS A 68 -3.75 11.15 6.00
CA LYS A 68 -4.86 10.28 6.48
C LYS A 68 -4.48 8.80 6.34
N VAL A 69 -4.39 8.11 7.43
CA VAL A 69 -4.04 6.66 7.38
C VAL A 69 -5.21 5.84 7.88
N SER A 70 -6.23 5.69 7.09
CA SER A 70 -7.41 4.90 7.52
C SER A 70 -7.43 3.53 6.85
N SER A 71 -7.63 2.50 7.60
CA SER A 71 -7.67 1.13 7.02
C SER A 71 -9.01 0.48 7.34
N GLY A 72 -9.35 -0.57 6.66
CA GLY A 72 -10.65 -1.24 6.92
C GLY A 72 -10.60 -2.67 6.39
N THR A 73 -11.73 -3.21 6.05
CA THR A 73 -11.78 -4.61 5.53
C THR A 73 -13.22 -5.00 5.20
N GLU A 74 -13.41 -6.13 4.57
CA GLU A 74 -14.81 -6.55 4.22
C GLU A 74 -15.02 -8.02 4.63
N PRO A 75 -16.11 -8.59 4.19
CA PRO A 75 -16.42 -9.99 4.53
C PRO A 75 -15.73 -10.95 3.55
N ASN A 76 -14.60 -10.57 3.02
CA ASN A 76 -13.87 -11.45 2.06
C ASN A 76 -12.76 -10.67 1.36
N ARG A 77 -12.14 -9.76 2.06
CA ARG A 77 -11.04 -8.95 1.45
C ARG A 77 -10.71 -7.75 2.34
N ALA A 78 -9.55 -7.73 2.91
CA ALA A 78 -9.17 -6.58 3.79
C ALA A 78 -8.33 -5.58 3.01
N TRP A 79 -8.20 -4.37 3.46
CA TRP A 79 -7.37 -3.39 2.68
C TRP A 79 -7.09 -2.15 3.52
N PHE A 80 -6.24 -1.28 3.02
CA PHE A 80 -5.89 -0.04 3.77
C PHE A 80 -5.75 1.11 2.76
N GLN A 81 -6.17 2.29 3.14
CA GLN A 81 -6.05 3.45 2.21
C GLN A 81 -5.46 4.70 2.90
N VAL A 82 -4.69 5.46 2.18
CA VAL A 82 -4.07 6.69 2.76
C VAL A 82 -4.40 7.89 1.87
N GLU A 83 -4.84 8.98 2.44
CA GLU A 83 -5.18 10.17 1.60
C GLU A 83 -4.37 11.39 2.05
N ASP A 84 -4.21 12.36 1.20
CA ASP A 84 -3.44 13.57 1.58
C ASP A 84 -3.95 14.79 0.82
N ASP A 85 -4.03 15.92 1.47
CA ASP A 85 -4.52 17.14 0.79
C ASP A 85 -3.39 17.77 -0.05
N GLY A 86 -3.68 18.83 -0.75
CA GLY A 86 -2.62 19.48 -1.58
C GLY A 86 -2.90 19.19 -3.07
N PRO A 87 -1.86 19.31 -3.85
CA PRO A 87 -1.97 19.06 -5.32
C PRO A 87 -2.13 17.55 -5.60
N GLY A 88 -2.57 17.21 -6.79
CA GLY A 88 -2.74 15.76 -7.13
C GLY A 88 -1.63 15.32 -8.07
N ILE A 89 -1.87 14.33 -8.89
CA ILE A 89 -0.81 13.87 -9.83
C ILE A 89 -0.91 14.64 -11.15
N ALA A 90 -0.18 15.71 -11.29
CA ALA A 90 -0.26 16.47 -12.56
C ALA A 90 -0.16 15.50 -13.75
N PRO A 91 -0.49 15.98 -14.90
CA PRO A 91 -0.43 15.13 -16.10
C PRO A 91 1.02 14.89 -16.52
N GLU A 92 1.92 15.71 -16.07
CA GLU A 92 3.36 15.53 -16.43
C GLU A 92 4.05 14.52 -15.50
N GLN A 93 3.81 14.61 -14.22
CA GLN A 93 4.46 13.65 -13.27
C GLN A 93 3.67 12.33 -13.19
N ARG A 94 2.38 12.38 -13.28
CA ARG A 94 1.60 11.11 -13.21
C ARG A 94 2.02 10.17 -14.34
N LYS A 95 2.64 10.72 -15.37
CA LYS A 95 3.07 9.86 -16.51
C LYS A 95 4.47 9.27 -16.24
N HIS A 96 5.26 9.90 -15.39
CA HIS A 96 6.62 9.36 -15.12
C HIS A 96 6.78 8.98 -13.64
N LEU A 97 5.72 8.60 -12.99
CA LEU A 97 5.82 8.22 -11.57
C LEU A 97 6.46 6.84 -11.47
N PHE A 98 5.82 5.93 -10.86
CA PHE A 98 6.41 4.56 -10.74
C PHE A 98 5.82 3.65 -11.81
N GLN A 99 5.50 4.19 -12.95
CA GLN A 99 4.91 3.37 -14.03
C GLN A 99 5.78 2.14 -14.32
N PRO A 100 5.15 0.99 -14.32
CA PRO A 100 5.87 -0.27 -14.57
C PRO A 100 6.23 -0.38 -16.06
N PHE A 101 7.19 -1.20 -16.40
CA PHE A 101 7.58 -1.33 -17.83
C PHE A 101 7.37 -2.77 -18.31
N VAL A 102 8.04 -3.17 -19.35
CA VAL A 102 7.88 -4.56 -19.87
C VAL A 102 9.24 -5.21 -20.10
N ARG A 103 10.18 -4.97 -19.22
CA ARG A 103 11.54 -5.58 -19.40
C ARG A 103 12.44 -5.22 -18.21
N GLY A 104 12.89 -4.00 -18.14
CA GLY A 104 13.77 -3.60 -17.01
C GLY A 104 14.93 -2.75 -17.54
N ASP A 105 16.14 -3.05 -17.13
CA ASP A 105 17.33 -2.27 -17.60
C ASP A 105 16.97 -0.78 -17.73
N SER A 106 17.05 -0.04 -16.66
CA SER A 106 16.73 1.41 -16.73
C SER A 106 17.16 2.12 -15.44
N ALA A 107 18.43 2.29 -15.23
CA ALA A 107 18.91 2.97 -13.99
C ALA A 107 19.17 4.45 -14.27
N ARG A 108 19.88 5.11 -13.39
CA ARG A 108 20.18 6.56 -13.60
C ARG A 108 21.54 6.72 -14.32
N THR A 109 22.52 7.26 -13.66
CA THR A 109 23.85 7.45 -14.31
C THR A 109 24.97 7.23 -13.28
N ILE A 110 26.11 6.77 -13.72
CA ILE A 110 27.24 6.56 -12.78
C ILE A 110 26.73 5.91 -11.47
N SER A 111 26.61 6.66 -10.42
CA SER A 111 26.11 6.08 -9.13
C SER A 111 25.06 7.00 -8.50
N GLY A 112 23.80 6.73 -8.72
CA GLY A 112 22.75 7.60 -8.13
C GLY A 112 21.80 6.75 -7.27
N THR A 113 22.00 5.45 -7.27
CA THR A 113 21.12 4.58 -6.44
C THR A 113 21.96 3.64 -5.57
N GLY A 114 21.39 3.14 -4.51
CA GLY A 114 22.16 2.23 -3.62
C GLY A 114 22.05 2.70 -2.18
N LEU A 115 21.43 3.84 -1.96
CA LEU A 115 21.28 4.36 -0.57
C LEU A 115 19.79 4.54 -0.23
N GLY A 116 18.93 3.90 -0.97
CA GLY A 116 17.47 4.03 -0.70
C GLY A 116 16.67 3.55 -1.91
N LEU A 117 15.75 2.64 -1.73
CA LEU A 117 14.94 2.14 -2.88
C LEU A 117 13.45 2.20 -2.55
N ALA A 118 12.85 3.35 -2.71
CA ALA A 118 11.39 3.47 -2.40
C ALA A 118 10.59 2.55 -3.33
N ILE A 119 10.27 1.37 -2.88
CA ILE A 119 9.48 0.43 -3.74
C ILE A 119 8.12 0.13 -3.12
N VAL A 120 7.08 0.21 -3.89
CA VAL A 120 5.71 -0.07 -3.36
C VAL A 120 4.93 -0.89 -4.39
N GLN A 121 5.57 -1.30 -5.46
CA GLN A 121 4.86 -2.11 -6.50
C GLN A 121 4.99 -3.59 -6.17
N ARG A 122 6.19 -4.03 -5.88
CA ARG A 122 6.38 -5.48 -5.54
C ARG A 122 5.67 -5.80 -4.23
N ILE A 123 5.41 -4.81 -3.42
CA ILE A 123 4.72 -5.07 -2.14
C ILE A 123 3.28 -5.51 -2.43
N VAL A 124 2.46 -4.58 -2.85
CA VAL A 124 1.05 -4.94 -3.16
C VAL A 124 1.01 -6.00 -4.26
N ASP A 125 2.06 -6.06 -5.05
CA ASP A 125 2.10 -7.06 -6.15
C ASP A 125 2.38 -8.45 -5.57
N ASN A 126 3.12 -8.51 -4.48
CA ASN A 126 3.42 -9.83 -3.87
C ASN A 126 2.20 -10.34 -3.11
N HIS A 127 1.31 -9.45 -2.78
CA HIS A 127 0.08 -9.87 -2.05
C HIS A 127 -1.03 -10.23 -3.04
N ASN A 128 -1.00 -9.63 -4.20
CA ASN A 128 -2.04 -9.91 -5.25
C ASN A 128 -3.33 -9.19 -4.91
N GLY A 129 -3.33 -8.38 -3.88
CA GLY A 129 -4.56 -7.65 -3.50
C GLY A 129 -4.87 -6.66 -4.60
N MET A 130 -4.38 -5.44 -4.49
CA MET A 130 -4.66 -4.43 -5.54
C MET A 130 -4.02 -3.09 -5.20
N LEU A 131 -3.96 -2.21 -6.15
CA LEU A 131 -3.35 -0.88 -5.91
C LEU A 131 -3.99 0.14 -6.86
N GLU A 132 -5.05 0.79 -6.44
CA GLU A 132 -5.70 1.78 -7.34
C GLU A 132 -5.53 3.20 -6.81
N LEU A 133 -5.35 4.15 -7.68
CA LEU A 133 -5.18 5.56 -7.22
C LEU A 133 -6.45 6.36 -7.51
N GLY A 134 -7.14 6.74 -6.49
CA GLY A 134 -8.40 7.52 -6.69
C GLY A 134 -8.11 9.01 -6.50
N THR A 135 -8.97 9.86 -6.96
CA THR A 135 -8.73 11.32 -6.80
C THR A 135 -10.00 12.12 -7.07
N SER A 136 -10.50 12.81 -6.08
CA SER A 136 -11.74 13.61 -6.29
C SER A 136 -11.41 14.87 -7.08
N GLU A 137 -11.66 14.85 -8.36
CA GLU A 137 -11.36 16.05 -9.20
C GLU A 137 -9.89 16.45 -9.04
N ARG A 138 -9.00 15.50 -9.10
CA ARG A 138 -7.56 15.84 -8.95
C ARG A 138 -7.36 16.77 -7.76
N GLY A 139 -8.16 16.63 -6.74
CA GLY A 139 -8.02 17.50 -5.55
C GLY A 139 -7.86 16.64 -4.30
N GLY A 140 -8.68 15.63 -4.17
CA GLY A 140 -8.57 14.73 -2.97
C GLY A 140 -7.97 13.39 -3.41
N LEU A 141 -6.67 13.31 -3.52
CA LEU A 141 -6.04 12.03 -3.94
C LEU A 141 -5.98 11.04 -2.76
N SER A 142 -6.34 9.81 -3.02
CA SER A 142 -6.31 8.77 -1.95
C SER A 142 -5.98 7.41 -2.57
N ILE A 143 -4.94 6.78 -2.13
CA ILE A 143 -4.59 5.45 -2.71
C ILE A 143 -5.28 4.33 -1.94
N ARG A 144 -5.96 3.46 -2.64
CA ARG A 144 -6.66 2.34 -1.97
C ARG A 144 -5.93 1.02 -2.23
N ALA A 145 -5.14 0.57 -1.29
CA ALA A 145 -4.39 -0.71 -1.49
C ALA A 145 -5.23 -1.87 -0.96
N TRP A 146 -5.25 -2.97 -1.67
CA TRP A 146 -6.07 -4.13 -1.20
C TRP A 146 -5.22 -5.35 -0.83
N LEU A 147 -5.80 -6.21 -0.04
CA LEU A 147 -5.13 -7.46 0.41
C LEU A 147 -6.22 -8.54 0.55
N PRO A 148 -6.03 -9.62 -0.15
CA PRO A 148 -7.01 -10.73 -0.10
C PRO A 148 -6.94 -11.50 1.22
N VAL A 149 -8.08 -11.90 1.73
CA VAL A 149 -8.12 -12.67 3.01
C VAL A 149 -8.33 -14.16 2.71
N PRO A 150 -7.55 -14.98 3.36
CA PRO A 150 -7.65 -16.45 3.17
C PRO A 150 -8.94 -16.96 3.79
N VAL A 151 -9.90 -17.35 2.98
CA VAL A 151 -11.17 -17.85 3.54
C VAL A 151 -11.53 -19.20 2.91
N THR A 152 -11.79 -20.19 3.73
CA THR A 152 -12.16 -21.53 3.19
C THR A 152 -13.27 -22.14 4.05
N ARG A 153 -14.44 -21.55 4.02
CA ARG A 153 -15.57 -22.11 4.83
C ARG A 153 -15.28 -21.92 6.32
N ALA A 154 -14.54 -22.83 6.92
CA ALA A 154 -14.22 -22.71 8.38
C ALA A 154 -15.45 -22.21 9.15
N GLN A 155 -16.27 -23.10 9.63
CA GLN A 155 -17.48 -22.68 10.39
C GLN A 155 -17.32 -23.04 11.88
N GLY A 156 -16.12 -22.99 12.38
CA GLY A 156 -15.90 -23.32 13.82
C GLY A 156 -14.51 -22.87 14.24
N THR A 157 -14.01 -21.82 13.67
CA THR A 157 -12.64 -21.33 14.04
C THR A 157 -12.51 -19.84 13.71
N THR A 158 -13.12 -19.00 14.50
CA THR A 158 -13.02 -17.53 14.24
C THR A 158 -11.73 -16.97 14.83
N LYS A 159 -11.46 -17.27 16.08
CA LYS A 159 -10.21 -16.76 16.72
C LYS A 159 -9.01 -17.63 16.33
N GLU A 160 -8.29 -17.23 15.33
CA GLU A 160 -7.10 -18.05 14.90
C GLU A 160 -6.05 -18.06 16.00
N GLY A 161 -4.85 -18.47 15.69
CA GLY A 161 -3.77 -18.51 16.73
C GLY A 161 -3.28 -17.09 17.00
PG ANP B . 9.38 7.04 -6.39
O1G ANP B . 8.90 5.92 -7.24
O2G ANP B . 10.29 8.04 -7.02
O3G ANP B . 10.24 6.36 -5.22
PB ANP B . 6.79 6.92 -5.91
O1B ANP B . 6.57 6.65 -7.35
O2B ANP B . 6.80 5.74 -4.99
N3B ANP B . 8.13 7.80 -5.70
PA ANP B . 5.21 8.53 -4.02
O1A ANP B . 4.92 7.46 -3.04
O2A ANP B . 6.27 9.52 -3.74
O3A ANP B . 5.54 7.83 -5.44
O5' ANP B . 3.84 9.32 -4.34
C5' ANP B . 3.85 10.71 -4.70
C4' ANP B . 4.15 10.88 -6.18
O4' ANP B . 3.21 10.15 -6.95
C3' ANP B . 4.02 12.34 -6.57
O3' ANP B . 5.19 12.80 -7.27
C2' ANP B . 2.82 12.39 -7.46
O2' ANP B . 3.20 12.59 -8.82
C1' ANP B . 2.16 11.04 -7.27
N9 ANP B . 1.19 11.02 -6.15
C8 ANP B . 0.70 12.02 -5.38
N7 ANP B . 0.00 11.70 -4.37
C5 ANP B . -0.02 10.31 -4.45
C6 ANP B . -0.61 9.33 -3.66
N6 ANP B . -1.32 9.61 -2.57
N1 ANP B . -0.42 8.04 -4.02
C2 ANP B . 0.31 7.75 -5.11
N3 ANP B . 0.91 8.61 -5.93
C4 ANP B . 0.70 9.88 -5.54
HOG3 ANP B . 11.00 5.94 -5.62
HNB1 ANP B . 8.00 8.70 -6.11
H5'1 ANP B . 2.87 11.14 -4.51
H5'2 ANP B . 4.60 11.23 -4.12
H4' ANP B . 5.13 10.54 -6.40
H3' ANP B . 3.84 12.95 -5.69
HO3' ANP B . 4.90 13.44 -7.92
H2' ANP B . 2.16 13.18 -7.15
HO2' ANP B . 3.49 13.50 -8.91
H1' ANP B . 1.69 10.72 -8.18
H8 ANP B . 0.92 13.06 -5.60
HN61 ANP B . -1.44 10.58 -2.29
HN62 ANP B . -1.72 8.86 -2.02
H2 ANP B . 0.41 6.69 -5.35
N THR A 1 17.52 -15.31 16.39
CA THR A 1 16.26 -16.08 16.60
C THR A 1 15.08 -15.14 16.85
N GLY A 2 14.07 -15.21 16.03
CA GLY A 2 12.89 -14.31 16.22
C GLY A 2 11.77 -14.74 15.29
N GLN A 3 10.58 -14.25 15.53
CA GLN A 3 9.43 -14.64 14.65
C GLN A 3 9.20 -13.56 13.57
N GLU A 4 9.89 -13.66 12.47
CA GLU A 4 9.70 -12.65 11.38
C GLU A 4 9.28 -13.35 10.08
N MET A 5 8.38 -14.30 10.16
CA MET A 5 7.93 -15.02 8.93
C MET A 5 7.07 -14.07 8.06
N PRO A 6 7.51 -13.86 6.85
CA PRO A 6 6.78 -12.99 5.91
C PRO A 6 5.54 -13.69 5.36
N MET A 7 4.77 -12.97 4.57
CA MET A 7 3.54 -13.55 3.98
C MET A 7 2.88 -14.50 4.95
N GLU A 8 2.69 -14.02 6.12
CA GLU A 8 2.06 -14.82 7.21
C GLU A 8 0.87 -14.03 7.75
N MET A 9 0.46 -14.27 8.96
CA MET A 9 -0.70 -13.50 9.48
C MET A 9 -0.23 -12.20 10.12
N ALA A 10 -0.78 -11.11 9.67
CA ALA A 10 -0.37 -9.78 10.24
C ALA A 10 -1.58 -8.87 10.46
N ASP A 11 -1.44 -7.89 11.33
CA ASP A 11 -2.55 -6.95 11.60
C ASP A 11 -2.28 -5.64 10.86
N LEU A 12 -3.08 -5.32 9.88
CA LEU A 12 -2.87 -4.06 9.14
C LEU A 12 -2.97 -2.86 10.08
N ASN A 13 -3.68 -2.98 11.16
CA ASN A 13 -3.79 -1.83 12.10
C ASN A 13 -2.52 -1.74 12.95
N ALA A 14 -1.84 -2.84 13.08
CA ALA A 14 -0.60 -2.86 13.88
C ALA A 14 0.57 -2.37 13.03
N VAL A 15 0.51 -2.60 11.75
CA VAL A 15 1.61 -2.14 10.86
C VAL A 15 1.46 -0.64 10.58
N LEU A 16 0.25 -0.17 10.53
CA LEU A 16 0.04 1.28 10.27
C LEU A 16 0.32 2.12 11.52
N GLY A 17 0.08 1.59 12.68
CA GLY A 17 0.34 2.38 13.92
C GLY A 17 1.84 2.67 14.04
N GLU A 18 2.67 1.72 13.68
CA GLU A 18 4.14 1.94 13.79
C GLU A 18 4.60 2.83 12.64
N VAL A 19 3.99 2.69 11.50
CA VAL A 19 4.39 3.52 10.34
C VAL A 19 3.80 4.92 10.48
N ILE A 20 2.82 5.05 11.31
CA ILE A 20 2.19 6.37 11.52
C ILE A 20 3.10 7.23 12.38
N ALA A 21 3.64 6.64 13.40
CA ALA A 21 4.56 7.40 14.30
C ALA A 21 6.00 7.27 13.82
N ALA A 22 6.26 6.32 12.98
CA ALA A 22 7.64 6.10 12.47
C ALA A 22 8.05 7.18 11.46
N GLU A 23 7.18 7.55 10.57
CA GLU A 23 7.56 8.58 9.57
C GLU A 23 6.74 9.86 9.72
N SER A 24 6.10 10.04 10.82
CA SER A 24 5.28 11.29 10.99
C SER A 24 6.01 12.25 11.88
N GLY A 25 6.62 11.73 12.85
CA GLY A 25 7.39 12.56 13.82
C GLY A 25 6.74 12.37 15.18
N TYR A 26 5.43 12.34 15.18
CA TYR A 26 4.68 12.17 16.46
C TYR A 26 3.18 12.31 16.18
N GLU A 27 2.70 11.80 15.06
CA GLU A 27 1.25 11.93 14.77
C GLU A 27 0.93 13.40 14.75
N ARG A 28 1.73 14.13 14.07
CA ARG A 28 1.55 15.60 13.97
C ARG A 28 0.29 15.95 13.18
N GLU A 29 0.03 15.24 12.16
CA GLU A 29 -1.20 15.55 11.36
C GLU A 29 -1.69 14.33 10.61
N ILE A 30 -1.85 13.25 11.29
CA ILE A 30 -2.33 12.01 10.61
C ILE A 30 -3.66 11.55 11.19
N GLU A 31 -4.62 11.31 10.35
CA GLU A 31 -5.94 10.86 10.85
C GLU A 31 -6.00 9.33 10.75
N THR A 32 -5.87 8.65 11.84
CA THR A 32 -5.92 7.16 11.80
C THR A 32 -7.34 6.63 11.97
N ALA A 33 -7.76 5.79 11.08
CA ALA A 33 -9.13 5.21 11.15
C ALA A 33 -9.11 3.82 10.52
N LEU A 34 -8.62 2.84 11.24
CA LEU A 34 -8.57 1.45 10.70
C LEU A 34 -9.79 0.64 11.14
N TYR A 35 -10.08 -0.43 10.44
CA TYR A 35 -11.26 -1.27 10.81
C TYR A 35 -11.23 -1.56 12.31
N PRO A 36 -12.28 -1.17 12.98
CA PRO A 36 -12.37 -1.39 14.44
C PRO A 36 -12.61 -2.86 14.75
N GLY A 37 -11.60 -3.68 14.70
CA GLY A 37 -11.80 -5.13 15.00
C GLY A 37 -10.51 -5.91 14.72
N SER A 38 -9.36 -5.30 14.86
CA SER A 38 -8.08 -6.02 14.59
C SER A 38 -8.20 -6.84 13.32
N ILE A 39 -7.70 -6.32 12.25
CA ILE A 39 -7.79 -7.08 10.97
C ILE A 39 -6.83 -8.25 11.00
N GLU A 40 -6.77 -8.99 9.95
CA GLU A 40 -5.86 -10.16 9.92
C GLU A 40 -5.80 -10.76 8.53
N VAL A 41 -4.75 -10.53 7.84
CA VAL A 41 -4.61 -11.08 6.47
C VAL A 41 -3.22 -11.63 6.29
N LYS A 42 -3.04 -12.50 5.36
CA LYS A 42 -1.69 -13.06 5.15
C LYS A 42 -0.82 -11.99 4.50
N MET A 43 -0.13 -11.22 5.29
CA MET A 43 0.73 -10.16 4.73
C MET A 43 2.10 -10.15 5.41
N HIS A 44 3.01 -9.43 4.84
CA HIS A 44 4.38 -9.34 5.42
C HIS A 44 4.50 -8.00 6.16
N PRO A 45 4.73 -8.07 7.44
CA PRO A 45 4.85 -6.84 8.26
C PRO A 45 6.00 -5.97 7.74
N LEU A 46 6.92 -6.58 7.05
CA LEU A 46 8.07 -5.81 6.51
C LEU A 46 7.69 -5.13 5.20
N SER A 47 7.48 -5.91 4.17
CA SER A 47 7.10 -5.33 2.85
C SER A 47 6.01 -4.27 3.03
N ILE A 48 5.02 -4.58 3.82
CA ILE A 48 3.92 -3.59 4.04
C ILE A 48 4.47 -2.36 4.75
N LYS A 49 5.26 -2.55 5.79
CA LYS A 49 5.82 -1.37 6.50
C LYS A 49 6.36 -0.40 5.46
N ARG A 50 7.03 -0.93 4.48
CA ARG A 50 7.62 -0.09 3.41
C ARG A 50 6.51 0.45 2.49
N ALA A 51 5.49 -0.34 2.26
CA ALA A 51 4.37 0.10 1.37
C ALA A 51 3.68 1.35 1.95
N VAL A 52 3.62 1.46 3.25
CA VAL A 52 2.95 2.65 3.86
C VAL A 52 3.94 3.81 3.95
N ALA A 53 4.98 3.64 4.73
CA ALA A 53 5.99 4.73 4.88
C ALA A 53 6.47 5.23 3.50
N ASN A 54 6.27 4.44 2.48
CA ASN A 54 6.72 4.88 1.11
C ASN A 54 5.77 5.92 0.52
N MET A 55 4.48 5.74 0.66
CA MET A 55 3.52 6.73 0.09
C MET A 55 3.38 7.96 1.00
N VAL A 56 3.65 7.83 2.26
CA VAL A 56 3.54 9.01 3.18
C VAL A 56 4.85 9.80 3.22
N VAL A 57 5.95 9.19 2.86
CA VAL A 57 7.25 9.92 2.89
C VAL A 57 7.19 11.17 2.00
N ASN A 58 6.49 11.11 0.90
CA ASN A 58 6.41 12.29 0.01
C ASN A 58 5.64 13.42 0.71
N ALA A 59 4.46 13.16 1.17
CA ALA A 59 3.67 14.22 1.86
C ALA A 59 4.35 14.62 3.18
N ALA A 60 5.21 13.79 3.70
CA ALA A 60 5.90 14.13 4.98
C ALA A 60 6.98 15.18 4.74
N ARG A 61 7.83 14.97 3.78
CA ARG A 61 8.92 15.96 3.49
C ARG A 61 8.34 17.38 3.37
N TYR A 62 7.66 17.66 2.30
CA TYR A 62 7.07 19.02 2.12
C TYR A 62 5.73 19.13 2.86
N GLY A 63 4.88 18.15 2.74
CA GLY A 63 3.57 18.22 3.44
C GLY A 63 2.85 19.51 3.02
N ASN A 64 1.87 19.40 2.16
CA ASN A 64 1.14 20.62 1.72
C ASN A 64 -0.31 20.60 2.21
N GLY A 65 -0.58 19.90 3.28
CA GLY A 65 -1.99 19.86 3.78
C GLY A 65 -2.10 18.96 5.01
N TRP A 66 -2.04 17.67 4.83
CA TRP A 66 -2.16 16.75 6.00
C TRP A 66 -2.10 15.29 5.52
N ILE A 67 -1.88 14.35 6.43
CA ILE A 67 -1.80 12.91 6.03
C ILE A 67 -2.98 12.11 6.58
N LYS A 68 -3.23 10.95 6.03
CA LYS A 68 -4.36 10.12 6.52
C LYS A 68 -3.96 8.64 6.51
N VAL A 69 -4.07 7.99 7.63
CA VAL A 69 -3.70 6.55 7.69
C VAL A 69 -4.92 5.73 8.12
N SER A 70 -5.77 5.41 7.19
CA SER A 70 -6.98 4.62 7.54
C SER A 70 -6.92 3.22 6.91
N SER A 71 -7.76 2.34 7.34
CA SER A 71 -7.76 0.97 6.79
C SER A 71 -9.13 0.33 7.01
N GLY A 72 -9.45 -0.68 6.26
CA GLY A 72 -10.76 -1.36 6.42
C GLY A 72 -10.61 -2.82 6.06
N THR A 73 -11.68 -3.50 5.80
CA THR A 73 -11.55 -4.93 5.45
C THR A 73 -12.89 -5.48 4.96
N GLU A 74 -12.90 -6.71 4.52
CA GLU A 74 -14.14 -7.33 4.03
C GLU A 74 -13.98 -8.85 4.03
N PRO A 75 -15.00 -9.54 3.60
CA PRO A 75 -14.94 -11.02 3.57
C PRO A 75 -13.85 -11.48 2.60
N ASN A 76 -13.05 -12.43 3.00
CA ASN A 76 -11.96 -12.95 2.11
C ASN A 76 -11.31 -11.80 1.34
N ARG A 77 -11.23 -10.64 1.95
CA ARG A 77 -10.60 -9.47 1.23
C ARG A 77 -10.44 -8.25 2.17
N ALA A 78 -9.26 -8.05 2.69
CA ALA A 78 -9.06 -6.88 3.61
C ALA A 78 -8.17 -5.85 2.91
N TRP A 79 -8.24 -4.59 3.26
CA TRP A 79 -7.37 -3.60 2.57
C TRP A 79 -7.09 -2.39 3.44
N PHE A 80 -6.29 -1.48 2.94
CA PHE A 80 -5.94 -0.26 3.72
C PHE A 80 -5.67 0.88 2.74
N GLN A 81 -5.86 2.10 3.14
CA GLN A 81 -5.60 3.22 2.19
C GLN A 81 -5.06 4.46 2.92
N VAL A 82 -4.31 5.26 2.21
CA VAL A 82 -3.73 6.49 2.83
C VAL A 82 -4.18 7.70 2.03
N GLU A 83 -4.48 8.78 2.69
CA GLU A 83 -4.92 10.00 1.95
C GLU A 83 -4.00 11.18 2.25
N ASP A 84 -3.93 12.13 1.36
CA ASP A 84 -3.05 13.32 1.59
C ASP A 84 -3.57 14.50 0.79
N ASP A 85 -3.54 15.68 1.35
CA ASP A 85 -4.04 16.87 0.62
C ASP A 85 -2.87 17.77 0.18
N GLY A 86 -2.59 17.80 -1.09
CA GLY A 86 -1.46 18.66 -1.58
C GLY A 86 -1.37 18.58 -3.11
N PRO A 87 -0.37 17.89 -3.58
CA PRO A 87 -0.16 17.74 -5.05
C PRO A 87 -1.21 16.81 -5.64
N GLY A 88 -1.07 16.45 -6.89
CA GLY A 88 -2.05 15.54 -7.54
C GLY A 88 -1.31 14.61 -8.51
N ILE A 89 -1.97 14.18 -9.56
CA ILE A 89 -1.29 13.28 -10.54
C ILE A 89 -1.24 13.94 -11.92
N ALA A 90 -0.38 13.48 -12.79
CA ALA A 90 -0.29 14.10 -14.15
C ALA A 90 -0.78 13.11 -15.21
N PRO A 91 -0.81 13.58 -16.43
CA PRO A 91 -1.26 12.74 -17.57
C PRO A 91 -0.18 11.74 -17.96
N GLU A 92 1.04 12.18 -18.04
CA GLU A 92 2.14 11.24 -18.43
C GLU A 92 2.61 10.44 -17.21
N GLN A 93 2.61 11.04 -16.06
CA GLN A 93 3.05 10.30 -14.83
C GLN A 93 2.15 9.10 -14.58
N ARG A 94 0.97 9.12 -15.11
CA ARG A 94 0.03 7.97 -14.89
C ARG A 94 0.66 6.69 -15.44
N LYS A 95 1.47 6.78 -16.45
CA LYS A 95 2.12 5.56 -17.02
C LYS A 95 3.32 5.14 -16.16
N HIS A 96 4.03 6.10 -15.62
CA HIS A 96 5.21 5.76 -14.77
C HIS A 96 4.76 5.08 -13.48
N LEU A 97 3.55 5.33 -13.05
CA LEU A 97 3.08 4.68 -11.79
C LEU A 97 2.43 3.34 -12.11
N PHE A 98 2.42 2.97 -13.35
CA PHE A 98 1.81 1.66 -13.74
C PHE A 98 2.33 1.21 -15.12
N GLN A 99 3.62 1.17 -15.30
CA GLN A 99 4.18 0.75 -16.62
C GLN A 99 4.74 -0.68 -16.54
N PRO A 100 4.44 -1.46 -17.55
CA PRO A 100 4.92 -2.86 -17.58
C PRO A 100 6.42 -2.89 -17.94
N PHE A 101 7.22 -3.51 -17.12
CA PHE A 101 8.68 -3.57 -17.42
C PHE A 101 9.01 -4.82 -18.25
N VAL A 102 9.88 -4.69 -19.20
CA VAL A 102 10.24 -5.87 -20.05
C VAL A 102 11.74 -5.88 -20.32
N ARG A 103 12.30 -7.04 -20.53
CA ARG A 103 13.77 -7.11 -20.79
C ARG A 103 14.04 -7.26 -22.30
N GLY A 104 15.09 -6.68 -22.79
CA GLY A 104 15.39 -6.80 -24.25
C GLY A 104 15.26 -5.43 -24.91
N ASP A 105 14.68 -4.48 -24.21
CA ASP A 105 14.52 -3.12 -24.80
C ASP A 105 15.76 -2.26 -24.49
N SER A 106 16.48 -1.86 -25.50
CA SER A 106 17.69 -1.04 -25.26
C SER A 106 17.53 0.34 -25.92
N ALA A 107 16.93 1.27 -25.23
CA ALA A 107 16.75 2.63 -25.82
C ALA A 107 18.03 3.46 -25.66
N ARG A 108 17.98 4.72 -25.96
CA ARG A 108 19.19 5.56 -25.82
C ARG A 108 18.80 7.00 -25.45
N THR A 109 18.13 7.17 -24.35
CA THR A 109 17.71 8.55 -23.94
C THR A 109 17.53 8.61 -22.42
N ILE A 110 18.13 7.69 -21.70
CA ILE A 110 17.99 7.70 -20.22
C ILE A 110 19.34 7.43 -19.55
N SER A 111 19.87 6.26 -19.73
CA SER A 111 21.20 5.95 -19.10
C SER A 111 21.12 6.15 -17.59
N GLY A 112 20.20 5.47 -16.94
CA GLY A 112 20.07 5.61 -15.46
C GLY A 112 20.94 4.57 -14.77
N THR A 113 20.66 4.29 -13.52
CA THR A 113 21.47 3.27 -12.79
C THR A 113 20.80 1.89 -12.88
N GLY A 114 21.42 0.88 -12.33
CA GLY A 114 20.82 -0.49 -12.37
C GLY A 114 19.37 -0.43 -11.88
N LEU A 115 18.43 -0.54 -12.77
CA LEU A 115 17.00 -0.49 -12.35
C LEU A 115 16.44 -1.91 -12.22
N GLY A 116 15.31 -2.05 -11.57
CA GLY A 116 14.70 -3.40 -11.40
C GLY A 116 14.62 -3.74 -9.92
N LEU A 117 14.39 -2.75 -9.10
CA LEU A 117 14.30 -3.02 -7.62
C LEU A 117 12.85 -3.31 -7.21
N ALA A 118 12.64 -3.66 -5.98
CA ALA A 118 11.25 -3.96 -5.53
C ALA A 118 10.74 -2.87 -4.58
N ILE A 119 9.54 -2.41 -4.78
CA ILE A 119 9.00 -1.34 -3.89
C ILE A 119 7.47 -1.52 -3.75
N VAL A 120 6.77 -0.46 -3.42
CA VAL A 120 5.28 -0.58 -3.26
C VAL A 120 4.68 -1.54 -4.30
N GLN A 121 5.24 -1.59 -5.48
CA GLN A 121 4.69 -2.52 -6.51
C GLN A 121 4.88 -3.95 -6.07
N ARG A 122 6.10 -4.34 -5.78
CA ARG A 122 6.35 -5.74 -5.33
C ARG A 122 5.50 -6.07 -4.11
N ILE A 123 5.05 -5.07 -3.41
CA ILE A 123 4.21 -5.34 -2.20
C ILE A 123 2.85 -5.82 -2.66
N VAL A 124 2.10 -4.97 -3.32
CA VAL A 124 0.75 -5.38 -3.80
C VAL A 124 0.87 -6.56 -4.76
N ASP A 125 2.04 -6.76 -5.31
CA ASP A 125 2.26 -7.89 -6.26
C ASP A 125 2.51 -9.18 -5.48
N ASN A 126 3.14 -9.07 -4.34
CA ASN A 126 3.42 -10.29 -3.53
C ASN A 126 2.15 -10.70 -2.79
N HIS A 127 1.31 -9.75 -2.49
CA HIS A 127 0.05 -10.08 -1.76
C HIS A 127 -1.04 -10.50 -2.76
N ASN A 128 -1.10 -9.83 -3.89
CA ASN A 128 -2.13 -10.17 -4.94
C ASN A 128 -3.48 -9.54 -4.58
N GLY A 129 -3.47 -8.31 -4.17
CA GLY A 129 -4.76 -7.64 -3.81
C GLY A 129 -5.11 -6.64 -4.89
N MET A 130 -4.59 -5.43 -4.79
CA MET A 130 -4.91 -4.40 -5.83
C MET A 130 -4.24 -3.06 -5.49
N LEU A 131 -4.26 -2.14 -6.41
CA LEU A 131 -3.64 -0.81 -6.17
C LEU A 131 -4.38 0.25 -7.01
N GLU A 132 -5.41 0.85 -6.47
CA GLU A 132 -6.16 1.89 -7.24
C GLU A 132 -5.77 3.31 -6.82
N LEU A 133 -6.03 4.27 -7.68
CA LEU A 133 -5.67 5.69 -7.36
C LEU A 133 -6.85 6.59 -7.71
N GLY A 134 -7.38 7.28 -6.74
CA GLY A 134 -8.53 8.18 -7.01
C GLY A 134 -8.25 9.53 -6.39
N THR A 135 -9.05 10.53 -6.67
CA THR A 135 -8.79 11.87 -6.08
C THR A 135 -10.03 12.76 -6.22
N SER A 136 -10.73 13.00 -5.14
CA SER A 136 -11.94 13.87 -5.24
C SER A 136 -11.64 15.05 -6.15
N GLU A 137 -12.15 15.05 -7.37
CA GLU A 137 -11.88 16.17 -8.29
C GLU A 137 -10.37 16.27 -8.52
N ARG A 138 -9.68 16.99 -7.69
CA ARG A 138 -8.20 17.11 -7.85
C ARG A 138 -7.59 17.62 -6.54
N GLY A 139 -8.14 17.20 -5.44
CA GLY A 139 -7.61 17.64 -4.12
C GLY A 139 -7.72 16.48 -3.13
N GLY A 140 -8.77 15.70 -3.22
CA GLY A 140 -8.93 14.55 -2.28
C GLY A 140 -8.18 13.34 -2.82
N LEU A 141 -6.90 13.46 -3.04
CA LEU A 141 -6.13 12.29 -3.59
C LEU A 141 -6.05 11.18 -2.53
N SER A 142 -6.64 10.06 -2.80
CA SER A 142 -6.61 8.94 -1.83
C SER A 142 -6.14 7.64 -2.52
N ILE A 143 -5.06 7.08 -2.06
CA ILE A 143 -4.55 5.81 -2.67
C ILE A 143 -5.15 4.61 -1.96
N ARG A 144 -5.69 3.67 -2.68
CA ARG A 144 -6.28 2.48 -2.02
C ARG A 144 -5.51 1.21 -2.39
N ALA A 145 -5.13 0.44 -1.41
CA ALA A 145 -4.38 -0.82 -1.69
C ALA A 145 -5.17 -2.01 -1.15
N TRP A 146 -5.39 -3.02 -1.96
CA TRP A 146 -6.17 -4.20 -1.46
C TRP A 146 -5.24 -5.37 -1.14
N LEU A 147 -5.70 -6.24 -0.27
CA LEU A 147 -4.90 -7.42 0.13
C LEU A 147 -5.85 -8.60 0.39
N PRO A 148 -5.54 -9.72 -0.22
CA PRO A 148 -6.39 -10.92 -0.05
C PRO A 148 -6.21 -11.48 1.36
N VAL A 149 -7.26 -11.97 1.96
CA VAL A 149 -7.13 -12.53 3.33
C VAL A 149 -6.41 -13.90 3.29
N PRO A 150 -6.83 -14.75 2.40
CA PRO A 150 -6.19 -16.08 2.29
C PRO A 150 -5.03 -16.02 1.31
N VAL A 151 -4.50 -17.16 0.98
CA VAL A 151 -3.36 -17.22 0.04
C VAL A 151 -3.85 -17.60 -1.36
N THR A 152 -3.11 -17.27 -2.38
CA THR A 152 -3.55 -17.62 -3.77
C THR A 152 -2.54 -18.59 -4.41
N ARG A 153 -3.03 -19.56 -5.13
CA ARG A 153 -2.09 -20.53 -5.78
C ARG A 153 -2.05 -20.29 -7.29
N ALA A 154 -0.97 -19.75 -7.80
CA ALA A 154 -0.88 -19.50 -9.26
C ALA A 154 -0.83 -20.83 -10.02
N GLN A 155 -1.73 -21.01 -10.96
CA GLN A 155 -1.73 -22.28 -11.75
C GLN A 155 -1.91 -21.99 -13.23
N GLY A 156 -1.37 -22.81 -14.09
CA GLY A 156 -1.51 -22.57 -15.55
C GLY A 156 -0.51 -23.44 -16.31
N THR A 157 -0.23 -23.11 -17.53
CA THR A 157 0.73 -23.93 -18.33
C THR A 157 1.20 -23.16 -19.56
N THR A 158 2.02 -22.17 -19.38
CA THR A 158 2.52 -21.37 -20.54
C THR A 158 3.94 -20.88 -20.28
N LYS A 159 4.86 -21.18 -21.16
CA LYS A 159 6.26 -20.72 -20.96
C LYS A 159 6.61 -19.60 -21.93
N GLU A 160 7.81 -19.58 -22.43
CA GLU A 160 8.20 -18.50 -23.38
C GLU A 160 7.57 -18.77 -24.76
N GLY A 161 6.96 -17.77 -25.33
CA GLY A 161 6.33 -17.96 -26.68
C GLY A 161 5.05 -18.79 -26.53
PG ANP B . 9.65 6.29 -4.42
O1G ANP B . 10.15 5.06 -5.05
O2G ANP B . 10.48 7.51 -4.58
O3G ANP B . 9.58 6.00 -2.85
PB ANP B . 7.62 8.02 -4.32
O1B ANP B . 7.20 7.85 -2.91
O2B ANP B . 8.61 9.08 -4.60
N3B ANP B . 8.14 6.60 -4.92
PA ANP B . 5.11 9.50 -4.77
O1A ANP B . 4.42 9.03 -3.56
O2A ANP B . 5.70 10.86 -4.81
O3A ANP B . 6.29 8.44 -5.12
O5' ANP B . 4.12 9.35 -6.02
C5' ANP B . 3.59 10.50 -6.69
C4' ANP B . 3.38 10.23 -8.17
O4' ANP B . 2.23 9.39 -8.34
C3' ANP B . 3.12 11.52 -8.94
O3' ANP B . 4.01 11.65 -10.06
C2' ANP B . 1.70 11.45 -9.38
O2' ANP B . 1.63 11.32 -10.80
C1' ANP B . 1.12 10.22 -8.70
N9 ANP B . 0.36 10.56 -7.47
C8 ANP B . 0.35 11.70 -6.74
N7 ANP B . -0.33 11.70 -5.65
C5 ANP B . -0.83 10.40 -5.63
C6 ANP B . -1.65 9.73 -4.72
N6 ANP B . -2.09 10.27 -3.58
N1 ANP B . -1.95 8.45 -5.00
C2 ANP B . -1.50 7.87 -6.12
N3 ANP B . -0.71 8.43 -7.05
C4 ANP B . -0.42 9.70 -6.74
HOG3 ANP B . 9.46 6.85 -2.40
HNB1 ANP B . 7.53 5.86 -4.62
H5'1 ANP B . 2.64 10.78 -6.24
H5'2 ANP B . 4.30 11.32 -6.58
H4' ANP B . 4.23 9.73 -8.59
H3' ANP B . 3.25 12.38 -8.26
HO3' ANP B . 4.90 11.47 -9.74
H2' ANP B . 1.16 12.33 -9.06
HO2' ANP B . 2.42 10.86 -11.09
H1' ANP B . 0.48 9.68 -9.38
H8 ANP B . 0.89 12.58 -7.06
HN61 ANP B . -1.84 11.22 -3.34
HN62 ANP B . -2.69 9.73 -2.96
H2 ANP B . -1.78 6.83 -6.29
N THR A 1 21.54 -18.82 12.43
CA THR A 1 21.69 -17.89 13.58
C THR A 1 21.11 -16.51 13.23
N GLY A 2 19.90 -16.48 12.70
CA GLY A 2 19.28 -15.18 12.34
C GLY A 2 17.77 -15.27 12.52
N GLN A 3 17.02 -14.57 11.70
CA GLN A 3 15.54 -14.62 11.81
C GLN A 3 14.90 -14.54 10.42
N GLU A 4 14.17 -15.55 10.04
CA GLU A 4 13.52 -15.53 8.70
C GLU A 4 12.06 -16.02 8.79
N MET A 5 11.16 -15.15 9.16
CA MET A 5 9.73 -15.57 9.26
C MET A 5 8.81 -14.41 8.87
N PRO A 6 8.86 -14.07 7.61
CA PRO A 6 8.03 -12.99 7.07
C PRO A 6 6.78 -13.53 6.37
N MET A 7 6.16 -12.70 5.58
CA MET A 7 4.94 -13.09 4.82
C MET A 7 4.14 -14.16 5.54
N GLU A 8 3.39 -13.73 6.48
CA GLU A 8 2.54 -14.63 7.30
C GLU A 8 1.30 -13.84 7.71
N MET A 9 0.73 -14.11 8.84
CA MET A 9 -0.48 -13.34 9.25
C MET A 9 -0.04 -12.08 9.99
N ALA A 10 -0.55 -10.95 9.59
CA ALA A 10 -0.16 -9.68 10.28
C ALA A 10 -1.38 -8.78 10.54
N ASP A 11 -1.26 -7.89 11.48
CA ASP A 11 -2.39 -6.97 11.80
C ASP A 11 -2.18 -5.66 11.04
N LEU A 12 -3.09 -5.33 10.16
CA LEU A 12 -2.92 -4.06 9.40
C LEU A 12 -2.98 -2.87 10.35
N ASN A 13 -3.60 -3.02 11.48
CA ASN A 13 -3.67 -1.88 12.43
C ASN A 13 -2.36 -1.79 13.18
N ALA A 14 -1.62 -2.86 13.19
CA ALA A 14 -0.31 -2.88 13.89
C ALA A 14 0.78 -2.34 12.97
N VAL A 15 0.68 -2.65 11.71
CA VAL A 15 1.71 -2.16 10.74
C VAL A 15 1.48 -0.68 10.47
N LEU A 16 0.24 -0.25 10.52
CA LEU A 16 -0.05 1.18 10.25
C LEU A 16 0.28 2.03 11.48
N GLY A 17 0.04 1.52 12.66
CA GLY A 17 0.36 2.33 13.88
C GLY A 17 1.86 2.62 13.91
N GLU A 18 2.66 1.65 13.54
CA GLU A 18 4.13 1.87 13.54
C GLU A 18 4.49 2.80 12.41
N VAL A 19 3.77 2.72 11.33
CA VAL A 19 4.04 3.60 10.18
C VAL A 19 3.53 4.99 10.49
N ILE A 20 2.65 5.09 11.44
CA ILE A 20 2.07 6.39 11.83
C ILE A 20 3.14 7.20 12.56
N ALA A 21 3.81 6.57 13.46
CA ALA A 21 4.87 7.27 14.22
C ALA A 21 6.22 7.12 13.50
N ALA A 22 6.28 6.19 12.60
CA ALA A 22 7.55 5.95 11.85
C ALA A 22 7.95 7.18 11.06
N GLU A 23 7.17 7.54 10.08
CA GLU A 23 7.52 8.73 9.28
C GLU A 23 6.30 9.55 8.89
N SER A 24 5.35 9.71 9.76
CA SER A 24 4.14 10.50 9.41
C SER A 24 4.39 11.97 9.75
N GLY A 25 5.55 12.45 9.44
CA GLY A 25 5.89 13.87 9.74
C GLY A 25 6.12 13.99 11.24
N TYR A 26 6.28 12.87 11.91
CA TYR A 26 6.52 12.88 13.39
C TYR A 26 5.18 13.10 14.09
N GLU A 27 4.26 12.17 13.94
CA GLU A 27 2.93 12.31 14.60
C GLU A 27 2.45 13.73 14.49
N ARG A 28 2.57 14.26 13.34
CA ARG A 28 2.11 15.68 13.11
C ARG A 28 0.61 15.75 13.20
N GLU A 29 -0.03 15.56 12.12
CA GLU A 29 -1.51 15.62 12.12
C GLU A 29 -2.09 14.55 11.23
N ILE A 30 -1.90 13.33 11.58
CA ILE A 30 -2.45 12.22 10.74
C ILE A 30 -3.73 11.66 11.37
N GLU A 31 -4.64 11.19 10.56
CA GLU A 31 -5.90 10.64 11.11
C GLU A 31 -5.97 9.15 10.81
N THR A 32 -5.76 8.33 11.79
CA THR A 32 -5.81 6.87 11.57
C THR A 32 -7.22 6.31 11.78
N ALA A 33 -7.76 5.69 10.78
CA ALA A 33 -9.13 5.11 10.90
C ALA A 33 -9.09 3.67 10.43
N LEU A 34 -8.61 2.78 11.26
CA LEU A 34 -8.53 1.34 10.87
C LEU A 34 -9.76 0.57 11.33
N TYR A 35 -9.87 -0.67 10.95
CA TYR A 35 -11.04 -1.50 11.37
C TYR A 35 -11.08 -1.62 12.88
N PRO A 36 -12.26 -1.51 13.42
CA PRO A 36 -12.44 -1.60 14.88
C PRO A 36 -12.52 -3.06 15.32
N GLY A 37 -11.46 -3.81 15.10
CA GLY A 37 -11.48 -5.26 15.50
C GLY A 37 -10.16 -5.94 15.12
N SER A 38 -9.10 -5.20 14.94
CA SER A 38 -7.81 -5.83 14.57
C SER A 38 -7.98 -6.67 13.33
N ILE A 39 -7.46 -6.21 12.24
CA ILE A 39 -7.57 -6.99 10.97
C ILE A 39 -6.51 -8.07 10.94
N GLU A 40 -6.43 -8.80 9.89
CA GLU A 40 -5.41 -9.87 9.80
C GLU A 40 -5.35 -10.46 8.40
N VAL A 41 -4.32 -10.18 7.70
CA VAL A 41 -4.17 -10.72 6.32
C VAL A 41 -2.79 -11.31 6.16
N LYS A 42 -2.62 -12.17 5.20
CA LYS A 42 -1.27 -12.76 5.03
C LYS A 42 -0.36 -11.74 4.37
N MET A 43 0.35 -10.99 5.14
CA MET A 43 1.26 -9.98 4.55
C MET A 43 2.64 -10.01 5.22
N HIS A 44 3.47 -9.08 4.87
CA HIS A 44 4.83 -9.00 5.45
C HIS A 44 4.90 -7.72 6.26
N PRO A 45 5.10 -7.86 7.53
CA PRO A 45 5.17 -6.65 8.38
C PRO A 45 6.29 -5.74 7.92
N LEU A 46 7.28 -6.28 7.30
CA LEU A 46 8.42 -5.44 6.83
C LEU A 46 8.08 -4.79 5.47
N SER A 47 7.95 -5.57 4.43
CA SER A 47 7.63 -4.97 3.10
C SER A 47 6.39 -4.08 3.19
N ILE A 48 5.39 -4.51 3.88
CA ILE A 48 4.15 -3.69 4.01
C ILE A 48 4.45 -2.38 4.75
N LYS A 49 5.19 -2.42 5.83
CA LYS A 49 5.48 -1.16 6.54
C LYS A 49 6.00 -0.12 5.54
N ARG A 50 6.92 -0.51 4.71
CA ARG A 50 7.47 0.44 3.70
C ARG A 50 6.38 0.84 2.71
N ALA A 51 5.60 -0.10 2.27
CA ALA A 51 4.52 0.21 1.29
C ALA A 51 3.72 1.43 1.76
N VAL A 52 3.44 1.54 3.03
CA VAL A 52 2.66 2.70 3.52
C VAL A 52 3.58 3.92 3.69
N ALA A 53 4.81 3.71 4.01
CA ALA A 53 5.76 4.86 4.18
C ALA A 53 6.00 5.56 2.84
N ASN A 54 5.80 4.86 1.75
CA ASN A 54 6.02 5.48 0.41
C ASN A 54 4.99 6.58 0.16
N MET A 55 3.81 6.44 0.71
CA MET A 55 2.76 7.47 0.51
C MET A 55 2.97 8.65 1.46
N VAL A 56 3.27 8.38 2.69
CA VAL A 56 3.49 9.48 3.67
C VAL A 56 4.75 10.27 3.33
N VAL A 57 5.64 9.72 2.55
CA VAL A 57 6.88 10.45 2.19
C VAL A 57 6.57 11.64 1.28
N ASN A 58 5.43 11.64 0.65
CA ASN A 58 5.07 12.77 -0.26
C ASN A 58 4.77 14.03 0.58
N ALA A 59 3.83 13.95 1.48
CA ALA A 59 3.49 15.13 2.32
C ALA A 59 4.50 15.29 3.45
N ALA A 60 5.21 14.25 3.77
CA ALA A 60 6.21 14.35 4.88
C ALA A 60 7.44 15.13 4.41
N ARG A 61 7.70 15.14 3.13
CA ARG A 61 8.89 15.89 2.62
C ARG A 61 8.64 17.40 2.68
N TYR A 62 7.73 17.89 1.88
CA TYR A 62 7.45 19.35 1.89
C TYR A 62 6.57 19.70 3.09
N GLY A 63 5.74 18.79 3.52
CA GLY A 63 4.86 19.09 4.70
C GLY A 63 3.63 19.84 4.21
N ASN A 64 2.50 19.20 4.17
CA ASN A 64 1.26 19.89 3.72
C ASN A 64 0.45 20.38 4.91
N GLY A 65 0.07 19.49 5.79
CA GLY A 65 -0.72 19.93 6.97
C GLY A 65 -1.63 18.79 7.46
N TRP A 66 -1.87 17.79 6.63
CA TRP A 66 -2.76 16.69 7.10
C TRP A 66 -2.46 15.38 6.36
N ILE A 67 -2.30 14.31 7.09
CA ILE A 67 -2.00 12.99 6.49
C ILE A 67 -3.08 12.00 6.95
N LYS A 68 -3.28 10.92 6.26
CA LYS A 68 -4.33 9.96 6.72
C LYS A 68 -3.85 8.51 6.63
N VAL A 69 -4.16 7.74 7.63
CA VAL A 69 -3.75 6.31 7.66
C VAL A 69 -4.95 5.48 8.05
N SER A 70 -5.82 5.19 7.13
CA SER A 70 -7.01 4.37 7.47
C SER A 70 -6.95 2.99 6.80
N SER A 71 -7.71 2.06 7.31
CA SER A 71 -7.73 0.70 6.72
C SER A 71 -8.97 -0.03 7.20
N GLY A 72 -9.70 -0.62 6.30
CA GLY A 72 -10.93 -1.35 6.70
C GLY A 72 -10.75 -2.80 6.33
N THR A 73 -11.81 -3.55 6.25
CA THR A 73 -11.64 -4.97 5.89
C THR A 73 -12.98 -5.66 5.63
N GLU A 74 -12.91 -6.90 5.26
CA GLU A 74 -14.14 -7.68 4.97
C GLU A 74 -13.81 -9.17 5.16
N PRO A 75 -14.81 -10.02 5.04
CA PRO A 75 -14.56 -11.48 5.20
C PRO A 75 -13.62 -12.01 4.10
N ASN A 76 -12.47 -12.48 4.49
CA ASN A 76 -11.49 -13.03 3.49
C ASN A 76 -11.03 -11.95 2.52
N ARG A 77 -11.21 -10.71 2.87
CA ARG A 77 -10.77 -9.60 1.96
C ARG A 77 -10.63 -8.30 2.74
N ALA A 78 -9.43 -7.85 2.97
CA ALA A 78 -9.27 -6.58 3.73
C ALA A 78 -8.71 -5.52 2.79
N TRP A 79 -8.49 -4.32 3.25
CA TRP A 79 -7.93 -3.27 2.35
C TRP A 79 -7.57 -2.02 3.13
N PHE A 80 -6.58 -1.31 2.70
CA PHE A 80 -6.18 -0.07 3.45
C PHE A 80 -5.86 1.04 2.45
N GLN A 81 -6.22 2.25 2.79
CA GLN A 81 -5.95 3.38 1.88
C GLN A 81 -5.34 4.56 2.65
N VAL A 82 -4.60 5.40 1.99
CA VAL A 82 -3.98 6.57 2.67
C VAL A 82 -4.50 7.87 2.07
N GLU A 83 -4.54 8.92 2.84
CA GLU A 83 -5.02 10.23 2.31
C GLU A 83 -4.14 11.36 2.83
N ASP A 84 -3.48 12.05 1.97
CA ASP A 84 -2.61 13.16 2.42
C ASP A 84 -2.61 14.29 1.40
N ASP A 85 -2.57 15.51 1.85
CA ASP A 85 -2.57 16.64 0.89
C ASP A 85 -1.19 16.77 0.23
N GLY A 86 -1.16 17.08 -1.04
CA GLY A 86 0.15 17.20 -1.74
C GLY A 86 -0.08 17.58 -3.20
N PRO A 87 0.82 17.15 -4.04
CA PRO A 87 0.72 17.44 -5.48
C PRO A 87 -0.40 16.61 -6.11
N GLY A 88 -0.39 16.48 -7.41
CA GLY A 88 -1.44 15.69 -8.10
C GLY A 88 -0.81 14.87 -9.23
N ILE A 89 -1.60 14.22 -10.03
CA ILE A 89 -1.03 13.43 -11.15
C ILE A 89 -1.34 14.07 -12.49
N ALA A 90 -0.40 14.07 -13.39
CA ALA A 90 -0.64 14.67 -14.73
C ALA A 90 -1.38 13.68 -15.63
N PRO A 91 -1.92 14.20 -16.70
CA PRO A 91 -2.67 13.36 -17.66
C PRO A 91 -1.69 12.50 -18.49
N GLU A 92 -0.50 12.98 -18.73
CA GLU A 92 0.47 12.19 -19.53
C GLU A 92 1.32 11.30 -18.61
N GLN A 93 1.40 11.63 -17.35
CA GLN A 93 2.22 10.80 -16.41
C GLN A 93 1.44 9.55 -15.99
N ARG A 94 0.14 9.57 -16.11
CA ARG A 94 -0.67 8.37 -15.72
C ARG A 94 -0.09 7.10 -16.37
N LYS A 95 0.65 7.25 -17.43
CA LYS A 95 1.25 6.04 -18.10
C LYS A 95 2.63 5.72 -17.52
N HIS A 96 3.35 6.73 -17.10
CA HIS A 96 4.71 6.49 -16.52
C HIS A 96 4.61 6.05 -15.05
N LEU A 97 3.45 6.14 -14.47
CA LEU A 97 3.30 5.72 -13.05
C LEU A 97 3.09 4.22 -12.93
N PHE A 98 3.24 3.51 -14.00
CA PHE A 98 3.05 2.03 -13.95
C PHE A 98 3.67 1.36 -15.17
N GLN A 99 4.66 1.98 -15.75
CA GLN A 99 5.32 1.38 -16.95
C GLN A 99 4.27 1.08 -18.03
N PRO A 100 4.76 0.90 -19.23
CA PRO A 100 3.86 0.61 -20.37
C PRO A 100 3.51 -0.89 -20.40
N PHE A 101 3.25 -1.48 -19.26
CA PHE A 101 2.90 -2.94 -19.23
C PHE A 101 4.05 -3.77 -19.81
N VAL A 102 4.38 -4.87 -19.19
CA VAL A 102 5.49 -5.72 -19.70
C VAL A 102 4.96 -6.68 -20.77
N ARG A 103 5.77 -7.03 -21.73
CA ARG A 103 5.31 -7.97 -22.81
C ARG A 103 6.31 -9.11 -22.99
N GLY A 104 7.41 -9.08 -22.28
CA GLY A 104 8.42 -10.18 -22.43
C GLY A 104 9.74 -9.59 -22.94
N ASP A 105 9.68 -8.69 -23.88
CA ASP A 105 10.93 -8.08 -24.42
C ASP A 105 10.71 -6.60 -24.74
N SER A 106 11.34 -5.73 -23.98
CA SER A 106 11.18 -4.27 -24.24
C SER A 106 12.54 -3.63 -24.51
N ALA A 107 13.21 -3.18 -23.49
CA ALA A 107 14.54 -2.54 -23.68
C ALA A 107 15.41 -2.74 -22.44
N ARG A 108 15.09 -2.05 -21.38
CA ARG A 108 15.90 -2.20 -20.13
C ARG A 108 15.89 -3.66 -19.67
N THR A 109 16.88 -4.07 -18.93
CA THR A 109 16.91 -5.48 -18.45
C THR A 109 16.99 -5.54 -16.92
N ILE A 110 16.26 -6.44 -16.31
CA ILE A 110 16.31 -6.53 -14.82
C ILE A 110 16.88 -7.90 -14.41
N SER A 111 17.97 -7.89 -13.67
CA SER A 111 18.57 -9.19 -13.23
C SER A 111 17.73 -9.81 -12.11
N GLY A 112 18.36 -10.41 -11.14
CA GLY A 112 17.60 -11.04 -10.03
C GLY A 112 16.96 -9.94 -9.17
N THR A 113 17.77 -9.17 -8.48
CA THR A 113 17.21 -8.08 -7.63
C THR A 113 17.52 -6.71 -8.25
N GLY A 114 16.76 -5.70 -7.91
CA GLY A 114 17.00 -4.35 -8.48
C GLY A 114 17.31 -3.35 -7.35
N LEU A 115 17.39 -2.09 -7.67
CA LEU A 115 17.68 -1.08 -6.62
C LEU A 115 16.40 -0.31 -6.24
N GLY A 116 15.53 -0.94 -5.52
CA GLY A 116 14.27 -0.26 -5.12
C GLY A 116 14.25 -0.06 -3.60
N LEU A 117 13.38 0.79 -3.11
CA LEU A 117 13.31 1.01 -1.64
C LEU A 117 11.87 0.86 -1.14
N ALA A 118 10.96 1.60 -1.71
CA ALA A 118 9.53 1.48 -1.27
C ALA A 118 8.73 0.74 -2.33
N ILE A 119 8.82 1.17 -3.57
CA ILE A 119 8.05 0.51 -4.71
C ILE A 119 6.83 -0.26 -4.19
N VAL A 120 5.67 0.35 -4.27
CA VAL A 120 4.44 -0.35 -3.78
C VAL A 120 3.95 -1.35 -4.84
N GLN A 121 4.65 -1.47 -5.93
CA GLN A 121 4.21 -2.41 -6.98
C GLN A 121 4.50 -3.86 -6.55
N ARG A 122 5.72 -4.16 -6.21
CA ARG A 122 6.06 -5.55 -5.78
C ARG A 122 5.38 -5.85 -4.44
N ILE A 123 5.22 -4.87 -3.62
CA ILE A 123 4.57 -5.11 -2.30
C ILE A 123 3.11 -5.49 -2.54
N VAL A 124 2.33 -4.56 -3.04
CA VAL A 124 0.90 -4.85 -3.30
C VAL A 124 0.78 -6.05 -4.25
N ASP A 125 1.81 -6.32 -5.02
CA ASP A 125 1.75 -7.48 -5.96
C ASP A 125 1.98 -8.76 -5.20
N ASN A 126 2.75 -8.69 -4.15
CA ASN A 126 3.03 -9.90 -3.35
C ASN A 126 2.33 -9.79 -2.00
N HIS A 127 1.50 -8.79 -1.84
CA HIS A 127 0.78 -8.64 -0.54
C HIS A 127 -0.69 -8.32 -0.74
N ASN A 128 -0.98 -7.21 -1.34
CA ASN A 128 -2.36 -6.83 -1.55
C ASN A 128 -2.97 -7.64 -2.66
N GLY A 129 -3.03 -7.07 -3.80
CA GLY A 129 -3.62 -7.76 -4.91
C GLY A 129 -4.24 -6.69 -5.80
N MET A 130 -4.77 -5.65 -5.18
CA MET A 130 -5.39 -4.55 -6.00
C MET A 130 -4.72 -3.22 -5.67
N LEU A 131 -4.58 -2.36 -6.61
CA LEU A 131 -3.95 -1.07 -6.32
C LEU A 131 -4.50 0.02 -7.26
N GLU A 132 -5.52 0.72 -6.82
CA GLU A 132 -6.09 1.79 -7.69
C GLU A 132 -5.73 3.17 -7.13
N LEU A 133 -5.21 4.02 -7.97
CA LEU A 133 -4.84 5.39 -7.49
C LEU A 133 -6.03 6.34 -7.67
N GLY A 134 -6.28 7.18 -6.70
CA GLY A 134 -7.43 8.11 -6.83
C GLY A 134 -7.12 9.41 -6.10
N THR A 135 -8.11 10.24 -5.91
CA THR A 135 -7.90 11.52 -5.22
C THR A 135 -6.71 12.28 -5.80
N SER A 136 -6.52 13.49 -5.34
CA SER A 136 -5.38 14.32 -5.84
C SER A 136 -5.50 15.73 -5.30
N GLU A 137 -5.15 16.71 -6.08
CA GLU A 137 -5.27 18.11 -5.61
C GLU A 137 -6.72 18.42 -5.21
N ARG A 138 -7.68 17.84 -5.90
CA ARG A 138 -9.10 18.11 -5.54
C ARG A 138 -9.30 18.04 -4.03
N GLY A 139 -8.48 17.28 -3.36
CA GLY A 139 -8.58 17.15 -1.89
C GLY A 139 -7.51 16.19 -1.43
N GLY A 140 -6.28 16.44 -1.78
CA GLY A 140 -5.19 15.53 -1.37
C GLY A 140 -5.35 14.22 -2.12
N LEU A 141 -4.29 13.58 -2.49
CA LEU A 141 -4.44 12.30 -3.24
C LEU A 141 -4.52 11.13 -2.25
N SER A 142 -4.95 9.99 -2.70
CA SER A 142 -5.06 8.82 -1.79
C SER A 142 -4.75 7.53 -2.55
N ILE A 143 -4.46 6.48 -1.85
CA ILE A 143 -4.16 5.19 -2.53
C ILE A 143 -5.10 4.09 -2.03
N ARG A 144 -5.85 3.48 -2.92
CA ARG A 144 -6.79 2.38 -2.50
C ARG A 144 -6.14 1.03 -2.77
N ALA A 145 -5.62 0.40 -1.76
CA ALA A 145 -4.98 -0.93 -1.96
C ALA A 145 -5.80 -2.05 -1.31
N TRP A 146 -6.00 -3.15 -2.01
CA TRP A 146 -6.81 -4.27 -1.39
C TRP A 146 -5.93 -5.46 -1.07
N LEU A 147 -6.16 -6.06 0.06
CA LEU A 147 -5.37 -7.22 0.46
C LEU A 147 -6.26 -8.45 0.49
N PRO A 148 -6.54 -8.91 -0.68
CA PRO A 148 -7.40 -10.11 -0.86
C PRO A 148 -6.75 -11.33 -0.24
N VAL A 149 -7.36 -11.88 0.77
CA VAL A 149 -6.77 -13.08 1.43
C VAL A 149 -6.87 -14.28 0.49
N PRO A 150 -5.87 -15.11 0.53
CA PRO A 150 -5.85 -16.31 -0.33
C PRO A 150 -6.86 -17.33 0.15
N VAL A 151 -6.73 -18.52 -0.30
CA VAL A 151 -7.67 -19.59 0.11
C VAL A 151 -7.00 -20.53 1.11
N THR A 152 -6.21 -20.00 2.01
CA THR A 152 -5.53 -20.87 3.01
C THR A 152 -6.46 -21.13 4.20
N ARG A 153 -6.07 -22.01 5.08
CA ARG A 153 -6.93 -22.31 6.26
C ARG A 153 -8.33 -22.71 5.80
N ALA A 154 -8.57 -23.99 5.66
CA ALA A 154 -9.92 -24.45 5.22
C ALA A 154 -10.22 -25.84 5.78
N GLN A 155 -9.59 -26.86 5.25
CA GLN A 155 -9.84 -28.24 5.75
C GLN A 155 -8.76 -28.64 6.77
N GLY A 156 -8.90 -28.21 8.00
CA GLY A 156 -7.88 -28.57 9.02
C GLY A 156 -8.57 -29.22 10.22
N THR A 157 -8.81 -30.50 10.15
CA THR A 157 -9.49 -31.19 11.29
C THR A 157 -8.69 -30.98 12.58
N THR A 158 -9.29 -31.31 13.70
CA THR A 158 -8.57 -31.13 14.99
C THR A 158 -7.71 -32.35 15.30
N LYS A 159 -8.26 -33.52 15.18
CA LYS A 159 -7.46 -34.76 15.45
C LYS A 159 -7.97 -35.92 14.59
N GLU A 160 -7.08 -36.61 13.94
CA GLU A 160 -7.52 -37.75 13.07
C GLU A 160 -7.94 -38.95 13.94
N GLY A 161 -7.55 -38.96 15.19
CA GLY A 161 -7.93 -40.08 16.08
C GLY A 161 -7.81 -39.65 17.54
PG ANP B . 9.79 9.37 -4.15
O1G ANP B . 10.12 10.55 -3.33
O2G ANP B . 10.72 8.22 -4.11
O3G ANP B . 9.82 9.89 -5.68
PB ANP B . 7.70 8.09 -5.14
O1B ANP B . 8.78 7.89 -6.15
O2B ANP B . 6.95 6.89 -4.72
N3B ANP B . 8.28 8.88 -3.85
PA ANP B . 5.02 9.03 -5.86
O1A ANP B . 4.58 7.64 -5.54
O2A ANP B . 4.51 10.17 -5.07
O3A ANP B . 6.62 9.06 -5.84
O5' ANP B . 4.69 9.30 -7.41
C5' ANP B . 4.21 10.58 -7.86
C4' ANP B . 3.98 10.58 -9.36
O4' ANP B . 2.92 9.67 -9.69
C3' ANP B . 3.55 11.96 -9.86
O3' ANP B . 4.36 12.39 -10.95
C2' ANP B . 2.13 11.79 -10.29
O2' ANP B . 2.05 11.82 -11.72
C1' ANP B . 1.72 10.42 -9.77
N9 ANP B . 1.10 10.47 -8.41
C8 ANP B . 0.83 11.52 -7.59
N7 ANP B . 0.41 11.26 -6.41
C5 ANP B . 0.39 9.86 -6.41
C6 ANP B . 0.03 8.92 -5.44
N6 ANP B . -0.39 9.24 -4.21
N1 ANP B . 0.12 7.62 -5.79
C2 ANP B . 0.55 7.27 -7.01
N3 ANP B . 0.92 8.09 -8.00
C4 ANP B . 0.81 9.37 -7.63
HOG3 ANP B . 8.92 10.13 -5.92
HNB1 ANP B . 7.71 9.67 -3.66
H5'1 ANP B . 3.26 10.81 -7.35
H5'2 ANP B . 4.95 11.35 -7.61
H4' ANP B . 4.86 10.29 -9.87
H3' ANP B . 3.60 12.67 -9.03
HO3' ANP B . 3.79 12.52 -11.70
H2' ANP B . 1.51 12.56 -9.86
HO2' ANP B . 2.62 11.14 -12.06
H1' ANP B . 1.06 9.96 -10.46
H8 ANP B . 0.97 12.55 -7.90
HN61 ANP B . -0.45 10.22 -3.95
HN62 ANP B . -0.63 8.52 -3.55
H2 ANP B . 0.59 6.21 -7.22
N THR A 1 2.85 -21.20 14.77
CA THR A 1 3.98 -20.76 15.63
C THR A 1 5.31 -21.19 15.00
N GLY A 2 6.12 -20.26 14.59
CA GLY A 2 7.42 -20.60 13.97
C GLY A 2 8.44 -19.50 14.26
N GLN A 3 9.41 -19.34 13.40
CA GLN A 3 10.43 -18.27 13.64
C GLN A 3 10.44 -17.28 12.47
N GLU A 4 10.16 -17.75 11.29
CA GLU A 4 10.14 -16.83 10.10
C GLU A 4 8.91 -17.12 9.25
N MET A 5 7.77 -16.64 9.66
CA MET A 5 6.53 -16.89 8.86
C MET A 5 5.94 -15.58 8.33
N PRO A 6 6.65 -14.96 7.42
CA PRO A 6 6.20 -13.69 6.83
C PRO A 6 5.07 -13.96 5.85
N MET A 7 4.51 -12.94 5.23
CA MET A 7 3.40 -13.16 4.27
C MET A 7 2.46 -14.20 4.81
N GLU A 8 2.12 -14.03 6.02
CA GLU A 8 1.21 -14.97 6.71
C GLU A 8 0.08 -14.16 7.34
N MET A 9 -0.48 -14.58 8.42
CA MET A 9 -1.59 -13.77 9.00
C MET A 9 -1.04 -12.66 9.88
N ALA A 10 -1.31 -11.47 9.50
CA ALA A 10 -0.82 -10.29 10.28
C ALA A 10 -1.92 -9.27 10.49
N ASP A 11 -1.74 -8.39 11.45
CA ASP A 11 -2.77 -7.34 11.72
C ASP A 11 -2.39 -6.05 11.00
N LEU A 12 -3.22 -5.58 10.10
CA LEU A 12 -2.88 -4.32 9.39
C LEU A 12 -2.88 -3.16 10.37
N ASN A 13 -3.57 -3.29 11.47
CA ASN A 13 -3.59 -2.18 12.46
C ASN A 13 -2.26 -2.19 13.21
N ALA A 14 -1.59 -3.30 13.17
CA ALA A 14 -0.29 -3.41 13.87
C ALA A 14 0.82 -2.92 12.95
N VAL A 15 0.71 -3.19 11.68
CA VAL A 15 1.77 -2.74 10.74
C VAL A 15 1.56 -1.26 10.42
N LEU A 16 0.34 -0.78 10.48
CA LEU A 16 0.07 0.64 10.19
C LEU A 16 0.35 1.49 11.43
N GLY A 17 0.15 0.96 12.60
CA GLY A 17 0.41 1.75 13.83
C GLY A 17 1.90 2.08 13.91
N GLU A 18 2.73 1.20 13.41
CA GLU A 18 4.18 1.44 13.45
C GLU A 18 4.59 2.31 12.26
N VAL A 19 3.89 2.18 11.17
CA VAL A 19 4.22 2.99 9.97
C VAL A 19 3.81 4.43 10.22
N ILE A 20 2.83 4.63 11.05
CA ILE A 20 2.38 5.99 11.33
C ILE A 20 3.41 6.63 12.26
N ALA A 21 3.73 5.93 13.31
CA ALA A 21 4.72 6.48 14.27
C ALA A 21 6.08 6.54 13.58
N ALA A 22 6.21 5.83 12.50
CA ALA A 22 7.49 5.83 11.76
C ALA A 22 7.76 7.18 11.16
N GLU A 23 6.99 7.57 10.19
CA GLU A 23 7.22 8.88 9.56
C GLU A 23 5.92 9.67 9.39
N SER A 24 5.13 9.76 10.41
CA SER A 24 3.84 10.52 10.29
C SER A 24 4.10 12.02 10.45
N GLY A 25 5.17 12.53 9.90
CA GLY A 25 5.45 13.98 10.04
C GLY A 25 5.41 14.33 11.52
N TYR A 26 5.91 13.45 12.33
CA TYR A 26 5.92 13.70 13.80
C TYR A 26 4.48 13.68 14.33
N GLU A 27 3.65 12.85 13.76
CA GLU A 27 2.24 12.78 14.23
C GLU A 27 1.63 14.16 14.10
N ARG A 28 1.91 14.81 13.03
CA ARG A 28 1.38 16.15 12.80
C ARG A 28 -0.11 16.11 12.56
N GLU A 29 -0.51 15.90 11.36
CA GLU A 29 -1.97 15.85 11.06
C GLU A 29 -2.33 14.57 10.32
N ILE A 30 -2.20 13.45 10.96
CA ILE A 30 -2.54 12.17 10.29
C ILE A 30 -3.79 11.60 10.95
N GLU A 31 -4.83 11.40 10.20
CA GLU A 31 -6.06 10.84 10.80
C GLU A 31 -6.01 9.31 10.74
N THR A 32 -5.68 8.70 11.85
CA THR A 32 -5.61 7.22 11.87
C THR A 32 -6.98 6.62 12.22
N ALA A 33 -7.48 5.78 11.37
CA ALA A 33 -8.80 5.15 11.63
C ALA A 33 -8.78 3.71 11.10
N LEU A 34 -8.18 2.82 11.82
CA LEU A 34 -8.12 1.40 11.38
C LEU A 34 -9.33 0.63 11.90
N TYR A 35 -9.59 -0.53 11.35
CA TYR A 35 -10.75 -1.32 11.82
C TYR A 35 -10.81 -1.29 13.35
N PRO A 36 -12.00 -1.11 13.86
CA PRO A 36 -12.20 -1.05 15.32
C PRO A 36 -12.30 -2.45 15.92
N GLY A 37 -11.37 -3.30 15.63
CA GLY A 37 -11.42 -4.68 16.17
C GLY A 37 -10.06 -5.35 15.98
N SER A 38 -9.87 -5.97 14.85
CA SER A 38 -8.59 -6.66 14.58
C SER A 38 -8.64 -7.26 13.18
N ILE A 39 -7.98 -6.66 12.26
CA ILE A 39 -8.00 -7.20 10.88
C ILE A 39 -7.15 -8.45 10.80
N GLU A 40 -7.06 -9.03 9.65
CA GLU A 40 -6.25 -10.25 9.49
C GLU A 40 -6.12 -10.62 8.02
N VAL A 41 -4.99 -10.39 7.48
CA VAL A 41 -4.78 -10.73 6.04
C VAL A 41 -3.41 -11.32 5.84
N LYS A 42 -3.26 -12.10 4.83
CA LYS A 42 -1.94 -12.70 4.60
C LYS A 42 -1.02 -11.59 4.11
N MET A 43 -0.33 -10.96 5.01
CA MET A 43 0.57 -9.86 4.58
C MET A 43 1.86 -9.83 5.40
N HIS A 44 2.88 -9.21 4.86
CA HIS A 44 4.19 -9.11 5.55
C HIS A 44 4.32 -7.72 6.18
N PRO A 45 4.49 -7.68 7.46
CA PRO A 45 4.62 -6.38 8.16
C PRO A 45 5.88 -5.67 7.71
N LEU A 46 6.79 -6.40 7.13
CA LEU A 46 8.06 -5.81 6.65
C LEU A 46 7.86 -5.14 5.28
N SER A 47 7.85 -5.92 4.23
CA SER A 47 7.67 -5.34 2.88
C SER A 47 6.54 -4.31 2.89
N ILE A 48 5.46 -4.61 3.56
CA ILE A 48 4.33 -3.65 3.60
C ILE A 48 4.75 -2.41 4.38
N LYS A 49 5.46 -2.57 5.46
CA LYS A 49 5.89 -1.37 6.23
C LYS A 49 6.41 -0.34 5.25
N ARG A 50 7.10 -0.81 4.26
CA ARG A 50 7.66 0.11 3.22
C ARG A 50 6.53 0.68 2.36
N ALA A 51 5.61 -0.15 1.95
CA ALA A 51 4.48 0.31 1.11
C ALA A 51 3.74 1.48 1.77
N VAL A 52 3.40 1.35 3.02
CA VAL A 52 2.68 2.46 3.72
C VAL A 52 3.64 3.60 4.05
N ALA A 53 4.89 3.31 4.23
CA ALA A 53 5.88 4.38 4.55
C ALA A 53 6.09 5.29 3.33
N ASN A 54 5.75 4.80 2.17
CA ASN A 54 5.93 5.63 0.94
C ASN A 54 4.67 6.46 0.67
N MET A 55 3.56 6.09 1.24
CA MET A 55 2.31 6.87 1.02
C MET A 55 2.26 8.07 1.97
N VAL A 56 2.58 7.87 3.21
CA VAL A 56 2.56 9.01 4.18
C VAL A 56 3.68 10.00 3.88
N VAL A 57 4.86 9.52 3.59
CA VAL A 57 6.00 10.45 3.30
C VAL A 57 5.60 11.46 2.22
N ASN A 58 4.57 11.17 1.46
CA ASN A 58 4.15 12.12 0.40
C ASN A 58 3.60 13.41 1.01
N ALA A 59 2.75 13.30 1.99
CA ALA A 59 2.18 14.52 2.64
C ALA A 59 3.08 15.00 3.78
N ALA A 60 3.91 14.14 4.30
CA ALA A 60 4.81 14.55 5.42
C ALA A 60 5.86 15.55 4.92
N ARG A 61 6.20 15.48 3.67
CA ARG A 61 7.22 16.42 3.12
C ARG A 61 6.56 17.75 2.75
N TYR A 62 5.37 17.71 2.24
CA TYR A 62 4.67 18.97 1.85
C TYR A 62 3.86 19.51 3.05
N GLY A 63 2.83 18.81 3.43
CA GLY A 63 2.00 19.28 4.58
C GLY A 63 1.30 20.59 4.20
N ASN A 64 0.61 20.62 3.10
CA ASN A 64 -0.09 21.87 2.69
C ASN A 64 -1.60 21.74 2.91
N GLY A 65 -2.05 20.60 3.36
CA GLY A 65 -3.52 20.42 3.60
C GLY A 65 -3.75 19.53 4.82
N TRP A 66 -3.73 18.25 4.63
CA TRP A 66 -3.95 17.32 5.78
C TRP A 66 -3.70 15.86 5.34
N ILE A 67 -3.23 15.03 6.24
CA ILE A 67 -2.96 13.61 5.87
C ILE A 67 -3.99 12.70 6.56
N LYS A 68 -4.28 11.56 6.00
CA LYS A 68 -5.28 10.65 6.63
C LYS A 68 -4.88 9.20 6.43
N VAL A 69 -4.57 8.52 7.50
CA VAL A 69 -4.18 7.09 7.40
C VAL A 69 -5.30 6.24 7.99
N SER A 70 -5.62 5.15 7.38
CA SER A 70 -6.71 4.32 7.96
C SER A 70 -6.67 2.89 7.42
N SER A 71 -7.51 2.05 7.95
CA SER A 71 -7.53 0.64 7.49
C SER A 71 -8.91 0.03 7.77
N GLY A 72 -9.48 -0.60 6.80
CA GLY A 72 -10.82 -1.22 6.97
C GLY A 72 -10.74 -2.66 6.49
N THR A 73 -11.84 -3.34 6.41
CA THR A 73 -11.77 -4.75 5.93
C THR A 73 -13.14 -5.44 5.99
N GLU A 74 -13.19 -6.65 5.52
CA GLU A 74 -14.47 -7.41 5.54
C GLU A 74 -14.15 -8.89 5.88
N PRO A 75 -15.17 -9.69 6.03
CA PRO A 75 -14.96 -11.13 6.35
C PRO A 75 -14.51 -11.93 5.11
N ASN A 76 -13.90 -11.28 4.15
CA ASN A 76 -13.47 -12.01 2.92
C ASN A 76 -12.57 -11.10 2.07
N ARG A 77 -11.94 -10.13 2.69
CA ARG A 77 -11.04 -9.19 1.94
C ARG A 77 -10.78 -7.93 2.76
N ALA A 78 -9.59 -7.76 3.26
CA ALA A 78 -9.28 -6.54 4.07
C ALA A 78 -8.53 -5.54 3.20
N TRP A 79 -8.36 -4.31 3.65
CA TRP A 79 -7.63 -3.32 2.79
C TRP A 79 -7.34 -2.04 3.57
N PHE A 80 -6.29 -1.32 3.20
CA PHE A 80 -5.97 -0.05 3.93
C PHE A 80 -5.98 1.09 2.93
N GLN A 81 -6.17 2.31 3.37
CA GLN A 81 -6.17 3.45 2.39
C GLN A 81 -5.49 4.70 2.98
N VAL A 82 -5.08 5.58 2.11
CA VAL A 82 -4.41 6.83 2.55
C VAL A 82 -4.94 8.01 1.71
N GLU A 83 -5.25 9.13 2.33
CA GLU A 83 -5.77 10.28 1.54
C GLU A 83 -5.03 11.57 1.90
N ASP A 84 -5.04 12.54 1.02
CA ASP A 84 -4.34 13.83 1.30
C ASP A 84 -5.06 14.97 0.59
N ASP A 85 -5.12 16.12 1.21
CA ASP A 85 -5.82 17.28 0.56
C ASP A 85 -4.90 17.91 -0.50
N GLY A 86 -3.73 17.37 -0.70
CA GLY A 86 -2.80 17.96 -1.70
C GLY A 86 -3.40 17.81 -3.09
N PRO A 87 -2.64 18.19 -4.08
CA PRO A 87 -3.11 18.09 -5.49
C PRO A 87 -3.14 16.63 -5.95
N GLY A 88 -4.08 16.28 -6.78
CA GLY A 88 -4.16 14.87 -7.26
C GLY A 88 -2.90 14.54 -8.07
N ILE A 89 -3.05 13.82 -9.15
CA ILE A 89 -1.85 13.47 -9.98
C ILE A 89 -1.98 14.09 -11.38
N ALA A 90 -1.06 14.96 -11.74
CA ALA A 90 -1.13 15.59 -13.09
C ALA A 90 -1.49 14.55 -14.16
N PRO A 91 -1.94 15.04 -15.29
CA PRO A 91 -2.32 14.15 -16.41
C PRO A 91 -1.06 13.57 -17.06
N GLU A 92 0.05 14.24 -16.92
CA GLU A 92 1.30 13.74 -17.54
C GLU A 92 2.02 12.81 -16.56
N GLN A 93 1.73 12.94 -15.29
CA GLN A 93 2.39 12.06 -14.29
C GLN A 93 1.61 10.74 -14.16
N ARG A 94 0.33 10.79 -14.37
CA ARG A 94 -0.48 9.54 -14.28
C ARG A 94 -0.05 8.56 -15.37
N LYS A 95 0.55 9.05 -16.43
CA LYS A 95 1.00 8.15 -17.53
C LYS A 95 2.17 7.30 -17.05
N HIS A 96 2.85 7.74 -16.02
CA HIS A 96 4.01 6.96 -15.50
C HIS A 96 3.53 6.02 -14.38
N LEU A 97 2.27 5.73 -14.38
CA LEU A 97 1.71 4.82 -13.34
C LEU A 97 0.74 3.86 -14.01
N PHE A 98 1.23 2.68 -14.35
CA PHE A 98 0.40 1.63 -15.01
C PHE A 98 0.44 1.84 -16.53
N GLN A 99 1.55 1.55 -17.14
CA GLN A 99 1.69 1.72 -18.61
C GLN A 99 0.43 1.27 -19.35
N PRO A 100 -0.39 2.23 -19.69
CA PRO A 100 -1.64 1.94 -20.39
C PRO A 100 -1.40 2.02 -21.92
N PHE A 101 -2.12 1.24 -22.69
CA PHE A 101 -1.92 1.27 -24.17
C PHE A 101 -3.26 1.45 -24.89
N VAL A 102 -3.26 1.38 -26.19
CA VAL A 102 -4.54 1.55 -26.95
C VAL A 102 -5.20 0.19 -27.24
N ARG A 103 -6.38 0.21 -27.77
CA ARG A 103 -7.08 -1.08 -28.08
C ARG A 103 -6.13 -2.04 -28.80
N GLY A 104 -5.75 -1.72 -30.01
CA GLY A 104 -4.82 -2.62 -30.77
C GLY A 104 -4.65 -2.08 -32.20
N ASP A 105 -3.57 -2.43 -32.84
CA ASP A 105 -3.36 -1.94 -34.23
C ASP A 105 -2.39 -2.86 -34.98
N SER A 106 -2.10 -2.57 -36.22
CA SER A 106 -1.17 -3.44 -37.00
C SER A 106 0.27 -3.25 -36.51
N ALA A 107 1.07 -4.27 -36.59
CA ALA A 107 2.48 -4.15 -36.13
C ALA A 107 2.53 -3.65 -34.69
N ARG A 108 2.85 -4.52 -33.75
CA ARG A 108 2.90 -4.08 -32.32
C ARG A 108 4.06 -4.80 -31.60
N THR A 109 4.77 -4.10 -30.77
CA THR A 109 5.91 -4.73 -30.03
C THR A 109 5.43 -5.20 -28.65
N ILE A 110 4.26 -4.80 -28.25
CA ILE A 110 3.74 -5.22 -26.91
C ILE A 110 4.68 -4.75 -25.80
N SER A 111 4.16 -4.42 -24.66
CA SER A 111 5.05 -3.97 -23.55
C SER A 111 5.02 -4.97 -22.39
N GLY A 112 6.16 -5.48 -22.01
CA GLY A 112 6.20 -6.46 -20.89
C GLY A 112 6.25 -5.70 -19.56
N THR A 113 6.71 -6.35 -18.52
CA THR A 113 6.80 -5.65 -17.21
C THR A 113 7.89 -4.58 -17.25
N GLY A 114 7.78 -3.57 -16.44
CA GLY A 114 8.82 -2.50 -16.44
C GLY A 114 9.49 -2.42 -15.07
N LEU A 115 10.69 -1.93 -15.01
CA LEU A 115 11.39 -1.82 -13.70
C LEU A 115 12.42 -0.70 -13.73
N GLY A 116 12.22 0.33 -12.95
CA GLY A 116 13.20 1.46 -12.93
C GLY A 116 13.37 1.96 -11.49
N LEU A 117 12.33 1.97 -10.72
CA LEU A 117 12.44 2.43 -9.31
C LEU A 117 11.15 2.14 -8.54
N ALA A 118 10.44 1.11 -8.92
CA ALA A 118 9.17 0.78 -8.20
C ALA A 118 9.47 0.16 -6.84
N ILE A 119 8.86 0.65 -5.80
CA ILE A 119 9.10 0.10 -4.44
C ILE A 119 7.77 -0.33 -3.80
N VAL A 120 6.68 0.01 -4.44
CA VAL A 120 5.35 -0.38 -3.88
C VAL A 120 4.63 -1.34 -4.85
N GLN A 121 5.17 -1.52 -6.03
CA GLN A 121 4.53 -2.44 -7.01
C GLN A 121 4.64 -3.88 -6.52
N ARG A 122 5.83 -4.39 -6.39
CA ARG A 122 6.02 -5.81 -5.93
C ARG A 122 5.29 -6.03 -4.61
N ILE A 123 4.99 -4.97 -3.89
CA ILE A 123 4.28 -5.14 -2.60
C ILE A 123 2.88 -5.68 -2.87
N VAL A 124 2.03 -4.88 -3.46
CA VAL A 124 0.65 -5.35 -3.75
C VAL A 124 0.70 -6.53 -4.71
N ASP A 125 1.79 -6.67 -5.43
CA ASP A 125 1.91 -7.80 -6.39
C ASP A 125 2.27 -9.08 -5.63
N ASN A 126 2.92 -8.95 -4.50
CA ASN A 126 3.30 -10.16 -3.73
C ASN A 126 2.12 -10.60 -2.87
N HIS A 127 1.23 -9.69 -2.58
CA HIS A 127 0.04 -10.04 -1.75
C HIS A 127 -1.13 -10.44 -2.64
N ASN A 128 -1.15 -9.92 -3.85
CA ASN A 128 -2.24 -10.25 -4.82
C ASN A 128 -3.57 -9.69 -4.33
N GLY A 129 -3.63 -8.40 -4.15
CA GLY A 129 -4.88 -7.76 -3.68
C GLY A 129 -5.22 -6.63 -4.64
N MET A 130 -4.64 -5.48 -4.43
CA MET A 130 -4.94 -4.35 -5.35
C MET A 130 -4.17 -3.09 -4.98
N LEU A 131 -3.97 -2.22 -5.93
CA LEU A 131 -3.23 -0.97 -5.65
C LEU A 131 -3.70 0.11 -6.64
N GLU A 132 -4.66 0.89 -6.28
CA GLU A 132 -5.15 1.96 -7.22
C GLU A 132 -4.87 3.36 -6.66
N LEU A 133 -4.16 4.17 -7.39
CA LEU A 133 -3.85 5.55 -6.90
C LEU A 133 -4.29 6.60 -7.94
N GLY A 134 -4.84 7.69 -7.51
CA GLY A 134 -5.27 8.73 -8.48
C GLY A 134 -5.99 9.86 -7.75
N THR A 135 -6.61 10.75 -8.48
CA THR A 135 -7.33 11.87 -7.83
C THR A 135 -8.68 11.39 -7.30
N SER A 136 -9.20 12.03 -6.31
CA SER A 136 -10.51 11.61 -5.77
C SER A 136 -11.41 12.82 -5.58
N GLU A 137 -12.66 12.58 -5.29
CA GLU A 137 -13.64 13.70 -5.10
C GLU A 137 -13.07 14.75 -4.13
N ARG A 138 -12.40 14.31 -3.10
CA ARG A 138 -11.83 15.29 -2.12
C ARG A 138 -11.26 16.49 -2.87
N GLY A 139 -10.76 16.23 -4.03
CA GLY A 139 -10.18 17.30 -4.86
C GLY A 139 -8.68 17.17 -4.83
N GLY A 140 -8.16 15.95 -4.88
CA GLY A 140 -6.66 15.82 -4.85
C GLY A 140 -6.20 14.35 -4.78
N LEU A 141 -5.10 14.11 -4.09
CA LEU A 141 -4.53 12.73 -3.96
C LEU A 141 -5.44 11.77 -3.14
N SER A 142 -5.54 10.55 -3.59
CA SER A 142 -6.39 9.54 -2.88
C SER A 142 -6.06 8.14 -3.42
N ILE A 143 -5.46 7.29 -2.62
CA ILE A 143 -5.11 5.92 -3.09
C ILE A 143 -5.70 4.86 -2.15
N ARG A 144 -5.88 3.65 -2.64
CA ARG A 144 -6.45 2.56 -1.78
C ARG A 144 -5.76 1.23 -2.12
N ALA A 145 -5.25 0.55 -1.14
CA ALA A 145 -4.57 -0.76 -1.39
C ALA A 145 -5.43 -1.92 -0.83
N TRP A 146 -5.40 -3.06 -1.46
CA TRP A 146 -6.22 -4.21 -0.94
C TRP A 146 -5.39 -5.47 -0.66
N LEU A 147 -5.91 -6.29 0.21
CA LEU A 147 -5.26 -7.58 0.62
C LEU A 147 -6.39 -8.60 0.88
N PRO A 148 -6.69 -9.38 -0.11
CA PRO A 148 -7.77 -10.41 -0.01
C PRO A 148 -7.40 -11.54 0.96
N VAL A 149 -8.41 -12.07 1.63
CA VAL A 149 -8.18 -13.19 2.61
C VAL A 149 -8.72 -14.52 2.04
N PRO A 150 -7.83 -15.30 1.48
CA PRO A 150 -8.21 -16.59 0.89
C PRO A 150 -8.13 -17.73 1.93
N VAL A 151 -8.29 -18.94 1.47
CA VAL A 151 -8.26 -20.16 2.35
C VAL A 151 -8.72 -19.88 3.80
N THR A 152 -9.85 -20.42 4.17
CA THR A 152 -10.36 -20.19 5.56
C THR A 152 -11.65 -21.01 5.80
N ARG A 153 -11.65 -22.28 5.46
CA ARG A 153 -12.88 -23.10 5.66
C ARG A 153 -12.53 -24.44 6.35
N ALA A 154 -11.55 -25.15 5.85
CA ALA A 154 -11.17 -26.46 6.47
C ALA A 154 -11.12 -26.34 8.00
N GLN A 155 -10.98 -27.44 8.68
CA GLN A 155 -10.93 -27.42 10.18
C GLN A 155 -12.21 -26.81 10.76
N GLY A 156 -13.27 -27.57 10.82
CA GLY A 156 -14.55 -27.03 11.37
C GLY A 156 -15.05 -27.95 12.47
N THR A 157 -14.80 -29.24 12.35
CA THR A 157 -15.26 -30.24 13.38
C THR A 157 -16.77 -30.11 13.64
N THR A 158 -17.44 -31.22 13.83
CA THR A 158 -18.91 -31.18 14.09
C THR A 158 -19.47 -32.59 14.22
N LYS A 159 -18.92 -33.39 15.10
CA LYS A 159 -19.42 -34.78 15.28
C LYS A 159 -20.72 -34.78 16.09
N GLU A 160 -20.89 -33.82 16.97
CA GLU A 160 -22.13 -33.77 17.79
C GLU A 160 -22.33 -32.36 18.36
N GLY A 161 -21.26 -31.71 18.73
CA GLY A 161 -21.40 -30.33 19.29
C GLY A 161 -21.96 -29.39 18.22
PG ANP B . 7.49 3.74 -10.98
O1G ANP B . 7.33 3.41 -12.42
O2G ANP B . 8.67 4.55 -10.59
O3G ANP B . 7.67 2.32 -10.23
PB ANP B . 6.36 4.81 -8.85
O1B ANP B . 6.19 3.62 -8.00
O2B ANP B . 7.61 5.58 -8.70
N3B ANP B . 6.13 4.40 -10.40
PA ANP B . 4.00 5.62 -7.36
O1A ANP B . 3.33 4.33 -7.61
O2A ANP B . 4.55 5.92 -6.02
O3A ANP B . 5.17 5.80 -8.43
O5' ANP B . 2.98 6.79 -7.75
C5' ANP B . 2.97 8.01 -7.02
C4' ANP B . 2.98 9.24 -7.95
O4' ANP B . 1.74 9.97 -7.86
C3' ANP B . 4.11 10.20 -7.58
O3' ANP B . 5.17 10.13 -8.53
C2' ANP B . 3.51 11.56 -7.53
O2' ANP B . 3.88 12.31 -8.69
C1' ANP B . 2.01 11.35 -7.47
N9 ANP B . 1.53 11.59 -6.11
C8 ANP B . 1.55 10.77 -5.06
N7 ANP B . 1.12 11.22 -3.93
C5 ANP B . 0.77 12.53 -4.27
C6 ANP B . 0.24 13.59 -3.54
N6 ANP B . -0.03 13.51 -2.24
N1 ANP B . 0.00 14.74 -4.20
C2 ANP B . 0.28 14.84 -5.51
N3 ANP B . 0.79 13.90 -6.30
C4 ANP B . 1.01 12.76 -5.62
HOG3 ANP B . 8.58 2.07 -10.30
HNB1 ANP B . 5.38 3.75 -10.47
H5'1 ANP B . 2.08 8.04 -6.41
H5'2 ANP B . 3.84 8.02 -6.37
H4' ANP B . 3.13 8.90 -8.97
H3' ANP B . 4.49 9.95 -6.58
HO3' ANP B . 4.77 9.97 -9.38
H2' ANP B . 3.84 12.08 -6.64
HO2' ANP B . 4.81 12.16 -8.84
H1' ANP B . 1.52 12.03 -8.16
H8 ANP B . 1.92 9.75 -5.16
HN61 ANP B . 0.16 12.65 -1.74
HN62 ANP B . -0.41 14.31 -1.75
H2 ANP B . 0.06 15.80 -5.96
N THR A 1 15.91 -13.15 3.04
CA THR A 1 16.63 -14.40 3.42
C THR A 1 16.65 -15.38 2.25
N GLY A 2 17.39 -15.07 1.22
CA GLY A 2 17.45 -15.99 0.04
C GLY A 2 16.30 -15.65 -0.91
N GLN A 3 15.09 -15.71 -0.43
CA GLN A 3 13.92 -15.41 -1.31
C GLN A 3 13.22 -14.14 -0.80
N GLU A 4 12.23 -13.67 -1.51
CA GLU A 4 11.51 -12.44 -1.06
C GLU A 4 9.99 -12.66 -1.09
N MET A 5 9.51 -13.68 -0.45
CA MET A 5 8.03 -13.93 -0.47
C MET A 5 7.57 -14.53 0.87
N PRO A 6 7.75 -13.76 1.90
CA PRO A 6 7.35 -14.19 3.24
C PRO A 6 5.92 -13.79 3.52
N MET A 7 5.02 -14.22 2.72
CA MET A 7 3.60 -13.85 2.96
C MET A 7 3.02 -14.76 4.00
N GLU A 8 2.79 -14.21 5.14
CA GLU A 8 2.21 -15.00 6.26
C GLU A 8 1.09 -14.21 6.90
N MET A 9 0.78 -14.46 8.13
CA MET A 9 -0.32 -13.70 8.78
C MET A 9 0.20 -12.41 9.42
N ALA A 10 -0.54 -11.34 9.28
CA ALA A 10 -0.10 -10.04 9.87
C ALA A 10 -1.31 -9.13 10.12
N ASP A 11 -1.17 -8.15 10.97
CA ASP A 11 -2.29 -7.23 11.27
C ASP A 11 -2.08 -5.89 10.56
N LEU A 12 -2.93 -5.56 9.63
CA LEU A 12 -2.78 -4.26 8.90
C LEU A 12 -2.85 -3.10 9.90
N ASN A 13 -3.50 -3.29 11.02
CA ASN A 13 -3.61 -2.19 12.01
C ASN A 13 -2.34 -2.15 12.86
N ALA A 14 -1.63 -3.24 12.90
CA ALA A 14 -0.39 -3.29 13.69
C ALA A 14 0.79 -2.82 12.84
N VAL A 15 0.68 -2.99 11.56
CA VAL A 15 1.76 -2.54 10.65
C VAL A 15 1.61 -1.04 10.37
N LEU A 16 0.39 -0.59 10.24
CA LEU A 16 0.18 0.85 9.97
C LEU A 16 0.31 1.65 11.27
N GLY A 17 -0.04 1.07 12.39
CA GLY A 17 0.07 1.82 13.68
C GLY A 17 1.54 2.08 13.98
N GLU A 18 2.42 1.25 13.47
CA GLU A 18 3.87 1.43 13.73
C GLU A 18 4.44 2.42 12.72
N VAL A 19 3.94 2.41 11.53
CA VAL A 19 4.45 3.34 10.49
C VAL A 19 3.93 4.75 10.78
N ILE A 20 2.81 4.84 11.44
CA ILE A 20 2.24 6.17 11.75
C ILE A 20 2.98 6.76 12.95
N ALA A 21 3.22 5.94 13.93
CA ALA A 21 3.93 6.43 15.13
C ALA A 21 5.38 6.68 14.78
N ALA A 22 5.82 6.12 13.70
CA ALA A 22 7.23 6.31 13.28
C ALA A 22 7.39 7.59 12.46
N GLU A 23 6.51 7.83 11.54
CA GLU A 23 6.63 9.07 10.72
C GLU A 23 5.68 10.14 11.24
N SER A 24 5.37 10.11 12.51
CA SER A 24 4.46 11.13 13.09
C SER A 24 5.27 12.25 13.74
N GLY A 25 6.38 12.64 13.15
CA GLY A 25 7.22 13.73 13.72
C GLY A 25 6.90 15.02 12.98
N TYR A 26 7.37 15.16 11.77
CA TYR A 26 7.09 16.40 10.99
C TYR A 26 5.85 16.18 10.14
N GLU A 27 5.02 15.29 10.57
CA GLU A 27 3.78 14.96 9.85
C GLU A 27 2.85 14.30 10.81
N ARG A 28 2.83 14.77 12.02
CA ARG A 28 1.94 14.17 13.04
C ARG A 28 0.49 14.51 12.71
N GLU A 29 0.27 15.23 11.67
CA GLU A 29 -1.13 15.60 11.29
C GLU A 29 -1.77 14.46 10.49
N ILE A 30 -1.42 13.27 10.82
CA ILE A 30 -2.00 12.09 10.11
C ILE A 30 -3.28 11.65 10.80
N GLU A 31 -4.32 11.37 10.06
CA GLU A 31 -5.58 10.93 10.71
C GLU A 31 -5.64 9.41 10.71
N THR A 32 -5.52 8.81 11.84
CA THR A 32 -5.57 7.34 11.91
C THR A 32 -6.99 6.83 12.09
N ALA A 33 -7.43 5.99 11.20
CA ALA A 33 -8.81 5.44 11.30
C ALA A 33 -8.81 4.01 10.75
N LEU A 34 -8.35 3.07 11.53
CA LEU A 34 -8.31 1.65 11.06
C LEU A 34 -9.58 0.91 11.51
N TYR A 35 -9.94 -0.13 10.79
CA TYR A 35 -11.16 -0.91 11.16
C TYR A 35 -11.15 -1.21 12.66
N PRO A 36 -12.27 -0.97 13.29
CA PRO A 36 -12.40 -1.21 14.75
C PRO A 36 -12.47 -2.72 15.03
N GLY A 37 -11.34 -3.38 15.01
CA GLY A 37 -11.35 -4.85 15.27
C GLY A 37 -9.99 -5.49 14.91
N SER A 38 -8.98 -4.70 14.58
CA SER A 38 -7.67 -5.28 14.23
C SER A 38 -7.81 -6.12 12.98
N ILE A 39 -7.14 -5.74 11.94
CA ILE A 39 -7.24 -6.52 10.67
C ILE A 39 -6.55 -7.86 10.84
N GLU A 40 -6.54 -8.65 9.82
CA GLU A 40 -5.89 -9.99 9.90
C GLU A 40 -5.93 -10.68 8.55
N VAL A 41 -4.83 -10.71 7.88
CA VAL A 41 -4.76 -11.37 6.54
C VAL A 41 -3.38 -11.92 6.30
N LYS A 42 -3.21 -12.65 5.24
CA LYS A 42 -1.89 -13.21 4.95
C LYS A 42 -1.07 -12.18 4.18
N MET A 43 -0.31 -11.39 4.86
CA MET A 43 0.50 -10.35 4.16
C MET A 43 1.85 -10.17 4.86
N HIS A 44 2.75 -9.51 4.21
CA HIS A 44 4.10 -9.28 4.81
C HIS A 44 4.10 -7.94 5.56
N PRO A 45 4.21 -8.02 6.86
CA PRO A 45 4.23 -6.79 7.70
C PRO A 45 5.48 -5.95 7.44
N LEU A 46 6.53 -6.56 6.95
CA LEU A 46 7.77 -5.79 6.68
C LEU A 46 7.66 -5.09 5.32
N SER A 47 7.53 -5.83 4.27
CA SER A 47 7.41 -5.18 2.93
C SER A 47 6.28 -4.16 2.95
N ILE A 48 5.17 -4.50 3.56
CA ILE A 48 4.03 -3.53 3.62
C ILE A 48 4.47 -2.27 4.36
N LYS A 49 5.14 -2.42 5.47
CA LYS A 49 5.61 -1.22 6.22
C LYS A 49 6.24 -0.26 5.24
N ARG A 50 7.13 -0.75 4.44
CA ARG A 50 7.81 0.12 3.44
C ARG A 50 6.77 0.81 2.55
N ALA A 51 5.79 0.07 2.10
CA ALA A 51 4.74 0.65 1.23
C ALA A 51 4.10 1.88 1.89
N VAL A 52 4.05 1.93 3.19
CA VAL A 52 3.44 3.10 3.88
C VAL A 52 4.48 4.21 4.12
N ALA A 53 5.65 3.86 4.57
CA ALA A 53 6.70 4.90 4.82
C ALA A 53 6.94 5.75 3.58
N ASN A 54 6.93 5.15 2.42
CA ASN A 54 7.15 5.93 1.17
C ASN A 54 5.85 6.63 0.72
N MET A 55 4.74 6.01 0.93
CA MET A 55 3.45 6.63 0.51
C MET A 55 3.17 7.91 1.33
N VAL A 56 3.67 7.97 2.53
CA VAL A 56 3.43 9.18 3.37
C VAL A 56 4.52 10.24 3.12
N VAL A 57 5.66 9.82 2.65
CA VAL A 57 6.75 10.80 2.38
C VAL A 57 6.47 11.59 1.09
N ASN A 58 5.66 11.04 0.23
CA ASN A 58 5.35 11.76 -1.05
C ASN A 58 4.49 12.99 -0.76
N ALA A 59 3.54 12.86 0.12
CA ALA A 59 2.67 14.02 0.45
C ALA A 59 3.37 14.97 1.42
N ALA A 60 4.36 14.49 2.11
CA ALA A 60 5.09 15.37 3.07
C ALA A 60 6.14 16.20 2.34
N ARG A 61 6.75 15.66 1.33
CA ARG A 61 7.80 16.41 0.58
C ARG A 61 7.15 17.39 -0.41
N TYR A 62 6.45 16.87 -1.38
CA TYR A 62 5.79 17.76 -2.38
C TYR A 62 4.44 18.29 -1.85
N GLY A 63 3.86 17.61 -0.91
CA GLY A 63 2.55 18.07 -0.38
C GLY A 63 2.72 18.61 1.05
N ASN A 64 1.68 19.12 1.63
CA ASN A 64 1.77 19.67 3.01
C ASN A 64 0.40 20.18 3.46
N GLY A 65 -0.64 19.45 3.16
CA GLY A 65 -2.01 19.89 3.57
C GLY A 65 -2.75 18.73 4.24
N TRP A 66 -2.44 18.46 5.48
CA TRP A 66 -3.13 17.35 6.20
C TRP A 66 -2.92 16.01 5.47
N ILE A 67 -2.68 14.96 6.23
CA ILE A 67 -2.46 13.62 5.62
C ILE A 67 -3.43 12.64 6.28
N LYS A 68 -3.63 11.48 5.71
CA LYS A 68 -4.58 10.53 6.37
C LYS A 68 -4.14 9.08 6.21
N VAL A 69 -4.15 8.35 7.28
CA VAL A 69 -3.75 6.92 7.25
C VAL A 69 -4.88 6.08 7.83
N SER A 70 -5.76 5.58 7.01
CA SER A 70 -6.88 4.76 7.53
C SER A 70 -6.87 3.37 6.92
N SER A 71 -7.52 2.44 7.56
CA SER A 71 -7.57 1.06 7.04
C SER A 71 -8.96 0.47 7.28
N GLY A 72 -9.33 -0.52 6.52
CA GLY A 72 -10.67 -1.13 6.70
C GLY A 72 -10.57 -2.61 6.37
N THR A 73 -11.66 -3.27 6.17
CA THR A 73 -11.58 -4.72 5.86
C THR A 73 -12.94 -5.28 5.44
N GLU A 74 -12.98 -6.54 5.11
CA GLU A 74 -14.26 -7.17 4.69
C GLU A 74 -14.23 -8.67 4.98
N PRO A 75 -15.31 -9.34 4.70
CA PRO A 75 -15.40 -10.80 4.94
C PRO A 75 -14.46 -11.56 3.99
N ASN A 76 -13.38 -12.08 4.52
CA ASN A 76 -12.42 -12.84 3.66
C ASN A 76 -11.70 -11.89 2.69
N ARG A 77 -11.50 -10.66 3.09
CA ARG A 77 -10.80 -9.67 2.21
C ARG A 77 -10.61 -8.35 2.97
N ALA A 78 -9.40 -8.01 3.33
CA ALA A 78 -9.18 -6.72 4.06
C ALA A 78 -8.39 -5.75 3.19
N TRP A 79 -8.42 -4.47 3.49
CA TRP A 79 -7.64 -3.50 2.65
C TRP A 79 -7.27 -2.26 3.46
N PHE A 80 -6.45 -1.40 2.91
CA PHE A 80 -6.04 -0.17 3.63
C PHE A 80 -5.73 0.94 2.61
N GLN A 81 -6.03 2.17 2.93
CA GLN A 81 -5.76 3.27 1.95
C GLN A 81 -5.28 4.54 2.67
N VAL A 82 -4.70 5.45 1.92
CA VAL A 82 -4.20 6.72 2.52
C VAL A 82 -4.74 7.92 1.72
N GLU A 83 -4.88 9.06 2.36
CA GLU A 83 -5.40 10.25 1.63
C GLU A 83 -4.65 11.51 2.06
N ASP A 84 -4.19 12.28 1.13
CA ASP A 84 -3.45 13.53 1.49
C ASP A 84 -3.82 14.66 0.53
N ASP A 85 -3.77 15.87 0.99
CA ASP A 85 -4.12 17.02 0.09
C ASP A 85 -2.87 17.83 -0.29
N GLY A 86 -2.58 17.93 -1.56
CA GLY A 86 -1.37 18.69 -2.00
C GLY A 86 -1.33 18.75 -3.54
N PRO A 87 -0.41 18.00 -4.10
CA PRO A 87 -0.26 17.96 -5.58
C PRO A 87 -1.42 17.19 -6.24
N GLY A 88 -1.31 16.93 -7.52
CA GLY A 88 -2.39 16.18 -8.24
C GLY A 88 -1.79 15.50 -9.46
N ILE A 89 -2.61 14.81 -10.24
CA ILE A 89 -2.05 14.12 -11.45
C ILE A 89 -2.49 14.84 -12.72
N ALA A 90 -2.55 14.13 -13.81
CA ALA A 90 -2.97 14.74 -15.10
C ALA A 90 -3.51 13.64 -16.01
N PRO A 91 -4.25 14.04 -16.99
CA PRO A 91 -4.84 13.07 -17.93
C PRO A 91 -3.76 12.48 -18.86
N GLU A 92 -2.65 13.16 -19.02
CA GLU A 92 -1.58 12.63 -19.92
C GLU A 92 -0.56 11.77 -19.15
N GLN A 93 -0.24 12.14 -17.93
CA GLN A 93 0.74 11.34 -17.15
C GLN A 93 0.06 10.22 -16.34
N ARG A 94 -1.15 10.42 -15.93
CA ARG A 94 -1.83 9.34 -15.14
C ARG A 94 -1.84 8.03 -15.94
N LYS A 95 -1.64 8.12 -17.23
CA LYS A 95 -1.64 6.89 -18.08
C LYS A 95 -0.28 6.16 -17.99
N HIS A 96 0.79 6.89 -17.79
CA HIS A 96 2.14 6.23 -17.70
C HIS A 96 2.72 6.34 -16.28
N LEU A 97 1.99 6.94 -15.38
CA LEU A 97 2.50 7.08 -13.98
C LEU A 97 1.94 5.96 -13.11
N PHE A 98 1.43 4.95 -13.72
CA PHE A 98 0.87 3.82 -12.94
C PHE A 98 0.49 2.67 -13.88
N GLN A 99 1.35 2.32 -14.78
CA GLN A 99 1.05 1.21 -15.73
C GLN A 99 1.71 -0.09 -15.26
N PRO A 100 1.02 -1.17 -15.45
CA PRO A 100 1.53 -2.49 -15.04
C PRO A 100 2.59 -2.99 -16.03
N PHE A 101 3.07 -4.20 -15.84
CA PHE A 101 4.09 -4.76 -16.77
C PHE A 101 5.36 -3.89 -16.77
N VAL A 102 6.49 -4.52 -16.63
CA VAL A 102 7.77 -3.75 -16.63
C VAL A 102 8.10 -3.27 -18.04
N ARG A 103 8.55 -2.05 -18.18
CA ARG A 103 8.89 -1.53 -19.55
C ARG A 103 10.40 -1.37 -19.70
N GLY A 104 10.96 -1.90 -20.75
CA GLY A 104 12.43 -1.78 -20.95
C GLY A 104 12.85 -2.58 -22.20
N ASP A 105 12.74 -2.00 -23.35
CA ASP A 105 13.13 -2.74 -24.60
C ASP A 105 14.60 -2.48 -24.91
N SER A 106 15.49 -3.21 -24.29
CA SER A 106 16.94 -3.01 -24.55
C SER A 106 17.67 -4.35 -24.51
N ALA A 107 18.93 -4.35 -24.86
CA ALA A 107 19.70 -5.63 -24.85
C ALA A 107 18.87 -6.77 -25.43
N ARG A 108 18.19 -7.52 -24.58
CA ARG A 108 17.36 -8.65 -25.09
C ARG A 108 18.10 -9.40 -26.20
N THR A 109 19.01 -10.26 -25.84
CA THR A 109 19.77 -11.03 -26.87
C THR A 109 20.31 -12.33 -26.26
N ILE A 110 20.84 -12.26 -25.08
CA ILE A 110 21.38 -13.48 -24.42
C ILE A 110 20.79 -13.62 -23.01
N SER A 111 21.17 -12.76 -22.11
CA SER A 111 20.64 -12.86 -20.72
C SER A 111 20.84 -11.52 -19.99
N GLY A 112 19.88 -10.65 -20.03
CA GLY A 112 20.03 -9.34 -19.34
C GLY A 112 19.40 -9.41 -17.94
N THR A 113 18.75 -8.37 -17.52
CA THR A 113 18.12 -8.38 -16.17
C THR A 113 16.89 -7.45 -16.15
N GLY A 114 17.10 -6.19 -16.36
CA GLY A 114 15.97 -5.22 -16.36
C GLY A 114 15.37 -5.13 -14.95
N LEU A 115 15.83 -4.19 -14.17
CA LEU A 115 15.29 -4.04 -12.80
C LEU A 115 14.78 -2.60 -12.60
N GLY A 116 14.52 -2.21 -11.38
CA GLY A 116 14.03 -0.82 -11.16
C GLY A 116 14.09 -0.49 -9.67
N LEU A 117 13.55 0.64 -9.29
CA LEU A 117 13.57 1.03 -7.85
C LEU A 117 12.13 1.08 -7.31
N ALA A 118 11.28 0.22 -7.77
CA ALA A 118 9.87 0.21 -7.29
C ALA A 118 9.77 -0.54 -5.96
N ILE A 119 9.83 0.15 -4.87
CA ILE A 119 9.73 -0.52 -3.54
C ILE A 119 8.33 -0.31 -2.95
N VAL A 120 7.34 -0.20 -3.80
CA VAL A 120 5.94 0.01 -3.31
C VAL A 120 4.97 -0.76 -4.21
N GLN A 121 5.23 -0.81 -5.49
CA GLN A 121 4.32 -1.54 -6.41
C GLN A 121 4.41 -3.06 -6.14
N ARG A 122 5.61 -3.59 -6.14
CA ARG A 122 5.77 -5.05 -5.89
C ARG A 122 5.12 -5.42 -4.56
N ILE A 123 4.90 -4.47 -3.70
CA ILE A 123 4.26 -4.77 -2.38
C ILE A 123 2.83 -5.26 -2.63
N VAL A 124 1.98 -4.43 -3.17
CA VAL A 124 0.58 -4.86 -3.42
C VAL A 124 0.58 -5.94 -4.51
N ASP A 125 1.61 -5.98 -5.29
CA ASP A 125 1.69 -7.01 -6.38
C ASP A 125 2.05 -8.35 -5.76
N ASN A 126 2.75 -8.35 -4.66
CA ASN A 126 3.13 -9.63 -4.02
C ASN A 126 1.95 -10.18 -3.23
N HIS A 127 0.94 -9.36 -3.04
CA HIS A 127 -0.26 -9.83 -2.28
C HIS A 127 -1.34 -10.28 -3.26
N ASN A 128 -1.37 -9.70 -4.43
CA ASN A 128 -2.40 -10.07 -5.46
C ASN A 128 -3.75 -9.44 -5.13
N GLY A 129 -3.76 -8.49 -4.24
CA GLY A 129 -5.05 -7.83 -3.88
C GLY A 129 -5.36 -6.76 -4.92
N MET A 130 -4.87 -5.56 -4.72
CA MET A 130 -5.15 -4.48 -5.70
C MET A 130 -4.43 -3.19 -5.33
N LEU A 131 -4.22 -2.32 -6.26
CA LEU A 131 -3.54 -1.04 -5.97
C LEU A 131 -4.01 0.02 -6.97
N GLU A 132 -4.94 0.87 -6.60
CA GLU A 132 -5.40 1.91 -7.58
C GLU A 132 -5.32 3.33 -7.00
N LEU A 133 -5.47 4.32 -7.87
CA LEU A 133 -5.42 5.75 -7.42
C LEU A 133 -6.82 6.24 -7.04
N GLY A 134 -6.91 7.02 -6.00
CA GLY A 134 -8.25 7.52 -5.59
C GLY A 134 -8.35 9.00 -5.92
N THR A 135 -9.53 9.54 -5.93
CA THR A 135 -9.68 10.98 -6.25
C THR A 135 -10.71 11.61 -5.31
N SER A 136 -10.38 12.72 -4.73
CA SER A 136 -11.34 13.40 -3.79
C SER A 136 -11.75 14.77 -4.35
N GLU A 137 -12.87 14.84 -5.02
CA GLU A 137 -13.33 16.13 -5.58
C GLU A 137 -12.21 16.75 -6.44
N ARG A 138 -11.57 17.79 -5.97
CA ARG A 138 -10.48 18.43 -6.78
C ARG A 138 -9.61 17.36 -7.41
N GLY A 139 -9.55 16.24 -6.78
CA GLY A 139 -8.74 15.11 -7.30
C GLY A 139 -7.80 14.65 -6.18
N GLY A 140 -8.20 14.86 -4.94
CA GLY A 140 -7.36 14.43 -3.79
C GLY A 140 -6.74 13.08 -4.09
N LEU A 141 -5.53 12.87 -3.69
CA LEU A 141 -4.88 11.57 -3.96
C LEU A 141 -5.22 10.57 -2.86
N SER A 142 -6.00 9.58 -3.19
CA SER A 142 -6.38 8.56 -2.20
C SER A 142 -6.02 7.18 -2.77
N ILE A 143 -4.94 6.61 -2.32
CA ILE A 143 -4.54 5.28 -2.86
C ILE A 143 -5.19 4.16 -2.06
N ARG A 144 -5.92 3.30 -2.72
CA ARG A 144 -6.59 2.17 -2.02
C ARG A 144 -5.91 0.85 -2.38
N ALA A 145 -5.32 0.22 -1.42
CA ALA A 145 -4.63 -1.07 -1.68
C ALA A 145 -5.44 -2.23 -1.09
N TRP A 146 -5.72 -3.24 -1.85
CA TRP A 146 -6.50 -4.39 -1.30
C TRP A 146 -5.62 -5.59 -0.98
N LEU A 147 -6.08 -6.39 -0.04
CA LEU A 147 -5.33 -7.61 0.39
C LEU A 147 -6.35 -8.72 0.71
N PRO A 148 -6.80 -9.37 -0.31
CA PRO A 148 -7.79 -10.45 -0.15
C PRO A 148 -7.17 -11.69 0.51
N VAL A 149 -7.85 -12.25 1.48
CA VAL A 149 -7.32 -13.46 2.19
C VAL A 149 -7.87 -14.72 1.52
N PRO A 150 -6.97 -15.54 1.04
CA PRO A 150 -7.36 -16.79 0.37
C PRO A 150 -7.91 -17.77 1.40
N VAL A 151 -8.08 -18.98 0.99
CA VAL A 151 -8.59 -20.00 1.92
C VAL A 151 -7.72 -21.27 1.89
N THR A 152 -7.36 -21.78 3.05
CA THR A 152 -6.51 -23.01 3.08
C THR A 152 -7.21 -24.11 3.89
N ARG A 153 -7.37 -25.27 3.31
CA ARG A 153 -8.05 -26.39 4.05
C ARG A 153 -8.36 -27.54 3.10
N ALA A 154 -7.48 -27.83 2.19
CA ALA A 154 -7.73 -28.95 1.23
C ALA A 154 -7.06 -30.24 1.74
N GLN A 155 -5.85 -30.15 2.22
CA GLN A 155 -5.17 -31.38 2.73
C GLN A 155 -4.24 -31.03 3.89
N GLY A 156 -3.92 -31.99 4.72
CA GLY A 156 -3.03 -31.71 5.87
C GLY A 156 -2.48 -33.03 6.42
N THR A 157 -1.21 -33.27 6.26
CA THR A 157 -0.62 -34.54 6.77
C THR A 157 0.57 -34.23 7.68
N THR A 158 1.12 -35.23 8.33
CA THR A 158 2.27 -34.99 9.23
C THR A 158 3.16 -36.25 9.31
N LYS A 159 4.22 -36.28 8.55
CA LYS A 159 5.12 -37.47 8.58
C LYS A 159 6.57 -37.03 8.83
N GLU A 160 7.07 -36.14 8.02
CA GLU A 160 8.47 -35.67 8.21
C GLU A 160 8.73 -35.34 9.69
N GLY A 161 9.56 -36.11 10.34
CA GLY A 161 9.85 -35.84 11.78
C GLY A 161 8.80 -36.53 12.66
PG ANP B . 8.23 13.07 -6.59
O1G ANP B . 7.08 13.14 -7.51
O2G ANP B . 8.19 13.93 -5.39
O3G ANP B . 9.50 13.57 -7.44
PB ANP B . 7.91 10.56 -7.30
O1B ANP B . 8.32 11.01 -8.64
O2B ANP B . 8.17 9.15 -6.94
N3B ANP B . 8.52 11.53 -6.16
PA ANP B . 5.18 9.86 -6.50
O1A ANP B . 5.58 8.43 -6.55
O2A ANP B . 4.91 10.49 -5.20
O3A ANP B . 6.31 10.72 -7.25
O5' ANP B . 3.89 10.05 -7.44
C5' ANP B . 3.48 11.34 -7.88
C4' ANP B . 3.27 11.38 -9.38
O4' ANP B . 2.12 10.61 -9.72
C3' ANP B . 3.01 12.80 -9.86
O3' ANP B . 3.84 13.14 -10.97
C2' ANP B . 1.57 12.81 -10.27
O2' ANP B . 1.43 12.89 -11.69
C1' ANP B . 1.02 11.51 -9.75
N9 ANP B . 0.49 11.63 -8.38
C8 ANP B . 0.36 12.72 -7.57
N7 ANP B . 0.02 12.52 -6.35
C5 ANP B . -0.11 11.13 -6.32
C6 ANP B . -0.45 10.25 -5.30
N6 ANP B . -0.73 10.65 -4.06
N1 ANP B . -0.48 8.93 -5.60
C2 ANP B . -0.20 8.52 -6.83
N3 ANP B . 0.14 9.27 -7.88
C4 ANP B . 0.16 10.58 -7.55
HOG3 ANP B . 9.64 14.49 -7.24
HNB1 ANP B . 8.07 11.35 -5.29
H5'1 ANP B . 2.54 11.61 -7.39
H5'2 ANP B . 4.24 12.08 -7.61
H4' ANP B . 4.12 10.98 -9.88
H3' ANP B . 3.17 13.51 -9.04
HO3' ANP B . 3.55 12.61 -11.72
H2' ANP B . 1.06 13.65 -9.80
HO2' ANP B . 2.25 12.56 -12.07
H1' ANP B . 0.27 11.13 -10.41
H8 ANP B . 0.54 13.71 -7.93
HN61 ANP B . -0.70 11.63 -3.82
HN62 ANP B . -0.97 9.97 -3.35
H2 ANP B . -0.24 7.44 -7.00
N THR A 1 11.44 -28.50 6.62
CA THR A 1 10.11 -28.10 7.20
C THR A 1 10.30 -27.64 8.64
N GLY A 2 11.02 -26.57 8.85
CA GLY A 2 11.24 -26.07 10.24
C GLY A 2 11.75 -24.64 10.18
N GLN A 3 11.28 -23.86 9.25
CA GLN A 3 11.73 -22.44 9.14
C GLN A 3 10.54 -21.48 9.22
N GLU A 4 10.71 -20.38 9.90
CA GLU A 4 9.59 -19.40 10.03
C GLU A 4 9.58 -18.47 8.81
N MET A 5 8.98 -18.89 7.74
CA MET A 5 8.93 -18.02 6.52
C MET A 5 8.04 -16.80 6.77
N PRO A 6 8.15 -15.85 5.89
CA PRO A 6 7.37 -14.62 5.98
C PRO A 6 6.06 -14.79 5.24
N MET A 7 5.46 -13.71 4.86
CA MET A 7 4.19 -13.79 4.13
C MET A 7 3.30 -14.81 4.78
N GLU A 8 2.69 -14.41 5.81
CA GLU A 8 1.77 -15.29 6.57
C GLU A 8 0.65 -14.45 7.15
N MET A 9 0.14 -14.81 8.29
CA MET A 9 -0.97 -14.01 8.88
C MET A 9 -0.42 -12.84 9.68
N ALA A 10 -0.89 -11.66 9.39
CA ALA A 10 -0.40 -10.46 10.14
C ALA A 10 -1.55 -9.46 10.37
N ASP A 11 -1.38 -8.59 11.33
CA ASP A 11 -2.44 -7.58 11.62
C ASP A 11 -2.15 -6.32 10.81
N LEU A 12 -2.94 -6.06 9.81
CA LEU A 12 -2.70 -4.85 8.99
C LEU A 12 -2.74 -3.59 9.85
N ASN A 13 -3.50 -3.59 10.91
CA ASN A 13 -3.56 -2.38 11.78
C ASN A 13 -2.34 -2.33 12.69
N ALA A 14 -1.71 -3.45 12.88
CA ALA A 14 -0.51 -3.47 13.75
C ALA A 14 0.71 -3.06 12.94
N VAL A 15 0.68 -3.31 11.67
CA VAL A 15 1.82 -2.93 10.81
C VAL A 15 1.73 -1.44 10.45
N LEU A 16 0.54 -0.95 10.22
CA LEU A 16 0.37 0.48 9.89
C LEU A 16 0.49 1.35 11.14
N GLY A 17 0.18 0.80 12.30
CA GLY A 17 0.29 1.60 13.54
C GLY A 17 1.75 1.96 13.80
N GLU A 18 2.66 1.11 13.39
CA GLU A 18 4.10 1.40 13.61
C GLU A 18 4.62 2.31 12.50
N VAL A 19 4.09 2.17 11.32
CA VAL A 19 4.53 3.03 10.19
C VAL A 19 3.89 4.41 10.31
N ILE A 20 2.84 4.50 11.05
CA ILE A 20 2.15 5.80 11.23
C ILE A 20 2.84 6.60 12.32
N ALA A 21 3.18 5.95 13.39
CA ALA A 21 3.86 6.66 14.50
C ALA A 21 5.30 6.95 14.11
N ALA A 22 5.79 6.26 13.14
CA ALA A 22 7.18 6.48 12.69
C ALA A 22 7.23 7.54 11.60
N GLU A 23 6.49 7.33 10.57
CA GLU A 23 6.47 8.31 9.46
C GLU A 23 5.19 9.10 9.52
N SER A 24 4.89 9.64 10.66
CA SER A 24 3.65 10.45 10.83
C SER A 24 3.80 11.86 10.19
N GLY A 25 4.55 11.98 9.13
CA GLY A 25 4.72 13.31 8.49
C GLY A 25 5.19 14.32 9.52
N TYR A 26 6.19 13.97 10.27
CA TYR A 26 6.70 14.91 11.30
C TYR A 26 5.55 15.37 12.20
N GLU A 27 4.63 14.50 12.51
CA GLU A 27 3.49 14.88 13.38
C GLU A 27 2.69 16.00 12.73
N ARG A 28 2.55 15.93 11.45
CA ARG A 28 1.81 16.96 10.73
C ARG A 28 0.32 16.85 11.07
N GLU A 29 -0.36 16.02 10.39
CA GLU A 29 -1.81 15.85 10.66
C GLU A 29 -2.36 14.62 9.92
N ILE A 30 -1.93 13.46 10.31
CA ILE A 30 -2.42 12.21 9.63
C ILE A 30 -3.66 11.69 10.35
N GLU A 31 -4.70 11.41 9.64
CA GLU A 31 -5.94 10.90 10.29
C GLU A 31 -5.88 9.39 10.37
N THR A 32 -5.58 8.86 11.52
CA THR A 32 -5.51 7.39 11.66
C THR A 32 -6.87 6.81 12.03
N ALA A 33 -7.34 5.89 11.23
CA ALA A 33 -8.66 5.25 11.49
C ALA A 33 -8.59 3.80 11.03
N LEU A 34 -8.01 2.94 11.82
CA LEU A 34 -7.91 1.52 11.44
C LEU A 34 -9.14 0.75 11.91
N TYR A 35 -9.44 -0.36 11.28
CA TYR A 35 -10.62 -1.17 11.69
C TYR A 35 -10.76 -1.20 13.22
N PRO A 36 -11.97 -1.14 13.68
CA PRO A 36 -12.24 -1.17 15.13
C PRO A 36 -12.25 -2.59 15.67
N GLY A 37 -11.16 -3.29 15.54
CA GLY A 37 -11.11 -4.69 16.04
C GLY A 37 -9.71 -5.26 15.83
N SER A 38 -9.38 -5.60 14.61
CA SER A 38 -8.04 -6.16 14.29
C SER A 38 -8.07 -6.79 12.92
N ILE A 39 -7.32 -6.27 12.00
CA ILE A 39 -7.33 -6.88 10.64
C ILE A 39 -6.67 -8.24 10.69
N GLU A 40 -6.63 -8.92 9.59
CA GLU A 40 -6.01 -10.26 9.56
C GLU A 40 -5.93 -10.78 8.14
N VAL A 41 -4.79 -10.71 7.56
CA VAL A 41 -4.64 -11.20 6.16
C VAL A 41 -3.28 -11.83 5.99
N LYS A 42 -3.13 -12.62 4.99
CA LYS A 42 -1.82 -13.25 4.78
C LYS A 42 -0.93 -12.24 4.09
N MET A 43 -0.19 -11.48 4.84
CA MET A 43 0.68 -10.46 4.19
C MET A 43 2.00 -10.29 4.96
N HIS A 44 3.02 -9.87 4.26
CA HIS A 44 4.35 -9.67 4.92
C HIS A 44 4.36 -8.34 5.68
N PRO A 45 4.59 -8.43 6.97
CA PRO A 45 4.61 -7.22 7.81
C PRO A 45 5.86 -6.39 7.52
N LEU A 46 6.87 -7.00 6.96
CA LEU A 46 8.11 -6.26 6.65
C LEU A 46 7.97 -5.55 5.28
N SER A 47 7.82 -6.29 4.22
CA SER A 47 7.69 -5.65 2.88
C SER A 47 6.57 -4.59 2.90
N ILE A 48 5.53 -4.83 3.65
CA ILE A 48 4.42 -3.84 3.72
C ILE A 48 4.84 -2.64 4.56
N LYS A 49 5.44 -2.86 5.71
CA LYS A 49 5.87 -1.72 6.55
C LYS A 49 6.51 -0.66 5.67
N ARG A 50 7.35 -1.08 4.76
CA ARG A 50 8.02 -0.11 3.85
C ARG A 50 7.00 0.53 2.89
N ALA A 51 6.20 -0.29 2.26
CA ALA A 51 5.17 0.25 1.30
C ALA A 51 4.31 1.35 1.95
N VAL A 52 4.09 1.27 3.24
CA VAL A 52 3.24 2.30 3.92
C VAL A 52 4.10 3.47 4.42
N ALA A 53 5.35 3.25 4.66
CA ALA A 53 6.23 4.36 5.16
C ALA A 53 6.53 5.37 4.03
N ASN A 54 6.47 4.95 2.80
CA ASN A 54 6.76 5.90 1.67
C ASN A 54 5.49 6.60 1.19
N MET A 55 4.33 6.08 1.49
CA MET A 55 3.06 6.74 1.04
C MET A 55 2.64 7.89 1.97
N VAL A 56 3.03 7.87 3.22
CA VAL A 56 2.63 8.98 4.13
C VAL A 56 3.65 10.13 4.13
N VAL A 57 4.91 9.83 3.95
CA VAL A 57 5.93 10.93 3.95
C VAL A 57 5.86 11.73 2.64
N ASN A 58 5.31 11.17 1.60
CA ASN A 58 5.22 11.91 0.31
C ASN A 58 4.05 12.90 0.35
N ALA A 59 3.11 12.70 1.22
CA ALA A 59 1.94 13.63 1.31
C ALA A 59 2.24 14.77 2.28
N ALA A 60 3.18 14.59 3.16
CA ALA A 60 3.51 15.68 4.13
C ALA A 60 4.41 16.74 3.48
N ARG A 61 5.10 16.40 2.43
CA ARG A 61 5.99 17.39 1.76
C ARG A 61 5.21 18.19 0.72
N TYR A 62 4.83 17.58 -0.37
CA TYR A 62 4.07 18.30 -1.42
C TYR A 62 2.60 18.47 -0.99
N GLY A 63 2.06 17.51 -0.31
CA GLY A 63 0.64 17.62 0.13
C GLY A 63 0.37 19.03 0.65
N ASN A 64 1.18 19.51 1.56
CA ASN A 64 0.96 20.88 2.10
C ASN A 64 -0.52 21.12 2.39
N GLY A 65 -1.17 20.21 3.09
CA GLY A 65 -2.61 20.40 3.39
C GLY A 65 -3.02 19.51 4.57
N TRP A 66 -3.27 18.25 4.30
CA TRP A 66 -3.68 17.31 5.40
C TRP A 66 -3.57 15.85 4.92
N ILE A 67 -3.28 14.94 5.82
CA ILE A 67 -3.15 13.50 5.40
C ILE A 67 -4.27 12.65 6.05
N LYS A 68 -4.47 11.45 5.57
CA LYS A 68 -5.54 10.58 6.15
C LYS A 68 -5.12 9.10 6.06
N VAL A 69 -4.67 8.52 7.13
CA VAL A 69 -4.25 7.09 7.09
C VAL A 69 -5.31 6.22 7.78
N SER A 70 -6.30 5.78 7.04
CA SER A 70 -7.37 4.94 7.67
C SER A 70 -7.35 3.53 7.08
N SER A 71 -7.45 2.54 7.91
CA SER A 71 -7.44 1.14 7.43
C SER A 71 -8.77 0.48 7.78
N GLY A 72 -9.26 -0.37 6.93
CA GLY A 72 -10.55 -1.04 7.22
C GLY A 72 -10.44 -2.49 6.76
N THR A 73 -11.55 -3.15 6.58
CA THR A 73 -11.49 -4.57 6.14
C THR A 73 -12.87 -5.21 6.19
N GLU A 74 -12.94 -6.43 5.77
CA GLU A 74 -14.25 -7.16 5.78
C GLU A 74 -13.98 -8.65 6.03
N PRO A 75 -15.05 -9.42 6.10
CA PRO A 75 -14.90 -10.86 6.34
C PRO A 75 -14.57 -11.57 5.01
N ASN A 76 -13.58 -11.08 4.30
CA ASN A 76 -13.18 -11.70 2.99
C ASN A 76 -12.27 -10.75 2.19
N ARG A 77 -12.03 -9.57 2.67
CA ARG A 77 -11.16 -8.61 1.93
C ARG A 77 -10.76 -7.44 2.83
N ALA A 78 -9.50 -7.38 3.23
CA ALA A 78 -9.05 -6.25 4.10
C ALA A 78 -8.28 -5.25 3.25
N TRP A 79 -8.10 -4.04 3.71
CA TRP A 79 -7.34 -3.06 2.88
C TRP A 79 -7.02 -1.79 3.67
N PHE A 80 -6.10 -1.02 3.19
CA PHE A 80 -5.73 0.24 3.91
C PHE A 80 -5.65 1.37 2.88
N GLN A 81 -6.23 2.49 3.17
CA GLN A 81 -6.19 3.62 2.18
C GLN A 81 -5.57 4.89 2.80
N VAL A 82 -4.98 5.69 1.96
CA VAL A 82 -4.35 6.96 2.44
C VAL A 82 -4.79 8.11 1.54
N GLU A 83 -5.40 9.11 2.10
CA GLU A 83 -5.85 10.26 1.25
C GLU A 83 -5.13 11.53 1.65
N ASP A 84 -4.74 12.33 0.70
CA ASP A 84 -4.03 13.59 1.03
C ASP A 84 -4.49 14.71 0.11
N ASP A 85 -4.54 15.92 0.61
CA ASP A 85 -4.98 17.06 -0.24
C ASP A 85 -3.77 17.91 -0.66
N GLY A 86 -3.48 17.94 -1.92
CA GLY A 86 -2.31 18.74 -2.39
C GLY A 86 -2.29 18.76 -3.93
N PRO A 87 -1.33 18.08 -4.49
CA PRO A 87 -1.20 18.01 -5.96
C PRO A 87 -2.17 16.99 -6.54
N GLY A 88 -2.01 16.65 -7.79
CA GLY A 88 -2.92 15.66 -8.42
C GLY A 88 -2.11 14.77 -9.36
N ILE A 89 -2.76 14.12 -10.28
CA ILE A 89 -2.03 13.23 -11.23
C ILE A 89 -2.08 13.83 -12.64
N ALA A 90 -1.17 13.43 -13.49
CA ALA A 90 -1.17 13.99 -14.89
C ALA A 90 -2.01 13.08 -15.79
N PRO A 91 -2.40 13.63 -16.91
CA PRO A 91 -3.21 12.88 -17.88
C PRO A 91 -2.35 11.83 -18.59
N GLU A 92 -1.19 12.22 -19.03
CA GLU A 92 -0.29 11.25 -19.73
C GLU A 92 0.31 10.26 -18.73
N GLN A 93 0.92 10.77 -17.69
CA GLN A 93 1.53 9.86 -16.67
C GLN A 93 0.46 8.90 -16.12
N ARG A 94 -0.75 9.35 -16.03
CA ARG A 94 -1.83 8.46 -15.51
C ARG A 94 -1.75 7.10 -16.19
N LYS A 95 -1.48 7.08 -17.46
CA LYS A 95 -1.38 5.78 -18.19
C LYS A 95 -0.10 5.06 -17.76
N HIS A 96 0.97 5.79 -17.62
CA HIS A 96 2.26 5.17 -17.21
C HIS A 96 2.74 5.80 -15.90
N LEU A 97 2.14 5.46 -14.80
CA LEU A 97 2.57 6.04 -13.50
C LEU A 97 3.70 5.23 -12.89
N PHE A 98 4.22 4.31 -13.66
CA PHE A 98 5.35 3.46 -13.15
C PHE A 98 6.07 2.81 -14.33
N GLN A 99 5.95 3.38 -15.49
CA GLN A 99 6.63 2.81 -16.69
C GLN A 99 6.29 3.64 -17.94
N PRO A 100 6.79 4.83 -17.96
CA PRO A 100 6.55 5.73 -19.11
C PRO A 100 7.33 5.26 -20.35
N PHE A 101 6.64 4.69 -21.30
CA PHE A 101 7.34 4.20 -22.53
C PHE A 101 7.89 5.38 -23.34
N VAL A 102 8.44 5.12 -24.50
CA VAL A 102 8.98 6.23 -25.33
C VAL A 102 8.88 5.86 -26.82
N ARG A 103 7.81 6.26 -27.46
CA ARG A 103 7.65 5.95 -28.91
C ARG A 103 8.07 4.50 -29.19
N GLY A 104 7.18 3.57 -29.00
CA GLY A 104 7.52 2.14 -29.26
C GLY A 104 8.71 1.74 -28.38
N ASP A 105 9.66 1.04 -28.93
CA ASP A 105 10.84 0.62 -28.13
C ASP A 105 12.05 1.50 -28.47
N SER A 106 12.18 2.62 -27.81
CA SER A 106 13.34 3.52 -28.09
C SER A 106 13.88 4.11 -26.79
N ALA A 107 14.53 3.30 -25.98
CA ALA A 107 15.07 3.82 -24.70
C ALA A 107 16.54 3.39 -24.52
N ARG A 108 17.44 4.33 -24.50
CA ARG A 108 18.88 3.97 -24.35
C ARG A 108 19.16 3.57 -22.89
N THR A 109 19.81 2.45 -22.69
CA THR A 109 20.11 2.01 -21.29
C THR A 109 20.85 3.12 -20.54
N ILE A 110 21.00 2.97 -19.25
CA ILE A 110 21.70 4.01 -18.46
C ILE A 110 21.02 5.38 -18.65
N SER A 111 21.50 6.17 -19.58
CA SER A 111 20.87 7.50 -19.82
C SER A 111 20.84 8.31 -18.50
N GLY A 112 20.16 9.42 -18.50
CA GLY A 112 20.10 10.24 -17.26
C GLY A 112 19.18 9.57 -16.25
N THR A 113 18.03 9.11 -16.68
CA THR A 113 17.08 8.44 -15.73
C THR A 113 16.18 7.47 -16.49
N GLY A 114 15.79 6.40 -15.86
CA GLY A 114 14.90 5.41 -16.53
C GLY A 114 13.47 5.53 -15.97
N LEU A 115 13.27 5.06 -14.78
CA LEU A 115 11.90 5.15 -14.17
C LEU A 115 11.98 5.82 -12.78
N GLY A 116 12.91 5.39 -11.97
CA GLY A 116 13.03 6.01 -10.62
C GLY A 116 13.18 4.90 -9.58
N LEU A 117 13.27 5.25 -8.32
CA LEU A 117 13.42 4.22 -7.26
C LEU A 117 12.06 3.92 -6.62
N ALA A 118 11.47 2.81 -6.96
CA ALA A 118 10.14 2.46 -6.37
C ALA A 118 10.29 1.28 -5.39
N ILE A 119 9.40 1.15 -4.47
CA ILE A 119 9.49 0.02 -3.49
C ILE A 119 8.10 -0.31 -2.92
N VAL A 120 7.06 -0.04 -3.68
CA VAL A 120 5.69 -0.34 -3.18
C VAL A 120 4.94 -1.20 -4.21
N GLN A 121 5.56 -1.49 -5.32
CA GLN A 121 4.88 -2.32 -6.36
C GLN A 121 5.03 -3.79 -6.01
N ARG A 122 6.23 -4.25 -5.79
CA ARG A 122 6.44 -5.69 -5.44
C ARG A 122 5.71 -6.01 -4.14
N ILE A 123 5.40 -5.02 -3.36
CA ILE A 123 4.68 -5.28 -2.07
C ILE A 123 3.27 -5.73 -2.40
N VAL A 124 2.42 -4.82 -2.82
CA VAL A 124 1.03 -5.19 -3.16
C VAL A 124 1.02 -6.26 -4.25
N ASP A 125 2.11 -6.39 -4.97
CA ASP A 125 2.17 -7.42 -6.05
C ASP A 125 2.44 -8.80 -5.45
N ASN A 126 3.20 -8.85 -4.37
CA ASN A 126 3.48 -10.16 -3.74
C ASN A 126 2.24 -10.66 -3.01
N HIS A 127 1.34 -9.76 -2.71
CA HIS A 127 0.09 -10.16 -1.99
C HIS A 127 -1.01 -10.46 -3.02
N ASN A 128 -1.05 -9.71 -4.11
CA ASN A 128 -2.10 -9.94 -5.17
C ASN A 128 -3.41 -9.28 -4.78
N GLY A 129 -3.34 -8.19 -4.07
CA GLY A 129 -4.60 -7.50 -3.66
C GLY A 129 -4.91 -6.39 -4.66
N MET A 130 -4.40 -5.21 -4.43
CA MET A 130 -4.69 -4.10 -5.40
C MET A 130 -3.98 -2.80 -5.01
N LEU A 131 -3.88 -1.91 -5.94
CA LEU A 131 -3.22 -0.60 -5.69
C LEU A 131 -3.83 0.44 -6.64
N GLU A 132 -4.71 1.28 -6.16
CA GLU A 132 -5.32 2.31 -7.09
C GLU A 132 -5.03 3.75 -6.68
N LEU A 133 -5.24 4.68 -7.60
CA LEU A 133 -5.01 6.14 -7.33
C LEU A 133 -6.37 6.83 -7.21
N GLY A 134 -6.52 7.71 -6.26
CA GLY A 134 -7.83 8.40 -6.10
C GLY A 134 -7.77 9.77 -6.76
N THR A 135 -8.89 10.30 -7.17
CA THR A 135 -8.89 11.63 -7.83
C THR A 135 -10.15 12.41 -7.42
N SER A 136 -10.09 13.21 -6.39
CA SER A 136 -11.29 13.99 -5.96
C SER A 136 -11.34 15.37 -6.63
N GLU A 137 -12.25 15.56 -7.56
CA GLU A 137 -12.37 16.89 -8.26
C GLU A 137 -11.00 17.31 -8.87
N ARG A 138 -10.21 18.08 -8.18
CA ARG A 138 -8.89 18.49 -8.75
C ARG A 138 -8.01 17.26 -8.96
N GLY A 139 -8.21 16.27 -8.15
CA GLY A 139 -7.40 15.04 -8.28
C GLY A 139 -6.97 14.56 -6.89
N GLY A 140 -7.73 14.89 -5.86
CA GLY A 140 -7.36 14.44 -4.48
C GLY A 140 -6.84 13.02 -4.56
N LEU A 141 -5.56 12.86 -4.54
CA LEU A 141 -4.98 11.50 -4.60
C LEU A 141 -5.42 10.63 -3.44
N SER A 142 -6.17 9.64 -3.76
CA SER A 142 -6.67 8.70 -2.74
C SER A 142 -6.21 7.31 -3.15
N ILE A 143 -5.16 6.82 -2.55
CA ILE A 143 -4.68 5.48 -2.93
C ILE A 143 -5.33 4.39 -2.09
N ARG A 144 -5.98 3.48 -2.74
CA ARG A 144 -6.65 2.38 -2.01
C ARG A 144 -5.87 1.08 -2.20
N ALA A 145 -5.08 0.70 -1.24
CA ALA A 145 -4.29 -0.56 -1.36
C ALA A 145 -5.13 -1.71 -0.81
N TRP A 146 -5.29 -2.77 -1.55
CA TRP A 146 -6.10 -3.92 -1.02
C TRP A 146 -5.26 -5.15 -0.70
N LEU A 147 -5.84 -5.98 0.13
CA LEU A 147 -5.20 -7.25 0.58
C LEU A 147 -6.34 -8.26 0.83
N PRO A 148 -6.42 -9.22 -0.04
CA PRO A 148 -7.48 -10.27 0.08
C PRO A 148 -7.34 -11.10 1.34
N VAL A 149 -8.45 -11.41 1.96
CA VAL A 149 -8.43 -12.23 3.20
C VAL A 149 -9.09 -13.59 2.93
N PRO A 150 -8.27 -14.59 2.77
CA PRO A 150 -8.79 -15.95 2.50
C PRO A 150 -9.51 -16.50 3.74
N VAL A 151 -10.75 -16.13 3.92
CA VAL A 151 -11.52 -16.63 5.10
C VAL A 151 -12.92 -17.07 4.68
N THR A 152 -13.25 -16.96 3.41
CA THR A 152 -14.61 -17.37 2.95
C THR A 152 -14.61 -17.65 1.44
N ARG A 153 -15.17 -18.77 1.03
CA ARG A 153 -15.21 -19.11 -0.44
C ARG A 153 -13.89 -18.72 -1.11
N ALA A 154 -12.80 -19.26 -0.64
CA ALA A 154 -11.48 -18.92 -1.26
C ALA A 154 -11.00 -20.05 -2.17
N GLN A 155 -10.70 -19.77 -3.40
CA GLN A 155 -10.23 -20.83 -4.33
C GLN A 155 -8.75 -20.59 -4.70
N GLY A 156 -8.49 -19.98 -5.82
CA GLY A 156 -7.07 -19.73 -6.23
C GLY A 156 -6.99 -19.60 -7.76
N THR A 157 -6.55 -18.45 -8.23
CA THR A 157 -6.43 -18.23 -9.71
C THR A 157 -7.54 -18.98 -10.48
N THR A 158 -8.60 -18.31 -10.80
CA THR A 158 -9.71 -18.97 -11.54
C THR A 158 -10.24 -18.05 -12.65
N LYS A 159 -10.96 -18.60 -13.60
CA LYS A 159 -11.49 -17.75 -14.71
C LYS A 159 -12.89 -18.24 -15.13
N GLU A 160 -13.18 -18.17 -16.39
CA GLU A 160 -14.52 -18.63 -16.87
C GLU A 160 -14.36 -19.49 -18.13
N GLY A 161 -13.55 -19.04 -19.06
CA GLY A 161 -13.35 -19.84 -20.30
C GLY A 161 -12.16 -20.78 -20.12
PG ANP B . 7.34 9.94 -5.48
O1G ANP B . 8.32 10.06 -6.59
O2G ANP B . 6.69 11.18 -5.02
O3G ANP B . 8.16 9.38 -4.22
PB ANP B . 6.94 7.56 -6.57
O1B ANP B . 8.40 7.76 -6.61
O2B ANP B . 6.44 6.30 -5.98
N3B ANP B . 6.22 8.83 -5.86
PA ANP B . 5.99 8.75 -9.09
O1A ANP B . 7.13 9.68 -9.24
O2A ANP B . 5.36 8.14 -10.27
O3A ANP B . 6.45 7.55 -8.10
O5' ANP B . 4.85 9.50 -8.23
C5' ANP B . 4.21 10.68 -8.73
C4' ANP B . 3.52 10.44 -10.07
O4' ANP B . 2.40 9.58 -9.88
C3' ANP B . 3.01 11.74 -10.67
O3' ANP B . 3.46 11.91 -12.02
C2' ANP B . 1.52 11.65 -10.62
O2' ANP B . 0.98 11.51 -11.94
C1' ANP B . 1.24 10.40 -9.79
N9 ANP B . 0.99 10.73 -8.36
C8 ANP B . 1.15 11.88 -7.66
N7 ANP B . 0.94 11.86 -6.40
C5 ANP B . 0.59 10.52 -6.20
C6 ANP B . 0.23 9.81 -5.04
N6 ANP B . 0.15 10.38 -3.84
N1 ANP B . -0.06 8.50 -5.19
C2 ANP B . 0.00 7.93 -6.40
N3 ANP B . 0.33 8.52 -7.56
C4 ANP B . 0.61 9.82 -7.37
HOG3 ANP B . 8.70 10.11 -3.89
HNB1 ANP B . 5.76 8.53 -5.01
H5'1 ANP B . 3.44 11.00 -8.01
H5'2 ANP B . 4.94 11.47 -8.84
H4' ANP B . 4.20 9.97 -10.75
H3' ANP B . 3.35 12.58 -10.06
HO3' ANP B . 3.92 12.74 -12.06
H2' ANP B . 1.11 12.53 -10.14
HO2' ANP B . 0.60 12.35 -12.18
H1' ANP B . 0.40 9.88 -10.20
H8 ANP B . 1.46 12.79 -8.16
HN61 ANP B . 0.36 11.36 -3.72
HN62 ANP B . -0.12 9.81 -3.05
H2 ANP B . -0.23 6.86 -6.45
N THR A 1 22.05 -21.27 3.41
CA THR A 1 22.33 -20.57 4.69
C THR A 1 21.69 -19.17 4.68
N GLY A 2 20.58 -19.02 5.36
CA GLY A 2 19.90 -17.69 5.40
C GLY A 2 18.39 -17.88 5.27
N GLN A 3 17.89 -17.89 4.06
CA GLN A 3 16.42 -18.07 3.87
C GLN A 3 15.66 -16.88 4.47
N GLU A 4 14.55 -16.53 3.88
CA GLU A 4 13.75 -15.38 4.41
C GLU A 4 12.27 -15.58 4.08
N MET A 5 11.62 -16.48 4.79
CA MET A 5 10.16 -16.72 4.52
C MET A 5 9.31 -15.50 4.95
N PRO A 6 8.82 -14.79 3.97
CA PRO A 6 8.00 -13.62 4.18
C PRO A 6 6.54 -13.96 3.96
N MET A 7 5.76 -12.99 3.66
CA MET A 7 4.33 -13.23 3.42
C MET A 7 3.77 -14.23 4.41
N GLU A 8 3.21 -13.73 5.44
CA GLU A 8 2.62 -14.59 6.49
C GLU A 8 1.37 -13.91 7.05
N MET A 9 0.88 -14.34 8.19
CA MET A 9 -0.33 -13.70 8.75
C MET A 9 0.06 -12.51 9.63
N ALA A 10 -0.54 -11.38 9.41
CA ALA A 10 -0.20 -10.18 10.24
C ALA A 10 -1.40 -9.23 10.39
N ASP A 11 -1.31 -8.29 11.29
CA ASP A 11 -2.44 -7.33 11.50
C ASP A 11 -2.15 -6.05 10.72
N LEU A 12 -2.99 -5.71 9.78
CA LEU A 12 -2.75 -4.47 8.99
C LEU A 12 -2.88 -3.25 9.90
N ASN A 13 -3.56 -3.37 10.99
CA ASN A 13 -3.70 -2.20 11.90
C ASN A 13 -2.44 -2.09 12.75
N ALA A 14 -1.74 -3.18 12.89
CA ALA A 14 -0.50 -3.17 13.69
C ALA A 14 0.66 -2.69 12.83
N VAL A 15 0.62 -2.97 11.56
CA VAL A 15 1.71 -2.55 10.65
C VAL A 15 1.54 -1.05 10.33
N LEU A 16 0.32 -0.61 10.17
CA LEU A 16 0.09 0.82 9.86
C LEU A 16 0.25 1.68 11.11
N GLY A 17 0.03 1.12 12.27
CA GLY A 17 0.18 1.92 13.52
C GLY A 17 1.65 2.34 13.68
N GLU A 18 2.56 1.47 13.35
CA GLU A 18 4.01 1.82 13.48
C GLU A 18 4.41 2.75 12.36
N VAL A 19 3.85 2.55 11.19
CA VAL A 19 4.18 3.40 10.04
C VAL A 19 3.48 4.75 10.20
N ILE A 20 2.48 4.81 11.03
CA ILE A 20 1.76 6.08 11.24
C ILE A 20 2.59 6.98 12.16
N ALA A 21 3.13 6.42 13.18
CA ALA A 21 3.95 7.22 14.13
C ALA A 21 5.31 7.52 13.51
N ALA A 22 5.66 6.78 12.50
CA ALA A 22 6.97 7.01 11.84
C ALA A 22 6.86 8.05 10.74
N GLU A 23 5.86 7.96 9.92
CA GLU A 23 5.71 8.95 8.82
C GLU A 23 4.71 10.04 9.20
N SER A 24 4.61 10.37 10.45
CA SER A 24 3.65 11.43 10.85
C SER A 24 4.27 12.81 10.65
N GLY A 25 5.51 12.83 10.32
CA GLY A 25 6.22 14.11 10.10
C GLY A 25 6.77 14.59 11.43
N TYR A 26 5.90 14.69 12.39
CA TYR A 26 6.29 15.16 13.75
C TYR A 26 5.03 15.29 14.58
N GLU A 27 4.08 14.41 14.38
CA GLU A 27 2.81 14.48 15.16
C GLU A 27 2.08 15.70 14.67
N ARG A 28 2.18 15.96 13.40
CA ARG A 28 1.50 17.12 12.82
C ARG A 28 -0.01 16.93 12.86
N GLU A 29 -0.56 16.38 11.85
CA GLU A 29 -2.03 16.17 11.85
C GLU A 29 -2.44 14.99 10.98
N ILE A 30 -2.21 13.80 11.46
CA ILE A 30 -2.59 12.60 10.66
C ILE A 30 -3.84 11.97 11.28
N GLU A 31 -4.80 11.63 10.48
CA GLU A 31 -6.03 11.01 11.05
C GLU A 31 -5.97 9.50 10.89
N THR A 32 -5.79 8.79 11.97
CA THR A 32 -5.72 7.32 11.90
C THR A 32 -7.10 6.69 12.16
N ALA A 33 -7.56 5.86 11.27
CA ALA A 33 -8.89 5.22 11.46
C ALA A 33 -8.87 3.83 10.85
N LEU A 34 -8.29 2.88 11.53
CA LEU A 34 -8.23 1.49 11.00
C LEU A 34 -9.43 0.68 11.47
N TYR A 35 -9.78 -0.35 10.75
CA TYR A 35 -10.95 -1.18 11.16
C TYR A 35 -10.88 -1.48 12.65
N PRO A 36 -11.94 -1.15 13.35
CA PRO A 36 -11.99 -1.39 14.80
C PRO A 36 -12.34 -2.86 15.08
N GLY A 37 -11.44 -3.76 14.78
CA GLY A 37 -11.73 -5.20 15.03
C GLY A 37 -10.48 -6.04 14.75
N SER A 38 -9.31 -5.45 14.83
CA SER A 38 -8.07 -6.21 14.57
C SER A 38 -8.17 -6.96 13.25
N ILE A 39 -7.56 -6.45 12.23
CA ILE A 39 -7.63 -7.14 10.89
C ILE A 39 -6.66 -8.30 10.88
N GLU A 40 -6.55 -8.97 9.78
CA GLU A 40 -5.63 -10.11 9.68
C GLU A 40 -5.60 -10.67 8.26
N VAL A 41 -4.51 -10.50 7.61
CA VAL A 41 -4.39 -11.01 6.22
C VAL A 41 -3.00 -11.54 5.99
N LYS A 42 -2.83 -12.32 4.97
CA LYS A 42 -1.48 -12.86 4.71
C LYS A 42 -0.67 -11.76 4.04
N MET A 43 0.00 -10.96 4.80
CA MET A 43 0.80 -9.87 4.20
C MET A 43 2.18 -9.77 4.83
N HIS A 44 3.18 -9.61 4.01
CA HIS A 44 4.57 -9.50 4.54
C HIS A 44 4.67 -8.18 5.31
N PRO A 45 4.91 -8.28 6.58
CA PRO A 45 5.03 -7.06 7.43
C PRO A 45 6.24 -6.24 7.00
N LEU A 46 7.15 -6.85 6.32
CA LEU A 46 8.36 -6.12 5.87
C LEU A 46 8.07 -5.33 4.60
N SER A 47 7.43 -5.92 3.65
CA SER A 47 7.13 -5.18 2.39
C SER A 47 6.03 -4.14 2.64
N ILE A 48 5.08 -4.49 3.45
CA ILE A 48 3.97 -3.54 3.74
C ILE A 48 4.49 -2.40 4.62
N LYS A 49 5.47 -2.67 5.44
CA LYS A 49 6.02 -1.59 6.32
C LYS A 49 6.74 -0.58 5.44
N ARG A 50 7.50 -1.06 4.51
CA ARG A 50 8.26 -0.17 3.60
C ARG A 50 7.30 0.52 2.60
N ALA A 51 6.25 -0.15 2.23
CA ALA A 51 5.28 0.45 1.26
C ALA A 51 4.45 1.54 1.92
N VAL A 52 4.10 1.38 3.17
CA VAL A 52 3.29 2.41 3.87
C VAL A 52 4.18 3.58 4.33
N ALA A 53 5.42 3.31 4.60
CA ALA A 53 6.33 4.40 5.05
C ALA A 53 6.79 5.24 3.86
N ASN A 54 6.86 4.64 2.69
CA ASN A 54 7.30 5.41 1.48
C ASN A 54 6.09 6.06 0.79
N MET A 55 4.92 5.51 0.99
CA MET A 55 3.71 6.10 0.35
C MET A 55 3.34 7.43 1.01
N VAL A 56 3.31 7.47 2.31
CA VAL A 56 2.96 8.74 3.01
C VAL A 56 4.04 9.80 2.75
N VAL A 57 5.25 9.39 2.51
CA VAL A 57 6.35 10.37 2.25
C VAL A 57 5.98 11.27 1.06
N ASN A 58 5.14 10.79 0.18
CA ASN A 58 4.74 11.60 -1.00
C ASN A 58 4.15 12.94 -0.57
N ALA A 59 3.17 12.92 0.29
CA ALA A 59 2.55 14.19 0.75
C ALA A 59 3.33 14.78 1.94
N ALA A 60 4.11 13.98 2.60
CA ALA A 60 4.90 14.49 3.77
C ALA A 60 5.99 15.47 3.32
N ARG A 61 6.91 15.05 2.49
CA ARG A 61 7.99 15.97 2.04
C ARG A 61 7.57 16.80 0.82
N TYR A 62 6.89 16.22 -0.13
CA TYR A 62 6.47 17.01 -1.33
C TYR A 62 5.09 17.63 -1.10
N GLY A 63 4.18 16.90 -0.54
CA GLY A 63 2.82 17.46 -0.29
C GLY A 63 2.83 18.21 1.04
N ASN A 64 1.76 18.88 1.35
CA ASN A 64 1.70 19.64 2.63
C ASN A 64 0.27 20.09 2.90
N GLY A 65 -0.59 19.19 3.26
CA GLY A 65 -2.00 19.56 3.55
C GLY A 65 -2.69 18.47 4.37
N TRP A 66 -2.28 18.29 5.59
CA TRP A 66 -2.89 17.24 6.46
C TRP A 66 -2.74 15.84 5.84
N ILE A 67 -2.57 14.84 6.67
CA ILE A 67 -2.42 13.44 6.19
C ILE A 67 -3.49 12.57 6.83
N LYS A 68 -3.75 11.41 6.29
CA LYS A 68 -4.80 10.55 6.90
C LYS A 68 -4.51 9.07 6.67
N VAL A 69 -4.30 8.33 7.72
CA VAL A 69 -4.01 6.88 7.57
C VAL A 69 -5.25 6.09 7.98
N SER A 70 -6.12 5.83 7.06
CA SER A 70 -7.36 5.06 7.42
C SER A 70 -7.37 3.69 6.74
N SER A 71 -7.79 2.68 7.45
CA SER A 71 -7.84 1.33 6.85
C SER A 71 -9.13 0.62 7.27
N GLY A 72 -9.55 -0.35 6.54
CA GLY A 72 -10.79 -1.07 6.88
C GLY A 72 -10.66 -2.52 6.44
N THR A 73 -11.75 -3.17 6.19
CA THR A 73 -11.67 -4.59 5.76
C THR A 73 -13.05 -5.20 5.65
N GLU A 74 -13.13 -6.36 5.08
CA GLU A 74 -14.44 -7.03 4.91
C GLU A 74 -14.24 -8.54 4.95
N PRO A 75 -15.31 -9.26 4.97
CA PRO A 75 -15.24 -10.73 5.02
C PRO A 75 -14.64 -11.27 3.72
N ASN A 76 -13.48 -11.90 3.81
CA ASN A 76 -12.82 -12.46 2.59
C ASN A 76 -12.21 -11.35 1.74
N ARG A 77 -11.70 -10.31 2.36
CA ARG A 77 -11.08 -9.18 1.56
C ARG A 77 -10.88 -7.94 2.43
N ALA A 78 -9.68 -7.74 2.94
CA ALA A 78 -9.42 -6.54 3.81
C ALA A 78 -8.64 -5.51 2.98
N TRP A 79 -8.47 -4.31 3.48
CA TRP A 79 -7.70 -3.30 2.68
C TRP A 79 -7.41 -2.06 3.51
N PHE A 80 -6.51 -1.24 3.04
CA PHE A 80 -6.16 0.01 3.80
C PHE A 80 -5.99 1.17 2.81
N GLN A 81 -6.61 2.29 3.08
CA GLN A 81 -6.49 3.46 2.16
C GLN A 81 -5.79 4.65 2.83
N VAL A 82 -5.13 5.46 2.05
CA VAL A 82 -4.43 6.65 2.61
C VAL A 82 -4.85 7.90 1.84
N GLU A 83 -4.99 9.00 2.53
CA GLU A 83 -5.41 10.26 1.84
C GLU A 83 -4.59 11.42 2.38
N ASP A 84 -4.02 12.21 1.52
CA ASP A 84 -3.20 13.35 2.01
C ASP A 84 -3.04 14.40 0.92
N ASP A 85 -2.69 15.60 1.28
CA ASP A 85 -2.52 16.67 0.26
C ASP A 85 -1.15 16.54 -0.41
N GLY A 86 -1.04 17.00 -1.64
CA GLY A 86 0.26 16.91 -2.35
C GLY A 86 0.03 17.15 -3.85
N PRO A 87 0.81 16.47 -4.64
CA PRO A 87 0.70 16.60 -6.12
C PRO A 87 -0.57 15.89 -6.62
N GLY A 88 -0.70 15.73 -7.91
CA GLY A 88 -1.90 15.05 -8.47
C GLY A 88 -1.51 14.25 -9.70
N ILE A 89 -2.04 13.07 -9.86
CA ILE A 89 -1.69 12.24 -11.05
C ILE A 89 -2.51 12.70 -12.26
N ALA A 90 -2.19 12.21 -13.43
CA ALA A 90 -2.95 12.63 -14.66
C ALA A 90 -2.94 11.50 -15.70
N PRO A 91 -3.65 11.73 -16.77
CA PRO A 91 -3.73 10.73 -17.86
C PRO A 91 -2.40 10.68 -18.63
N GLU A 92 -1.73 11.78 -18.76
CA GLU A 92 -0.44 11.80 -19.47
C GLU A 92 0.69 11.40 -18.53
N GLN A 93 0.47 11.54 -17.25
CA GLN A 93 1.53 11.18 -16.27
C GLN A 93 1.37 9.71 -15.85
N ARG A 94 0.22 9.15 -16.06
CA ARG A 94 0.00 7.72 -15.67
C ARG A 94 0.99 6.81 -16.42
N LYS A 95 1.55 7.29 -17.48
CA LYS A 95 2.52 6.47 -18.26
C LYS A 95 3.94 6.64 -17.71
N HIS A 96 4.19 7.72 -16.99
CA HIS A 96 5.55 7.95 -16.42
C HIS A 96 5.93 6.85 -15.41
N LEU A 97 5.04 6.52 -14.52
CA LEU A 97 5.37 5.45 -13.51
C LEU A 97 4.28 4.38 -13.49
N PHE A 98 3.89 3.86 -14.63
CA PHE A 98 2.83 2.81 -14.64
C PHE A 98 2.62 2.25 -16.07
N GLN A 99 3.67 1.84 -16.72
CA GLN A 99 3.51 1.29 -18.11
C GLN A 99 4.66 0.31 -18.43
N PRO A 100 4.29 -0.81 -19.00
CA PRO A 100 5.29 -1.83 -19.36
C PRO A 100 5.95 -1.47 -20.69
N PHE A 101 7.22 -1.18 -20.68
CA PHE A 101 7.91 -0.83 -21.96
C PHE A 101 8.77 -2.00 -22.43
N VAL A 102 8.89 -2.16 -23.71
CA VAL A 102 9.72 -3.28 -24.25
C VAL A 102 10.66 -2.78 -25.34
N ARG A 103 11.69 -3.51 -25.64
CA ARG A 103 12.64 -3.09 -26.71
C ARG A 103 12.07 -3.41 -28.09
N GLY A 104 11.76 -4.66 -28.33
CA GLY A 104 11.20 -5.04 -29.66
C GLY A 104 10.45 -6.37 -29.54
N ASP A 105 11.06 -7.34 -28.93
CA ASP A 105 10.37 -8.67 -28.78
C ASP A 105 10.52 -9.18 -27.34
N SER A 106 11.74 -9.34 -26.88
CA SER A 106 11.96 -9.83 -25.49
C SER A 106 13.31 -9.36 -24.97
N ALA A 107 14.37 -9.96 -25.43
CA ALA A 107 15.73 -9.54 -24.96
C ALA A 107 15.79 -9.56 -23.44
N ARG A 108 15.29 -10.60 -22.82
CA ARG A 108 15.31 -10.69 -21.34
C ARG A 108 15.93 -12.01 -20.89
N THR A 109 17.12 -11.98 -20.37
CA THR A 109 17.78 -13.24 -19.91
C THR A 109 16.94 -13.91 -18.83
N ILE A 110 16.93 -15.21 -18.78
CA ILE A 110 16.12 -15.91 -17.74
C ILE A 110 17.04 -16.45 -16.63
N SER A 111 17.58 -15.57 -15.82
CA SER A 111 18.48 -16.03 -14.73
C SER A 111 17.65 -16.64 -13.59
N GLY A 112 16.62 -15.97 -13.17
CA GLY A 112 15.77 -16.51 -12.07
C GLY A 112 14.41 -15.83 -12.10
N THR A 113 14.06 -15.11 -11.06
CA THR A 113 12.74 -14.43 -11.03
C THR A 113 12.86 -13.09 -10.30
N GLY A 114 13.38 -12.08 -10.94
CA GLY A 114 13.52 -10.76 -10.26
C GLY A 114 14.36 -9.83 -11.14
N LEU A 115 13.73 -9.02 -11.96
CA LEU A 115 14.48 -8.09 -12.83
C LEU A 115 14.32 -6.64 -12.35
N GLY A 116 13.13 -6.10 -12.45
CA GLY A 116 12.91 -4.70 -12.01
C GLY A 116 12.01 -4.70 -10.77
N LEU A 117 12.58 -4.72 -9.60
CA LEU A 117 11.76 -4.73 -8.37
C LEU A 117 11.53 -3.29 -7.88
N ALA A 118 10.31 -2.83 -7.88
CA ALA A 118 10.04 -1.44 -7.42
C ALA A 118 10.02 -1.39 -5.88
N ILE A 119 9.45 -0.36 -5.33
CA ILE A 119 9.40 -0.27 -3.84
C ILE A 119 7.95 -0.32 -3.36
N VAL A 120 7.01 -0.09 -4.24
CA VAL A 120 5.57 -0.13 -3.83
C VAL A 120 4.80 -1.05 -4.78
N GLN A 121 5.20 -1.14 -6.02
CA GLN A 121 4.48 -2.02 -6.98
C GLN A 121 4.73 -3.49 -6.62
N ARG A 122 5.96 -3.86 -6.42
CA ARG A 122 6.25 -5.28 -6.06
C ARG A 122 5.68 -5.60 -4.69
N ILE A 123 5.42 -4.60 -3.89
CA ILE A 123 4.84 -4.86 -2.55
C ILE A 123 3.42 -5.39 -2.71
N VAL A 124 2.52 -4.56 -3.16
CA VAL A 124 1.12 -5.01 -3.34
C VAL A 124 1.08 -6.11 -4.39
N ASP A 125 2.09 -6.17 -5.21
CA ASP A 125 2.13 -7.21 -6.28
C ASP A 125 2.49 -8.56 -5.65
N ASN A 126 3.28 -8.53 -4.60
CA ASN A 126 3.66 -9.81 -3.94
C ASN A 126 2.50 -10.31 -3.09
N HIS A 127 1.54 -9.45 -2.85
CA HIS A 127 0.38 -9.85 -2.03
C HIS A 127 -0.74 -10.36 -2.94
N ASN A 128 -0.87 -9.78 -4.11
CA ASN A 128 -1.95 -10.22 -5.08
C ASN A 128 -3.28 -9.59 -4.72
N GLY A 129 -3.26 -8.53 -3.95
CA GLY A 129 -4.52 -7.87 -3.56
C GLY A 129 -4.86 -6.80 -4.59
N MET A 130 -4.43 -5.59 -4.38
CA MET A 130 -4.74 -4.52 -5.36
C MET A 130 -4.08 -3.20 -4.96
N LEU A 131 -3.96 -2.30 -5.88
CA LEU A 131 -3.34 -0.98 -5.57
C LEU A 131 -3.93 0.08 -6.51
N GLU A 132 -4.80 0.92 -6.02
CA GLU A 132 -5.40 1.97 -6.90
C GLU A 132 -4.96 3.38 -6.51
N LEU A 133 -4.75 4.23 -7.49
CA LEU A 133 -4.32 5.64 -7.20
C LEU A 133 -5.52 6.56 -7.26
N GLY A 134 -6.28 6.61 -6.24
CA GLY A 134 -7.48 7.48 -6.22
C GLY A 134 -7.09 8.89 -6.63
N THR A 135 -7.41 9.28 -7.84
CA THR A 135 -7.06 10.66 -8.31
C THR A 135 -8.34 11.51 -8.38
N SER A 136 -8.53 12.41 -7.47
CA SER A 136 -9.77 13.27 -7.50
C SER A 136 -9.54 14.56 -8.31
N GLU A 137 -9.97 14.58 -9.55
CA GLU A 137 -9.80 15.81 -10.38
C GLU A 137 -8.32 16.25 -10.39
N ARG A 138 -8.01 17.39 -9.81
CA ARG A 138 -6.58 17.85 -9.78
C ARG A 138 -5.66 16.69 -9.53
N GLY A 139 -6.13 15.70 -8.82
CA GLY A 139 -5.28 14.52 -8.54
C GLY A 139 -5.35 14.20 -7.05
N GLY A 140 -6.49 14.40 -6.43
CA GLY A 140 -6.62 14.09 -4.98
C GLY A 140 -5.94 12.77 -4.72
N LEU A 141 -4.71 12.81 -4.24
CA LEU A 141 -4.00 11.55 -3.97
C LEU A 141 -4.65 10.74 -2.83
N SER A 142 -5.30 9.69 -3.21
CA SER A 142 -6.00 8.80 -2.23
C SER A 142 -5.88 7.37 -2.78
N ILE A 143 -4.98 6.60 -2.26
CA ILE A 143 -4.84 5.20 -2.78
C ILE A 143 -5.67 4.20 -2.00
N ARG A 144 -6.05 3.14 -2.65
CA ARG A 144 -6.87 2.08 -2.02
C ARG A 144 -6.13 0.75 -2.19
N ALA A 145 -5.36 0.35 -1.23
CA ALA A 145 -4.62 -0.95 -1.33
C ALA A 145 -5.46 -2.10 -0.79
N TRP A 146 -5.42 -3.22 -1.44
CA TRP A 146 -6.22 -4.38 -0.95
C TRP A 146 -5.34 -5.58 -0.63
N LEU A 147 -5.81 -6.38 0.27
CA LEU A 147 -5.06 -7.60 0.70
C LEU A 147 -6.09 -8.73 0.90
N PRO A 148 -5.98 -9.74 0.08
CA PRO A 148 -6.92 -10.88 0.16
C PRO A 148 -6.67 -11.71 1.42
N VAL A 149 -7.72 -12.05 2.12
CA VAL A 149 -7.57 -12.87 3.36
C VAL A 149 -7.74 -14.36 3.04
N PRO A 150 -6.98 -15.16 3.73
CA PRO A 150 -7.03 -16.63 3.52
C PRO A 150 -8.32 -17.20 4.13
N VAL A 151 -9.30 -17.49 3.32
CA VAL A 151 -10.57 -18.06 3.85
C VAL A 151 -11.06 -19.20 2.94
N THR A 152 -12.17 -19.81 3.28
CA THR A 152 -12.70 -20.93 2.44
C THR A 152 -11.68 -22.07 2.36
N ARG A 153 -11.66 -22.93 3.35
CA ARG A 153 -10.69 -24.06 3.35
C ARG A 153 -11.03 -25.05 4.46
N ALA A 154 -12.17 -25.69 4.39
CA ALA A 154 -12.56 -26.67 5.45
C ALA A 154 -11.43 -27.68 5.66
N GLN A 155 -11.62 -28.62 6.54
CA GLN A 155 -10.55 -29.64 6.80
C GLN A 155 -10.52 -30.67 5.67
N GLY A 156 -10.02 -31.85 5.94
CA GLY A 156 -9.97 -32.89 4.87
C GLY A 156 -11.13 -33.87 5.06
N THR A 157 -11.03 -34.76 6.01
CA THR A 157 -12.12 -35.75 6.24
C THR A 157 -12.57 -35.71 7.70
N THR A 158 -11.86 -34.98 8.52
CA THR A 158 -12.23 -34.88 9.98
C THR A 158 -12.81 -36.21 10.49
N LYS A 159 -11.99 -37.08 10.98
CA LYS A 159 -12.50 -38.39 11.49
C LYS A 159 -13.69 -38.15 12.43
N GLU A 160 -13.56 -37.25 13.36
CA GLU A 160 -14.67 -36.99 14.30
C GLU A 160 -15.11 -35.52 14.20
N GLY A 161 -16.38 -35.26 14.40
CA GLY A 161 -16.86 -33.85 14.31
C GLY A 161 -17.17 -33.33 15.71
PG ANP B . 9.48 8.53 -5.03
O1G ANP B . 10.05 7.53 -4.10
O2G ANP B . 9.91 9.93 -4.85
O3G ANP B . 7.89 8.52 -4.77
PB ANP B . 8.32 8.25 -7.37
O1B ANP B . 8.55 8.07 -8.83
O2B ANP B . 7.25 7.44 -6.75
N3B ANP B . 9.71 8.06 -6.57
PA ANP B . 6.44 10.41 -6.85
O1A ANP B . 5.88 9.70 -5.68
O2A ANP B . 6.57 11.88 -6.83
O3A ANP B . 7.88 9.78 -7.17
O5' ANP B . 5.60 10.00 -8.15
C5' ANP B . 4.70 10.93 -8.76
C4' ANP B . 4.13 10.39 -10.06
O4' ANP B . 3.15 9.39 -9.77
C3' ANP B . 3.44 11.50 -10.85
O3' ANP B . 3.95 11.57 -12.21
C2' ANP B . 1.99 11.15 -10.85
O2' ANP B . 1.59 10.69 -12.14
C1' ANP B . 1.88 10.01 -9.83
N9 ANP B . 1.56 10.52 -8.45
C8 ANP B . 1.41 11.77 -7.98
N7 ANP B . 1.25 11.93 -6.71
C5 ANP B . 1.28 10.61 -6.25
C6 ANP B . 1.17 10.04 -4.97
N6 ANP B . 1.00 10.77 -3.86
N1 ANP B . 1.24 8.70 -4.89
C2 ANP B . 1.42 7.96 -5.98
N3 ANP B . 1.54 8.40 -7.25
C4 ANP B . 1.46 9.73 -7.30
HOG3 ANP B . 7.65 9.40 -4.48
HNB1 ANP B . 9.99 7.11 -6.59
H5'1 ANP B . 3.87 11.14 -8.08
H5'2 ANP B . 5.23 11.86 -8.95
H4' ANP B . 4.91 9.95 -10.66
H3' ANP B . 3.58 12.46 -10.36
HO3' ANP B . 4.39 10.73 -12.38
H2' ANP B . 1.41 12.00 -10.55
HO2' ANP B . 1.78 9.75 -12.19
H1' ANP B . 1.14 9.30 -10.14
H8 ANP B . 1.46 12.63 -8.63
HN61 ANP B . 0.95 11.78 -3.91
HN62 ANP B . 0.93 10.31 -2.96
H2 ANP B . 1.48 6.87 -5.84
#